data_3J4U
#
_entry.id   3J4U
#
_cell.length_a   1
_cell.length_b   1
_cell.length_c   1
_cell.angle_alpha   90
_cell.angle_beta   90
_cell.angle_gamma   90
#
_symmetry.space_group_name_H-M   'P 1'
#
loop_
_entity.id
_entity.type
_entity.pdbx_description
1 polymer 'major capsid protein'
2 polymer 'cementing protein'
#
loop_
_entity_poly.entity_id
_entity_poly.type
_entity_poly.pdbx_seq_one_letter_code
_entity_poly.pdbx_strand_id
1 'polypeptide(L)'
;MPTLSTTNPTLADVAARMTPDGKIDPQIVEMLNETNEILDDMTVIEANGFTEHKTTVRSGLPTGTWRKLNYGVQPEKSRT
VQVKDSMGMLETYAEVDKALADLNGNSAAWRLSEDRAFIEGMNQTQATTLFYGDSSIDAEKFMGLTPRFNSLSAENGQNI
IDAGGTGSDNASIWLTVWGPNTLHTIYPKGSQAGLQSRDLGEDTLIDAAGGRYQGYRTHYKWDIGLTLRDWRYVVRIANV
DVSELTKNASAGADLIDLMTQAVELIPNVGMGRPAFYMPRKIRSFLRRQITNKVAASTLTMEEIAGKKVVAFDGIPCRRT
DALLLTEARVV
;
A,B,C,D,E,F,G
2 'polypeptide(L)'
;MIIDKLLQVSDGQAVTASAASTDVIDFGQANPNTGMDDRSKMVITVDESADAAGAATVTFSVQDSADNATFADVAATGAI
GKANLAAGKQVVIPMPTKLRRYCRVYYTVATGPLTAGKFSAQVVTGIQQNVAYPDSPRIA
;
H,I,J,K,L,M,N
#
# COMPACT_ATOMS: atom_id res chain seq x y z
N SER A 5 65.35 -18.35 14.07
CA SER A 5 64.66 -18.43 12.79
C SER A 5 63.89 -17.18 12.42
N THR A 6 62.61 -17.20 12.80
CA THR A 6 61.66 -16.13 12.55
C THR A 6 61.59 -15.29 13.82
N THR A 7 61.69 -13.96 13.75
CA THR A 7 61.80 -13.18 15.00
C THR A 7 60.82 -11.99 15.31
N ASN A 8 59.66 -12.27 15.91
CA ASN A 8 58.65 -11.25 16.24
C ASN A 8 58.35 -11.16 17.72
N PRO A 9 57.40 -10.29 18.16
CA PRO A 9 56.68 -9.13 17.59
C PRO A 9 56.62 -7.91 18.51
N THR A 10 57.72 -7.22 18.69
CA THR A 10 57.65 -5.90 19.28
C THR A 10 57.79 -4.94 18.10
N LEU A 11 57.46 -3.70 18.33
CA LEU A 11 57.31 -2.72 17.29
C LEU A 11 58.72 -2.33 17.17
N ALA A 12 59.42 -2.80 16.13
CA ALA A 12 60.84 -2.40 15.99
C ALA A 12 61.32 -2.05 14.59
N ASP A 13 62.09 -0.96 14.51
CA ASP A 13 62.84 -0.55 13.31
C ASP A 13 62.06 -0.25 12.01
N VAL A 14 60.75 -0.43 12.06
CA VAL A 14 59.89 0.04 10.99
C VAL A 14 58.95 1.13 11.56
N ALA A 15 59.52 1.92 12.49
CA ALA A 15 59.00 3.23 12.82
C ALA A 15 59.36 4.04 11.59
N ALA A 16 60.35 3.54 10.83
CA ALA A 16 60.76 4.17 9.58
C ALA A 16 59.63 4.17 8.58
N ARG A 17 58.88 3.09 8.58
CA ARG A 17 57.68 2.98 7.75
C ARG A 17 56.54 3.99 8.17
N MET A 18 56.48 4.38 9.45
CA MET A 18 55.54 5.41 9.90
C MET A 18 55.95 6.94 9.84
N THR A 19 57.14 7.34 9.35
CA THR A 19 57.48 8.79 9.21
C THR A 19 57.57 9.32 7.73
N PRO A 20 57.59 10.67 7.51
CA PRO A 20 57.99 11.46 6.31
C PRO A 20 59.49 11.76 6.23
N ASP A 21 59.78 12.98 5.76
CA ASP A 21 61.01 13.64 6.18
C ASP A 21 60.68 14.33 7.52
N GLY A 22 60.97 13.69 8.64
CA GLY A 22 60.58 14.30 9.90
C GLY A 22 59.97 13.38 10.96
N LYS A 23 59.04 13.97 11.71
CA LYS A 23 58.40 13.35 12.88
C LYS A 23 57.32 12.36 12.44
N ILE A 24 56.72 11.63 13.39
CA ILE A 24 55.74 10.56 13.08
C ILE A 24 54.59 11.11 12.26
N ASP A 25 54.20 10.42 11.18
CA ASP A 25 53.31 11.06 10.22
C ASP A 25 51.91 11.12 10.74
N PRO A 26 51.41 12.35 10.96
CA PRO A 26 50.12 12.64 11.59
C PRO A 26 48.98 12.21 10.71
N GLN A 27 49.10 12.51 9.42
CA GLN A 27 48.06 12.14 8.49
C GLN A 27 48.28 10.74 7.93
N ILE A 28 48.17 9.72 8.78
CA ILE A 28 48.33 8.39 8.25
C ILE A 28 46.93 8.03 7.89
N VAL A 29 46.70 7.42 6.74
CA VAL A 29 45.32 7.17 6.36
C VAL A 29 44.90 5.82 6.87
N GLU A 30 43.86 5.82 7.70
CA GLU A 30 43.48 4.62 8.40
C GLU A 30 42.73 3.83 7.37
N MET A 31 43.36 2.81 6.85
CA MET A 31 42.72 2.07 5.81
C MET A 31 41.82 1.08 6.48
N LEU A 32 42.40 0.26 7.36
CA LEU A 32 41.68 -0.92 7.80
C LEU A 32 40.60 -0.68 8.79
N ASN A 33 40.53 0.52 9.38
CA ASN A 33 39.45 0.77 10.33
C ASN A 33 38.07 0.65 9.68
N GLU A 34 37.10 0.11 10.40
CA GLU A 34 35.76 0.06 9.86
C GLU A 34 34.94 0.75 10.94
N THR A 35 33.97 1.58 10.55
CA THR A 35 33.28 2.39 11.55
C THR A 35 31.90 1.86 11.90
N ASN A 36 31.87 0.66 12.42
CA ASN A 36 30.65 0.08 12.97
C ASN A 36 30.35 0.69 14.33
N GLU A 37 29.08 0.88 14.68
CA GLU A 37 28.75 1.74 15.81
C GLU A 37 27.81 1.10 16.77
N ILE A 38 28.15 0.00 17.40
CA ILE A 38 27.19 -0.46 18.37
C ILE A 38 27.76 0.14 19.59
N LEU A 39 29.07 0.33 19.54
CA LEU A 39 29.83 0.61 20.75
C LEU A 39 29.44 1.94 21.30
N ASP A 40 29.00 2.83 20.45
CA ASP A 40 28.62 4.12 20.97
C ASP A 40 27.25 4.01 21.59
N ASP A 41 26.41 3.22 20.94
CA ASP A 41 24.99 3.24 21.23
C ASP A 41 24.61 2.38 22.46
N MET A 42 25.39 1.34 22.74
CA MET A 42 25.16 0.42 23.87
C MET A 42 25.33 1.11 25.22
N THR A 43 24.48 0.74 26.19
CA THR A 43 24.58 1.27 27.55
C THR A 43 25.26 0.23 28.41
N VAL A 44 25.91 0.69 29.47
CA VAL A 44 26.72 -0.21 30.30
C VAL A 44 26.45 -0.05 31.77
N ILE A 45 26.11 -1.12 32.46
CA ILE A 45 25.96 -1.04 33.90
C ILE A 45 26.70 -2.19 34.54
N GLU A 46 27.21 -1.98 35.76
CA GLU A 46 28.10 -2.97 36.37
C GLU A 46 27.37 -4.23 36.63
N ALA A 47 27.97 -5.36 36.27
CA ALA A 47 27.27 -6.60 36.46
C ALA A 47 27.26 -6.83 37.96
N ASN A 48 26.16 -7.39 38.43
CA ASN A 48 25.89 -7.54 39.85
C ASN A 48 26.41 -8.83 40.53
N GLY A 49 26.46 -9.93 39.81
CA GLY A 49 26.85 -11.17 40.47
C GLY A 49 28.35 -11.28 40.62
N PHE A 50 28.85 -12.47 40.91
CA PHE A 50 30.30 -12.61 40.97
C PHE A 50 30.99 -12.59 39.63
N THR A 51 30.34 -13.03 38.56
CA THR A 51 30.94 -12.91 37.25
C THR A 51 29.87 -13.20 36.23
N GLU A 52 28.67 -12.83 36.64
CA GLU A 52 27.48 -12.95 35.84
C GLU A 52 26.63 -11.85 36.35
N HIS A 53 25.51 -11.73 35.73
CA HIS A 53 24.60 -10.70 36.07
C HIS A 53 23.36 -11.52 36.15
N LYS A 54 23.01 -11.97 37.35
CA LYS A 54 21.84 -12.83 37.52
C LYS A 54 20.58 -12.00 37.27
N THR A 55 19.51 -12.62 36.80
CA THR A 55 18.32 -11.85 36.48
C THR A 55 17.05 -12.62 36.79
N THR A 56 16.25 -12.21 37.79
CA THR A 56 15.04 -12.99 38.04
C THR A 56 13.97 -12.53 37.04
N VAL A 57 13.42 -13.46 36.27
CA VAL A 57 12.48 -13.05 35.23
C VAL A 57 11.20 -13.84 35.32
N ARG A 58 10.09 -13.11 35.44
CA ARG A 58 8.77 -13.70 35.72
C ARG A 58 8.28 -14.86 34.82
N SER A 59 7.94 -15.98 35.44
CA SER A 59 7.60 -17.15 34.66
C SER A 59 6.12 -17.46 34.67
N GLY A 60 5.42 -17.05 35.73
CA GLY A 60 4.00 -17.33 35.84
C GLY A 60 3.25 -16.29 36.66
N LEU A 61 2.09 -15.87 36.17
CA LEU A 61 1.19 -15.03 36.96
C LEU A 61 0.20 -15.87 37.80
N PRO A 62 -0.25 -15.34 38.94
CA PRO A 62 -1.37 -15.96 39.62
C PRO A 62 -2.61 -15.79 38.74
N THR A 63 -3.44 -16.82 38.57
CA THR A 63 -4.61 -16.69 37.69
C THR A 63 -5.94 -16.16 38.31
N GLY A 64 -6.03 -16.07 39.62
CA GLY A 64 -7.30 -15.78 40.27
C GLY A 64 -8.49 -16.72 40.03
N THR A 65 -9.58 -16.47 40.77
CA THR A 65 -10.88 -17.15 40.58
C THR A 65 -12.08 -16.29 40.92
N TRP A 66 -13.20 -16.62 40.32
CA TRP A 66 -14.48 -16.03 40.66
C TRP A 66 -14.96 -16.86 41.83
N ARG A 67 -15.42 -16.21 42.88
CA ARG A 67 -15.88 -16.95 44.07
C ARG A 67 -17.35 -16.74 44.32
N LYS A 68 -18.02 -17.84 44.61
CA LYS A 68 -19.40 -17.76 45.08
C LYS A 68 -19.38 -17.35 46.56
N LEU A 69 -20.46 -16.72 47.03
CA LEU A 69 -20.51 -16.18 48.39
C LEU A 69 -20.33 -17.23 49.46
N ASN A 70 -19.67 -16.87 50.55
CA ASN A 70 -19.38 -17.84 51.59
C ASN A 70 -18.55 -19.04 51.11
N TYR A 71 -17.41 -18.80 50.45
CA TYR A 71 -16.61 -19.91 50.01
C TYR A 71 -15.17 -19.52 49.62
N GLY A 72 -14.21 -19.76 50.53
CA GLY A 72 -12.83 -19.33 50.35
C GLY A 72 -12.07 -20.10 49.28
N VAL A 73 -11.52 -19.34 48.32
CA VAL A 73 -10.85 -19.89 47.13
C VAL A 73 -9.36 -20.01 47.37
N GLN A 74 -8.68 -20.85 46.59
CA GLN A 74 -7.25 -21.11 46.87
C GLN A 74 -6.34 -19.94 46.67
N PRO A 75 -5.28 -19.87 47.46
CA PRO A 75 -4.23 -18.88 47.21
C PRO A 75 -3.42 -19.27 45.98
N GLU A 76 -2.87 -18.24 45.33
CA GLU A 76 -2.03 -18.34 44.13
C GLU A 76 -0.60 -18.03 44.46
N LYS A 77 0.29 -18.34 43.52
CA LYS A 77 1.72 -18.25 43.72
C LYS A 77 2.29 -17.77 42.41
N SER A 78 3.10 -16.72 42.45
CA SER A 78 3.72 -16.20 41.21
C SER A 78 5.06 -16.80 40.91
N ARG A 79 5.11 -17.82 40.05
CA ARG A 79 6.36 -18.45 39.70
C ARG A 79 7.29 -17.60 38.86
N THR A 80 8.59 -17.67 39.15
CA THR A 80 9.58 -16.85 38.45
C THR A 80 10.96 -17.42 38.52
N VAL A 81 11.51 -17.77 37.36
CA VAL A 81 12.88 -18.29 37.19
C VAL A 81 13.97 -17.26 36.89
N GLN A 82 15.21 -17.58 37.19
CA GLN A 82 16.25 -16.63 36.83
C GLN A 82 17.28 -17.15 35.84
N VAL A 83 17.86 -16.21 35.09
CA VAL A 83 18.84 -16.48 34.03
C VAL A 83 20.00 -15.55 34.23
N LYS A 84 21.22 -16.07 34.28
CA LYS A 84 22.41 -15.23 34.45
C LYS A 84 23.28 -15.24 33.21
N ASP A 85 24.04 -14.17 32.97
CA ASP A 85 24.87 -14.16 31.77
C ASP A 85 26.24 -13.54 32.07
N SER A 86 27.27 -14.13 31.47
CA SER A 86 28.68 -13.88 31.80
C SER A 86 29.42 -12.82 31.03
N MET A 87 30.68 -12.63 31.41
CA MET A 87 31.59 -11.73 30.70
C MET A 87 32.78 -12.41 30.00
N GLY A 88 33.58 -11.64 29.30
CA GLY A 88 34.85 -12.13 28.80
C GLY A 88 35.77 -10.93 28.85
N MET A 89 37.07 -11.17 28.96
CA MET A 89 38.01 -10.05 29.04
C MET A 89 38.68 -9.96 27.73
N LEU A 90 38.78 -8.77 27.18
CA LEU A 90 39.52 -8.64 25.94
C LEU A 90 40.69 -7.69 26.16
N GLU A 91 41.93 -8.17 26.23
CA GLU A 91 43.02 -7.22 26.42
C GLU A 91 44.32 -7.51 25.72
N THR A 92 45.07 -6.46 25.39
CA THR A 92 46.47 -6.66 25.04
C THR A 92 47.39 -5.60 25.58
N TYR A 93 48.63 -6.03 25.77
CA TYR A 93 49.78 -5.18 26.02
C TYR A 93 50.31 -4.68 24.67
N ALA A 94 51.07 -3.59 24.71
CA ALA A 94 51.71 -3.07 23.53
C ALA A 94 53.11 -2.56 23.83
N GLU A 95 54.11 -3.42 23.84
CA GLU A 95 55.45 -3.01 24.27
C GLU A 95 56.24 -2.46 23.08
N VAL A 96 57.13 -1.50 23.33
CA VAL A 96 57.97 -0.88 22.32
C VAL A 96 59.29 -0.78 22.99
N ASP A 97 60.41 -1.04 22.31
CA ASP A 97 61.70 -0.78 22.98
C ASP A 97 61.85 0.73 23.25
N LYS A 98 62.23 1.13 24.47
CA LYS A 98 62.16 2.56 24.85
C LYS A 98 63.05 3.41 23.96
N ALA A 99 64.16 2.83 23.56
CA ALA A 99 65.04 3.52 22.68
C ALA A 99 64.33 3.81 21.35
N LEU A 100 63.54 2.86 20.82
CA LEU A 100 62.89 3.09 19.51
C LEU A 100 61.85 4.14 19.53
N ALA A 101 61.16 4.30 20.65
CA ALA A 101 60.10 5.31 20.71
C ALA A 101 60.72 6.69 20.91
N ASP A 102 61.77 6.77 21.72
CA ASP A 102 62.39 8.09 21.91
C ASP A 102 63.06 8.75 20.70
N LEU A 103 63.63 7.96 19.79
CA LEU A 103 64.44 8.55 18.72
C LEU A 103 63.67 9.36 17.69
N ASN A 104 64.37 10.38 17.17
CA ASN A 104 63.83 11.39 16.28
C ASN A 104 62.72 12.14 17.01
N GLY A 105 62.75 11.99 18.34
CA GLY A 105 61.86 12.61 19.31
C GLY A 105 60.38 12.29 19.27
N ASN A 106 60.02 11.09 18.82
CA ASN A 106 58.62 10.80 18.61
C ASN A 106 58.04 9.90 19.66
N SER A 107 58.36 10.11 20.93
CA SER A 107 57.96 9.09 21.90
C SER A 107 56.46 9.05 22.00
N ALA A 108 55.88 10.23 22.21
CA ALA A 108 54.47 10.38 22.39
C ALA A 108 53.74 10.37 21.03
N ALA A 109 54.39 10.87 19.98
CA ALA A 109 53.77 10.81 18.65
C ALA A 109 53.62 9.35 18.14
N TRP A 110 54.62 8.54 18.42
CA TRP A 110 54.56 7.12 18.11
C TRP A 110 53.59 6.41 19.01
N ARG A 111 53.70 6.72 20.29
CA ARG A 111 52.92 6.04 21.30
C ARG A 111 51.50 6.29 20.89
N LEU A 112 51.28 7.49 20.41
CA LEU A 112 49.94 7.86 20.08
C LEU A 112 49.49 7.11 18.84
N SER A 113 50.28 7.09 17.76
CA SER A 113 49.73 6.50 16.52
C SER A 113 49.51 5.02 16.70
N GLU A 114 50.36 4.38 17.49
CA GLU A 114 50.14 2.98 17.78
C GLU A 114 48.90 2.79 18.71
N ASP A 115 48.66 3.77 19.57
CA ASP A 115 47.48 3.76 20.40
C ASP A 115 46.18 3.88 19.59
N ARG A 116 46.14 4.79 18.62
CA ARG A 116 44.93 5.00 17.83
C ARG A 116 44.65 3.70 17.13
N ALA A 117 45.71 3.07 16.62
CA ALA A 117 45.52 1.83 15.93
C ALA A 117 45.02 0.77 16.88
N PHE A 118 45.44 0.83 18.13
CA PHE A 118 44.91 -0.17 19.05
C PHE A 118 43.46 -0.05 19.35
N ILE A 119 43.04 1.17 19.63
CA ILE A 119 41.66 1.42 20.00
C ILE A 119 40.83 0.95 18.84
N GLU A 120 41.35 1.18 17.65
CA GLU A 120 40.59 0.75 16.52
C GLU A 120 40.48 -0.78 16.38
N GLY A 121 41.54 -1.52 16.67
CA GLY A 121 41.45 -2.97 16.54
C GLY A 121 40.54 -3.58 17.61
N MET A 122 40.55 -2.94 18.77
CA MET A 122 39.74 -3.31 19.90
C MET A 122 38.24 -3.08 19.63
N ASN A 123 37.89 -1.94 19.07
CA ASN A 123 36.50 -1.76 18.69
C ASN A 123 36.10 -2.71 17.61
N GLN A 124 37.04 -3.04 16.74
CA GLN A 124 36.70 -3.98 15.70
C GLN A 124 36.29 -5.31 16.36
N THR A 125 37.07 -5.81 17.31
CA THR A 125 36.74 -7.15 17.79
C THR A 125 35.60 -7.19 18.76
N GLN A 126 35.47 -6.12 19.53
CA GLN A 126 34.42 -6.04 20.54
C GLN A 126 33.15 -6.02 19.77
N ALA A 127 33.17 -5.31 18.66
CA ALA A 127 31.97 -5.18 17.88
C ALA A 127 31.57 -6.41 17.10
N THR A 128 32.54 -7.17 16.57
CA THR A 128 32.16 -8.39 15.90
C THR A 128 31.78 -9.45 16.89
N THR A 129 32.34 -9.35 18.08
CA THR A 129 32.02 -10.41 19.00
C THR A 129 30.70 -10.11 19.65
N LEU A 130 30.28 -8.86 19.58
CA LEU A 130 29.03 -8.52 20.22
C LEU A 130 27.87 -9.18 19.45
N PHE A 131 28.01 -9.33 18.13
CA PHE A 131 26.99 -10.03 17.34
C PHE A 131 27.22 -11.49 17.21
N TYR A 132 28.43 -11.91 16.89
CA TYR A 132 28.59 -13.35 16.80
C TYR A 132 29.61 -13.69 17.79
N GLY A 133 29.28 -13.61 19.06
CA GLY A 133 30.23 -14.09 20.02
C GLY A 133 29.55 -15.30 20.56
N ASP A 134 30.12 -16.48 20.38
CA ASP A 134 29.50 -17.61 21.04
C ASP A 134 30.38 -17.85 22.25
N SER A 135 29.80 -18.21 23.38
CA SER A 135 30.64 -18.61 24.51
C SER A 135 30.81 -20.12 24.50
N SER A 136 29.91 -20.80 23.81
CA SER A 136 29.97 -22.23 23.67
C SER A 136 30.92 -22.64 22.56
N ILE A 137 31.33 -21.67 21.76
CA ILE A 137 32.29 -21.94 20.70
C ILE A 137 33.69 -21.48 21.13
N ASP A 138 33.76 -20.19 21.44
CA ASP A 138 34.96 -19.49 21.81
C ASP A 138 35.41 -19.76 23.24
N ALA A 139 34.51 -20.34 24.03
CA ALA A 139 34.79 -20.68 25.42
C ALA A 139 35.13 -19.42 26.20
N GLU A 140 36.17 -18.71 25.75
CA GLU A 140 36.68 -17.48 26.36
C GLU A 140 35.79 -16.23 26.37
N LYS A 141 35.14 -15.98 25.24
CA LYS A 141 34.38 -14.75 24.95
C LYS A 141 32.94 -14.76 25.48
N PHE A 142 32.38 -13.59 25.75
CA PHE A 142 30.97 -13.50 26.18
C PHE A 142 30.06 -13.79 24.99
N MET A 143 28.85 -14.28 25.24
CA MET A 143 27.96 -14.67 24.14
C MET A 143 27.14 -13.45 23.69
N GLY A 144 26.99 -13.26 22.37
CA GLY A 144 26.47 -12.01 21.81
C GLY A 144 25.02 -12.09 21.39
N LEU A 145 24.60 -11.43 20.30
CA LEU A 145 23.17 -11.50 19.88
C LEU A 145 22.73 -12.75 19.06
N THR A 146 23.69 -13.47 18.54
CA THR A 146 23.44 -14.77 18.03
C THR A 146 24.39 -15.48 18.97
N PRO A 147 24.10 -16.70 19.30
CA PRO A 147 22.86 -17.29 18.85
C PRO A 147 21.81 -17.30 19.93
N ARG A 148 21.67 -16.20 20.66
CA ARG A 148 20.56 -16.10 21.59
C ARG A 148 19.23 -16.12 20.81
N PHE A 149 19.21 -15.52 19.62
CA PHE A 149 18.08 -15.74 18.74
C PHE A 149 18.53 -16.61 17.62
N ASN A 150 18.69 -17.89 17.86
CA ASN A 150 19.10 -18.64 16.73
C ASN A 150 17.99 -19.47 16.12
N SER A 151 17.59 -20.52 16.84
CA SER A 151 16.55 -21.40 16.34
C SER A 151 15.18 -20.76 16.42
N LEU A 152 14.32 -21.11 15.47
CA LEU A 152 12.95 -20.62 15.45
C LEU A 152 12.10 -21.24 16.57
N SER A 153 12.59 -22.41 17.05
CA SER A 153 12.06 -23.21 18.17
C SER A 153 12.24 -22.62 19.57
N ALA A 154 13.23 -21.76 19.74
CA ALA A 154 13.51 -21.17 21.04
C ALA A 154 12.28 -20.38 21.40
N GLU A 155 12.01 -20.24 22.67
CA GLU A 155 10.77 -19.63 23.09
C GLU A 155 10.67 -18.13 22.75
N ASN A 156 11.80 -17.53 22.42
CA ASN A 156 11.80 -16.19 21.89
C ASN A 156 11.93 -16.20 20.36
N GLY A 157 11.54 -17.30 19.73
CA GLY A 157 11.82 -17.47 18.30
C GLY A 157 10.94 -16.54 17.49
N GLN A 158 9.82 -16.20 18.09
CA GLN A 158 8.90 -15.28 17.48
C GLN A 158 9.58 -13.92 17.26
N ASN A 159 10.60 -13.61 18.05
CA ASN A 159 11.27 -12.34 17.89
C ASN A 159 12.28 -12.37 16.83
N ILE A 160 12.66 -13.54 16.35
CA ILE A 160 13.42 -13.47 15.10
C ILE A 160 12.44 -13.66 13.94
N ILE A 161 12.48 -12.73 12.99
CA ILE A 161 11.60 -12.73 11.84
C ILE A 161 12.30 -13.35 10.68
N ASP A 162 11.80 -14.49 10.20
CA ASP A 162 12.47 -15.12 9.08
C ASP A 162 12.20 -14.30 7.81
N ALA A 163 13.29 -13.85 7.20
CA ALA A 163 13.24 -13.10 5.94
C ALA A 163 12.75 -13.94 4.79
N GLY A 164 12.84 -15.25 4.93
CA GLY A 164 12.25 -16.14 3.94
C GLY A 164 13.36 -16.58 3.02
N GLY A 165 14.58 -16.48 3.52
CA GLY A 165 15.73 -16.86 2.73
C GLY A 165 16.11 -18.32 2.84
N THR A 166 17.36 -18.57 2.45
CA THR A 166 17.89 -19.91 2.33
C THR A 166 19.31 -19.71 1.83
N GLY A 167 19.92 -20.76 1.24
CA GLY A 167 21.33 -20.78 0.88
C GLY A 167 22.24 -20.27 2.00
N SER A 168 23.55 -20.33 1.77
CA SER A 168 24.50 -19.94 2.79
C SER A 168 24.76 -18.44 2.88
N ASP A 169 24.51 -17.75 1.78
CA ASP A 169 24.81 -16.33 1.63
C ASP A 169 23.71 -15.44 2.19
N ASN A 170 23.65 -15.24 3.49
CA ASN A 170 22.57 -14.40 3.97
C ASN A 170 22.83 -13.66 5.23
N ALA A 171 22.33 -12.43 5.26
CA ALA A 171 22.55 -11.50 6.38
C ALA A 171 21.48 -11.60 7.45
N SER A 172 21.54 -10.65 8.37
CA SER A 172 20.46 -10.43 9.29
C SER A 172 20.44 -8.96 9.65
N ILE A 173 19.26 -8.44 9.92
CA ILE A 173 19.17 -7.10 10.46
C ILE A 173 18.87 -7.27 11.93
N TRP A 174 19.45 -6.42 12.76
CA TRP A 174 19.14 -6.42 14.18
C TRP A 174 18.42 -5.17 14.52
N LEU A 175 17.57 -5.29 15.53
CA LEU A 175 16.90 -4.16 16.12
C LEU A 175 16.91 -4.43 17.60
N THR A 176 17.41 -3.51 18.38
CA THR A 176 17.52 -3.79 19.79
C THR A 176 16.83 -2.66 20.47
N VAL A 177 16.74 -2.74 21.79
CA VAL A 177 16.46 -1.55 22.57
C VAL A 177 17.45 -1.53 23.71
N TRP A 178 18.46 -0.68 23.61
CA TRP A 178 19.47 -0.60 24.65
C TRP A 178 18.94 0.16 25.82
N GLY A 179 18.91 -0.48 26.97
CA GLY A 179 18.50 0.22 28.16
C GLY A 179 18.71 -0.67 29.34
N PRO A 180 18.69 -0.10 30.52
CA PRO A 180 19.19 -0.75 31.73
C PRO A 180 18.46 -2.04 31.97
N ASN A 181 17.19 -2.11 31.57
CA ASN A 181 16.34 -3.24 31.93
C ASN A 181 15.92 -4.10 30.77
N THR A 182 16.47 -3.85 29.58
CA THR A 182 16.06 -4.68 28.43
C THR A 182 17.24 -5.24 27.65
N LEU A 183 18.37 -4.55 27.67
CA LEU A 183 19.54 -5.00 26.92
C LEU A 183 20.67 -4.04 27.14
N HIS A 184 21.77 -4.53 27.66
CA HIS A 184 22.89 -3.65 27.89
C HIS A 184 24.08 -4.54 27.98
N THR A 185 25.25 -3.91 28.05
CA THR A 185 26.48 -4.63 28.37
C THR A 185 26.75 -4.60 29.87
N ILE A 186 27.65 -5.44 30.33
CA ILE A 186 28.02 -5.49 31.74
C ILE A 186 29.52 -5.62 31.88
N TYR A 187 30.09 -4.99 32.91
CA TYR A 187 31.52 -5.12 33.19
C TYR A 187 31.65 -5.50 34.67
N PRO A 188 32.69 -6.22 35.09
CA PRO A 188 32.66 -6.83 36.44
C PRO A 188 32.78 -5.86 37.61
N LYS A 189 32.38 -6.27 38.80
CA LYS A 189 32.70 -5.43 39.95
C LYS A 189 34.09 -5.82 40.60
N GLY A 190 35.01 -4.86 40.55
CA GLY A 190 34.77 -3.60 39.91
C GLY A 190 35.68 -3.20 38.77
N SER A 191 36.12 -4.12 37.91
CA SER A 191 36.94 -3.68 36.75
C SER A 191 36.02 -2.84 35.88
N GLN A 192 36.42 -1.62 35.56
CA GLN A 192 35.42 -0.71 35.00
C GLN A 192 35.27 -0.89 33.51
N ALA A 193 34.13 -0.49 32.98
CA ALA A 193 33.95 -0.54 31.54
C ALA A 193 34.32 0.83 31.06
N GLY A 194 34.75 1.00 29.81
CA GLY A 194 34.69 0.01 28.74
C GLY A 194 35.91 0.28 27.87
N LEU A 195 36.94 -0.55 28.00
CA LEU A 195 38.27 -0.40 27.38
C LEU A 195 39.18 0.59 28.09
N GLN A 196 40.07 0.05 28.92
CA GLN A 196 40.98 0.87 29.67
C GLN A 196 42.35 0.83 29.04
N SER A 197 42.75 1.94 28.44
CA SER A 197 44.11 2.08 27.93
C SER A 197 45.00 2.56 29.03
N ARG A 198 45.38 1.70 29.94
CA ARG A 198 46.29 2.10 31.00
C ARG A 198 47.72 2.06 30.47
N ASP A 199 48.49 3.10 30.75
CA ASP A 199 49.87 3.13 30.31
C ASP A 199 50.75 2.62 31.44
N LEU A 200 51.41 1.50 31.20
CA LEU A 200 52.13 0.80 32.27
C LEU A 200 53.38 1.50 32.75
N GLY A 201 53.82 2.49 31.99
CA GLY A 201 55.06 3.21 32.20
C GLY A 201 56.20 2.50 31.49
N GLU A 202 57.33 3.19 31.37
CA GLU A 202 58.54 2.59 30.87
C GLU A 202 58.91 1.57 31.92
N ASP A 203 59.43 0.41 31.53
CA ASP A 203 59.88 -0.47 32.61
C ASP A 203 60.92 -1.37 32.05
N THR A 204 61.76 -1.95 32.90
CA THR A 204 62.79 -2.81 32.35
C THR A 204 62.23 -4.09 31.78
N LEU A 205 62.88 -4.61 30.74
CA LEU A 205 62.44 -5.81 30.07
C LEU A 205 63.58 -6.74 30.26
N ILE A 206 63.45 -7.94 29.73
CA ILE A 206 64.56 -8.89 29.71
C ILE A 206 64.74 -9.38 28.29
N ASP A 207 66.00 -9.42 27.84
CA ASP A 207 66.41 -9.93 26.54
C ASP A 207 66.16 -11.44 26.60
N ALA A 208 66.02 -12.10 25.46
CA ALA A 208 65.92 -13.56 25.48
C ALA A 208 67.22 -14.12 26.07
N ALA A 209 68.32 -13.40 25.83
CA ALA A 209 69.64 -13.66 26.42
C ALA A 209 69.73 -13.37 27.93
N GLY A 210 69.14 -12.26 28.36
CA GLY A 210 69.19 -11.87 29.74
C GLY A 210 69.58 -10.44 30.06
N GLY A 211 70.12 -9.68 29.12
CA GLY A 211 70.59 -8.35 29.46
C GLY A 211 69.37 -7.47 29.71
N ARG A 212 69.48 -6.36 30.48
CA ARG A 212 68.36 -5.42 30.50
C ARG A 212 68.36 -5.00 28.98
N TYR A 213 67.18 -4.74 28.41
CA TYR A 213 66.98 -4.46 26.98
C TYR A 213 65.72 -3.67 27.13
N GLN A 214 65.93 -2.66 27.99
CA GLN A 214 64.92 -1.89 28.69
C GLN A 214 64.03 -0.89 27.90
N GLY A 215 62.69 -0.93 28.12
CA GLY A 215 61.65 -0.38 27.23
C GLY A 215 60.25 -0.02 27.78
N TYR A 216 59.30 0.43 26.91
CA TYR A 216 57.86 0.75 27.27
C TYR A 216 56.79 -0.35 27.19
N ARG A 217 55.59 -0.06 27.74
CA ARG A 217 54.49 -1.02 27.63
C ARG A 217 53.12 -0.40 27.90
N THR A 218 52.09 -0.82 27.17
CA THR A 218 50.77 -0.23 27.37
C THR A 218 49.74 -1.31 27.45
N HIS A 219 48.81 -1.21 28.38
CA HIS A 219 47.77 -2.20 28.50
C HIS A 219 46.47 -1.77 27.84
N TYR A 220 45.68 -2.70 27.35
CA TYR A 220 44.40 -2.29 26.82
C TYR A 220 43.42 -3.31 27.24
N LYS A 221 42.99 -3.22 28.48
CA LYS A 221 41.99 -4.12 29.01
C LYS A 221 40.66 -3.71 28.37
N TRP A 222 39.73 -4.65 28.26
CA TRP A 222 38.34 -4.33 27.96
C TRP A 222 37.52 -5.56 28.22
N ASP A 223 36.82 -5.59 29.36
CA ASP A 223 36.13 -6.82 29.73
C ASP A 223 34.63 -6.58 29.81
N ILE A 224 33.91 -7.06 28.82
CA ILE A 224 32.47 -6.92 28.81
C ILE A 224 31.83 -8.19 28.38
N GLY A 225 30.60 -8.40 28.88
CA GLY A 225 29.69 -9.47 28.47
C GLY A 225 28.38 -8.83 28.07
N LEU A 226 27.31 -9.61 27.94
CA LEU A 226 26.16 -8.94 27.40
C LEU A 226 24.83 -9.43 27.86
N THR A 227 24.18 -8.61 28.70
CA THR A 227 22.91 -8.98 29.29
C THR A 227 21.85 -8.69 28.27
N LEU A 228 21.06 -9.71 27.98
CA LEU A 228 19.82 -9.50 27.26
C LEU A 228 18.69 -9.73 28.26
N ARG A 229 18.20 -8.68 28.92
CA ARG A 229 17.30 -8.88 30.05
C ARG A 229 16.09 -9.60 29.61
N ASP A 230 15.46 -9.12 28.56
CA ASP A 230 14.34 -9.84 27.97
C ASP A 230 14.39 -9.69 26.48
N TRP A 231 14.26 -10.81 25.81
CA TRP A 231 14.40 -10.80 24.38
C TRP A 231 13.26 -10.04 23.73
N ARG A 232 12.22 -9.72 24.49
CA ARG A 232 11.08 -9.02 23.89
C ARG A 232 11.52 -7.71 23.25
N TYR A 233 12.60 -7.16 23.75
CA TYR A 233 13.12 -5.92 23.21
C TYR A 233 14.10 -6.07 22.07
N VAL A 234 14.44 -7.30 21.70
CA VAL A 234 15.36 -7.50 20.58
C VAL A 234 14.75 -8.36 19.47
N VAL A 235 14.81 -7.90 18.22
CA VAL A 235 14.27 -8.66 17.08
C VAL A 235 15.30 -8.98 15.98
N ARG A 236 15.31 -10.21 15.47
CA ARG A 236 16.29 -10.54 14.46
C ARG A 236 15.62 -10.79 13.16
N ILE A 237 16.17 -10.25 12.07
CA ILE A 237 15.58 -10.45 10.75
C ILE A 237 16.51 -11.38 10.01
N ALA A 238 16.47 -12.65 10.34
CA ALA A 238 17.49 -13.55 9.86
C ALA A 238 17.20 -14.19 8.49
N ASN A 239 18.27 -14.75 7.90
CA ASN A 239 18.19 -15.44 6.61
C ASN A 239 17.83 -14.56 5.43
N VAL A 240 18.30 -13.31 5.46
CA VAL A 240 18.05 -12.35 4.41
C VAL A 240 18.98 -12.59 3.26
N ASP A 241 18.58 -13.34 2.24
CA ASP A 241 19.47 -13.67 1.11
C ASP A 241 19.96 -12.42 0.36
N VAL A 242 21.26 -12.12 0.47
CA VAL A 242 21.83 -10.91 -0.11
C VAL A 242 21.96 -10.89 -1.65
N SER A 243 22.16 -12.04 -2.27
CA SER A 243 22.18 -12.08 -3.72
C SER A 243 20.81 -11.75 -4.32
N GLU A 244 19.75 -12.13 -3.63
CA GLU A 244 18.44 -12.01 -4.22
C GLU A 244 17.84 -10.65 -3.98
N LEU A 245 18.48 -9.84 -3.16
CA LEU A 245 17.95 -8.51 -2.93
C LEU A 245 18.08 -7.70 -4.23
N THR A 246 17.03 -6.96 -4.59
CA THR A 246 17.03 -6.10 -5.77
C THR A 246 16.47 -4.79 -5.31
N LYS A 247 16.81 -3.71 -5.97
CA LYS A 247 16.33 -2.41 -5.54
C LYS A 247 14.78 -2.21 -5.65
N ASN A 248 14.14 -2.93 -6.56
CA ASN A 248 12.71 -2.73 -6.80
C ASN A 248 11.81 -3.46 -5.85
N ALA A 249 12.25 -3.63 -4.60
CA ALA A 249 11.57 -4.45 -3.59
C ALA A 249 10.83 -5.65 -4.21
N SER A 250 11.51 -6.38 -5.09
CA SER A 250 10.80 -7.28 -5.99
C SER A 250 11.10 -8.76 -5.78
N ALA A 251 12.28 -9.19 -6.21
CA ALA A 251 12.76 -10.54 -5.95
C ALA A 251 13.27 -10.52 -4.52
N GLY A 252 13.35 -11.68 -3.87
CA GLY A 252 13.89 -11.74 -2.51
C GLY A 252 13.01 -11.12 -1.43
N ALA A 253 13.61 -10.58 -0.38
CA ALA A 253 12.82 -10.13 0.75
C ALA A 253 12.70 -8.61 0.76
N ASP A 254 11.47 -8.09 0.84
CA ASP A 254 11.32 -6.65 0.98
C ASP A 254 11.84 -6.22 2.30
N LEU A 255 12.58 -5.12 2.29
CA LEU A 255 13.13 -4.66 3.54
C LEU A 255 12.17 -3.74 4.25
N ILE A 256 11.43 -2.92 3.52
CA ILE A 256 10.70 -1.92 4.25
C ILE A 256 9.64 -2.59 5.13
N ASP A 257 8.93 -3.61 4.65
CA ASP A 257 8.03 -4.33 5.55
C ASP A 257 8.76 -5.22 6.58
N LEU A 258 9.85 -5.87 6.16
CA LEU A 258 10.57 -6.77 7.07
C LEU A 258 11.08 -5.95 8.21
N MET A 259 11.30 -4.68 7.93
CA MET A 259 11.70 -3.75 8.94
C MET A 259 10.54 -3.15 9.75
N THR A 260 9.40 -2.84 9.12
CA THR A 260 8.28 -2.30 9.91
C THR A 260 7.71 -3.35 10.85
N GLN A 261 7.71 -4.60 10.40
CA GLN A 261 7.19 -5.68 11.23
C GLN A 261 8.11 -5.93 12.38
N ALA A 262 9.37 -5.63 12.14
CA ALA A 262 10.31 -5.67 13.21
C ALA A 262 9.97 -4.61 14.21
N VAL A 263 9.54 -3.44 13.75
CA VAL A 263 9.21 -2.38 14.68
C VAL A 263 7.99 -2.71 15.50
N GLU A 264 6.98 -3.27 14.85
CA GLU A 264 5.79 -3.69 15.56
C GLU A 264 6.02 -4.84 16.57
N LEU A 265 7.05 -5.64 16.36
CA LEU A 265 7.36 -6.71 17.29
C LEU A 265 7.79 -6.30 18.70
N ILE A 266 8.32 -5.09 18.87
CA ILE A 266 8.76 -4.61 20.19
C ILE A 266 7.58 -4.12 21.01
N PRO A 267 7.44 -4.64 22.24
CA PRO A 267 6.39 -4.11 23.10
C PRO A 267 6.80 -2.74 23.52
N ASN A 268 5.98 -1.75 23.18
CA ASN A 268 6.25 -0.31 23.36
C ASN A 268 7.69 0.11 23.60
N VAL A 269 8.34 0.64 22.56
CA VAL A 269 9.71 1.09 22.71
C VAL A 269 9.59 2.24 23.66
N GLY A 270 9.88 2.01 24.93
CA GLY A 270 9.61 3.05 25.89
C GLY A 270 10.95 3.49 26.40
N MET A 271 11.76 2.50 26.76
CA MET A 271 13.06 2.78 27.29
C MET A 271 13.98 1.64 26.92
N GLY A 272 15.28 1.93 26.78
CA GLY A 272 15.74 3.30 26.74
C GLY A 272 15.66 3.70 25.29
N ARG A 273 16.56 3.20 24.48
CA ARG A 273 16.54 3.58 23.09
C ARG A 273 16.89 2.46 22.16
N PRO A 274 16.03 2.27 21.14
CA PRO A 274 16.09 1.26 20.10
C PRO A 274 17.15 1.62 19.04
N ALA A 275 17.61 0.64 18.29
CA ALA A 275 18.51 0.91 17.19
C ALA A 275 18.54 -0.26 16.20
N PHE A 276 18.60 0.06 14.91
CA PHE A 276 18.80 -0.94 13.86
C PHE A 276 20.27 -1.16 13.49
N TYR A 277 20.65 -2.38 13.21
CA TYR A 277 22.05 -2.59 12.91
C TYR A 277 22.28 -3.45 11.73
N MET A 278 22.74 -2.83 10.67
CA MET A 278 22.78 -3.60 9.47
C MET A 278 24.10 -3.47 8.79
N PRO A 279 24.45 -4.50 8.02
CA PRO A 279 25.68 -4.48 7.22
C PRO A 279 25.54 -3.35 6.21
N ARG A 280 26.63 -2.70 5.80
CA ARG A 280 26.47 -1.60 4.85
C ARG A 280 25.73 -2.02 3.57
N LYS A 281 25.87 -3.29 3.15
CA LYS A 281 25.16 -3.83 1.97
C LYS A 281 23.66 -3.68 2.08
N ILE A 282 23.19 -4.00 3.26
CA ILE A 282 21.81 -3.86 3.53
C ILE A 282 21.46 -2.39 3.53
N ARG A 283 22.28 -1.54 4.12
CA ARG A 283 21.89 -0.13 4.23
C ARG A 283 21.68 0.48 2.87
N SER A 284 22.51 0.06 1.94
CA SER A 284 22.44 0.50 0.59
C SER A 284 21.12 0.02 -0.03
N PHE A 285 20.82 -1.28 0.06
CA PHE A 285 19.56 -1.81 -0.54
C PHE A 285 18.29 -1.33 0.13
N LEU A 286 18.38 -1.02 1.41
CA LEU A 286 17.30 -0.39 2.18
C LEU A 286 17.06 0.99 1.58
N ARG A 287 18.16 1.66 1.22
CA ARG A 287 18.03 3.01 0.72
C ARG A 287 17.37 2.95 -0.63
N ARG A 288 17.88 2.06 -1.48
CA ARG A 288 17.38 1.98 -2.83
C ARG A 288 15.93 1.59 -2.80
N GLN A 289 15.59 0.64 -1.96
CA GLN A 289 14.21 0.21 -1.87
C GLN A 289 13.27 1.28 -1.31
N ILE A 290 13.72 2.08 -0.36
CA ILE A 290 12.83 3.13 0.12
C ILE A 290 12.52 4.17 -0.95
N THR A 291 13.55 4.62 -1.67
CA THR A 291 13.30 5.58 -2.73
C THR A 291 12.46 4.93 -3.79
N ASN A 292 12.64 3.63 -3.99
CA ASN A 292 11.77 2.91 -4.91
C ASN A 292 10.29 2.70 -4.56
N LYS A 293 9.96 2.56 -3.27
CA LYS A 293 8.57 2.40 -2.84
C LYS A 293 7.88 3.75 -2.91
N VAL A 294 8.59 4.79 -2.49
CA VAL A 294 8.03 6.12 -2.61
C VAL A 294 7.91 6.59 -4.08
N ALA A 295 8.67 5.95 -4.95
CA ALA A 295 8.66 6.34 -6.34
C ALA A 295 7.29 6.13 -6.88
N ALA A 296 6.55 5.19 -6.31
CA ALA A 296 5.22 4.91 -6.86
C ALA A 296 4.16 5.83 -6.24
N SER A 297 4.61 6.99 -5.81
CA SER A 297 3.76 7.86 -5.06
C SER A 297 4.22 9.23 -5.38
N THR A 298 5.16 9.69 -4.56
CA THR A 298 5.64 11.05 -4.62
C THR A 298 7.09 11.12 -4.29
N LEU A 299 7.91 11.23 -5.31
CA LEU A 299 9.30 11.48 -5.08
C LEU A 299 9.52 12.59 -6.06
N THR A 300 10.36 13.53 -5.66
CA THR A 300 10.62 14.75 -6.40
C THR A 300 11.79 14.57 -7.38
N MET A 301 12.05 15.55 -8.23
CA MET A 301 13.22 15.43 -9.08
C MET A 301 14.45 15.41 -8.18
N GLU A 302 14.55 16.36 -7.26
CA GLU A 302 15.73 16.50 -6.43
C GLU A 302 15.99 15.40 -5.41
N GLU A 303 14.92 14.73 -4.98
CA GLU A 303 15.06 13.65 -4.01
C GLU A 303 14.98 12.27 -4.72
N ILE A 304 15.59 12.19 -5.91
CA ILE A 304 15.55 11.00 -6.73
C ILE A 304 16.48 9.94 -6.19
N ALA A 305 17.57 10.44 -5.60
CA ALA A 305 18.60 9.61 -4.99
C ALA A 305 18.14 9.22 -3.60
N GLY A 306 17.43 10.14 -2.95
CA GLY A 306 16.92 9.85 -1.64
C GLY A 306 17.83 10.25 -0.51
N LYS A 307 17.21 10.75 0.55
CA LYS A 307 17.88 11.11 1.77
C LYS A 307 18.47 9.83 2.29
N LYS A 308 19.73 9.89 2.76
CA LYS A 308 20.41 8.69 3.27
C LYS A 308 19.70 8.26 4.53
N VAL A 309 19.59 6.94 4.72
CA VAL A 309 18.81 6.45 5.84
C VAL A 309 19.44 6.89 7.15
N VAL A 310 18.61 7.40 8.04
CA VAL A 310 19.08 7.93 9.30
C VAL A 310 18.23 7.35 10.39
N ALA A 311 16.97 7.75 10.45
CA ALA A 311 16.09 7.20 11.45
C ALA A 311 14.94 6.52 10.73
N PHE A 312 14.86 5.19 10.83
CA PHE A 312 13.80 4.49 10.15
C PHE A 312 12.45 4.71 10.78
N ASP A 313 12.26 4.34 12.04
CA ASP A 313 10.89 4.46 12.55
C ASP A 313 10.26 5.85 12.60
N GLY A 314 10.93 6.89 13.12
CA GLY A 314 12.32 6.93 13.57
C GLY A 314 12.84 6.09 14.71
N ILE A 315 13.82 5.29 14.35
CA ILE A 315 14.71 4.63 15.26
C ILE A 315 16.02 4.82 14.54
N PRO A 316 17.11 5.15 15.23
CA PRO A 316 18.36 5.34 14.47
C PRO A 316 18.73 4.10 13.70
N CYS A 317 19.23 4.27 12.49
CA CYS A 317 19.76 3.15 11.76
C CYS A 317 21.30 3.25 11.63
N ARG A 318 21.99 2.52 12.51
CA ARG A 318 23.43 2.63 12.69
C ARG A 318 24.16 1.61 11.86
N ARG A 319 25.14 2.08 11.11
CA ARG A 319 25.90 1.18 10.26
C ARG A 319 26.84 0.33 11.05
N THR A 320 26.79 -0.98 10.82
CA THR A 320 27.80 -1.82 11.44
C THR A 320 28.55 -2.73 10.49
N ASP A 321 29.80 -2.36 10.28
CA ASP A 321 30.72 -3.08 9.43
C ASP A 321 30.99 -4.37 10.10
N ALA A 322 31.15 -4.30 11.42
CA ALA A 322 31.61 -5.46 12.16
C ALA A 322 30.43 -6.39 12.31
N LEU A 323 29.93 -6.79 11.15
CA LEU A 323 28.72 -7.57 11.04
C LEU A 323 28.83 -8.38 9.77
N LEU A 324 28.89 -9.69 9.97
CA LEU A 324 29.08 -10.67 8.91
C LEU A 324 27.93 -10.61 7.88
N LEU A 325 28.33 -10.60 6.61
CA LEU A 325 27.40 -10.53 5.46
C LEU A 325 26.95 -11.87 4.90
N THR A 326 27.83 -12.85 4.92
CA THR A 326 27.42 -14.18 4.50
C THR A 326 27.47 -15.15 5.66
N GLU A 327 26.39 -15.15 6.42
CA GLU A 327 26.21 -15.99 7.60
C GLU A 327 25.27 -17.14 7.25
N ALA A 328 25.55 -18.34 7.77
CA ALA A 328 24.73 -19.52 7.41
C ALA A 328 23.32 -19.38 7.91
N ARG A 329 22.39 -19.91 7.11
CA ARG A 329 20.95 -19.73 7.34
C ARG A 329 20.46 -20.33 8.65
N VAL A 330 19.61 -19.59 9.35
CA VAL A 330 19.16 -20.02 10.66
C VAL A 330 17.74 -20.52 10.61
N VAL A 331 17.57 -21.83 10.72
CA VAL A 331 16.23 -22.42 10.69
C VAL A 331 15.99 -23.36 11.89
N SER B 5 60.60 12.95 -48.32
CA SER B 5 59.56 11.97 -48.01
C SER B 5 58.35 12.58 -47.25
N THR B 6 58.37 12.37 -45.92
CA THR B 6 57.34 12.84 -44.98
C THR B 6 57.92 14.03 -44.24
N THR B 7 57.26 15.18 -44.33
CA THR B 7 57.76 16.41 -43.72
C THR B 7 57.04 16.57 -42.35
N ASN B 8 57.80 16.85 -41.30
CA ASN B 8 57.25 16.99 -39.96
C ASN B 8 56.78 18.39 -39.60
N PRO B 9 55.72 18.54 -38.78
CA PRO B 9 55.42 19.85 -38.16
C PRO B 9 56.50 20.36 -37.16
N THR B 10 56.78 21.66 -36.98
CA THR B 10 55.95 22.88 -37.18
C THR B 10 55.06 23.12 -38.37
N LEU B 11 54.38 24.25 -38.27
CA LEU B 11 53.23 24.53 -39.12
C LEU B 11 53.76 24.91 -40.47
N ALA B 12 52.93 24.82 -41.50
CA ALA B 12 53.42 25.11 -42.83
C ALA B 12 52.92 26.43 -43.24
N ASP B 13 53.04 26.65 -44.53
CA ASP B 13 52.51 27.81 -45.20
C ASP B 13 51.00 27.58 -45.51
N VAL B 14 50.26 27.20 -44.49
CA VAL B 14 48.81 27.09 -44.57
C VAL B 14 48.19 27.91 -43.44
N ALA B 15 49.01 28.80 -42.87
CA ALA B 15 48.55 29.82 -41.94
C ALA B 15 47.80 30.89 -42.68
N ALA B 16 48.20 31.13 -43.94
CA ALA B 16 47.49 32.04 -44.84
C ALA B 16 46.12 31.43 -45.13
N ARG B 17 46.08 30.11 -45.07
CA ARG B 17 44.89 29.36 -45.34
C ARG B 17 43.72 29.66 -44.38
N MET B 18 44.00 30.02 -43.11
CA MET B 18 42.96 30.31 -42.08
C MET B 18 42.28 31.67 -42.38
N THR B 19 42.64 32.27 -43.51
CA THR B 19 42.13 33.58 -43.92
C THR B 19 40.95 33.43 -44.91
N PRO B 20 39.98 34.38 -44.90
CA PRO B 20 38.95 34.55 -45.95
C PRO B 20 39.50 35.29 -47.16
N ASP B 21 38.69 36.17 -47.73
CA ASP B 21 39.31 37.18 -48.58
C ASP B 21 39.84 38.16 -47.53
N GLY B 22 41.14 38.07 -47.22
CA GLY B 22 41.70 39.01 -46.26
C GLY B 22 42.72 38.49 -45.24
N LYS B 23 42.61 39.06 -44.04
CA LYS B 23 43.30 38.67 -42.82
C LYS B 23 42.65 37.48 -42.14
N ILE B 24 43.29 36.93 -41.11
CA ILE B 24 42.92 35.67 -40.40
C ILE B 24 41.49 35.55 -39.84
N ASP B 25 40.88 34.36 -39.97
CA ASP B 25 39.46 34.18 -39.65
C ASP B 25 39.17 34.37 -38.18
N PRO B 26 38.43 35.45 -37.89
CA PRO B 26 38.07 35.85 -36.54
C PRO B 26 37.03 34.91 -35.99
N GLN B 27 36.02 34.62 -36.82
CA GLN B 27 34.88 33.79 -36.42
C GLN B 27 35.10 32.33 -36.83
N ILE B 28 36.11 31.68 -36.23
CA ILE B 28 36.42 30.31 -36.61
C ILE B 28 35.65 29.46 -35.66
N VAL B 29 35.01 28.41 -36.15
CA VAL B 29 34.17 27.62 -35.27
C VAL B 29 34.94 26.49 -34.63
N GLU B 30 34.97 26.55 -33.29
CA GLU B 30 35.78 25.68 -32.47
C GLU B 30 35.05 24.39 -32.39
N MET B 31 35.53 23.45 -33.19
CA MET B 31 34.84 22.20 -33.30
C MET B 31 35.33 21.25 -32.22
N LEU B 32 36.61 20.91 -32.24
CA LEU B 32 37.04 19.78 -31.42
C LEU B 32 37.27 20.10 -29.94
N ASN B 33 36.66 21.17 -29.45
CA ASN B 33 36.92 21.45 -28.06
C ASN B 33 35.73 20.97 -27.27
N GLU B 34 36.04 20.45 -26.10
CA GLU B 34 35.08 19.78 -25.27
C GLU B 34 35.06 20.48 -23.92
N THR B 35 33.92 20.52 -23.26
CA THR B 35 33.88 21.17 -21.97
C THR B 35 33.87 20.12 -20.87
N ASN B 36 34.95 19.31 -20.78
CA ASN B 36 35.16 18.40 -19.63
C ASN B 36 35.72 19.14 -18.41
N GLU B 37 35.27 18.79 -17.21
CA GLU B 37 35.49 19.69 -16.09
C GLU B 37 35.99 19.00 -14.84
N ILE B 38 37.16 18.40 -14.88
CA ILE B 38 37.65 17.88 -13.62
C ILE B 38 38.50 19.03 -13.30
N LEU B 39 38.90 19.74 -14.36
CA LEU B 39 39.99 20.69 -14.28
C LEU B 39 39.66 21.87 -13.38
N ASP B 40 38.40 22.23 -13.27
CA ASP B 40 38.01 23.27 -12.31
C ASP B 40 37.81 22.62 -10.93
N ASP B 41 37.31 21.40 -10.95
CA ASP B 41 36.81 20.75 -9.77
C ASP B 41 37.91 20.06 -8.91
N MET B 42 38.97 19.55 -9.54
CA MET B 42 40.08 18.88 -8.82
C MET B 42 40.88 19.85 -7.92
N THR B 43 41.34 19.38 -6.77
CA THR B 43 42.11 20.21 -5.86
C THR B 43 43.56 19.98 -6.15
N VAL B 44 44.38 20.98 -5.86
CA VAL B 44 45.80 21.00 -6.21
C VAL B 44 46.59 21.28 -4.96
N ILE B 45 47.55 20.45 -4.60
CA ILE B 45 48.42 20.76 -3.46
C ILE B 45 49.87 20.46 -3.84
N GLU B 46 50.87 21.19 -3.32
CA GLU B 46 52.23 20.91 -3.81
C GLU B 46 52.68 19.50 -3.41
N ALA B 47 53.28 18.74 -4.32
CA ALA B 47 53.73 17.42 -3.90
C ALA B 47 54.95 17.53 -2.95
N ASN B 48 54.98 16.65 -1.95
CA ASN B 48 55.93 16.69 -0.81
C ASN B 48 57.31 16.01 -0.97
N GLY B 49 57.39 14.94 -1.76
CA GLY B 49 58.63 14.20 -1.95
C GLY B 49 59.45 14.96 -2.99
N PHE B 50 60.49 14.37 -3.56
CA PHE B 50 61.20 15.20 -4.51
C PHE B 50 60.46 15.30 -5.85
N THR B 51 60.01 14.14 -6.34
CA THR B 51 59.26 14.05 -7.59
C THR B 51 58.12 13.05 -7.44
N GLU B 52 57.67 12.88 -6.20
CA GLU B 52 56.62 11.94 -5.81
C GLU B 52 55.98 12.51 -4.55
N HIS B 53 54.97 11.85 -4.04
CA HIS B 53 54.25 12.34 -2.88
C HIS B 53 53.98 11.19 -1.97
N LYS B 54 54.83 10.95 -0.96
CA LYS B 54 54.67 9.79 -0.03
C LYS B 54 53.50 9.89 0.98
N THR B 55 52.85 8.77 1.32
CA THR B 55 51.68 8.79 2.25
C THR B 55 51.55 7.54 3.14
N THR B 56 51.66 7.68 4.47
CA THR B 56 51.65 6.47 5.31
C THR B 56 50.24 5.86 5.53
N VAL B 57 50.06 4.60 5.17
CA VAL B 57 48.73 4.04 5.25
C VAL B 57 48.67 2.74 5.98
N ARG B 58 47.78 2.71 6.97
CA ARG B 58 47.62 1.58 7.90
C ARG B 58 47.44 0.21 7.20
N SER B 59 48.30 -0.75 7.51
CA SER B 59 48.15 -1.99 6.78
C SER B 59 47.56 -3.10 7.56
N GLY B 60 47.78 -3.07 8.87
CA GLY B 60 47.29 -4.12 9.75
C GLY B 60 47.07 -3.54 11.13
N LEU B 61 45.93 -3.86 11.72
CA LEU B 61 45.62 -3.53 13.11
C LEU B 61 46.08 -4.56 14.13
N PRO B 62 46.33 -4.10 15.35
CA PRO B 62 46.41 -5.06 16.44
C PRO B 62 45.00 -5.66 16.66
N THR B 63 44.91 -6.96 16.86
CA THR B 63 43.59 -7.59 17.03
C THR B 63 43.02 -7.64 18.47
N GLY B 64 43.89 -7.86 19.45
CA GLY B 64 43.49 -8.13 20.82
C GLY B 64 43.30 -9.60 21.09
N THR B 65 43.12 -9.96 22.35
CA THR B 65 42.81 -11.35 22.74
C THR B 65 41.93 -11.48 23.96
N TRP B 66 41.14 -12.54 24.00
CA TRP B 66 40.39 -12.86 25.19
C TRP B 66 41.35 -13.65 26.00
N ARG B 67 41.54 -13.27 27.25
CA ARG B 67 42.54 -13.99 28.02
C ARG B 67 41.96 -14.77 29.16
N LYS B 68 42.32 -16.04 29.21
CA LYS B 68 41.99 -16.85 30.35
C LYS B 68 42.92 -16.43 31.51
N LEU B 69 42.45 -16.62 32.74
CA LEU B 69 43.16 -16.19 33.95
C LEU B 69 44.50 -16.88 34.09
N ASN B 70 45.48 -16.20 34.64
CA ASN B 70 46.81 -16.77 34.71
C ASN B 70 47.33 -17.15 33.37
N TYR B 71 47.30 -16.21 32.44
CA TYR B 71 47.87 -16.50 31.15
C TYR B 71 48.10 -15.21 30.37
N GLY B 72 49.37 -14.80 30.30
CA GLY B 72 49.78 -13.56 29.66
C GLY B 72 49.71 -13.64 28.15
N VAL B 73 49.07 -12.64 27.55
CA VAL B 73 48.83 -12.64 26.12
C VAL B 73 49.98 -11.93 25.44
N GLN B 74 50.17 -12.16 24.14
CA GLN B 74 51.23 -11.51 23.36
C GLN B 74 50.94 -10.04 23.10
N PRO B 75 51.99 -9.22 23.04
CA PRO B 75 51.92 -7.83 22.58
C PRO B 75 51.60 -7.69 21.09
N GLU B 76 50.89 -6.63 20.72
CA GLU B 76 50.56 -6.44 19.33
C GLU B 76 51.29 -5.25 18.75
N LYS B 77 51.26 -5.15 17.43
CA LYS B 77 52.11 -4.22 16.69
C LYS B 77 51.31 -3.83 15.48
N SER B 78 51.19 -2.56 15.11
CA SER B 78 50.44 -2.26 13.85
C SER B 78 51.27 -2.23 12.57
N ARG B 79 51.32 -3.33 11.80
CA ARG B 79 52.15 -3.38 10.61
C ARG B 79 51.56 -2.31 9.69
N THR B 80 52.41 -1.58 8.96
CA THR B 80 51.93 -0.47 8.09
C THR B 80 52.86 -0.03 6.95
N VAL B 81 52.37 -0.14 5.71
CA VAL B 81 53.10 0.28 4.51
C VAL B 81 52.77 1.69 4.07
N GLN B 82 53.72 2.35 3.43
CA GLN B 82 53.47 3.68 2.89
C GLN B 82 53.69 3.65 1.39
N VAL B 83 53.00 4.51 0.63
CA VAL B 83 53.10 4.45 -0.84
C VAL B 83 53.32 5.77 -1.52
N LYS B 84 54.23 5.79 -2.47
CA LYS B 84 54.49 6.99 -3.25
C LYS B 84 54.05 6.87 -4.69
N ASP B 85 53.69 8.02 -5.25
CA ASP B 85 53.26 8.13 -6.65
C ASP B 85 53.79 9.46 -7.21
N SER B 86 54.19 9.47 -8.48
CA SER B 86 54.92 10.61 -9.08
C SER B 86 54.07 11.69 -9.75
N MET B 87 54.79 12.64 -10.33
CA MET B 87 54.19 13.60 -11.22
C MET B 87 54.71 13.38 -12.62
N GLY B 88 54.19 14.17 -13.55
CA GLY B 88 54.76 14.27 -14.88
C GLY B 88 54.63 15.70 -15.35
N MET B 89 55.50 16.12 -16.27
CA MET B 89 55.46 17.47 -16.80
C MET B 89 54.86 17.42 -18.19
N LEU B 90 53.87 18.25 -18.46
CA LEU B 90 53.24 18.32 -19.77
C LEU B 90 53.45 19.67 -20.31
N GLU B 91 54.24 19.82 -21.36
CA GLU B 91 54.41 21.16 -21.90
C GLU B 91 54.72 21.13 -23.38
N THR B 92 54.37 22.20 -24.09
CA THR B 92 54.97 22.37 -25.39
C THR B 92 55.45 23.77 -25.74
N TYR B 93 56.52 23.78 -26.53
CA TYR B 93 57.00 24.94 -27.21
C TYR B 93 55.93 24.97 -28.38
N ALA B 94 55.65 26.14 -28.98
CA ALA B 94 54.76 26.27 -30.16
C ALA B 94 55.35 27.25 -31.18
N GLU B 95 56.35 26.86 -31.94
CA GLU B 95 57.11 27.85 -32.72
C GLU B 95 56.52 28.11 -34.10
N VAL B 96 56.58 29.37 -34.55
CA VAL B 96 55.99 29.79 -35.83
C VAL B 96 57.02 30.59 -36.53
N ASP B 97 57.22 30.37 -37.84
CA ASP B 97 58.25 31.15 -38.55
C ASP B 97 57.85 32.62 -38.61
N LYS B 98 58.78 33.52 -38.33
CA LYS B 98 58.43 34.93 -38.09
C LYS B 98 57.80 35.48 -39.39
N ALA B 99 58.26 34.95 -40.52
CA ALA B 99 57.71 35.36 -41.81
C ALA B 99 56.20 35.07 -41.92
N LEU B 100 55.74 33.89 -41.48
CA LEU B 100 54.35 33.55 -41.64
C LEU B 100 53.44 34.39 -40.82
N ALA B 101 53.90 34.84 -39.67
CA ALA B 101 53.01 35.63 -38.85
C ALA B 101 52.98 37.03 -39.44
N ASP B 102 54.13 37.55 -39.85
CA ASP B 102 54.12 38.92 -40.37
C ASP B 102 53.35 39.17 -41.68
N LEU B 103 53.30 38.20 -42.60
CA LEU B 103 52.69 38.51 -43.91
C LEU B 103 51.19 38.72 -43.78
N ASN B 104 50.64 39.58 -44.64
CA ASN B 104 49.24 39.99 -44.55
C ASN B 104 48.95 40.58 -43.18
N GLY B 105 50.01 40.90 -42.45
CA GLY B 105 49.90 41.51 -41.15
C GLY B 105 49.15 40.73 -40.09
N ASN B 106 49.17 39.41 -40.13
CA ASN B 106 48.36 38.67 -39.18
C ASN B 106 49.21 38.23 -38.05
N SER B 107 49.99 39.17 -37.54
CA SER B 107 51.01 38.81 -36.57
C SER B 107 50.30 38.35 -35.30
N ALA B 108 49.37 39.17 -34.86
CA ALA B 108 48.66 38.87 -33.64
C ALA B 108 47.54 37.89 -33.90
N ALA B 109 46.88 38.06 -35.05
CA ALA B 109 45.70 37.27 -35.32
C ALA B 109 46.05 35.80 -35.32
N TRP B 110 47.21 35.48 -35.90
CA TRP B 110 47.65 34.10 -35.93
C TRP B 110 48.05 33.57 -34.54
N ARG B 111 48.83 34.38 -33.82
CA ARG B 111 49.37 33.91 -32.56
C ARG B 111 48.25 33.59 -31.66
N LEU B 112 47.26 34.45 -31.72
CA LEU B 112 46.08 34.36 -30.89
C LEU B 112 45.22 33.14 -31.20
N SER B 113 44.91 32.97 -32.48
CA SER B 113 44.00 31.91 -32.83
C SER B 113 44.67 30.61 -32.50
N GLU B 114 45.99 30.59 -32.68
CA GLU B 114 46.70 29.35 -32.37
C GLU B 114 46.84 29.06 -30.85
N ASP B 115 46.91 30.12 -30.08
CA ASP B 115 47.01 29.94 -28.65
C ASP B 115 45.72 29.32 -28.09
N ARG B 116 44.56 29.81 -28.52
CA ARG B 116 43.30 29.33 -27.92
C ARG B 116 43.20 27.83 -28.13
N ALA B 117 43.63 27.42 -29.31
CA ALA B 117 43.66 26.02 -29.61
C ALA B 117 44.67 25.28 -28.76
N PHE B 118 45.76 25.94 -28.36
CA PHE B 118 46.71 25.22 -27.46
C PHE B 118 46.22 25.00 -26.04
N ILE B 119 45.55 26.02 -25.51
CA ILE B 119 44.98 25.94 -24.19
C ILE B 119 44.00 24.78 -24.22
N GLU B 120 43.20 24.72 -25.28
CA GLU B 120 42.27 23.63 -25.34
C GLU B 120 42.92 22.25 -25.51
N GLY B 121 44.01 22.15 -26.25
CA GLY B 121 44.63 20.85 -26.40
C GLY B 121 45.24 20.36 -25.11
N MET B 122 45.73 21.31 -24.31
CA MET B 122 46.30 21.01 -23.00
C MET B 122 45.23 20.59 -22.00
N ASN B 123 44.10 21.26 -21.98
CA ASN B 123 43.03 20.79 -21.11
C ASN B 123 42.56 19.40 -21.55
N GLN B 124 42.57 19.17 -22.85
CA GLN B 124 42.09 17.92 -23.36
C GLN B 124 43.01 16.86 -22.84
N THR B 125 44.31 17.10 -22.93
CA THR B 125 45.26 16.01 -22.70
C THR B 125 45.46 15.77 -21.21
N GLN B 126 45.38 16.84 -20.43
CA GLN B 126 45.55 16.74 -19.01
C GLN B 126 44.38 15.95 -18.52
N ALA B 127 43.19 16.25 -19.00
CA ALA B 127 42.03 15.47 -18.55
C ALA B 127 41.90 14.07 -19.19
N THR B 128 42.33 13.89 -20.43
CA THR B 128 42.28 12.53 -20.94
C THR B 128 43.29 11.66 -20.19
N THR B 129 44.38 12.26 -19.73
CA THR B 129 45.37 11.44 -19.08
C THR B 129 45.02 11.27 -17.58
N LEU B 130 44.18 12.14 -17.08
CA LEU B 130 43.83 12.07 -15.67
C LEU B 130 43.01 10.84 -15.39
N PHE B 131 42.15 10.44 -16.33
CA PHE B 131 41.35 9.23 -16.13
C PHE B 131 42.08 7.99 -16.60
N TYR B 132 42.72 8.06 -17.76
CA TYR B 132 43.42 6.91 -18.27
C TYR B 132 44.83 7.33 -18.37
N GLY B 133 45.50 7.46 -17.26
CA GLY B 133 46.91 7.72 -17.39
C GLY B 133 47.58 6.45 -16.96
N ASP B 134 48.24 5.80 -17.90
CA ASP B 134 48.95 4.63 -17.51
C ASP B 134 50.37 5.12 -17.32
N SER B 135 50.98 4.85 -16.17
CA SER B 135 52.38 5.18 -16.07
C SER B 135 53.19 3.94 -16.38
N SER B 136 52.49 2.81 -16.40
CA SER B 136 53.11 1.51 -16.62
C SER B 136 53.45 1.29 -18.07
N ILE B 137 52.81 2.08 -18.92
CA ILE B 137 53.06 2.06 -20.36
C ILE B 137 53.85 3.26 -20.89
N ASP B 138 53.31 4.44 -20.62
CA ASP B 138 53.83 5.73 -21.08
C ASP B 138 55.00 6.28 -20.27
N ALA B 139 55.27 5.67 -19.14
CA ALA B 139 56.47 6.00 -18.39
C ALA B 139 56.50 7.46 -17.94
N GLU B 140 56.45 8.37 -18.89
CA GLU B 140 56.45 9.80 -18.61
C GLU B 140 55.23 10.36 -17.84
N LYS B 141 54.04 9.84 -18.13
CA LYS B 141 52.78 10.41 -17.59
C LYS B 141 52.44 10.00 -16.18
N PHE B 142 51.76 10.87 -15.44
CA PHE B 142 51.36 10.52 -14.09
C PHE B 142 50.25 9.55 -14.31
N MET B 143 50.07 8.63 -13.37
CA MET B 143 49.06 7.58 -13.46
C MET B 143 47.70 8.00 -12.86
N GLY B 144 46.65 7.82 -13.65
CA GLY B 144 45.36 8.34 -13.29
C GLY B 144 44.45 7.22 -12.89
N LEU B 145 43.20 7.55 -12.61
CA LEU B 145 42.16 6.60 -12.15
C LEU B 145 42.10 5.17 -12.75
N THR B 146 42.55 4.98 -13.96
CA THR B 146 42.68 3.63 -14.42
C THR B 146 44.16 3.46 -14.71
N PRO B 147 44.69 2.26 -14.50
CA PRO B 147 43.97 1.16 -13.92
C PRO B 147 44.29 1.09 -12.45
N ARG B 148 44.28 2.21 -11.76
CA ARG B 148 44.36 2.09 -10.31
C ARG B 148 43.11 1.33 -9.83
N PHE B 149 41.97 1.53 -10.47
CA PHE B 149 40.85 0.64 -10.24
C PHE B 149 40.65 -0.20 -11.46
N ASN B 150 41.42 -1.24 -11.68
CA ASN B 150 41.02 -2.00 -12.82
C ASN B 150 40.45 -3.35 -12.49
N SER B 151 41.33 -4.26 -12.06
CA SER B 151 40.95 -5.65 -11.78
C SER B 151 40.12 -5.81 -10.53
N LEU B 152 39.23 -6.80 -10.57
CA LEU B 152 38.34 -7.06 -9.46
C LEU B 152 39.08 -7.64 -8.23
N SER B 153 40.28 -8.21 -8.48
CA SER B 153 41.19 -8.78 -7.46
C SER B 153 41.91 -7.79 -6.55
N ALA B 154 42.04 -6.56 -7.00
CA ALA B 154 42.80 -5.57 -6.25
C ALA B 154 42.12 -5.35 -4.92
N GLU B 155 42.83 -4.86 -3.92
CA GLU B 155 42.20 -4.64 -2.62
C GLU B 155 41.03 -3.60 -2.82
N ASN B 156 41.11 -2.77 -3.86
CA ASN B 156 40.03 -1.84 -4.12
C ASN B 156 39.04 -2.38 -5.16
N GLY B 157 38.97 -3.70 -5.32
CA GLY B 157 38.09 -4.28 -6.31
C GLY B 157 36.65 -4.16 -5.83
N GLN B 158 36.50 -4.11 -4.51
CA GLN B 158 35.21 -3.92 -3.87
C GLN B 158 34.66 -2.55 -4.25
N ASN B 159 35.55 -1.65 -4.58
CA ASN B 159 35.16 -0.31 -4.97
C ASN B 159 34.79 -0.15 -6.43
N ILE B 160 35.11 -1.11 -7.28
CA ILE B 160 34.50 -0.97 -8.58
C ILE B 160 33.20 -1.80 -8.63
N ILE B 161 32.08 -1.12 -8.95
CA ILE B 161 30.73 -1.71 -8.97
C ILE B 161 30.48 -2.19 -10.36
N ASP B 162 30.40 -3.50 -10.59
CA ASP B 162 30.25 -3.91 -11.97
C ASP B 162 28.82 -3.56 -12.42
N ALA B 163 28.75 -2.74 -13.47
CA ALA B 163 27.48 -2.32 -14.08
C ALA B 163 26.77 -3.50 -14.73
N GLY B 164 27.54 -4.53 -15.06
CA GLY B 164 26.97 -5.78 -15.51
C GLY B 164 26.99 -5.92 -17.01
N GLY B 165 27.84 -5.14 -17.65
CA GLY B 165 27.92 -5.17 -19.10
C GLY B 165 28.86 -6.28 -19.50
N THR B 166 29.38 -6.14 -20.70
CA THR B 166 30.22 -7.14 -21.33
C THR B 166 30.63 -6.48 -22.66
N GLY B 167 31.17 -7.24 -23.62
CA GLY B 167 31.65 -6.62 -24.84
C GLY B 167 32.43 -5.31 -24.74
N SER B 168 32.77 -4.74 -25.90
CA SER B 168 33.56 -3.53 -26.02
C SER B 168 32.84 -2.18 -25.82
N ASP B 169 31.53 -2.16 -25.98
CA ASP B 169 30.78 -0.92 -25.81
C ASP B 169 30.37 -0.64 -24.40
N ASN B 170 31.28 -0.23 -23.53
CA ASN B 170 30.83 0.01 -22.19
C ASN B 170 31.64 1.04 -21.47
N ALA B 171 30.96 2.00 -20.85
CA ALA B 171 31.63 3.14 -20.22
C ALA B 171 31.91 2.82 -18.79
N SER B 172 32.32 3.84 -18.06
CA SER B 172 32.37 3.77 -16.62
C SER B 172 32.03 5.14 -16.15
N ILE B 173 31.42 5.21 -14.98
CA ILE B 173 31.20 6.44 -14.29
C ILE B 173 32.18 6.51 -13.15
N TRP B 174 32.62 7.72 -12.84
CA TRP B 174 33.43 7.91 -11.65
C TRP B 174 32.75 8.72 -10.55
N LEU B 175 33.03 8.31 -9.33
CA LEU B 175 32.59 9.04 -8.18
C LEU B 175 33.81 9.09 -7.36
N THR B 176 34.17 10.32 -7.01
CA THR B 176 35.37 10.65 -6.28
C THR B 176 35.02 11.57 -5.13
N VAL B 177 35.99 11.81 -4.26
CA VAL B 177 35.90 12.91 -3.32
C VAL B 177 37.23 13.64 -3.38
N TRP B 178 37.23 14.84 -3.96
CA TRP B 178 38.45 15.61 -4.01
C TRP B 178 38.73 16.24 -2.67
N GLY B 179 39.89 15.94 -2.10
CA GLY B 179 40.31 16.60 -0.87
C GLY B 179 41.74 16.28 -0.50
N PRO B 180 42.30 17.12 0.37
CA PRO B 180 43.75 17.15 0.64
C PRO B 180 44.27 15.81 1.13
N ASN B 181 43.42 15.10 1.85
CA ASN B 181 43.80 13.88 2.54
C ASN B 181 43.10 12.65 1.99
N THR B 182 42.41 12.83 0.86
CA THR B 182 41.61 11.77 0.33
C THR B 182 41.97 11.51 -1.14
N LEU B 183 42.11 12.57 -1.92
CA LEU B 183 42.37 12.49 -3.35
C LEU B 183 42.58 13.90 -3.91
N HIS B 184 43.70 14.14 -4.59
CA HIS B 184 43.95 15.46 -5.13
C HIS B 184 44.96 15.45 -6.29
N THR B 185 45.15 16.57 -7.00
CA THR B 185 46.29 16.61 -7.92
C THR B 185 47.47 17.22 -7.19
N ILE B 186 48.68 17.06 -7.73
CA ILE B 186 49.86 17.60 -7.07
C ILE B 186 50.81 18.24 -8.08
N TYR B 187 51.52 19.30 -7.68
CA TYR B 187 52.56 19.92 -8.52
C TYR B 187 53.84 20.18 -7.64
N PRO B 188 55.09 20.24 -8.22
CA PRO B 188 56.52 20.23 -7.73
C PRO B 188 57.20 21.40 -6.93
N LYS B 189 58.40 21.15 -6.35
CA LYS B 189 59.25 22.25 -5.75
C LYS B 189 60.64 22.84 -6.43
N GLY B 190 60.47 24.09 -6.87
CA GLY B 190 59.21 24.82 -6.66
C GLY B 190 58.19 25.32 -7.69
N SER B 191 57.83 24.59 -8.75
CA SER B 191 56.88 25.09 -9.79
C SER B 191 55.48 25.41 -9.29
N GLN B 192 54.52 25.49 -10.21
CA GLN B 192 53.12 25.79 -9.86
C GLN B 192 52.27 25.17 -10.96
N ALA B 193 51.03 24.86 -10.65
CA ALA B 193 50.10 24.40 -11.65
C ALA B 193 48.75 24.86 -11.15
N GLY B 194 47.80 25.10 -12.04
CA GLY B 194 47.82 24.70 -13.45
C GLY B 194 48.45 25.55 -14.57
N LEU B 195 48.31 25.00 -15.77
CA LEU B 195 48.76 25.52 -17.08
C LEU B 195 49.43 26.89 -17.12
N GLN B 196 50.74 26.96 -17.19
CA GLN B 196 51.38 28.25 -17.25
C GLN B 196 51.73 28.51 -18.70
N SER B 197 51.03 29.47 -19.29
CA SER B 197 51.32 29.88 -20.65
C SER B 197 52.31 31.05 -20.79
N ARG B 198 53.61 30.79 -20.69
CA ARG B 198 54.62 31.83 -20.91
C ARG B 198 54.83 32.09 -22.41
N ASP B 199 54.96 33.36 -22.79
CA ASP B 199 55.27 33.73 -24.18
C ASP B 199 56.77 34.03 -24.46
N LEU B 200 57.45 33.24 -25.29
CA LEU B 200 58.90 33.42 -25.57
C LEU B 200 59.35 34.61 -26.43
N GLY B 201 58.42 35.32 -27.05
CA GLY B 201 58.78 36.38 -27.97
C GLY B 201 59.55 35.95 -29.23
N GLU B 202 59.90 36.93 -30.07
CA GLU B 202 60.69 36.69 -31.28
C GLU B 202 62.04 36.19 -30.90
N ASP B 203 62.52 35.14 -31.57
CA ASP B 203 63.90 34.71 -31.37
C ASP B 203 64.30 33.82 -32.51
N THR B 204 65.59 33.66 -32.73
CA THR B 204 66.05 32.86 -33.86
C THR B 204 65.71 31.38 -33.71
N LEU B 205 65.57 30.71 -34.84
CA LEU B 205 65.30 29.29 -34.87
C LEU B 205 66.56 28.76 -35.57
N ILE B 206 66.77 27.43 -35.66
CA ILE B 206 67.84 26.89 -36.51
C ILE B 206 67.46 25.75 -37.47
N ASP B 207 67.72 25.98 -38.77
CA ASP B 207 67.43 25.06 -39.90
C ASP B 207 68.38 23.85 -39.70
N ALA B 208 68.00 22.67 -40.17
CA ALA B 208 68.88 21.51 -40.06
C ALA B 208 70.16 21.76 -40.84
N ALA B 209 70.03 22.50 -41.93
CA ALA B 209 71.21 22.90 -42.71
C ALA B 209 72.09 23.89 -41.92
N GLY B 210 71.47 24.79 -41.17
CA GLY B 210 72.17 25.84 -40.46
C GLY B 210 71.60 27.25 -40.64
N GLY B 211 70.67 27.40 -41.58
CA GLY B 211 70.24 28.72 -41.98
C GLY B 211 69.57 29.47 -40.86
N ARG B 212 69.90 30.75 -40.67
CA ARG B 212 69.16 31.52 -39.67
C ARG B 212 67.68 31.52 -40.16
N TYR B 213 66.71 31.55 -39.24
CA TYR B 213 65.31 31.37 -39.60
C TYR B 213 64.73 32.17 -38.45
N GLN B 214 64.57 33.50 -38.57
CA GLN B 214 64.13 34.36 -37.43
C GLN B 214 62.66 34.01 -37.20
N GLY B 215 62.22 33.83 -35.96
CA GLY B 215 60.88 33.30 -35.65
C GLY B 215 60.26 33.42 -34.25
N TYR B 216 58.96 33.16 -34.15
CA TYR B 216 58.30 33.26 -32.87
C TYR B 216 58.32 31.94 -32.10
N ARG B 217 57.93 31.96 -30.82
CA ARG B 217 57.82 30.71 -30.03
C ARG B 217 57.02 30.94 -28.74
N THR B 218 56.28 29.96 -28.22
CA THR B 218 55.52 30.18 -26.98
C THR B 218 55.59 29.00 -26.02
N HIS B 219 55.66 29.19 -24.71
CA HIS B 219 55.55 27.98 -23.88
C HIS B 219 54.21 27.70 -23.17
N TYR B 220 53.97 26.44 -22.85
CA TYR B 220 52.78 26.06 -22.10
C TYR B 220 53.15 24.98 -21.13
N LYS B 221 53.79 25.30 -20.03
CA LYS B 221 54.12 24.29 -19.04
C LYS B 221 52.83 23.90 -18.38
N TRP B 222 52.75 22.66 -17.91
CA TRP B 222 51.67 22.28 -16.98
C TRP B 222 51.98 20.94 -16.33
N ASP B 223 52.45 21.01 -15.10
CA ASP B 223 53.00 19.84 -14.45
C ASP B 223 52.12 19.43 -13.29
N ILE B 224 51.48 18.27 -13.43
CA ILE B 224 50.65 17.73 -12.39
C ILE B 224 50.96 16.28 -12.12
N GLY B 225 50.59 15.86 -10.92
CA GLY B 225 50.51 14.45 -10.55
C GLY B 225 49.16 14.17 -9.89
N LEU B 226 49.02 13.01 -9.28
CA LEU B 226 47.72 12.65 -8.80
C LEU B 226 47.75 11.70 -7.59
N THR B 227 47.59 12.21 -6.39
CA THR B 227 47.67 11.30 -5.25
C THR B 227 46.28 10.76 -5.04
N LEU B 228 46.18 9.45 -4.84
CA LEU B 228 44.95 8.82 -4.31
C LEU B 228 45.16 8.34 -2.86
N ARG B 229 44.84 9.14 -1.84
CA ARG B 229 45.25 8.78 -0.48
C ARG B 229 44.68 7.48 -0.08
N ASP B 230 43.38 7.31 -0.31
CA ASP B 230 42.81 5.99 -0.08
C ASP B 230 41.83 5.72 -1.18
N TRP B 231 41.96 4.54 -1.77
CA TRP B 231 41.09 4.22 -2.88
C TRP B 231 39.65 4.07 -2.37
N ARG B 232 39.50 3.98 -1.05
CA ARG B 232 38.17 3.82 -0.48
C ARG B 232 37.28 4.95 -0.89
N TYR B 233 37.86 6.10 -1.18
CA TYR B 233 37.00 7.21 -1.55
C TYR B 233 36.61 7.33 -2.99
N VAL B 234 37.10 6.45 -3.85
CA VAL B 234 36.69 6.62 -5.23
C VAL B 234 36.10 5.30 -5.70
N VAL B 235 34.95 5.33 -6.39
CA VAL B 235 34.29 4.12 -6.86
C VAL B 235 34.12 4.24 -8.31
N ARG B 236 34.38 3.15 -9.03
CA ARG B 236 34.19 3.16 -10.48
C ARG B 236 33.03 2.28 -10.77
N ILE B 237 32.14 2.72 -11.66
CA ILE B 237 30.94 1.95 -11.96
C ILE B 237 31.14 1.36 -13.34
N ALA B 238 31.98 0.35 -13.42
CA ALA B 238 32.50 -0.07 -14.69
C ALA B 238 31.60 -0.97 -15.55
N ASN B 239 31.96 -1.12 -16.84
CA ASN B 239 31.24 -1.95 -17.81
C ASN B 239 29.80 -1.54 -18.11
N VAL B 240 29.51 -0.24 -18.12
CA VAL B 240 28.16 0.21 -18.39
C VAL B 240 27.87 0.09 -19.87
N ASP B 241 27.36 -1.06 -20.33
CA ASP B 241 27.15 -1.27 -21.76
C ASP B 241 26.15 -0.23 -22.31
N VAL B 242 26.68 0.74 -23.05
CA VAL B 242 25.89 1.84 -23.62
C VAL B 242 25.00 1.43 -24.78
N SER B 243 25.41 0.38 -25.47
CA SER B 243 24.58 -0.13 -26.54
C SER B 243 23.24 -0.57 -25.90
N GLU B 244 23.25 -0.95 -24.63
CA GLU B 244 22.05 -1.39 -23.93
C GLU B 244 21.22 -0.39 -23.14
N LEU B 245 21.65 0.85 -22.99
CA LEU B 245 20.88 1.77 -22.16
C LEU B 245 19.48 2.08 -22.69
N THR B 246 18.48 2.10 -21.80
CA THR B 246 17.11 2.50 -22.18
C THR B 246 16.61 3.51 -21.14
N LYS B 247 15.72 4.40 -21.55
CA LYS B 247 15.19 5.41 -20.63
C LYS B 247 14.30 4.81 -19.54
N ASN B 248 13.72 3.63 -19.80
CA ASN B 248 12.80 2.98 -18.85
C ASN B 248 13.46 2.25 -17.74
N ALA B 249 14.76 2.49 -17.55
CA ALA B 249 15.60 1.66 -16.67
C ALA B 249 15.23 0.18 -16.78
N SER B 250 15.17 -0.31 -18.02
CA SER B 250 14.56 -1.60 -18.32
C SER B 250 15.58 -2.64 -18.77
N ALA B 251 16.03 -2.50 -20.02
CA ALA B 251 17.09 -3.35 -20.55
C ALA B 251 18.45 -2.81 -20.08
N GLY B 252 19.45 -3.68 -20.02
CA GLY B 252 20.79 -3.23 -19.67
C GLY B 252 20.77 -2.78 -18.24
N ALA B 253 21.64 -1.82 -17.91
CA ALA B 253 21.82 -1.42 -16.52
C ALA B 253 21.17 -0.07 -16.23
N ASP B 254 20.36 -0.04 -15.17
CA ASP B 254 19.81 1.21 -14.66
C ASP B 254 20.95 2.03 -14.14
N LEU B 255 20.87 3.34 -14.32
CA LEU B 255 21.89 4.23 -13.77
C LEU B 255 21.54 4.76 -12.39
N ILE B 256 20.27 5.05 -12.14
CA ILE B 256 19.96 5.83 -10.96
C ILE B 256 20.33 5.04 -9.71
N ASP B 257 20.09 3.73 -9.74
CA ASP B 257 20.53 2.88 -8.65
C ASP B 257 22.06 2.66 -8.60
N LEU B 258 22.72 2.51 -9.75
CA LEU B 258 24.14 2.23 -9.71
C LEU B 258 24.79 3.44 -9.14
N MET B 259 24.15 4.58 -9.40
CA MET B 259 24.64 5.83 -8.90
C MET B 259 24.33 5.97 -7.43
N THR B 260 23.14 5.58 -6.95
CA THR B 260 22.93 5.69 -5.49
C THR B 260 23.72 4.66 -4.71
N GLN B 261 23.96 3.50 -5.31
CA GLN B 261 24.76 2.45 -4.65
C GLN B 261 26.23 2.79 -4.60
N ALA B 262 26.67 3.61 -5.55
CA ALA B 262 27.97 4.24 -5.48
C ALA B 262 28.04 5.22 -4.35
N VAL B 263 26.97 5.94 -4.13
CA VAL B 263 26.94 6.86 -3.03
C VAL B 263 26.96 6.13 -1.68
N GLU B 264 26.21 5.05 -1.54
CA GLU B 264 26.38 4.28 -0.32
C GLU B 264 27.77 3.56 -0.21
N LEU B 265 28.42 3.30 -1.34
CA LEU B 265 29.76 2.68 -1.31
C LEU B 265 30.91 3.52 -0.73
N ILE B 266 30.75 4.84 -0.65
CA ILE B 266 31.77 5.70 -0.03
C ILE B 266 31.68 5.80 1.49
N PRO B 267 32.79 5.51 2.19
CA PRO B 267 32.67 5.72 3.63
C PRO B 267 32.60 7.22 3.88
N ASN B 268 31.49 7.61 4.50
CA ASN B 268 31.09 8.99 4.84
C ASN B 268 31.69 10.16 4.08
N VAL B 269 30.88 10.79 3.22
CA VAL B 269 31.30 11.98 2.49
C VAL B 269 31.39 13.07 3.53
N GLY B 270 32.59 13.35 4.02
CA GLY B 270 32.71 14.33 5.08
C GLY B 270 33.52 15.45 4.51
N MET B 271 34.63 15.05 3.91
CA MET B 271 35.57 15.97 3.32
C MET B 271 36.21 15.28 2.13
N GLY B 272 36.64 16.05 1.13
CA GLY B 272 36.29 17.46 1.08
C GLY B 272 34.97 17.51 0.34
N ARG B 273 35.00 17.32 -0.96
CA ARG B 273 33.78 17.42 -1.74
C ARG B 273 33.71 16.36 -2.84
N PRO B 274 32.59 15.65 -2.88
CA PRO B 274 32.38 14.57 -3.84
C PRO B 274 32.05 15.11 -5.23
N ALA B 275 32.27 14.34 -6.28
CA ALA B 275 31.84 14.72 -7.62
C ALA B 275 31.76 13.50 -8.53
N PHE B 276 30.68 13.43 -9.30
CA PHE B 276 30.49 12.38 -10.27
C PHE B 276 31.04 12.68 -11.64
N TYR B 277 31.67 11.71 -12.26
CA TYR B 277 32.25 12.03 -13.54
C TYR B 277 31.92 11.06 -14.61
N MET B 278 31.02 11.51 -15.46
CA MET B 278 30.44 10.62 -16.44
C MET B 278 30.50 11.35 -17.75
N PRO B 279 30.54 10.58 -18.84
CA PRO B 279 30.58 11.03 -20.23
C PRO B 279 29.28 11.77 -20.59
N ARG B 280 29.30 12.74 -21.52
CA ARG B 280 28.08 13.47 -21.84
C ARG B 280 26.96 12.55 -22.26
N LYS B 281 27.29 11.45 -22.91
CA LYS B 281 26.30 10.47 -23.35
C LYS B 281 25.48 9.83 -22.19
N ILE B 282 26.22 9.41 -21.18
CA ILE B 282 25.65 8.82 -20.00
C ILE B 282 24.84 9.84 -19.25
N ARG B 283 25.34 11.09 -19.21
CA ARG B 283 24.71 12.15 -18.43
C ARG B 283 23.32 12.29 -18.96
N SER B 284 23.19 12.12 -20.27
CA SER B 284 21.91 12.15 -20.93
C SER B 284 21.01 10.94 -20.61
N PHE B 285 21.52 9.72 -20.71
CA PHE B 285 20.64 8.56 -20.38
C PHE B 285 20.18 8.54 -18.95
N LEU B 286 21.02 9.11 -18.10
CA LEU B 286 20.73 9.34 -16.69
C LEU B 286 19.62 10.33 -16.58
N ARG B 287 19.63 11.35 -17.45
CA ARG B 287 18.56 12.35 -17.39
C ARG B 287 17.23 11.80 -17.84
N ARG B 288 17.28 11.03 -18.94
CA ARG B 288 16.09 10.45 -19.48
C ARG B 288 15.56 9.55 -18.41
N GLN B 289 16.43 8.78 -17.78
CA GLN B 289 15.97 7.91 -16.69
C GLN B 289 15.48 8.59 -15.46
N ILE B 290 16.05 9.70 -15.06
CA ILE B 290 15.51 10.28 -13.88
C ILE B 290 14.08 10.68 -14.16
N THR B 291 13.82 11.37 -15.26
CA THR B 291 12.40 11.68 -15.45
C THR B 291 11.53 10.46 -15.82
N ASN B 292 12.08 9.43 -16.45
CA ASN B 292 11.24 8.26 -16.66
C ASN B 292 10.82 7.62 -15.37
N LYS B 293 11.65 7.72 -14.34
CA LYS B 293 11.23 7.17 -13.06
C LYS B 293 10.25 8.06 -12.37
N VAL B 294 10.51 9.35 -12.33
CA VAL B 294 9.56 10.16 -11.61
C VAL B 294 8.19 10.36 -12.28
N ALA B 295 8.09 10.10 -13.58
CA ALA B 295 6.81 10.29 -14.26
C ALA B 295 5.77 9.37 -13.68
N ALA B 296 6.23 8.25 -13.15
CA ALA B 296 5.35 7.24 -12.59
C ALA B 296 5.08 7.61 -11.13
N SER B 297 5.11 8.90 -10.88
CA SER B 297 5.07 9.40 -9.54
C SER B 297 4.42 10.73 -9.58
N THR B 298 5.25 11.76 -9.70
CA THR B 298 4.79 13.15 -9.67
C THR B 298 5.70 14.06 -10.44
N LEU B 299 5.31 14.37 -11.66
CA LEU B 299 6.05 15.35 -12.44
C LEU B 299 4.95 16.17 -13.09
N THR B 300 5.24 17.45 -13.29
CA THR B 300 4.23 18.37 -13.74
C THR B 300 4.04 18.23 -15.23
N MET B 301 3.06 18.91 -15.79
CA MET B 301 2.89 18.89 -17.22
C MET B 301 4.12 19.49 -17.88
N GLU B 302 4.49 20.70 -17.43
CA GLU B 302 5.60 21.50 -18.00
C GLU B 302 7.03 21.04 -17.74
N GLU B 303 7.25 20.26 -16.70
CA GLU B 303 8.59 19.77 -16.43
C GLU B 303 8.74 18.40 -17.09
N ILE B 304 8.22 18.28 -18.29
CA ILE B 304 8.19 17.00 -18.96
C ILE B 304 9.58 16.65 -19.47
N ALA B 305 10.39 17.67 -19.71
CA ALA B 305 11.73 17.43 -20.21
C ALA B 305 12.62 16.98 -19.07
N GLY B 306 12.40 17.57 -17.91
CA GLY B 306 13.14 17.28 -16.71
C GLY B 306 14.33 18.18 -16.72
N LYS B 307 14.60 18.84 -15.59
CA LYS B 307 15.77 19.71 -15.48
C LYS B 307 17.02 18.85 -15.57
N LYS B 308 18.03 19.29 -16.33
CA LYS B 308 19.24 18.47 -16.51
C LYS B 308 20.00 18.33 -15.21
N VAL B 309 20.69 17.20 -15.04
CA VAL B 309 21.38 16.89 -13.78
C VAL B 309 22.42 17.93 -13.42
N VAL B 310 22.39 18.35 -12.16
CA VAL B 310 23.27 19.41 -11.72
C VAL B 310 23.97 18.86 -10.53
N ALA B 311 23.18 18.56 -9.51
CA ALA B 311 23.66 17.93 -8.29
C ALA B 311 22.90 16.64 -8.23
N PHE B 312 23.59 15.52 -8.28
CA PHE B 312 22.88 14.24 -8.22
C PHE B 312 22.25 13.86 -6.88
N ASP B 313 23.03 13.92 -5.81
CA ASP B 313 22.51 13.41 -4.54
C ASP B 313 21.90 14.34 -3.47
N GLY B 314 22.24 15.62 -3.36
CA GLY B 314 23.15 16.34 -4.22
C GLY B 314 24.60 16.04 -3.97
N ILE B 315 25.27 15.71 -5.05
CA ILE B 315 26.71 15.69 -5.16
C ILE B 315 26.81 16.35 -6.53
N PRO B 316 27.81 17.19 -6.76
CA PRO B 316 27.85 17.70 -8.14
C PRO B 316 28.02 16.61 -9.21
N CYS B 317 27.32 16.79 -10.32
CA CYS B 317 27.54 15.94 -11.46
C CYS B 317 28.26 16.72 -12.54
N ARG B 318 29.50 16.34 -12.82
CA ARG B 318 30.32 17.10 -13.75
C ARG B 318 30.34 16.37 -15.04
N ARG B 319 30.00 17.09 -16.10
CA ARG B 319 30.04 16.47 -17.38
C ARG B 319 31.49 16.40 -17.74
N THR B 320 31.99 15.22 -18.07
CA THR B 320 33.36 15.14 -18.53
C THR B 320 33.56 14.37 -19.82
N ASP B 321 33.91 15.12 -20.86
CA ASP B 321 34.20 14.58 -22.17
C ASP B 321 35.45 13.73 -22.17
N ALA B 322 36.44 14.09 -21.38
CA ALA B 322 37.71 13.41 -21.52
C ALA B 322 37.53 12.08 -20.91
N LEU B 323 36.63 11.30 -21.46
CA LEU B 323 36.27 10.06 -20.83
C LEU B 323 35.84 9.13 -21.93
N LEU B 324 36.64 8.08 -22.16
CA LEU B 324 36.32 7.17 -23.22
C LEU B 324 34.99 6.51 -22.89
N LEU B 325 34.10 6.53 -23.89
CA LEU B 325 32.77 5.96 -23.78
C LEU B 325 32.72 4.52 -24.21
N THR B 326 33.52 4.18 -25.21
CA THR B 326 33.62 2.80 -25.58
C THR B 326 35.02 2.29 -25.28
N GLU B 327 35.21 1.89 -24.04
CA GLU B 327 36.44 1.28 -23.56
C GLU B 327 36.18 -0.19 -23.34
N ALA B 328 37.20 -1.03 -23.48
CA ALA B 328 37.05 -2.46 -23.28
C ALA B 328 36.63 -2.76 -21.83
N ARG B 329 35.84 -3.81 -21.68
CA ARG B 329 35.19 -4.19 -20.41
C ARG B 329 36.24 -4.45 -19.34
N VAL B 330 35.90 -4.18 -18.09
CA VAL B 330 36.92 -4.30 -17.06
C VAL B 330 37.00 -5.68 -16.43
N VAL B 331 36.02 -6.53 -16.70
CA VAL B 331 36.05 -7.90 -16.17
C VAL B 331 36.24 -7.91 -14.66
N SER C 5 -4.97 16.94 -74.69
CA SER C 5 -3.60 17.27 -75.03
C SER C 5 -3.22 18.71 -74.61
N THR C 6 -4.12 19.68 -74.76
CA THR C 6 -3.67 21.09 -74.57
C THR C 6 -3.71 21.65 -73.15
N THR C 7 -2.53 22.02 -72.65
CA THR C 7 -2.29 22.56 -71.30
C THR C 7 -1.94 24.06 -71.27
N ASN C 8 -2.39 24.75 -70.23
CA ASN C 8 -2.09 26.17 -70.15
C ASN C 8 -0.67 26.51 -69.72
N PRO C 9 -0.12 27.57 -70.34
CA PRO C 9 1.01 28.40 -69.90
C PRO C 9 0.70 29.36 -68.74
N THR C 10 -0.11 30.38 -69.05
CA THR C 10 -0.27 31.59 -68.25
C THR C 10 -1.60 31.64 -67.49
N LEU C 11 -2.71 31.54 -68.20
CA LEU C 11 -4.01 31.75 -67.60
C LEU C 11 -5.18 31.55 -68.58
N ALA C 12 -5.83 30.40 -68.54
CA ALA C 12 -6.97 30.13 -69.42
C ALA C 12 -8.09 31.07 -69.06
N ASP C 13 -8.96 31.44 -70.00
CA ASP C 13 -10.15 32.21 -69.58
C ASP C 13 -11.15 31.52 -68.58
N VAL C 14 -10.65 31.02 -67.47
CA VAL C 14 -11.53 30.55 -66.40
C VAL C 14 -11.38 31.48 -65.21
N ALA C 15 -11.04 32.74 -65.50
CA ALA C 15 -10.94 33.84 -64.53
C ALA C 15 -12.27 34.06 -63.89
N ALA C 16 -13.31 33.58 -64.56
CA ALA C 16 -14.67 33.61 -64.04
C ALA C 16 -14.81 32.78 -62.73
N ARG C 17 -14.01 31.73 -62.57
CA ARG C 17 -14.08 30.96 -61.35
C ARG C 17 -13.78 31.84 -60.15
N MET C 18 -12.97 32.87 -60.31
CA MET C 18 -12.64 33.75 -59.18
C MET C 18 -13.66 34.91 -58.92
N THR C 19 -14.71 35.06 -59.76
CA THR C 19 -15.77 36.10 -59.59
C THR C 19 -17.16 35.52 -59.14
N PRO C 20 -17.97 36.28 -58.32
CA PRO C 20 -19.40 36.03 -58.00
C PRO C 20 -20.31 36.47 -59.11
N ASP C 21 -21.42 37.12 -58.79
CA ASP C 21 -22.05 37.99 -59.78
C ASP C 21 -21.31 39.32 -59.70
N GLY C 22 -20.32 39.56 -60.57
CA GLY C 22 -19.56 40.78 -60.43
C GLY C 22 -18.06 40.77 -60.61
N LYS C 23 -17.41 41.58 -59.76
CA LYS C 23 -15.97 41.71 -59.62
C LYS C 23 -15.34 40.57 -58.85
N ILE C 24 -14.03 40.41 -58.95
CA ILE C 24 -13.30 39.24 -58.41
C ILE C 24 -13.52 39.03 -56.92
N ASP C 25 -13.76 37.77 -56.52
CA ASP C 25 -14.15 37.47 -55.16
C ASP C 25 -12.98 37.67 -54.24
N PRO C 26 -13.10 38.61 -53.32
CA PRO C 26 -11.99 38.91 -52.40
C PRO C 26 -11.88 37.75 -51.42
N GLN C 27 -13.04 37.32 -50.91
CA GLN C 27 -13.16 36.22 -49.97
C GLN C 27 -12.92 34.81 -50.55
N ILE C 28 -11.68 34.49 -50.93
CA ILE C 28 -11.37 33.14 -51.42
C ILE C 28 -10.82 32.41 -50.24
N VAL C 29 -11.27 31.19 -49.97
CA VAL C 29 -10.73 30.50 -48.78
C VAL C 29 -9.61 29.56 -49.16
N GLU C 30 -8.44 29.86 -48.63
CA GLU C 30 -7.24 29.23 -49.14
C GLU C 30 -7.21 27.87 -48.52
N MET C 31 -7.59 26.88 -49.30
CA MET C 31 -7.68 25.53 -48.79
C MET C 31 -6.25 25.01 -48.80
N LEU C 32 -5.63 25.03 -49.96
CA LEU C 32 -4.34 24.39 -50.07
C LEU C 32 -3.21 25.28 -49.59
N ASN C 33 -3.43 26.17 -48.64
CA ASN C 33 -2.28 26.89 -48.13
C ASN C 33 -1.96 26.44 -46.68
N GLU C 34 -0.68 26.30 -46.35
CA GLU C 34 -0.31 25.68 -45.07
C GLU C 34 0.58 26.60 -44.23
N THR C 35 0.49 26.46 -42.92
CA THR C 35 1.26 27.33 -42.00
C THR C 35 2.50 26.72 -41.31
N ASN C 36 3.48 26.29 -42.10
CA ASN C 36 4.80 25.88 -41.60
C ASN C 36 5.67 27.09 -41.28
N GLU C 37 6.51 27.01 -40.25
CA GLU C 37 7.09 28.23 -39.70
C GLU C 37 8.57 28.13 -39.58
N ILE C 38 9.30 28.01 -40.66
CA ILE C 38 10.72 28.09 -40.44
C ILE C 38 10.96 29.49 -40.84
N LEU C 39 10.11 29.94 -41.77
CA LEU C 39 10.45 31.10 -42.56
C LEU C 39 10.51 32.34 -41.71
N ASP C 40 9.77 32.37 -40.61
CA ASP C 40 9.89 33.54 -39.74
C ASP C 40 11.07 33.40 -38.79
N ASP C 41 11.28 32.19 -38.28
CA ASP C 41 12.22 31.98 -37.19
C ASP C 41 13.67 31.86 -37.69
N MET C 42 13.86 31.36 -38.90
CA MET C 42 15.22 31.21 -39.43
C MET C 42 15.82 32.62 -39.66
N THR C 43 17.13 32.74 -39.45
CA THR C 43 17.82 34.02 -39.65
C THR C 43 18.58 34.09 -41.00
N VAL C 44 18.79 35.33 -41.47
CA VAL C 44 19.41 35.66 -42.77
C VAL C 44 20.59 36.58 -42.57
N ILE C 45 21.76 36.22 -43.11
CA ILE C 45 22.87 37.15 -43.08
C ILE C 45 23.45 37.10 -44.47
N GLU C 46 23.98 38.22 -44.96
CA GLU C 46 24.43 38.24 -46.36
C GLU C 46 25.60 37.27 -46.49
N ALA C 47 25.65 36.48 -47.56
CA ALA C 47 26.76 35.51 -47.69
C ALA C 47 28.08 36.22 -48.04
N ASN C 48 29.20 35.69 -47.54
CA ASN C 48 30.52 36.34 -47.62
C ASN C 48 31.36 36.17 -48.89
N GLY C 49 31.26 34.99 -49.53
CA GLY C 49 32.01 34.65 -50.73
C GLY C 49 31.30 35.14 -51.99
N PHE C 50 31.70 34.69 -53.18
CA PHE C 50 30.99 35.22 -54.33
C PHE C 50 29.61 34.57 -54.57
N THR C 51 29.43 33.30 -54.25
CA THR C 51 28.11 32.65 -54.39
C THR C 51 27.99 31.52 -53.37
N GLU C 52 28.74 31.70 -52.30
CA GLU C 52 28.86 30.74 -51.22
C GLU C 52 29.28 31.48 -49.96
N HIS C 53 29.38 30.76 -48.85
CA HIS C 53 29.71 31.32 -47.57
C HIS C 53 30.77 30.45 -46.91
N LYS C 54 32.05 30.85 -46.98
CA LYS C 54 33.16 30.09 -46.34
C LYS C 54 33.21 30.17 -44.81
N THR C 55 33.63 29.12 -44.12
CA THR C 55 33.69 29.11 -42.65
C THR C 55 34.83 28.22 -42.10
N THR C 56 35.82 28.78 -41.42
CA THR C 56 36.88 27.89 -40.92
C THR C 56 36.50 27.15 -39.62
N VAL C 57 36.61 25.84 -39.63
CA VAL C 57 36.22 25.13 -38.43
C VAL C 57 37.39 24.29 -37.98
N ARG C 58 37.75 24.45 -36.70
CA ARG C 58 38.95 23.80 -36.13
C ARG C 58 38.98 22.27 -36.28
N SER C 59 40.03 21.70 -36.89
CA SER C 59 39.96 20.27 -37.13
C SER C 59 40.85 19.39 -36.30
N GLY C 60 41.91 19.95 -35.75
CA GLY C 60 42.79 19.12 -34.95
C GLY C 60 43.40 19.99 -33.88
N LEU C 61 43.37 19.47 -32.63
CA LEU C 61 44.05 20.14 -31.53
C LEU C 61 45.50 19.72 -31.39
N PRO C 62 46.36 20.68 -30.98
CA PRO C 62 47.73 20.32 -30.72
C PRO C 62 47.68 19.36 -29.56
N THR C 63 48.49 18.31 -29.55
CA THR C 63 48.37 17.34 -28.47
C THR C 63 49.08 17.82 -27.19
N GLY C 64 50.37 18.09 -27.35
CA GLY C 64 51.29 18.35 -26.27
C GLY C 64 52.01 17.06 -25.94
N THR C 65 53.08 17.15 -25.16
CA THR C 65 53.78 15.96 -24.67
C THR C 65 54.42 16.11 -23.33
N TRP C 66 54.55 14.96 -22.69
CA TRP C 66 55.26 14.82 -21.46
C TRP C 66 56.69 14.78 -21.85
N ARG C 67 57.52 15.56 -21.18
CA ARG C 67 58.91 15.56 -21.54
C ARG C 67 59.74 14.95 -20.41
N LYS C 68 60.77 14.22 -20.82
CA LYS C 68 61.80 13.75 -19.92
C LYS C 68 62.79 14.92 -19.63
N LEU C 69 63.46 14.89 -18.48
CA LEU C 69 64.38 15.97 -18.10
C LEU C 69 65.55 16.01 -19.08
N ASN C 70 66.10 17.20 -19.32
CA ASN C 70 67.19 17.39 -20.29
C ASN C 70 66.80 17.02 -21.69
N TYR C 71 65.68 17.48 -22.21
CA TYR C 71 65.34 17.01 -23.54
C TYR C 71 64.25 17.82 -24.21
N GLY C 72 64.58 18.63 -25.22
CA GLY C 72 63.62 19.55 -25.82
C GLY C 72 62.50 18.82 -26.52
N VAL C 73 61.26 19.15 -26.15
CA VAL C 73 60.06 18.45 -26.58
C VAL C 73 59.58 19.14 -27.84
N GLN C 74 58.81 18.42 -28.64
CA GLN C 74 58.34 18.91 -29.95
C GLN C 74 57.34 20.10 -30.00
N PRO C 75 57.42 20.92 -31.07
CA PRO C 75 56.48 21.99 -31.39
C PRO C 75 55.18 21.40 -31.86
N GLU C 76 54.05 22.05 -31.62
CA GLU C 76 52.76 21.54 -32.11
C GLU C 76 52.08 22.47 -33.14
N LYS C 77 51.01 22.00 -33.77
CA LYS C 77 50.33 22.70 -34.85
C LYS C 77 48.79 22.41 -34.89
N SER C 78 47.91 23.40 -34.90
CA SER C 78 46.47 23.05 -35.03
C SER C 78 45.98 22.95 -36.45
N ARG C 79 45.90 21.72 -36.97
CA ARG C 79 45.44 21.51 -38.33
C ARG C 79 43.96 21.96 -38.38
N THR C 80 43.57 22.62 -39.47
CA THR C 80 42.26 23.32 -39.59
C THR C 80 41.73 23.48 -40.98
N VAL C 81 40.52 22.98 -41.18
CA VAL C 81 39.79 23.08 -42.43
C VAL C 81 38.76 24.18 -42.60
N GLN C 82 38.57 24.53 -43.88
CA GLN C 82 37.55 25.48 -44.29
C GLN C 82 36.50 24.67 -45.05
N VAL C 83 35.24 25.07 -44.91
CA VAL C 83 34.15 24.47 -45.64
C VAL C 83 33.23 25.57 -46.08
N LYS C 84 32.94 25.64 -47.36
CA LYS C 84 32.04 26.67 -47.83
C LYS C 84 30.74 26.07 -48.32
N ASP C 85 29.65 26.84 -48.28
CA ASP C 85 28.39 26.33 -48.84
C ASP C 85 27.66 27.44 -49.59
N SER C 86 26.94 27.06 -50.67
CA SER C 86 26.30 27.91 -51.72
C SER C 86 24.89 28.47 -51.51
N MET C 87 24.40 29.14 -52.56
CA MET C 87 23.03 29.59 -52.59
C MET C 87 22.21 28.97 -53.68
N GLY C 88 20.93 29.36 -53.69
CA GLY C 88 20.06 29.10 -54.82
C GLY C 88 18.99 30.17 -55.00
N MET C 89 18.57 30.37 -56.25
CA MET C 89 17.57 31.37 -56.56
C MET C 89 16.32 30.61 -56.83
N LEU C 90 15.24 31.03 -56.15
CA LEU C 90 13.92 30.44 -56.31
C LEU C 90 13.06 31.56 -56.80
N GLU C 91 12.73 31.55 -58.06
CA GLU C 91 11.94 32.64 -58.59
C GLU C 91 11.07 32.19 -59.72
N THR C 92 9.99 32.94 -59.92
CA THR C 92 9.23 32.82 -61.16
C THR C 92 8.84 34.17 -61.72
N TYR C 93 8.80 34.22 -63.05
CA TYR C 93 8.19 35.30 -63.75
C TYR C 93 6.73 34.75 -63.53
N ALA C 94 5.72 35.62 -63.46
CA ALA C 94 4.33 35.14 -63.32
C ALA C 94 3.32 36.02 -64.04
N GLU C 95 3.28 35.86 -65.35
CA GLU C 95 2.59 36.73 -66.34
C GLU C 95 1.14 36.36 -66.54
N VAL C 96 0.30 37.35 -66.86
CA VAL C 96 -1.14 37.14 -67.08
C VAL C 96 -1.44 37.88 -68.32
N ASP C 97 -2.32 37.31 -69.13
CA ASP C 97 -2.76 38.00 -70.35
C ASP C 97 -3.54 39.31 -70.07
N LYS C 98 -3.19 40.39 -70.78
CA LYS C 98 -3.73 41.72 -70.51
C LYS C 98 -5.21 41.72 -70.78
N ALA C 99 -5.60 40.99 -71.82
CA ALA C 99 -6.99 40.95 -72.19
C ALA C 99 -7.82 40.37 -71.06
N LEU C 100 -7.39 39.26 -70.48
CA LEU C 100 -8.24 38.64 -69.48
C LEU C 100 -8.39 39.44 -68.25
N ALA C 101 -7.33 40.13 -67.84
CA ALA C 101 -7.35 40.85 -66.56
C ALA C 101 -8.11 42.15 -66.68
N ASP C 102 -7.99 42.83 -67.83
CA ASP C 102 -8.73 44.08 -67.92
C ASP C 102 -10.24 43.89 -67.89
N LEU C 103 -10.75 42.78 -68.40
CA LEU C 103 -12.21 42.73 -68.51
C LEU C 103 -12.84 42.71 -67.12
N ASN C 104 -14.01 43.34 -67.01
CA ASN C 104 -14.66 43.63 -65.73
C ASN C 104 -13.81 44.52 -64.82
N GLY C 105 -12.78 45.14 -65.38
CA GLY C 105 -11.93 46.03 -64.60
C GLY C 105 -11.25 45.34 -63.41
N ASN C 106 -10.97 44.05 -63.52
CA ASN C 106 -10.42 43.31 -62.41
C ASN C 106 -8.97 43.13 -62.66
N SER C 107 -8.33 44.22 -63.05
CA SER C 107 -6.93 44.12 -63.41
C SER C 107 -6.17 43.84 -62.12
N ALA C 108 -6.41 44.72 -61.15
CA ALA C 108 -5.71 44.66 -59.91
C ALA C 108 -6.32 43.62 -59.02
N ALA C 109 -7.64 43.47 -59.07
CA ALA C 109 -8.31 42.54 -58.17
C ALA C 109 -7.78 41.14 -58.43
N TRP C 110 -7.59 40.85 -59.71
CA TRP C 110 -7.06 39.59 -60.14
C TRP C 110 -5.63 39.48 -59.74
N ARG C 111 -4.90 40.58 -59.95
CA ARG C 111 -3.46 40.60 -59.81
C ARG C 111 -3.12 40.21 -58.43
N LEU C 112 -3.94 40.73 -57.52
CA LEU C 112 -3.83 40.52 -56.11
C LEU C 112 -4.21 39.08 -55.80
N SER C 113 -5.35 38.63 -56.30
CA SER C 113 -5.82 37.29 -55.89
C SER C 113 -4.85 36.20 -56.37
N GLU C 114 -4.21 36.40 -57.51
CA GLU C 114 -3.23 35.44 -57.97
C GLU C 114 -1.99 35.60 -57.11
N ASP C 115 -1.71 36.84 -56.75
CA ASP C 115 -0.51 37.15 -55.98
C ASP C 115 -0.43 36.53 -54.58
N ARG C 116 -1.54 36.56 -53.86
CA ARG C 116 -1.55 36.04 -52.50
C ARG C 116 -1.20 34.57 -52.60
N ALA C 117 -1.72 33.91 -53.62
CA ALA C 117 -1.38 32.52 -53.82
C ALA C 117 0.08 32.36 -54.21
N PHE C 118 0.64 33.36 -54.88
CA PHE C 118 2.07 33.25 -55.27
C PHE C 118 3.03 33.29 -54.16
N ILE C 119 2.71 34.14 -53.20
CA ILE C 119 3.54 34.23 -52.04
C ILE C 119 3.51 32.84 -51.42
N GLU C 120 2.32 32.28 -51.37
CA GLU C 120 2.14 31.01 -50.70
C GLU C 120 2.83 29.79 -51.33
N GLY C 121 2.87 29.74 -52.65
CA GLY C 121 3.53 28.63 -53.29
C GLY C 121 5.00 28.83 -53.05
N MET C 122 5.41 30.11 -52.92
CA MET C 122 6.83 30.38 -52.70
C MET C 122 7.26 29.84 -51.38
N ASN C 123 6.44 30.01 -50.35
CA ASN C 123 6.73 29.38 -49.04
C ASN C 123 6.69 27.85 -49.09
N GLN C 124 5.77 27.33 -49.89
CA GLN C 124 5.60 25.90 -49.98
C GLN C 124 6.90 25.35 -50.45
N THR C 125 7.47 25.96 -51.48
CA THR C 125 8.66 25.37 -52.07
C THR C 125 9.96 25.75 -51.37
N GLN C 126 10.00 26.97 -50.86
CA GLN C 126 11.20 27.38 -50.22
C GLN C 126 11.38 26.54 -48.98
N ALA C 127 10.30 26.34 -48.23
CA ALA C 127 10.42 25.58 -46.98
C ALA C 127 10.49 24.03 -47.21
N THR C 128 9.85 23.53 -48.27
CA THR C 128 10.00 22.11 -48.55
C THR C 128 11.35 21.85 -49.10
N THR C 129 11.96 22.86 -49.69
CA THR C 129 13.28 22.60 -50.23
C THR C 129 14.35 22.79 -49.18
N LEU C 130 13.96 23.42 -48.08
CA LEU C 130 14.89 23.68 -47.01
C LEU C 130 15.30 22.39 -46.35
N PHE C 131 14.37 21.44 -46.24
CA PHE C 131 14.66 20.14 -45.63
C PHE C 131 15.14 19.10 -46.62
N TYR C 132 14.50 19.01 -47.77
CA TYR C 132 14.88 18.00 -48.72
C TYR C 132 15.34 18.74 -49.94
N GLY C 133 16.47 19.39 -49.76
CA GLY C 133 17.15 20.05 -50.84
C GLY C 133 18.47 19.33 -51.03
N ASP C 134 18.64 18.72 -52.19
CA ASP C 134 19.90 18.14 -52.53
C ASP C 134 20.53 19.18 -53.46
N SER C 135 21.80 19.47 -53.34
CA SER C 135 22.37 20.29 -54.38
C SER C 135 22.98 19.31 -55.37
N SER C 136 23.13 18.06 -54.95
CA SER C 136 23.70 17.01 -55.80
C SER C 136 22.73 16.35 -56.77
N ILE C 137 21.44 16.54 -56.57
CA ILE C 137 20.48 16.05 -57.55
C ILE C 137 19.91 17.19 -58.40
N ASP C 138 19.27 18.15 -57.73
CA ASP C 138 18.59 19.24 -58.41
C ASP C 138 19.58 20.24 -58.92
N ALA C 139 20.81 20.10 -58.44
CA ALA C 139 21.93 20.90 -58.92
C ALA C 139 21.76 22.39 -58.64
N GLU C 140 20.66 22.96 -59.12
CA GLU C 140 20.32 24.36 -58.92
C GLU C 140 20.04 24.74 -57.44
N LYS C 141 19.38 23.84 -56.72
CA LYS C 141 18.91 24.15 -55.37
C LYS C 141 20.01 24.02 -54.36
N PHE C 142 19.93 24.87 -53.33
CA PHE C 142 20.88 24.90 -52.22
C PHE C 142 20.58 23.75 -51.34
N MET C 143 21.59 23.23 -50.66
CA MET C 143 21.37 22.05 -49.87
C MET C 143 21.00 22.34 -48.38
N GLY C 144 19.92 21.72 -47.93
CA GLY C 144 19.36 21.92 -46.61
C GLY C 144 19.56 20.71 -45.69
N LEU C 145 18.92 20.78 -44.53
CA LEU C 145 18.95 19.80 -43.44
C LEU C 145 19.09 18.26 -43.69
N THR C 146 18.61 17.79 -44.84
CA THR C 146 18.84 16.44 -45.35
C THR C 146 19.43 16.69 -46.71
N PRO C 147 20.24 15.78 -47.20
CA PRO C 147 20.71 14.63 -46.46
C PRO C 147 22.12 14.99 -46.02
N ARG C 148 22.24 16.21 -45.52
CA ARG C 148 23.43 16.56 -44.81
C ARG C 148 23.55 15.68 -43.54
N PHE C 149 22.43 15.33 -42.92
CA PHE C 149 22.48 14.28 -41.91
C PHE C 149 21.78 13.06 -42.46
N ASN C 150 22.39 12.32 -43.37
CA ASN C 150 21.67 11.15 -43.78
C ASN C 150 22.30 9.91 -43.22
N SER C 151 23.50 9.57 -43.68
CA SER C 151 24.12 8.32 -43.25
C SER C 151 24.56 8.39 -41.79
N LEU C 152 24.41 7.27 -41.07
CA LEU C 152 24.83 7.22 -39.68
C LEU C 152 26.37 7.18 -39.53
N SER C 153 27.05 6.76 -40.59
CA SER C 153 28.53 6.73 -40.70
C SER C 153 29.11 8.13 -40.79
N ALA C 154 28.27 9.07 -41.20
CA ALA C 154 28.71 10.42 -41.42
C ALA C 154 29.19 10.97 -40.08
N GLU C 155 30.10 11.93 -40.14
CA GLU C 155 30.74 12.45 -38.95
C GLU C 155 29.82 13.16 -37.97
N ASN C 156 28.71 13.70 -38.45
CA ASN C 156 27.71 14.24 -37.56
C ASN C 156 26.59 13.23 -37.40
N GLY C 157 26.85 11.96 -37.69
CA GLY C 157 25.79 10.93 -37.73
C GLY C 157 25.29 10.67 -36.33
N GLN C 158 26.17 10.98 -35.40
CA GLN C 158 25.85 10.96 -34.02
C GLN C 158 24.76 11.99 -33.78
N ASN C 159 24.66 13.01 -34.63
CA ASN C 159 23.62 14.01 -34.44
C ASN C 159 22.26 13.60 -34.95
N ILE C 160 22.19 12.59 -35.77
CA ILE C 160 20.86 12.05 -36.09
C ILE C 160 20.54 10.88 -35.18
N ILE C 161 19.37 10.91 -34.55
CA ILE C 161 18.91 9.87 -33.61
C ILE C 161 18.03 8.87 -34.32
N ASP C 162 18.43 7.61 -34.40
CA ASP C 162 17.55 6.69 -35.08
C ASP C 162 16.37 6.49 -34.16
N ALA C 163 15.16 6.83 -34.62
CA ALA C 163 13.95 6.63 -33.83
C ALA C 163 13.72 5.14 -33.68
N GLY C 164 14.28 4.37 -34.60
CA GLY C 164 14.30 2.93 -34.48
C GLY C 164 13.20 2.29 -35.30
N GLY C 165 12.26 3.09 -35.76
CA GLY C 165 11.15 2.54 -36.54
C GLY C 165 11.71 2.29 -37.92
N THR C 166 11.14 1.30 -38.59
CA THR C 166 11.68 0.86 -39.87
C THR C 166 10.61 0.81 -40.96
N GLY C 167 11.07 0.76 -42.20
CA GLY C 167 10.17 0.81 -43.34
C GLY C 167 9.96 2.21 -43.82
N SER C 168 9.21 2.31 -44.91
CA SER C 168 8.99 3.53 -45.69
C SER C 168 8.00 4.57 -45.15
N ASP C 169 7.11 4.16 -44.27
CA ASP C 169 6.16 5.11 -43.71
C ASP C 169 6.73 5.74 -42.45
N ASN C 170 7.70 6.64 -42.55
CA ASN C 170 8.25 7.21 -41.32
C ASN C 170 8.79 8.61 -41.43
N ALA C 171 8.44 9.41 -40.43
CA ALA C 171 8.73 10.82 -40.41
C ALA C 171 10.11 11.04 -39.82
N SER C 172 10.43 12.30 -39.58
CA SER C 172 11.55 12.68 -38.74
C SER C 172 11.22 14.04 -38.09
N ILE C 173 11.70 14.25 -36.87
CA ILE C 173 11.60 15.54 -36.22
C ILE C 173 12.90 16.28 -36.33
N TRP C 174 12.83 17.60 -36.40
CA TRP C 174 14.03 18.38 -36.32
C TRP C 174 14.13 19.15 -35.00
N LEU C 175 15.35 19.47 -34.62
CA LEU C 175 15.63 20.40 -33.54
C LEU C 175 16.81 21.22 -34.01
N THR C 176 16.67 22.54 -34.10
CA THR C 176 17.81 23.30 -34.58
C THR C 176 18.04 24.43 -33.62
N VAL C 177 19.14 25.14 -33.81
CA VAL C 177 19.32 26.46 -33.22
C VAL C 177 19.80 27.40 -34.30
N TRP C 178 18.95 28.33 -34.68
CA TRP C 178 19.28 29.30 -35.69
C TRP C 178 20.19 30.32 -35.09
N GLY C 179 21.31 30.58 -35.74
CA GLY C 179 22.14 31.65 -35.27
C GLY C 179 23.33 31.96 -36.13
N PRO C 180 23.87 33.15 -35.91
CA PRO C 180 24.82 33.77 -36.81
C PRO C 180 26.01 32.87 -37.00
N ASN C 181 26.35 32.10 -35.98
CA ASN C 181 27.54 31.26 -36.04
C ASN C 181 27.24 29.77 -35.93
N THR C 182 25.97 29.38 -36.08
CA THR C 182 25.62 27.98 -35.90
C THR C 182 24.85 27.41 -37.07
N LEU C 183 23.83 28.16 -37.50
CA LEU C 183 22.93 27.76 -38.59
C LEU C 183 22.03 28.91 -38.91
N HIS C 184 22.06 29.37 -40.15
CA HIS C 184 21.25 30.51 -40.58
C HIS C 184 21.15 30.46 -42.07
N THR C 185 20.31 31.30 -42.64
CA THR C 185 20.36 31.43 -44.09
C THR C 185 21.26 32.57 -44.66
N ILE C 186 21.51 32.51 -45.96
CA ILE C 186 22.34 33.49 -46.66
C ILE C 186 21.71 33.92 -48.01
N TYR C 187 21.87 35.19 -48.35
CA TYR C 187 21.43 35.72 -49.61
C TYR C 187 22.61 36.47 -50.17
N PRO C 188 22.72 36.56 -51.50
CA PRO C 188 23.92 37.05 -52.24
C PRO C 188 24.27 38.54 -52.14
N LYS C 189 25.53 38.89 -52.33
CA LYS C 189 25.85 40.31 -52.38
C LYS C 189 25.96 40.88 -53.86
N GLY C 190 25.06 41.82 -54.20
CA GLY C 190 24.07 42.35 -53.27
C GLY C 190 22.58 42.12 -53.47
N SER C 191 22.14 40.91 -53.83
CA SER C 191 20.69 40.60 -53.87
C SER C 191 20.09 40.65 -52.44
N GLN C 192 18.98 41.32 -52.18
CA GLN C 192 18.58 41.34 -50.77
C GLN C 192 17.67 40.14 -50.58
N ALA C 193 17.56 39.60 -49.36
CA ALA C 193 16.54 38.57 -49.10
C ALA C 193 15.41 39.25 -48.31
N GLY C 194 14.17 38.79 -48.44
CA GLY C 194 13.75 37.52 -49.01
C GLY C 194 12.55 37.84 -49.89
N LEU C 195 11.95 36.81 -50.50
CA LEU C 195 10.87 36.88 -51.50
C LEU C 195 10.43 38.28 -51.94
N GLN C 196 10.90 38.72 -53.10
CA GLN C 196 10.59 40.03 -53.63
C GLN C 196 9.62 40.01 -54.79
N SER C 197 8.47 40.63 -54.57
CA SER C 197 7.46 40.81 -55.59
C SER C 197 7.57 42.11 -56.42
N ARG C 198 8.46 42.16 -57.40
CA ARG C 198 8.52 43.28 -58.33
C ARG C 198 7.46 43.16 -59.47
N ASP C 199 6.83 44.25 -59.87
CA ASP C 199 5.93 44.17 -61.02
C ASP C 199 6.63 44.52 -62.34
N LEU C 200 6.76 43.56 -63.25
CA LEU C 200 7.45 43.83 -64.52
C LEU C 200 6.69 44.75 -65.44
N GLY C 201 5.40 44.94 -65.17
CA GLY C 201 4.54 45.75 -66.00
C GLY C 201 4.01 45.05 -67.24
N GLU C 202 3.18 45.76 -67.99
CA GLU C 202 2.67 45.28 -69.27
C GLU C 202 3.71 45.15 -70.38
N ASP C 203 3.66 44.07 -71.14
CA ASP C 203 4.49 43.94 -72.34
C ASP C 203 3.92 42.87 -73.24
N THR C 204 4.26 42.94 -74.51
CA THR C 204 3.74 41.97 -75.47
C THR C 204 4.35 40.58 -75.29
N LEU C 205 3.60 39.57 -75.67
CA LEU C 205 4.01 38.18 -75.51
C LEU C 205 4.14 37.58 -76.90
N ILE C 206 4.47 36.29 -76.99
CA ILE C 206 4.45 35.61 -78.27
C ILE C 206 3.64 34.29 -78.28
N ASP C 207 2.74 34.21 -79.27
CA ASP C 207 1.81 33.10 -79.55
C ASP C 207 2.61 31.91 -80.08
N ALA C 208 2.05 30.72 -80.01
CA ALA C 208 2.76 29.59 -80.60
C ALA C 208 2.95 29.83 -82.08
N ALA C 209 1.96 30.47 -82.68
CA ALA C 209 1.95 30.91 -84.10
C ALA C 209 2.92 32.04 -84.46
N GLY C 210 3.09 32.97 -83.51
CA GLY C 210 3.94 34.13 -83.68
C GLY C 210 3.12 35.38 -83.34
N GLY C 211 1.80 35.18 -83.26
CA GLY C 211 0.84 36.28 -83.21
C GLY C 211 1.07 37.09 -81.97
N ARG C 212 1.16 38.42 -82.04
CA ARG C 212 1.33 39.18 -80.81
C ARG C 212 0.06 38.82 -79.98
N TYR C 213 0.16 38.77 -78.65
CA TYR C 213 -0.93 38.23 -77.88
C TYR C 213 -0.68 38.86 -76.57
N GLN C 214 -0.97 40.17 -76.48
CA GLN C 214 -0.52 41.04 -75.34
C GLN C 214 -1.01 40.98 -73.84
N GLY C 215 -0.08 41.14 -72.88
CA GLY C 215 -0.30 40.85 -71.46
C GLY C 215 0.64 41.47 -70.40
N TYR C 216 0.31 41.26 -69.12
CA TYR C 216 1.13 41.68 -67.96
C TYR C 216 2.15 40.63 -67.49
N ARG C 217 3.01 41.01 -66.54
CA ARG C 217 4.03 40.09 -65.99
C ARG C 217 4.59 40.53 -64.62
N THR C 218 4.83 39.59 -63.71
CA THR C 218 5.32 39.93 -62.36
C THR C 218 6.44 38.99 -61.92
N HIS C 219 7.49 39.48 -61.28
CA HIS C 219 8.57 38.59 -60.87
C HIS C 219 8.42 38.25 -59.39
N TYR C 220 8.94 37.11 -58.99
CA TYR C 220 8.97 36.77 -57.57
C TYR C 220 10.28 36.12 -57.27
N LYS C 221 11.31 36.94 -57.16
CA LYS C 221 12.63 36.47 -56.79
C LYS C 221 12.64 36.10 -55.30
N TRP C 222 13.48 35.16 -54.94
CA TRP C 222 13.79 34.86 -53.55
C TRP C 222 14.97 33.94 -53.55
N ASP C 223 16.12 34.48 -53.23
CA ASP C 223 17.31 33.69 -53.40
C ASP C 223 17.92 33.46 -52.06
N ILE C 224 17.87 32.22 -51.60
CA ILE C 224 18.49 31.93 -50.32
C ILE C 224 19.38 30.72 -50.45
N GLY C 225 20.39 30.69 -49.58
CA GLY C 225 21.25 29.53 -49.41
C GLY C 225 21.22 29.18 -47.93
N LEU C 226 22.13 28.35 -47.49
CA LEU C 226 22.01 27.90 -46.13
C LEU C 226 23.32 27.50 -45.41
N THR C 227 23.77 28.32 -44.46
CA THR C 227 25.00 27.97 -43.79
C THR C 227 24.61 27.02 -42.75
N LEU C 228 25.27 25.87 -42.72
CA LEU C 228 25.21 25.07 -41.51
C LEU C 228 26.58 25.20 -40.85
N ARG C 229 26.76 26.17 -39.95
CA ARG C 229 28.10 26.48 -39.50
C ARG C 229 28.69 25.28 -38.89
N ASP C 230 27.93 24.69 -37.97
CA ASP C 230 28.32 23.41 -37.37
C ASP C 230 27.16 22.48 -37.02
N TRP C 231 27.32 21.24 -37.43
CA TRP C 231 26.27 20.27 -37.27
C TRP C 231 25.98 20.03 -35.79
N ARG C 232 26.89 20.44 -34.91
CA ARG C 232 26.68 20.21 -33.49
C ARG C 232 25.43 20.89 -32.97
N TYR C 233 24.99 21.95 -33.61
CA TYR C 233 23.76 22.59 -33.16
C TYR C 233 22.43 22.09 -33.74
N VAL C 234 22.47 21.13 -34.66
CA VAL C 234 21.24 20.58 -35.19
C VAL C 234 21.12 19.08 -35.01
N VAL C 235 19.96 18.62 -34.57
CA VAL C 235 19.73 17.20 -34.37
C VAL C 235 18.53 16.74 -35.22
N ARG C 236 18.65 15.56 -35.81
CA ARG C 236 17.58 15.05 -36.62
C ARG C 236 17.11 13.87 -35.93
N ILE C 237 15.81 13.67 -35.87
CA ILE C 237 15.30 12.50 -35.17
C ILE C 237 14.61 11.57 -36.18
N ALA C 238 15.39 10.82 -36.95
CA ALA C 238 14.81 10.10 -38.08
C ALA C 238 14.18 8.71 -37.82
N ASN C 239 13.39 8.28 -38.80
CA ASN C 239 12.69 7.00 -38.86
C ASN C 239 11.59 6.74 -37.86
N VAL C 240 10.86 7.79 -37.51
CA VAL C 240 9.75 7.64 -36.57
C VAL C 240 8.47 7.17 -37.30
N ASP C 241 8.26 5.85 -37.38
CA ASP C 241 7.14 5.31 -38.14
C ASP C 241 5.77 5.86 -37.68
N VAL C 242 5.12 6.65 -38.53
CA VAL C 242 3.84 7.25 -38.15
C VAL C 242 2.75 6.20 -38.06
N SER C 243 2.87 5.15 -38.84
CA SER C 243 1.89 4.09 -38.76
C SER C 243 1.89 3.42 -37.38
N GLU C 244 3.04 3.34 -36.72
CA GLU C 244 3.14 2.61 -35.46
C GLU C 244 2.89 3.40 -34.20
N LEU C 245 2.76 4.70 -34.33
CA LEU C 245 2.56 5.56 -33.18
C LEU C 245 1.27 5.24 -32.45
N THR C 246 1.31 5.29 -31.10
CA THR C 246 0.11 5.19 -30.26
C THR C 246 0.22 6.31 -29.25
N LYS C 247 -0.92 6.83 -28.80
CA LYS C 247 -0.89 7.94 -27.85
C LYS C 247 -0.35 7.46 -26.51
N ASN C 248 -0.44 6.15 -26.25
CA ASN C 248 -0.02 5.61 -24.95
C ASN C 248 1.47 5.45 -24.85
N ALA C 249 2.19 6.09 -25.76
CA ALA C 249 3.61 5.85 -25.91
C ALA C 249 3.93 4.38 -25.75
N SER C 250 3.23 3.52 -26.48
CA SER C 250 3.28 2.09 -26.20
C SER C 250 3.96 1.29 -27.30
N ALA C 251 3.24 1.12 -28.40
CA ALA C 251 3.79 0.53 -29.62
C ALA C 251 4.55 1.64 -30.35
N GLY C 252 5.46 1.25 -31.23
CA GLY C 252 6.16 2.21 -32.06
C GLY C 252 7.11 3.09 -31.30
N ALA C 253 7.35 4.28 -31.82
CA ALA C 253 8.42 5.08 -31.27
C ALA C 253 7.87 6.15 -30.37
N ASP C 254 8.28 6.07 -29.11
CA ASP C 254 7.94 7.07 -28.14
C ASP C 254 8.62 8.40 -28.49
N LEU C 255 7.91 9.50 -28.27
CA LEU C 255 8.52 10.78 -28.58
C LEU C 255 9.23 11.43 -27.44
N ILE C 256 8.67 11.42 -26.24
CA ILE C 256 9.15 12.38 -25.26
C ILE C 256 10.59 12.08 -24.93
N ASP C 257 10.98 10.83 -24.92
CA ASP C 257 12.41 10.62 -24.80
C ASP C 257 13.17 11.07 -26.09
N LEU C 258 12.59 10.79 -27.25
CA LEU C 258 13.21 11.10 -28.56
C LEU C 258 13.32 12.60 -28.73
N MET C 259 12.52 13.32 -27.94
CA MET C 259 12.58 14.76 -27.85
C MET C 259 13.67 15.18 -26.84
N THR C 260 13.72 14.56 -25.66
CA THR C 260 14.73 15.04 -24.71
C THR C 260 16.13 14.66 -25.11
N GLN C 261 16.33 13.48 -25.66
CA GLN C 261 17.67 13.04 -26.00
C GLN C 261 18.23 13.90 -27.07
N ALA C 262 17.30 14.44 -27.86
CA ALA C 262 17.57 15.44 -28.86
C ALA C 262 18.02 16.74 -28.25
N VAL C 263 17.43 17.14 -27.12
CA VAL C 263 17.91 18.33 -26.43
C VAL C 263 19.30 18.13 -25.81
N GLU C 264 19.53 16.97 -25.21
CA GLU C 264 20.83 16.63 -24.70
C GLU C 264 21.89 16.47 -25.77
N LEU C 265 21.49 16.17 -26.99
CA LEU C 265 22.49 16.08 -28.05
C LEU C 265 23.13 17.43 -28.43
N ILE C 266 22.43 18.53 -28.17
CA ILE C 266 22.98 19.85 -28.50
C ILE C 266 23.95 20.31 -27.48
N PRO C 267 25.16 20.64 -27.91
CA PRO C 267 26.11 21.26 -27.01
C PRO C 267 25.66 22.67 -26.71
N ASN C 268 25.46 22.91 -25.42
CA ASN C 268 24.96 24.16 -24.85
C ASN C 268 24.07 25.08 -25.70
N VAL C 269 22.76 24.89 -25.58
CA VAL C 269 21.81 25.73 -26.29
C VAL C 269 21.98 27.11 -25.68
N GLY C 270 22.77 27.95 -26.34
CA GLY C 270 23.08 29.24 -25.78
C GLY C 270 22.58 30.33 -26.68
N MET C 271 22.92 30.19 -27.94
CA MET C 271 22.58 31.17 -28.95
C MET C 271 22.37 30.41 -30.24
N GLY C 272 21.59 30.97 -31.14
CA GLY C 272 20.81 32.16 -30.84
C GLY C 272 19.51 31.66 -30.25
N ARG C 273 18.67 31.10 -31.10
CA ARG C 273 17.42 30.59 -30.60
C ARG C 273 17.05 29.31 -31.29
N PRO C 274 16.82 28.27 -30.50
CA PRO C 274 16.51 26.90 -30.88
C PRO C 274 15.05 26.75 -31.32
N ALA C 275 14.71 25.69 -32.04
CA ALA C 275 13.31 25.40 -32.37
C ALA C 275 13.09 23.93 -32.82
N PHE C 276 11.97 23.35 -32.39
CA PHE C 276 11.59 22.03 -32.85
C PHE C 276 10.64 22.06 -34.04
N TYR C 277 10.89 21.22 -35.02
CA TYR C 277 10.13 21.28 -36.27
C TYR C 277 9.55 19.95 -36.64
N MET C 278 8.24 19.88 -36.55
CA MET C 278 7.58 18.60 -36.65
C MET C 278 6.44 18.64 -37.63
N PRO C 279 6.11 17.48 -38.16
CA PRO C 279 4.92 17.37 -39.01
C PRO C 279 3.69 17.70 -38.16
N ARG C 280 2.64 18.27 -38.74
CA ARG C 280 1.47 18.61 -37.94
C ARG C 280 0.99 17.34 -37.23
N LYS C 281 1.15 16.20 -37.91
CA LYS C 281 0.76 14.88 -37.40
C LYS C 281 1.44 14.48 -36.08
N ILE C 282 2.72 14.72 -36.04
CA ILE C 282 3.54 14.52 -34.88
C ILE C 282 3.20 15.48 -33.76
N ARG C 283 2.88 16.73 -34.09
CA ARG C 283 2.57 17.69 -33.06
C ARG C 283 1.34 17.18 -32.40
N SER C 284 0.45 16.59 -33.18
CA SER C 284 -0.76 16.02 -32.61
C SER C 284 -0.45 14.79 -31.71
N PHE C 285 0.31 13.81 -32.21
CA PHE C 285 0.64 12.65 -31.35
C PHE C 285 1.50 12.95 -30.13
N LEU C 286 2.35 13.95 -30.21
CA LEU C 286 3.06 14.44 -29.06
C LEU C 286 2.10 15.07 -28.07
N ARG C 287 1.08 15.80 -28.55
CA ARG C 287 0.25 16.47 -27.57
C ARG C 287 -0.43 15.35 -26.79
N ARG C 288 -0.90 14.37 -27.54
CA ARG C 288 -1.57 13.25 -26.93
C ARG C 288 -0.64 12.50 -26.01
N GLN C 289 0.60 12.30 -26.40
CA GLN C 289 1.49 11.55 -25.52
C GLN C 289 1.84 12.27 -24.24
N ILE C 290 2.00 13.59 -24.24
CA ILE C 290 2.30 14.19 -22.95
C ILE C 290 1.08 13.94 -22.04
N THR C 291 -0.12 14.11 -22.59
CA THR C 291 -1.32 13.88 -21.75
C THR C 291 -1.40 12.41 -21.28
N ASN C 292 -0.92 11.46 -22.08
CA ASN C 292 -0.75 10.08 -21.60
C ASN C 292 0.35 9.76 -20.59
N LYS C 293 1.47 10.49 -20.63
CA LYS C 293 2.54 10.21 -19.69
C LYS C 293 2.30 10.84 -18.35
N VAL C 294 1.81 12.07 -18.34
CA VAL C 294 1.52 12.71 -17.07
C VAL C 294 0.28 12.10 -16.36
N ALA C 295 -0.54 11.39 -17.16
CA ALA C 295 -1.78 10.81 -16.67
C ALA C 295 -1.53 9.85 -15.54
N ALA C 296 -0.35 9.24 -15.55
CA ALA C 296 0.03 8.28 -14.51
C ALA C 296 0.77 8.97 -13.38
N SER C 297 0.46 10.24 -13.17
CA SER C 297 1.24 11.05 -12.26
C SER C 297 0.35 12.07 -11.57
N THR C 298 0.28 13.25 -12.21
CA THR C 298 -0.44 14.40 -11.67
C THR C 298 -0.97 15.21 -12.83
N LEU C 299 -2.22 14.98 -13.21
CA LEU C 299 -2.86 15.81 -14.21
C LEU C 299 -4.24 16.00 -13.67
N THR C 300 -4.80 17.18 -13.86
CA THR C 300 -6.11 17.45 -13.29
C THR C 300 -7.33 17.16 -14.21
N MET C 301 -8.53 17.31 -13.64
CA MET C 301 -9.74 17.24 -14.44
C MET C 301 -9.62 18.37 -15.42
N GLU C 302 -9.24 19.54 -14.90
CA GLU C 302 -9.14 20.78 -15.67
C GLU C 302 -8.01 20.91 -16.69
N GLU C 303 -6.92 20.16 -16.54
CA GLU C 303 -5.92 20.13 -17.60
C GLU C 303 -5.96 18.77 -18.33
N ILE C 304 -7.16 18.24 -18.53
CA ILE C 304 -7.35 16.90 -19.06
C ILE C 304 -7.05 16.82 -20.52
N ALA C 305 -7.24 17.91 -21.24
CA ALA C 305 -7.01 17.96 -22.69
C ALA C 305 -5.53 18.17 -23.00
N GLY C 306 -4.89 18.97 -22.16
CA GLY C 306 -3.50 19.30 -22.28
C GLY C 306 -3.29 20.56 -23.08
N LYS C 307 -2.43 21.42 -22.57
CA LYS C 307 -1.99 22.63 -23.26
C LYS C 307 -1.21 22.14 -24.46
N LYS C 308 -1.41 22.73 -25.64
CA LYS C 308 -0.72 22.26 -26.85
C LYS C 308 0.78 22.56 -26.76
N VAL C 309 1.62 21.73 -27.36
CA VAL C 309 3.05 21.97 -27.21
C VAL C 309 3.36 23.35 -27.79
N VAL C 310 4.12 24.12 -27.04
CA VAL C 310 4.43 25.48 -27.42
C VAL C 310 5.92 25.59 -27.25
N ALA C 311 6.33 25.38 -26.01
CA ALA C 311 7.73 25.33 -25.67
C ALA C 311 7.95 23.94 -25.13
N PHE C 312 8.70 23.10 -25.84
CA PHE C 312 8.97 21.76 -25.34
C PHE C 312 10.01 21.73 -24.22
N ASP C 313 11.20 22.26 -24.47
CA ASP C 313 12.21 22.20 -23.43
C ASP C 313 11.90 22.89 -22.10
N GLY C 314 11.45 24.16 -22.07
CA GLY C 314 11.09 24.99 -23.21
C GLY C 314 12.09 25.51 -24.22
N ILE C 315 11.78 25.17 -25.47
CA ILE C 315 12.33 25.72 -26.71
C ILE C 315 11.08 25.90 -27.55
N PRO C 316 10.95 26.95 -28.37
CA PRO C 316 9.72 26.96 -29.19
C PRO C 316 9.58 25.72 -30.09
N CYS C 317 8.36 25.22 -30.15
CA CYS C 317 8.03 24.11 -30.99
C CYS C 317 7.12 24.55 -32.15
N ARG C 318 7.63 24.45 -33.37
CA ARG C 318 6.96 24.96 -34.54
C ARG C 318 6.27 23.83 -35.25
N ARG C 319 4.99 24.04 -35.56
CA ARG C 319 4.32 23.11 -36.44
C ARG C 319 4.89 23.39 -37.84
N THR C 320 5.46 22.38 -38.49
CA THR C 320 5.93 22.58 -39.84
C THR C 320 5.37 21.59 -40.84
N ASP C 321 4.45 22.12 -41.63
CA ASP C 321 3.69 21.41 -42.60
C ASP C 321 4.55 20.92 -43.71
N ALA C 322 5.43 21.82 -44.17
CA ALA C 322 6.14 21.64 -45.43
C ALA C 322 7.20 20.63 -45.21
N LEU C 323 6.75 19.42 -44.92
CA LEU C 323 7.60 18.39 -44.43
C LEU C 323 7.06 17.03 -44.83
N LEU C 324 7.85 16.25 -45.56
CA LEU C 324 7.39 14.93 -45.96
C LEU C 324 7.10 14.14 -44.67
N LEU C 325 5.92 13.55 -44.67
CA LEU C 325 5.41 12.78 -43.54
C LEU C 325 5.79 11.31 -43.60
N THR C 326 5.80 10.76 -44.81
CA THR C 326 6.30 9.40 -45.02
C THR C 326 7.53 9.47 -45.93
N GLU C 327 8.66 9.65 -45.29
CA GLU C 327 9.92 9.78 -45.97
C GLU C 327 10.68 8.45 -45.91
N ALA C 328 11.46 8.18 -46.94
CA ALA C 328 12.16 6.92 -47.07
C ALA C 328 13.13 6.74 -45.91
N ARG C 329 13.24 5.49 -45.45
CA ARG C 329 13.98 5.11 -44.24
C ARG C 329 15.48 5.40 -44.26
N VAL C 330 16.00 5.76 -43.09
CA VAL C 330 17.37 6.19 -43.00
C VAL C 330 18.21 5.00 -42.61
N VAL C 331 18.90 4.42 -43.58
CA VAL C 331 19.74 3.27 -43.29
C VAL C 331 21.12 3.71 -42.78
N SER D 5 -65.61 7.31 -38.42
CA SER D 5 -64.47 6.41 -38.58
C SER D 5 -63.19 6.97 -37.93
N THR D 6 -62.44 7.73 -38.76
CA THR D 6 -61.09 8.32 -38.54
C THR D 6 -60.88 9.81 -38.02
N THR D 7 -59.78 9.95 -37.25
CA THR D 7 -59.31 11.17 -36.51
C THR D 7 -58.37 11.96 -37.47
N ASN D 8 -58.10 13.24 -37.17
CA ASN D 8 -57.22 14.12 -37.99
C ASN D 8 -57.06 15.58 -37.45
N PRO D 9 -56.18 16.42 -38.05
CA PRO D 9 -56.09 17.82 -37.64
C PRO D 9 -57.41 18.48 -38.00
N THR D 10 -57.81 19.52 -37.29
CA THR D 10 -56.87 20.41 -36.63
C THR D 10 -56.82 19.97 -35.19
N LEU D 11 -57.10 20.88 -34.26
CA LEU D 11 -56.84 20.67 -32.85
C LEU D 11 -57.90 19.82 -32.11
N ALA D 12 -59.00 19.50 -32.78
CA ALA D 12 -59.98 18.48 -32.32
C ALA D 12 -60.77 18.51 -31.01
N ASP D 13 -61.03 19.67 -30.41
CA ASP D 13 -61.91 19.77 -29.20
C ASP D 13 -61.53 18.94 -27.98
N VAL D 14 -60.37 18.33 -27.97
CA VAL D 14 -59.97 17.76 -26.71
C VAL D 14 -58.94 18.76 -26.30
N ALA D 15 -59.46 19.99 -26.25
CA ALA D 15 -58.92 21.18 -25.59
C ALA D 15 -59.19 20.94 -24.13
N ALA D 16 -60.07 19.99 -23.86
CA ALA D 16 -60.37 19.62 -22.48
C ALA D 16 -59.14 19.12 -21.81
N ARG D 17 -58.30 18.48 -22.60
CA ARG D 17 -57.11 17.87 -22.07
C ARG D 17 -56.21 18.87 -21.43
N MET D 18 -56.09 20.06 -21.97
CA MET D 18 -55.15 21.04 -21.43
C MET D 18 -55.64 21.90 -20.21
N THR D 19 -56.91 21.73 -19.74
CA THR D 19 -57.48 22.48 -18.57
C THR D 19 -57.64 21.60 -17.29
N PRO D 20 -57.61 22.22 -16.07
CA PRO D 20 -57.98 21.72 -14.70
C PRO D 20 -59.48 21.74 -14.35
N ASP D 21 -59.75 22.03 -13.08
CA ASP D 21 -61.04 22.60 -12.79
C ASP D 21 -60.75 24.06 -13.18
N GLY D 22 -61.10 24.46 -14.40
CA GLY D 22 -61.04 25.87 -14.73
C GLY D 22 -60.42 26.16 -16.10
N LYS D 23 -59.71 27.29 -16.19
CA LYS D 23 -59.00 27.73 -17.39
C LYS D 23 -57.64 27.07 -17.64
N ILE D 24 -57.08 27.32 -18.83
CA ILE D 24 -55.95 26.57 -19.43
C ILE D 24 -54.67 26.48 -18.65
N ASP D 25 -54.13 25.26 -18.58
CA ASP D 25 -53.11 24.96 -17.61
C ASP D 25 -51.76 25.57 -17.90
N PRO D 26 -51.31 26.47 -17.01
CA PRO D 26 -50.04 27.16 -17.18
C PRO D 26 -48.91 26.21 -16.90
N GLN D 27 -49.04 25.52 -15.80
CA GLN D 27 -48.09 24.53 -15.34
C GLN D 27 -48.25 23.19 -16.06
N ILE D 28 -47.89 23.09 -17.33
CA ILE D 28 -48.00 21.79 -17.96
C ILE D 28 -46.61 21.29 -17.80
N VAL D 29 -46.33 20.04 -18.15
CA VAL D 29 -44.92 19.62 -18.17
C VAL D 29 -44.47 19.03 -19.49
N GLU D 30 -43.46 19.68 -20.06
CA GLU D 30 -43.02 19.39 -21.41
C GLU D 30 -42.16 18.13 -21.39
N MET D 31 -42.79 17.04 -21.79
CA MET D 31 -42.14 15.77 -21.74
C MET D 31 -41.35 15.67 -23.00
N LEU D 32 -42.05 15.69 -24.13
CA LEU D 32 -41.38 15.33 -25.36
C LEU D 32 -40.53 16.40 -25.94
N ASN D 33 -39.95 17.26 -25.13
CA ASN D 33 -39.04 18.23 -25.72
C ASN D 33 -37.62 17.84 -25.33
N GLU D 34 -36.65 18.14 -26.18
CA GLU D 34 -35.25 17.77 -25.96
C GLU D 34 -34.41 19.05 -25.99
N THR D 35 -33.36 19.14 -25.18
CA THR D 35 -32.62 20.40 -25.09
C THR D 35 -31.25 20.43 -25.78
N ASN D 36 -31.24 20.20 -27.09
CA ASN D 36 -30.05 20.37 -27.93
C ASN D 36 -29.75 21.84 -28.25
N GLU D 37 -28.48 22.23 -28.31
CA GLU D 37 -28.15 23.64 -28.26
C GLU D 37 -27.22 24.03 -29.38
N ILE D 38 -27.60 23.87 -30.62
CA ILE D 38 -26.72 24.36 -31.66
C ILE D 38 -27.37 25.67 -31.93
N LEU D 39 -28.67 25.71 -31.64
CA LEU D 39 -29.52 26.79 -32.07
C LEU D 39 -29.15 28.08 -31.39
N ASP D 40 -28.61 27.98 -30.19
CA ASP D 40 -28.18 29.18 -29.47
C ASP D 40 -26.88 29.62 -30.06
N ASP D 41 -26.05 28.63 -30.32
CA ASP D 41 -24.65 28.82 -30.64
C ASP D 41 -24.34 29.10 -32.12
N MET D 42 -25.14 28.59 -33.05
CA MET D 42 -24.81 28.74 -34.46
C MET D 42 -24.86 30.21 -34.87
N THR D 43 -24.00 30.58 -35.84
CA THR D 43 -23.97 31.94 -36.39
C THR D 43 -24.74 32.03 -37.71
N VAL D 44 -25.24 33.25 -37.97
CA VAL D 44 -26.15 33.55 -39.09
C VAL D 44 -25.78 34.76 -39.94
N ILE D 45 -25.65 34.58 -41.26
CA ILE D 45 -25.43 35.71 -42.18
C ILE D 45 -26.26 35.53 -43.46
N GLU D 46 -26.73 36.62 -44.09
CA GLU D 46 -27.61 36.47 -45.25
C GLU D 46 -26.84 35.81 -46.37
N ALA D 47 -27.45 34.85 -47.07
CA ALA D 47 -26.74 34.17 -48.16
C ALA D 47 -26.55 35.16 -49.30
N ASN D 48 -25.45 35.02 -50.04
CA ASN D 48 -25.04 35.94 -51.13
C ASN D 48 -25.56 35.65 -52.56
N GLY D 49 -25.75 34.38 -52.87
CA GLY D 49 -26.15 33.96 -54.20
C GLY D 49 -27.63 34.17 -54.29
N PHE D 50 -28.33 33.58 -55.27
CA PHE D 50 -29.77 33.80 -55.28
C PHE D 50 -30.48 32.98 -54.21
N THR D 51 -30.23 31.68 -54.19
CA THR D 51 -30.84 30.84 -53.19
C THR D 51 -29.81 29.80 -52.84
N GLU D 52 -28.57 30.25 -52.92
CA GLU D 52 -27.43 29.43 -52.58
C GLU D 52 -26.41 30.42 -52.10
N HIS D 53 -25.29 29.91 -51.62
CA HIS D 53 -24.28 30.80 -51.08
C HIS D 53 -22.95 30.37 -51.63
N LYS D 54 -22.55 31.02 -52.75
CA LYS D 54 -21.31 30.72 -53.47
C LYS D 54 -20.00 31.10 -52.73
N THR D 55 -18.93 30.32 -52.87
CA THR D 55 -17.67 30.65 -52.20
C THR D 55 -16.48 30.21 -53.04
N THR D 56 -15.65 31.15 -53.48
CA THR D 56 -14.56 30.77 -54.33
C THR D 56 -13.37 30.25 -53.48
N VAL D 57 -12.96 29.01 -53.67
CA VAL D 57 -11.97 28.46 -52.75
C VAL D 57 -10.78 27.88 -53.49
N ARG D 58 -9.59 28.32 -53.11
CA ARG D 58 -8.36 27.96 -53.82
C ARG D 58 -8.21 26.48 -53.95
N SER D 59 -7.92 26.02 -55.15
CA SER D 59 -7.84 24.59 -55.31
C SER D 59 -6.40 24.15 -55.48
N GLY D 60 -5.54 25.04 -55.98
CA GLY D 60 -4.14 24.73 -56.26
C GLY D 60 -3.17 25.90 -56.18
N LEU D 61 -1.99 25.69 -55.58
CA LEU D 61 -0.93 26.73 -55.55
C LEU D 61 0.05 26.78 -56.74
N PRO D 62 0.62 27.98 -57.06
CA PRO D 62 1.72 28.00 -58.06
C PRO D 62 2.90 27.23 -57.45
N THR D 63 3.62 26.46 -58.26
CA THR D 63 4.66 25.61 -57.69
C THR D 63 6.09 26.19 -57.46
N GLY D 64 6.40 27.42 -57.89
CA GLY D 64 7.77 27.93 -57.87
C GLY D 64 8.84 27.08 -58.54
N THR D 65 9.94 27.71 -59.00
CA THR D 65 11.16 27.02 -59.56
C THR D 65 12.50 27.75 -59.37
N TRP D 66 13.56 26.97 -59.28
CA TRP D 66 14.93 27.48 -59.22
C TRP D 66 15.44 27.68 -60.62
N ARG D 67 16.05 28.83 -60.90
CA ARG D 67 16.56 29.09 -62.26
C ARG D 67 18.06 29.17 -62.29
N LYS D 68 18.66 28.39 -63.18
CA LYS D 68 20.07 28.58 -63.42
C LYS D 68 20.23 29.84 -64.30
N LEU D 69 21.41 30.46 -64.21
CA LEU D 69 21.65 31.71 -64.90
C LEU D 69 21.47 31.50 -66.36
N ASN D 70 20.93 32.51 -67.01
CA ASN D 70 20.63 32.40 -68.43
C ASN D 70 19.69 31.25 -68.74
N TYR D 71 18.56 31.20 -68.04
CA TYR D 71 17.55 30.22 -68.36
C TYR D 71 16.22 30.51 -67.70
N GLY D 72 15.24 30.99 -68.49
CA GLY D 72 13.92 31.42 -68.02
C GLY D 72 13.00 30.29 -67.56
N VAL D 73 12.46 30.45 -66.36
CA VAL D 73 11.62 29.45 -65.70
C VAL D 73 10.18 29.74 -66.09
N GLN D 74 9.33 28.74 -65.98
CA GLN D 74 7.94 28.89 -66.40
C GLN D 74 7.08 29.84 -65.50
N PRO D 75 6.05 30.49 -66.09
CA PRO D 75 4.99 31.20 -65.34
C PRO D 75 4.16 30.19 -64.56
N GLU D 76 3.63 30.50 -63.39
CA GLU D 76 2.77 29.51 -62.71
C GLU D 76 1.40 30.08 -62.59
N LYS D 77 0.45 29.28 -62.14
CA LYS D 77 -0.94 29.72 -62.09
C LYS D 77 -1.74 29.01 -60.94
N SER D 78 -2.43 29.79 -60.11
CA SER D 78 -3.27 29.18 -59.06
C SER D 78 -4.69 28.86 -59.45
N ARG D 79 -4.91 27.59 -59.73
CA ARG D 79 -6.21 27.06 -60.09
C ARG D 79 -7.23 27.05 -58.93
N THR D 80 -8.50 27.16 -59.29
CA THR D 80 -9.53 27.40 -58.30
C THR D 80 -10.94 26.90 -58.58
N VAL D 81 -11.51 26.00 -57.79
CA VAL D 81 -12.94 25.74 -57.92
C VAL D 81 -13.75 26.58 -56.91
N GLN D 82 -14.99 26.90 -57.22
CA GLN D 82 -15.84 27.54 -56.20
C GLN D 82 -17.06 26.68 -55.91
N VAL D 83 -17.55 26.65 -54.69
CA VAL D 83 -18.66 25.74 -54.41
C VAL D 83 -19.74 26.50 -53.75
N LYS D 84 -20.96 26.31 -54.23
CA LYS D 84 -22.11 26.96 -53.64
C LYS D 84 -23.02 25.92 -52.98
N ASP D 85 -23.80 26.36 -51.99
CA ASP D 85 -24.74 25.49 -51.28
C ASP D 85 -26.08 26.21 -51.05
N SER D 86 -27.19 25.46 -51.06
CA SER D 86 -28.58 25.98 -51.05
C SER D 86 -29.14 26.29 -49.65
N MET D 87 -30.41 26.67 -49.62
CA MET D 87 -31.16 26.81 -48.37
C MET D 87 -32.32 25.81 -48.29
N GLY D 88 -33.11 25.87 -47.23
CA GLY D 88 -34.39 25.19 -47.24
C GLY D 88 -35.37 25.90 -46.32
N MET D 89 -36.67 25.82 -46.59
CA MET D 89 -37.65 26.48 -45.70
C MET D 89 -38.48 25.49 -44.92
N LEU D 90 -38.50 25.73 -43.61
CA LEU D 90 -39.27 24.96 -42.64
C LEU D 90 -40.22 25.90 -42.00
N GLU D 91 -41.48 25.79 -42.34
CA GLU D 91 -42.46 26.65 -41.74
C GLU D 91 -43.79 25.93 -41.63
N THR D 92 -44.62 26.32 -40.66
CA THR D 92 -46.04 25.92 -40.71
C THR D 92 -46.98 27.05 -40.39
N TYR D 93 -48.14 27.06 -41.08
CA TYR D 93 -49.27 27.89 -40.73
C TYR D 93 -49.75 27.00 -39.53
N ALA D 94 -50.38 27.54 -38.50
CA ALA D 94 -50.78 26.67 -37.39
C ALA D 94 -52.14 27.02 -36.78
N GLU D 95 -53.21 26.57 -37.41
CA GLU D 95 -54.58 27.05 -37.13
C GLU D 95 -55.29 26.40 -35.98
N VAL D 96 -56.22 27.16 -35.38
CA VAL D 96 -57.11 26.75 -34.30
C VAL D 96 -58.52 27.23 -34.56
N ASP D 97 -59.51 26.36 -34.43
CA ASP D 97 -60.95 26.70 -34.62
C ASP D 97 -61.54 27.71 -33.59
N LYS D 98 -62.24 28.75 -34.06
CA LYS D 98 -62.55 29.88 -33.19
C LYS D 98 -63.45 29.57 -32.02
N ALA D 99 -64.40 28.68 -32.27
CA ALA D 99 -65.32 28.32 -31.20
C ALA D 99 -64.57 27.70 -30.06
N LEU D 100 -63.67 26.78 -30.40
CA LEU D 100 -62.94 26.04 -29.37
C LEU D 100 -61.98 26.87 -28.61
N ALA D 101 -61.39 27.89 -29.25
CA ALA D 101 -60.38 28.66 -28.54
C ALA D 101 -61.07 29.62 -27.61
N ASP D 102 -62.17 30.23 -28.04
CA ASP D 102 -62.85 31.14 -27.13
C ASP D 102 -63.55 30.57 -25.88
N LEU D 103 -64.10 29.36 -25.96
CA LEU D 103 -64.97 28.85 -24.87
C LEU D 103 -64.20 28.59 -23.59
N ASN D 104 -64.92 28.74 -22.47
CA ASN D 104 -64.36 28.74 -21.13
C ASN D 104 -63.37 29.92 -21.02
N GLY D 105 -63.51 30.85 -21.99
CA GLY D 105 -62.75 32.10 -22.13
C GLY D 105 -61.23 32.09 -22.34
N ASN D 106 -60.68 31.09 -23.03
CA ASN D 106 -59.22 30.91 -23.15
C ASN D 106 -58.67 31.27 -24.50
N SER D 107 -59.01 32.46 -24.99
CA SER D 107 -58.67 32.77 -26.35
C SER D 107 -57.16 32.79 -26.43
N ALA D 108 -56.53 33.59 -25.58
CA ALA D 108 -55.08 33.75 -25.62
C ALA D 108 -54.34 32.61 -24.94
N ALA D 109 -54.89 32.07 -23.87
CA ALA D 109 -54.17 31.03 -23.13
C ALA D 109 -53.96 29.81 -23.99
N TRP D 110 -54.94 29.47 -24.81
CA TRP D 110 -54.76 28.31 -25.66
C TRP D 110 -53.70 28.61 -26.67
N ARG D 111 -53.81 29.80 -27.26
CA ARG D 111 -52.95 30.18 -28.37
C ARG D 111 -51.53 30.17 -27.90
N LEU D 112 -51.34 30.60 -26.68
CA LEU D 112 -50.03 30.61 -26.13
C LEU D 112 -49.52 29.22 -25.93
N SER D 113 -50.31 28.41 -25.23
CA SER D 113 -49.71 27.15 -24.81
C SER D 113 -49.44 26.30 -26.04
N GLU D 114 -50.27 26.40 -27.06
CA GLU D 114 -49.93 25.65 -28.25
C GLU D 114 -48.70 26.25 -28.95
N ASP D 115 -48.55 27.57 -28.82
CA ASP D 115 -47.40 28.19 -29.42
C ASP D 115 -46.08 27.68 -28.85
N ARG D 116 -46.00 27.48 -27.54
CA ARG D 116 -44.73 27.07 -26.94
C ARG D 116 -44.29 25.75 -27.55
N ALA D 117 -45.26 24.86 -27.72
CA ALA D 117 -44.98 23.56 -28.30
C ALA D 117 -44.60 23.67 -29.75
N PHE D 118 -45.14 24.68 -30.44
CA PHE D 118 -44.70 24.84 -31.81
C PHE D 118 -43.28 25.31 -31.94
N ILE D 119 -42.86 26.18 -31.03
CA ILE D 119 -41.50 26.60 -31.06
C ILE D 119 -40.63 25.38 -30.81
N GLU D 120 -40.99 24.57 -29.84
CA GLU D 120 -40.15 23.42 -29.57
C GLU D 120 -40.11 22.39 -30.69
N GLY D 121 -41.20 22.22 -31.41
CA GLY D 121 -41.19 21.30 -32.54
C GLY D 121 -40.34 21.87 -33.67
N MET D 122 -40.30 23.21 -33.76
CA MET D 122 -39.47 23.86 -34.78
C MET D 122 -37.98 23.69 -34.50
N ASN D 123 -37.56 23.86 -33.25
CA ASN D 123 -36.17 23.58 -32.89
C ASN D 123 -35.83 22.12 -33.07
N GLN D 124 -36.79 21.28 -32.75
CA GLN D 124 -36.58 19.87 -32.85
C GLN D 124 -36.27 19.53 -34.28
N THR D 125 -37.00 20.10 -35.22
CA THR D 125 -36.78 19.65 -36.59
C THR D 125 -35.60 20.34 -37.28
N GLN D 126 -35.43 21.61 -36.96
CA GLN D 126 -34.38 22.36 -37.56
C GLN D 126 -33.11 21.74 -37.09
N ALA D 127 -33.06 21.47 -35.79
CA ALA D 127 -31.84 20.93 -35.17
C ALA D 127 -31.51 19.47 -35.49
N THR D 128 -32.52 18.64 -35.71
CA THR D 128 -32.25 17.30 -36.19
C THR D 128 -31.81 17.31 -37.61
N THR D 129 -32.25 18.30 -38.38
CA THR D 129 -31.88 18.22 -39.76
C THR D 129 -30.50 18.82 -39.92
N LEU D 130 -30.04 19.55 -38.91
CA LEU D 130 -28.79 20.21 -39.13
C LEU D 130 -27.72 19.16 -39.21
N PHE D 131 -27.87 18.10 -38.43
CA PHE D 131 -26.85 17.06 -38.47
C PHE D 131 -27.11 15.96 -39.51
N TYR D 132 -28.34 15.46 -39.56
CA TYR D 132 -28.67 14.44 -40.52
C TYR D 132 -29.75 15.07 -41.33
N GLY D 133 -29.35 16.06 -42.11
CA GLY D 133 -30.25 16.63 -43.06
C GLY D 133 -29.63 16.28 -44.39
N ASP D 134 -30.36 15.53 -45.19
CA ASP D 134 -29.84 15.26 -46.51
C ASP D 134 -30.54 16.27 -47.40
N SER D 135 -29.82 16.85 -48.37
CA SER D 135 -30.57 17.69 -49.29
C SER D 135 -30.99 16.83 -50.46
N SER D 136 -30.33 15.69 -50.60
CA SER D 136 -30.66 14.72 -51.63
C SER D 136 -31.67 13.65 -51.26
N ILE D 137 -32.08 13.51 -50.02
CA ILE D 137 -33.12 12.51 -49.85
C ILE D 137 -34.47 13.17 -49.85
N ASP D 138 -34.59 14.15 -48.98
CA ASP D 138 -35.80 14.89 -48.79
C ASP D 138 -36.03 15.86 -49.93
N ALA D 139 -34.99 16.06 -50.73
CA ALA D 139 -35.04 16.98 -51.87
C ALA D 139 -35.27 18.40 -51.36
N GLU D 140 -36.32 18.57 -50.54
CA GLU D 140 -36.76 19.82 -49.90
C GLU D 140 -35.84 20.50 -48.89
N LYS D 141 -35.16 19.69 -48.07
CA LYS D 141 -34.34 20.17 -46.96
C LYS D 141 -32.93 20.55 -47.33
N PHE D 142 -32.37 21.52 -46.62
CA PHE D 142 -30.98 22.00 -46.82
C PHE D 142 -29.98 21.01 -46.23
N MET D 143 -28.77 20.94 -46.77
CA MET D 143 -27.86 19.89 -46.26
C MET D 143 -26.87 20.29 -45.17
N GLY D 144 -26.88 19.49 -44.10
CA GLY D 144 -26.14 19.77 -42.89
C GLY D 144 -25.04 18.76 -42.82
N LEU D 145 -24.31 18.76 -41.71
CA LEU D 145 -23.14 17.90 -41.47
C LEU D 145 -22.98 16.45 -42.05
N THR D 146 -24.05 15.72 -42.28
CA THR D 146 -23.88 14.45 -42.95
C THR D 146 -24.74 14.47 -44.19
N PRO D 147 -24.29 13.79 -45.25
CA PRO D 147 -22.98 13.16 -45.29
C PRO D 147 -21.95 14.00 -46.02
N ARG D 148 -21.87 15.30 -45.73
CA ARG D 148 -20.78 16.08 -46.28
C ARG D 148 -19.50 15.43 -45.74
N PHE D 149 -19.52 14.94 -44.51
CA PHE D 149 -18.44 14.07 -44.06
C PHE D 149 -18.85 12.64 -43.98
N ASN D 150 -18.93 11.92 -45.10
CA ASN D 150 -19.26 10.53 -44.85
C ASN D 150 -18.13 9.53 -45.06
N SER D 151 -17.78 9.28 -46.32
CA SER D 151 -16.73 8.30 -46.60
C SER D 151 -15.37 8.84 -46.25
N LEU D 152 -14.52 7.94 -45.78
CA LEU D 152 -13.16 8.26 -45.39
C LEU D 152 -12.34 8.56 -46.67
N SER D 153 -12.93 8.14 -47.82
CA SER D 153 -12.48 8.38 -49.21
C SER D 153 -12.58 9.84 -49.65
N ALA D 154 -13.43 10.55 -48.95
CA ALA D 154 -13.76 11.91 -49.28
C ALA D 154 -12.51 12.75 -49.17
N GLU D 155 -12.47 13.85 -49.92
CA GLU D 155 -11.31 14.74 -49.97
C GLU D 155 -10.98 15.32 -48.58
N ASN D 156 -12.00 15.42 -47.74
CA ASN D 156 -11.89 15.80 -46.37
C ASN D 156 -12.00 14.58 -45.50
N GLY D 157 -11.69 13.39 -46.01
CA GLY D 157 -11.91 12.17 -45.24
C GLY D 157 -11.00 12.09 -44.03
N GLN D 158 -9.87 12.77 -44.13
CA GLN D 158 -8.96 12.90 -43.01
C GLN D 158 -9.60 13.64 -41.83
N ASN D 159 -10.59 14.47 -42.09
CA ASN D 159 -11.23 15.19 -40.99
C ASN D 159 -12.25 14.40 -40.24
N ILE D 160 -12.75 13.33 -40.80
CA ILE D 160 -13.54 12.52 -39.92
C ILE D 160 -12.62 11.50 -39.32
N ILE D 161 -12.66 11.40 -37.98
CA ILE D 161 -11.85 10.45 -37.22
C ILE D 161 -12.63 9.19 -37.02
N ASP D 162 -12.11 8.08 -37.52
CA ASP D 162 -12.79 6.82 -37.37
C ASP D 162 -12.69 6.45 -35.90
N ALA D 163 -13.83 6.30 -35.20
CA ALA D 163 -13.81 5.88 -33.79
C ALA D 163 -13.33 4.46 -33.66
N GLY D 164 -13.51 3.69 -34.73
CA GLY D 164 -12.96 2.36 -34.83
C GLY D 164 -13.99 1.35 -34.43
N GLY D 165 -15.24 1.79 -34.40
CA GLY D 165 -16.33 0.94 -34.01
C GLY D 165 -16.81 0.19 -35.23
N THR D 166 -18.05 -0.26 -35.17
CA THR D 166 -18.62 -1.07 -36.23
C THR D 166 -20.07 -1.30 -35.85
N GLY D 167 -20.73 -2.26 -36.49
CA GLY D 167 -22.16 -2.45 -36.34
C GLY D 167 -23.04 -1.20 -36.38
N SER D 168 -24.34 -1.41 -36.26
CA SER D 168 -25.31 -0.34 -36.38
C SER D 168 -25.42 0.54 -35.14
N ASP D 169 -24.94 0.05 -34.00
CA ASP D 169 -24.99 0.82 -32.77
C ASP D 169 -23.81 1.72 -32.58
N ASN D 170 -23.77 2.86 -33.28
CA ASN D 170 -22.68 3.78 -33.05
C ASN D 170 -23.00 5.21 -33.36
N ALA D 171 -22.61 6.08 -32.44
CA ALA D 171 -22.91 7.51 -32.46
C ALA D 171 -21.78 8.26 -33.17
N SER D 172 -21.79 9.58 -33.11
CA SER D 172 -20.66 10.36 -33.56
C SER D 172 -20.55 11.60 -32.74
N ILE D 173 -19.37 12.13 -32.56
CA ILE D 173 -19.25 13.47 -32.00
C ILE D 173 -18.96 14.37 -33.18
N TRP D 174 -19.45 15.59 -33.13
CA TRP D 174 -19.01 16.60 -34.07
C TRP D 174 -18.16 17.62 -33.27
N LEU D 175 -17.25 18.27 -33.99
CA LEU D 175 -16.55 19.44 -33.47
C LEU D 175 -16.57 20.37 -34.64
N THR D 176 -17.08 21.57 -34.41
CA THR D 176 -17.21 22.51 -35.49
C THR D 176 -16.62 23.84 -35.05
N VAL D 177 -16.46 24.79 -35.99
CA VAL D 177 -16.19 26.17 -35.61
C VAL D 177 -17.14 27.16 -36.35
N TRP D 178 -18.08 27.73 -35.62
CA TRP D 178 -19.04 28.65 -36.17
C TRP D 178 -18.37 29.95 -36.34
N GLY D 179 -18.39 30.52 -37.53
CA GLY D 179 -17.87 31.87 -37.70
C GLY D 179 -18.20 32.27 -39.10
N PRO D 180 -18.04 33.56 -39.40
CA PRO D 180 -18.57 34.07 -40.66
C PRO D 180 -17.95 33.34 -41.88
N ASN D 181 -16.71 32.91 -41.76
CA ASN D 181 -16.00 32.38 -42.92
C ASN D 181 -15.62 30.92 -42.86
N THR D 182 -16.11 30.16 -41.89
CA THR D 182 -15.66 28.78 -41.81
C THR D 182 -16.76 27.77 -41.71
N LEU D 183 -17.89 28.22 -41.19
CA LEU D 183 -19.06 27.39 -41.00
C LEU D 183 -20.13 28.23 -40.42
N HIS D 184 -21.27 28.36 -41.09
CA HIS D 184 -22.36 29.13 -40.51
C HIS D 184 -23.65 28.82 -41.24
N THR D 185 -24.73 29.42 -40.74
CA THR D 185 -26.02 29.38 -41.45
C THR D 185 -26.24 30.53 -42.44
N ILE D 186 -27.23 30.37 -43.31
CA ILE D 186 -27.55 31.40 -44.28
C ILE D 186 -29.04 31.52 -44.34
N TYR D 187 -29.54 32.74 -44.50
CA TYR D 187 -30.96 32.92 -44.66
C TYR D 187 -31.06 33.83 -45.86
N PRO D 188 -32.19 33.77 -46.63
CA PRO D 188 -32.43 34.35 -47.98
C PRO D 188 -32.53 35.88 -48.14
N LYS D 189 -32.33 36.41 -49.34
CA LYS D 189 -32.62 37.84 -49.47
C LYS D 189 -34.04 38.27 -50.05
N GLY D 190 -34.85 38.89 -49.18
CA GLY D 190 -34.49 39.14 -47.79
C GLY D 190 -35.30 38.57 -46.63
N SER D 191 -35.81 37.33 -46.71
CA SER D 191 -36.54 36.72 -45.56
C SER D 191 -35.57 36.52 -44.41
N GLN D 192 -35.89 37.01 -43.21
CA GLN D 192 -34.88 37.09 -42.14
C GLN D 192 -34.76 35.88 -41.22
N ALA D 193 -33.57 35.63 -40.68
CA ALA D 193 -33.43 34.49 -39.78
C ALA D 193 -33.42 34.92 -38.34
N GLY D 194 -33.91 34.05 -37.46
CA GLY D 194 -34.64 32.87 -37.89
C GLY D 194 -35.84 32.68 -36.97
N LEU D 195 -36.69 31.72 -37.31
CA LEU D 195 -38.00 31.49 -36.67
C LEU D 195 -38.77 32.79 -36.42
N GLN D 196 -39.70 33.09 -37.28
CA GLN D 196 -40.50 34.27 -37.11
C GLN D 196 -41.94 33.88 -36.77
N SER D 197 -42.41 34.22 -35.58
CA SER D 197 -43.79 33.90 -35.22
C SER D 197 -44.84 34.97 -35.62
N ARG D 198 -45.24 35.03 -36.90
CA ARG D 198 -46.31 35.97 -37.28
C ARG D 198 -47.72 35.39 -36.98
N ASP D 199 -48.56 36.22 -36.37
CA ASP D 199 -49.93 35.85 -36.03
C ASP D 199 -51.00 36.25 -37.08
N LEU D 200 -51.57 35.30 -37.80
CA LEU D 200 -52.46 35.58 -38.93
C LEU D 200 -53.79 36.19 -38.55
N GLY D 201 -54.07 36.24 -37.26
CA GLY D 201 -55.36 36.59 -36.70
C GLY D 201 -56.49 35.65 -37.13
N GLU D 202 -57.69 35.83 -36.55
CA GLU D 202 -58.85 35.01 -36.88
C GLU D 202 -59.25 35.31 -38.30
N ASP D 203 -59.69 34.29 -39.01
CA ASP D 203 -60.17 34.45 -40.39
C ASP D 203 -61.02 33.27 -40.76
N THR D 204 -61.87 33.38 -41.79
CA THR D 204 -62.77 32.28 -42.18
C THR D 204 -62.09 31.08 -42.86
N LEU D 205 -62.70 29.91 -42.67
CA LEU D 205 -62.23 28.60 -43.15
C LEU D 205 -63.24 27.91 -44.02
N ILE D 206 -62.90 26.70 -44.48
CA ILE D 206 -63.84 25.84 -45.21
C ILE D 206 -64.01 24.40 -44.68
N ASP D 207 -65.26 24.02 -44.37
CA ASP D 207 -65.67 22.69 -43.86
C ASP D 207 -65.40 21.82 -45.12
N ALA D 208 -65.18 20.52 -44.98
CA ALA D 208 -65.01 19.69 -46.19
C ALA D 208 -66.27 19.77 -47.02
N ALA D 209 -67.41 19.89 -46.35
CA ALA D 209 -68.70 20.07 -47.02
C ALA D 209 -68.81 21.40 -47.77
N GLY D 210 -68.23 22.44 -47.19
CA GLY D 210 -68.33 23.76 -47.80
C GLY D 210 -68.73 24.84 -46.82
N GLY D 211 -69.20 24.46 -45.62
CA GLY D 211 -69.76 25.44 -44.72
C GLY D 211 -68.70 26.37 -44.19
N ARG D 212 -69.04 27.59 -43.79
CA ARG D 212 -68.06 28.41 -43.08
C ARG D 212 -67.81 27.61 -41.76
N TYR D 213 -66.59 27.68 -41.25
CA TYR D 213 -66.19 26.85 -40.13
C TYR D 213 -65.10 27.71 -39.60
N GLN D 214 -65.52 28.92 -39.30
CA GLN D 214 -64.65 30.02 -38.96
C GLN D 214 -63.79 29.93 -37.71
N GLY D 215 -62.48 30.27 -37.85
CA GLY D 215 -61.43 29.97 -36.87
C GLY D 215 -60.12 30.77 -36.94
N TYR D 216 -59.17 30.56 -36.01
CA TYR D 216 -57.87 31.26 -36.04
C TYR D 216 -56.79 30.59 -36.91
N ARG D 217 -55.61 31.24 -37.02
CA ARG D 217 -54.47 30.63 -37.69
C ARG D 217 -53.22 31.39 -37.35
N THR D 218 -52.08 30.72 -37.19
CA THR D 218 -50.83 31.44 -36.81
C THR D 218 -49.64 30.93 -37.59
N HIS D 219 -48.73 31.79 -38.08
CA HIS D 219 -47.61 31.27 -38.92
C HIS D 219 -46.34 31.06 -38.13
N TYR D 220 -45.48 30.19 -38.62
CA TYR D 220 -44.18 30.02 -38.00
C TYR D 220 -43.15 29.80 -39.05
N LYS D 221 -42.75 30.87 -39.70
CA LYS D 221 -41.73 30.79 -40.72
C LYS D 221 -40.43 30.54 -39.98
N TRP D 222 -39.49 29.85 -40.62
CA TRP D 222 -38.10 29.79 -40.17
C TRP D 222 -37.24 29.18 -41.21
N ASP D 223 -36.48 30.01 -41.90
CA ASP D 223 -35.76 29.52 -43.07
C ASP D 223 -34.25 29.61 -42.94
N ILE D 224 -33.58 28.45 -42.88
CA ILE D 224 -32.12 28.45 -42.82
C ILE D 224 -31.48 27.48 -43.78
N GLY D 225 -30.24 27.83 -44.14
CA GLY D 225 -29.36 26.98 -44.89
C GLY D 225 -28.09 26.87 -44.08
N LEU D 226 -27.02 26.37 -44.66
CA LEU D 226 -25.88 26.09 -43.82
C LEU D 226 -24.56 26.14 -44.54
N THR D 227 -23.73 27.14 -44.29
CA THR D 227 -22.50 27.21 -45.07
C THR D 227 -21.47 26.34 -44.42
N LEU D 228 -20.81 25.51 -45.22
CA LEU D 228 -19.54 24.88 -44.84
C LEU D 228 -18.40 25.42 -45.70
N ARG D 229 -17.74 26.52 -45.36
CA ARG D 229 -16.81 27.12 -46.34
C ARG D 229 -15.75 26.11 -46.63
N ASP D 230 -15.20 25.57 -45.55
CA ASP D 230 -14.18 24.54 -45.67
C ASP D 230 -14.27 23.43 -44.62
N TRP D 231 -14.12 22.20 -45.07
CA TRP D 231 -14.21 21.09 -44.15
C TRP D 231 -13.05 21.07 -43.13
N ARG D 232 -11.96 21.79 -43.41
CA ARG D 232 -10.82 21.82 -42.46
C ARG D 232 -11.21 22.34 -41.08
N TYR D 233 -12.24 23.15 -41.04
CA TYR D 233 -12.69 23.62 -39.77
C TYR D 233 -13.70 22.71 -39.07
N VAL D 234 -14.12 21.62 -39.69
CA VAL D 234 -15.02 20.73 -38.98
C VAL D 234 -14.61 19.26 -38.91
N VAL D 235 -14.65 18.68 -37.72
CA VAL D 235 -14.22 17.30 -37.54
C VAL D 235 -15.28 16.37 -36.92
N ARG D 236 -15.43 15.20 -37.53
CA ARG D 236 -16.39 14.24 -37.08
C ARG D 236 -15.70 13.07 -36.53
N ILE D 237 -16.12 12.58 -35.36
CA ILE D 237 -15.45 11.40 -34.83
C ILE D 237 -16.44 10.23 -34.92
N ALA D 238 -16.65 9.69 -36.11
CA ALA D 238 -17.76 8.77 -36.34
C ALA D 238 -17.50 7.30 -35.96
N ASN D 239 -18.60 6.55 -35.95
CA ASN D 239 -18.72 5.12 -35.57
C ASN D 239 -18.41 4.83 -34.14
N VAL D 240 -18.76 5.72 -33.22
CA VAL D 240 -18.38 5.46 -31.85
C VAL D 240 -19.30 4.42 -31.28
N ASP D 241 -18.87 3.16 -31.35
CA ASP D 241 -19.69 2.04 -30.91
C ASP D 241 -20.09 2.31 -29.43
N VAL D 242 -21.37 2.67 -29.25
CA VAL D 242 -21.89 3.04 -27.94
C VAL D 242 -22.04 1.85 -27.03
N SER D 243 -22.35 0.71 -27.63
CA SER D 243 -22.50 -0.53 -26.87
C SER D 243 -21.19 -0.93 -26.17
N GLU D 244 -20.06 -0.57 -26.75
CA GLU D 244 -18.80 -0.98 -26.19
C GLU D 244 -18.25 0.00 -25.18
N LEU D 245 -18.86 1.17 -25.03
CA LEU D 245 -18.28 2.12 -24.09
C LEU D 245 -18.29 1.59 -22.70
N THR D 246 -17.17 1.82 -22.04
CA THR D 246 -16.96 1.48 -20.64
C THR D 246 -16.37 2.72 -20.00
N LYS D 247 -16.64 2.92 -18.72
CA LYS D 247 -16.14 4.10 -18.05
C LYS D 247 -14.59 4.05 -17.93
N ASN D 248 -14.01 2.85 -17.89
CA ASN D 248 -12.56 2.72 -17.75
C ASN D 248 -11.77 2.84 -19.01
N ALA D 249 -12.28 3.56 -20.00
CA ALA D 249 -11.68 3.62 -21.35
C ALA D 249 -11.00 2.30 -21.74
N SER D 250 -11.71 1.19 -21.59
CA SER D 250 -11.05 -0.09 -21.62
C SER D 250 -11.42 -0.89 -22.85
N ALA D 251 -12.62 -1.45 -22.84
CA ALA D 251 -13.13 -2.16 -23.99
C ALA D 251 -13.61 -1.07 -24.92
N GLY D 252 -13.69 -1.36 -26.22
CA GLY D 252 -14.24 -0.38 -27.14
C GLY D 252 -13.37 0.85 -27.34
N ALA D 253 -14.04 1.97 -27.54
CA ALA D 253 -13.38 3.17 -27.97
C ALA D 253 -13.12 4.18 -26.86
N ASP D 254 -11.88 4.64 -26.75
CA ASP D 254 -11.60 5.78 -25.87
C ASP D 254 -12.23 7.06 -26.40
N LEU D 255 -12.77 7.88 -25.51
CA LEU D 255 -13.26 9.16 -25.96
C LEU D 255 -12.21 10.22 -25.79
N ILE D 256 -11.54 10.24 -24.66
CA ILE D 256 -10.82 11.44 -24.35
C ILE D 256 -9.74 11.72 -25.37
N ASP D 257 -9.03 10.69 -25.85
CA ASP D 257 -8.05 10.94 -26.93
C ASP D 257 -8.73 11.33 -28.27
N LEU D 258 -9.85 10.70 -28.58
CA LEU D 258 -10.49 10.91 -29.87
C LEU D 258 -10.85 12.34 -29.88
N MET D 259 -11.12 12.87 -28.70
CA MET D 259 -11.53 14.24 -28.60
C MET D 259 -10.32 15.15 -28.67
N THR D 260 -9.22 14.83 -27.98
CA THR D 260 -8.12 15.80 -28.05
C THR D 260 -7.59 15.81 -29.46
N GLN D 261 -7.69 14.69 -30.17
CA GLN D 261 -7.29 14.69 -31.57
C GLN D 261 -8.27 15.41 -32.55
N ALA D 262 -9.55 15.46 -32.25
CA ALA D 262 -10.36 16.32 -33.07
C ALA D 262 -9.87 17.69 -32.83
N VAL D 263 -9.49 17.95 -31.59
CA VAL D 263 -8.96 19.26 -31.27
C VAL D 263 -7.66 19.65 -31.99
N GLU D 264 -6.72 18.72 -32.06
CA GLU D 264 -5.50 18.97 -32.81
C GLU D 264 -5.75 19.06 -34.31
N LEU D 265 -6.81 18.41 -34.79
CA LEU D 265 -7.15 18.43 -36.22
C LEU D 265 -7.60 19.77 -36.82
N ILE D 266 -8.03 20.69 -35.96
CA ILE D 266 -8.46 21.99 -36.45
C ILE D 266 -7.27 22.89 -36.70
N PRO D 267 -7.18 23.47 -37.90
CA PRO D 267 -6.11 24.45 -38.04
C PRO D 267 -6.49 25.66 -37.22
N ASN D 268 -5.64 25.99 -36.25
CA ASN D 268 -5.85 26.99 -35.20
C ASN D 268 -7.23 27.60 -35.03
N VAL D 269 -7.88 27.30 -33.92
CA VAL D 269 -9.20 27.85 -33.66
C VAL D 269 -8.99 29.34 -33.53
N GLY D 270 -9.18 30.07 -34.62
CA GLY D 270 -8.86 31.47 -34.61
C GLY D 270 -10.19 32.13 -34.71
N MET D 271 -10.98 31.70 -35.68
CA MET D 271 -12.27 32.30 -35.79
C MET D 271 -13.27 31.27 -36.25
N GLY D 272 -14.48 31.45 -35.73
CA GLY D 272 -14.68 32.36 -34.62
C GLY D 272 -14.53 31.56 -33.33
N ARG D 273 -15.55 30.75 -33.08
CA ARG D 273 -15.63 29.98 -31.88
C ARG D 273 -16.09 28.55 -32.15
N PRO D 274 -15.32 27.61 -31.58
CA PRO D 274 -15.38 26.17 -31.70
C PRO D 274 -16.51 25.58 -30.90
N ALA D 275 -16.95 24.36 -31.22
CA ALA D 275 -17.89 23.66 -30.35
C ALA D 275 -17.95 22.19 -30.69
N PHE D 276 -18.02 21.37 -29.64
CA PHE D 276 -18.28 19.92 -29.71
C PHE D 276 -19.75 19.62 -29.59
N TYR D 277 -20.26 18.61 -30.27
CA TYR D 277 -21.68 18.34 -30.09
C TYR D 277 -21.93 16.90 -29.86
N MET D 278 -22.26 16.52 -28.64
CA MET D 278 -22.32 15.09 -28.44
C MET D 278 -23.63 14.69 -27.82
N PRO D 279 -24.10 13.47 -28.15
CA PRO D 279 -25.36 12.94 -27.61
C PRO D 279 -25.19 12.78 -26.11
N ARG D 280 -26.22 12.90 -25.28
CA ARG D 280 -26.01 12.81 -23.84
C ARG D 280 -25.28 11.51 -23.37
N LYS D 281 -25.50 10.43 -24.11
CA LYS D 281 -24.87 9.14 -23.82
C LYS D 281 -23.34 9.27 -23.81
N ILE D 282 -22.87 9.89 -24.87
CA ILE D 282 -21.50 10.15 -25.08
C ILE D 282 -21.06 11.12 -24.04
N ARG D 283 -21.92 12.10 -23.76
CA ARG D 283 -21.59 13.13 -22.80
C ARG D 283 -21.41 12.49 -21.44
N SER D 284 -22.21 11.47 -21.17
CA SER D 284 -22.08 10.75 -19.91
C SER D 284 -20.77 9.93 -19.81
N PHE D 285 -20.53 9.09 -20.83
CA PHE D 285 -19.38 8.19 -20.84
C PHE D 285 -18.09 8.96 -20.78
N LEU D 286 -18.14 10.16 -21.35
CA LEU D 286 -17.07 11.12 -21.26
C LEU D 286 -16.92 11.58 -19.85
N ARG D 287 -18.03 11.81 -19.16
CA ARG D 287 -17.84 12.36 -17.83
C ARG D 287 -17.19 11.31 -16.97
N ARG D 288 -17.69 10.08 -17.11
CA ARG D 288 -17.18 8.96 -16.35
C ARG D 288 -15.71 8.71 -16.68
N GLN D 289 -15.37 8.72 -17.96
CA GLN D 289 -13.98 8.46 -18.36
C GLN D 289 -13.01 9.51 -17.89
N ILE D 290 -13.39 10.79 -17.86
CA ILE D 290 -12.47 11.79 -17.31
C ILE D 290 -12.27 11.51 -15.82
N THR D 291 -13.34 11.10 -15.14
CA THR D 291 -13.11 10.76 -13.74
C THR D 291 -12.18 9.55 -13.60
N ASN D 292 -12.30 8.57 -14.49
CA ASN D 292 -11.40 7.42 -14.48
C ASN D 292 -9.93 7.62 -14.87
N LYS D 293 -9.69 8.54 -15.77
CA LYS D 293 -8.32 8.79 -16.17
C LYS D 293 -7.69 9.61 -15.09
N VAL D 294 -8.42 10.58 -14.57
CA VAL D 294 -7.81 11.34 -13.51
C VAL D 294 -7.77 10.48 -12.23
N ALA D 295 -8.58 9.43 -12.19
CA ALA D 295 -8.64 8.59 -11.00
C ALA D 295 -7.32 7.89 -10.70
N ALA D 296 -6.53 7.60 -11.75
CA ALA D 296 -5.26 6.93 -11.55
C ALA D 296 -4.16 7.97 -11.38
N SER D 297 -4.53 9.13 -10.86
CA SER D 297 -3.63 10.26 -10.91
C SER D 297 -3.79 11.13 -9.69
N THR D 298 -4.62 12.17 -9.75
CA THR D 298 -4.81 13.02 -8.58
C THR D 298 -6.19 13.60 -8.62
N LEU D 299 -7.09 12.95 -7.91
CA LEU D 299 -8.44 13.42 -7.74
C LEU D 299 -8.77 13.27 -6.29
N THR D 300 -9.62 14.17 -5.82
CA THR D 300 -9.99 14.26 -4.43
C THR D 300 -11.16 13.34 -4.04
N MET D 301 -11.45 13.25 -2.75
CA MET D 301 -12.61 12.47 -2.33
C MET D 301 -13.88 13.11 -2.86
N GLU D 302 -14.04 14.40 -2.59
CA GLU D 302 -15.29 15.06 -2.90
C GLU D 302 -15.54 15.22 -4.38
N GLU D 303 -14.48 15.23 -5.16
CA GLU D 303 -14.64 15.42 -6.57
C GLU D 303 -14.65 14.04 -7.21
N ILE D 304 -15.30 13.12 -6.51
CA ILE D 304 -15.32 11.73 -6.94
C ILE D 304 -16.25 11.60 -8.15
N ALA D 305 -17.20 12.55 -8.23
CA ALA D 305 -18.22 12.62 -9.27
C ALA D 305 -17.74 13.23 -10.57
N GLY D 306 -16.93 14.27 -10.42
CA GLY D 306 -16.37 15.00 -11.54
C GLY D 306 -17.32 16.13 -11.92
N LYS D 307 -16.78 17.33 -12.18
CA LYS D 307 -17.56 18.44 -12.69
C LYS D 307 -18.06 18.03 -14.07
N LYS D 308 -19.31 18.31 -14.42
CA LYS D 308 -19.85 17.90 -15.72
C LYS D 308 -19.13 18.67 -16.82
N VAL D 309 -18.92 18.04 -17.97
CA VAL D 309 -18.13 18.70 -19.02
C VAL D 309 -18.74 20.01 -19.53
N VAL D 310 -17.89 21.03 -19.63
CA VAL D 310 -18.35 22.33 -20.06
C VAL D 310 -17.43 22.87 -21.10
N ALA D 311 -16.20 23.11 -20.69
CA ALA D 311 -15.21 23.63 -21.62
C ALA D 311 -14.17 22.54 -21.70
N PHE D 312 -14.05 21.96 -22.88
CA PHE D 312 -13.09 20.90 -23.05
C PHE D 312 -11.62 21.36 -23.13
N ASP D 313 -11.25 22.13 -24.17
CA ASP D 313 -9.82 22.46 -24.33
C ASP D 313 -9.28 23.88 -23.96
N GLY D 314 -10.08 24.92 -23.69
CA GLY D 314 -11.52 24.93 -23.67
C GLY D 314 -12.14 25.07 -25.05
N ILE D 315 -13.19 24.30 -25.22
CA ILE D 315 -14.08 24.48 -26.32
C ILE D 315 -15.43 24.31 -25.67
N PRO D 316 -16.42 25.14 -26.01
CA PRO D 316 -17.70 24.73 -25.42
C PRO D 316 -18.11 23.32 -25.89
N CYS D 317 -18.56 22.50 -24.95
CA CYS D 317 -19.04 21.17 -25.32
C CYS D 317 -20.53 21.09 -25.07
N ARG D 318 -21.30 20.98 -26.15
CA ARG D 318 -22.76 21.04 -26.10
C ARG D 318 -23.39 19.66 -26.19
N ARG D 319 -24.41 19.48 -25.36
CA ARG D 319 -25.24 18.30 -25.47
C ARG D 319 -26.22 18.59 -26.56
N THR D 320 -26.28 17.73 -27.54
CA THR D 320 -27.32 17.87 -28.54
C THR D 320 -28.06 16.57 -28.68
N ASP D 321 -29.26 16.61 -28.13
CA ASP D 321 -30.14 15.49 -28.11
C ASP D 321 -30.57 15.22 -29.52
N ALA D 322 -30.77 16.30 -30.26
CA ALA D 322 -31.37 16.16 -31.58
C ALA D 322 -30.29 15.63 -32.47
N LEU D 323 -29.80 14.45 -32.11
CA LEU D 323 -28.62 13.90 -32.71
C LEU D 323 -28.82 12.38 -32.60
N LEU D 324 -28.97 11.71 -33.74
CA LEU D 324 -29.25 10.28 -33.71
C LEU D 324 -28.08 9.64 -33.03
N LEU D 325 -28.42 8.75 -32.10
CA LEU D 325 -27.44 8.03 -31.30
C LEU D 325 -26.95 6.72 -31.95
N THR D 326 -27.80 6.03 -32.69
CA THR D 326 -27.34 4.84 -33.40
C THR D 326 -27.34 5.03 -34.90
N GLU D 327 -26.24 5.56 -35.45
CA GLU D 327 -26.10 5.77 -36.88
C GLU D 327 -25.26 4.67 -37.50
N ALA D 328 -25.58 4.29 -38.74
CA ALA D 328 -24.82 3.24 -39.40
C ALA D 328 -23.37 3.66 -39.66
N ARG D 329 -22.47 2.70 -39.50
CA ARG D 329 -21.02 2.92 -39.53
C ARG D 329 -20.56 3.47 -40.85
N VAL D 330 -19.52 4.29 -40.80
CA VAL D 330 -19.02 4.93 -42.01
C VAL D 330 -17.89 4.11 -42.64
N VAL D 331 -18.26 3.44 -43.74
CA VAL D 331 -17.35 2.58 -44.49
C VAL D 331 -16.17 3.38 -45.06
N SER E 5 -61.04 -14.67 23.61
CA SER E 5 -59.64 -15.08 23.90
C SER E 5 -58.60 -13.97 24.07
N THR E 6 -57.98 -13.69 22.96
CA THR E 6 -56.85 -12.84 22.99
C THR E 6 -57.35 -11.40 22.94
N THR E 7 -56.88 -10.57 23.87
CA THR E 7 -57.32 -9.18 23.86
C THR E 7 -56.31 -8.27 23.15
N ASN E 8 -56.79 -7.56 22.13
CA ASN E 8 -55.93 -6.70 21.33
C ASN E 8 -56.40 -5.23 21.27
N PRO E 9 -55.46 -4.27 21.24
CA PRO E 9 -54.16 -4.54 21.85
C PRO E 9 -54.37 -4.68 23.35
N THR E 10 -54.86 -3.71 24.15
CA THR E 10 -55.14 -2.28 23.86
C THR E 10 -54.59 -1.45 25.02
N LEU E 11 -53.35 -1.81 25.36
CA LEU E 11 -52.56 -1.36 26.49
C LEU E 11 -52.96 -2.08 27.74
N ALA E 12 -52.14 -3.05 28.16
CA ALA E 12 -52.40 -3.85 29.37
C ALA E 12 -51.72 -3.24 30.60
N ASP E 13 -51.52 -4.04 31.64
CA ASP E 13 -50.79 -3.63 32.85
C ASP E 13 -49.32 -4.10 32.80
N VAL E 14 -48.72 -3.75 31.69
CA VAL E 14 -47.29 -3.92 31.54
C VAL E 14 -46.72 -2.52 31.42
N ALA E 15 -47.41 -1.57 32.06
CA ALA E 15 -46.89 -0.24 32.27
C ALA E 15 -45.77 -0.47 33.25
N ALA E 16 -45.91 -1.56 34.00
CA ALA E 16 -44.90 -2.02 34.96
C ALA E 16 -43.56 -2.49 34.28
N ARG E 17 -43.71 -3.09 33.10
CA ARG E 17 -42.60 -3.60 32.34
C ARG E 17 -41.62 -2.52 31.90
N MET E 18 -42.11 -1.31 31.66
CA MET E 18 -41.30 -0.15 31.27
C MET E 18 -40.60 0.59 32.45
N THR E 19 -40.76 0.15 33.71
CA THR E 19 -40.16 0.82 34.91
C THR E 19 -38.96 0.12 35.67
N PRO E 20 -38.07 0.89 36.35
CA PRO E 20 -37.06 0.41 37.33
C PRO E 20 -37.61 0.08 38.73
N ASP E 21 -36.80 0.32 39.76
CA ASP E 21 -37.34 0.50 41.11
C ASP E 21 -37.80 1.97 41.11
N GLY E 22 -39.07 2.23 40.86
CA GLY E 22 -39.44 3.62 40.62
C GLY E 22 -40.42 3.94 39.49
N LYS E 23 -40.09 5.05 38.85
CA LYS E 23 -40.88 5.73 37.84
C LYS E 23 -40.70 5.08 36.50
N ILE E 24 -41.31 5.66 35.46
CA ILE E 24 -41.16 5.20 34.08
C ILE E 24 -39.70 5.33 33.64
N ASP E 25 -39.13 4.32 32.99
CA ASP E 25 -37.71 4.36 32.69
C ASP E 25 -37.44 5.38 31.63
N PRO E 26 -36.66 6.40 31.97
CA PRO E 26 -36.41 7.49 31.03
C PRO E 26 -35.56 6.99 29.87
N GLN E 27 -34.53 6.20 30.20
CA GLN E 27 -33.61 5.68 29.20
C GLN E 27 -34.00 4.28 28.67
N ILE E 28 -35.07 4.19 27.89
CA ILE E 28 -35.51 2.91 27.32
C ILE E 28 -34.73 2.87 26.06
N VAL E 29 -34.22 1.71 25.67
CA VAL E 29 -33.31 1.69 24.52
C VAL E 29 -34.01 1.49 23.18
N GLU E 30 -33.87 2.49 22.34
CA GLU E 30 -34.64 2.50 21.13
C GLU E 30 -33.97 1.58 20.17
N MET E 31 -34.53 0.38 20.11
CA MET E 31 -34.00 -0.68 19.32
C MET E 31 -34.60 -0.63 17.91
N LEU E 32 -35.92 -0.72 17.82
CA LEU E 32 -36.50 -0.92 16.51
C LEU E 32 -36.63 0.34 15.69
N ASN E 33 -36.03 1.43 16.13
CA ASN E 33 -36.18 2.61 15.32
C ASN E 33 -34.95 2.92 14.49
N GLU E 34 -35.22 3.38 13.28
CA GLU E 34 -34.22 3.56 12.26
C GLU E 34 -34.21 5.00 11.81
N THR E 35 -33.05 5.51 11.46
CA THR E 35 -32.98 6.91 11.10
C THR E 35 -32.90 7.11 9.60
N ASN E 36 -33.92 6.64 8.88
CA ASN E 36 -34.05 6.98 7.46
C ASN E 36 -34.61 8.41 7.33
N GLU E 37 -34.21 9.11 6.28
CA GLU E 37 -34.39 10.54 6.27
C GLU E 37 -35.06 10.99 5.00
N ILE E 38 -36.26 10.56 4.71
CA ILE E 38 -36.84 11.17 3.54
C ILE E 38 -37.77 12.18 4.11
N LEU E 39 -38.30 11.81 5.27
CA LEU E 39 -39.49 12.46 5.80
C LEU E 39 -39.18 13.89 6.11
N ASP E 40 -37.92 14.13 6.40
CA ASP E 40 -37.47 15.48 6.68
C ASP E 40 -37.22 16.19 5.36
N ASP E 41 -36.71 15.44 4.41
CA ASP E 41 -36.18 15.99 3.18
C ASP E 41 -37.23 16.27 2.10
N MET E 42 -38.27 15.44 2.03
CA MET E 42 -39.33 15.56 1.02
C MET E 42 -40.14 16.83 1.22
N THR E 43 -40.61 17.40 0.12
CA THR E 43 -41.39 18.64 0.15
C THR E 43 -42.88 18.42 0.12
N VAL E 44 -43.64 19.37 0.67
CA VAL E 44 -45.08 19.23 0.80
C VAL E 44 -45.83 20.42 0.18
N ILE E 45 -46.70 20.14 -0.80
CA ILE E 45 -47.53 21.20 -1.33
C ILE E 45 -48.94 20.65 -1.44
N GLU E 46 -49.92 21.50 -1.18
CA GLU E 46 -51.29 21.03 -1.03
C GLU E 46 -51.78 20.49 -2.37
N ALA E 47 -52.45 19.35 -2.39
CA ALA E 47 -52.88 18.79 -3.67
C ALA E 47 -53.97 19.65 -4.27
N ASN E 48 -54.04 19.72 -5.60
CA ASN E 48 -54.94 20.63 -6.32
C ASN E 48 -56.40 20.20 -6.50
N GLY E 49 -56.62 18.90 -6.65
CA GLY E 49 -57.94 18.32 -6.83
C GLY E 49 -58.61 17.96 -5.51
N PHE E 50 -59.68 17.17 -5.60
CA PHE E 50 -60.36 16.72 -4.39
C PHE E 50 -59.53 15.58 -3.74
N THR E 51 -59.80 14.34 -4.11
CA THR E 51 -59.03 13.22 -3.58
C THR E 51 -57.82 12.92 -4.45
N GLU E 52 -57.34 13.91 -5.19
CA GLU E 52 -56.23 13.73 -6.12
C GLU E 52 -55.53 15.02 -6.43
N HIS E 53 -54.50 14.94 -7.25
CA HIS E 53 -53.67 16.06 -7.66
C HIS E 53 -53.46 15.96 -9.14
N LYS E 54 -54.22 16.68 -9.96
CA LYS E 54 -54.06 16.61 -11.45
C LYS E 54 -52.83 17.33 -12.05
N THR E 55 -52.26 16.80 -13.17
CA THR E 55 -51.09 17.42 -13.84
C THR E 55 -51.13 17.20 -15.36
N THR E 56 -51.31 18.28 -16.13
CA THR E 56 -51.41 18.12 -17.58
C THR E 56 -50.02 18.00 -18.20
N VAL E 57 -49.70 16.93 -18.93
CA VAL E 57 -48.31 16.81 -19.40
C VAL E 57 -48.15 16.53 -20.88
N ARG E 58 -47.40 17.40 -21.58
CA ARG E 58 -47.35 17.41 -23.06
C ARG E 58 -46.98 16.07 -23.71
N SER E 59 -47.82 15.57 -24.59
CA SER E 59 -47.56 14.23 -25.01
C SER E 59 -46.93 14.21 -26.35
N GLY E 60 -47.23 15.22 -27.15
CA GLY E 60 -46.70 15.24 -28.50
C GLY E 60 -46.50 16.64 -29.00
N LEU E 61 -45.34 16.89 -29.61
CA LEU E 61 -45.09 18.16 -30.26
C LEU E 61 -45.58 18.16 -31.71
N PRO E 62 -45.93 19.33 -32.23
CA PRO E 62 -46.16 19.47 -33.67
C PRO E 62 -44.84 19.23 -34.39
N THR E 63 -44.85 18.62 -35.56
CA THR E 63 -43.57 18.40 -36.26
C THR E 63 -43.02 19.61 -37.10
N GLY E 64 -43.87 20.23 -37.91
CA GLY E 64 -43.46 21.23 -38.89
C GLY E 64 -43.27 20.52 -40.23
N THR E 65 -43.11 21.27 -41.33
CA THR E 65 -42.76 20.71 -42.65
C THR E 65 -41.97 21.67 -43.50
N TRP E 66 -41.13 21.14 -44.36
CA TRP E 66 -40.46 21.95 -45.36
C TRP E 66 -41.48 22.04 -46.46
N ARG E 67 -41.76 23.24 -46.95
CA ARG E 67 -42.81 23.31 -47.93
C ARG E 67 -42.21 23.67 -49.21
N LYS E 68 -42.65 23.00 -50.27
CA LYS E 68 -42.19 23.42 -51.57
C LYS E 68 -42.94 24.72 -51.91
N LEU E 69 -42.34 25.55 -52.78
CA LEU E 69 -42.95 26.82 -53.12
C LEU E 69 -44.26 26.50 -53.82
N ASN E 70 -45.27 27.32 -53.55
CA ASN E 70 -46.64 27.11 -54.03
C ASN E 70 -47.44 25.87 -53.53
N TYR E 71 -47.52 25.65 -52.22
CA TYR E 71 -48.21 24.45 -51.75
C TYR E 71 -48.46 24.47 -50.23
N GLY E 72 -49.70 24.73 -49.79
CA GLY E 72 -49.95 24.90 -48.35
C GLY E 72 -49.67 23.59 -47.65
N VAL E 73 -48.87 23.69 -46.59
CA VAL E 73 -48.37 22.55 -45.82
C VAL E 73 -49.41 22.31 -44.74
N GLN E 74 -49.50 21.12 -44.15
CA GLN E 74 -50.55 20.88 -43.14
C GLN E 74 -50.35 21.67 -41.84
N PRO E 75 -51.44 22.06 -41.21
CA PRO E 75 -51.41 22.59 -39.85
C PRO E 75 -51.09 21.47 -38.85
N GLU E 76 -50.44 21.80 -37.73
CA GLU E 76 -50.07 20.78 -36.75
C GLU E 76 -50.78 20.92 -35.40
N LYS E 77 -50.71 19.89 -34.57
CA LYS E 77 -51.49 19.74 -33.33
C LYS E 77 -50.78 19.01 -32.22
N SER E 78 -50.71 19.59 -31.03
CA SER E 78 -50.03 18.91 -29.90
C SER E 78 -50.94 17.98 -29.12
N ARG E 79 -50.87 16.68 -29.45
CA ARG E 79 -51.67 15.72 -28.71
C ARG E 79 -51.10 15.83 -27.27
N THR E 80 -51.96 15.70 -26.26
CA THR E 80 -51.57 15.92 -24.85
C THR E 80 -52.42 15.19 -23.80
N VAL E 81 -51.80 14.27 -23.05
CA VAL E 81 -52.52 13.54 -21.98
C VAL E 81 -52.34 14.22 -20.63
N GLN E 82 -53.32 14.08 -19.75
CA GLN E 82 -53.08 14.60 -18.42
C GLN E 82 -53.21 13.52 -17.41
N VAL E 83 -52.38 13.56 -16.36
CA VAL E 83 -52.43 12.53 -15.30
C VAL E 83 -52.45 13.09 -13.90
N LYS E 84 -53.37 12.52 -13.12
CA LYS E 84 -53.61 12.76 -11.70
C LYS E 84 -53.17 11.52 -10.95
N ASP E 85 -52.83 11.66 -9.67
CA ASP E 85 -52.47 10.48 -8.85
C ASP E 85 -53.12 10.63 -7.49
N SER E 86 -53.47 9.49 -6.91
CA SER E 86 -54.34 9.41 -5.73
C SER E 86 -53.67 9.63 -4.34
N MET E 87 -54.43 9.63 -3.25
CA MET E 87 -53.83 9.62 -1.93
C MET E 87 -54.23 8.50 -1.01
N GLY E 88 -53.66 8.58 0.19
CA GLY E 88 -54.10 7.84 1.38
C GLY E 88 -53.88 8.66 2.66
N MET E 89 -54.68 8.41 3.71
CA MET E 89 -54.58 9.11 4.99
C MET E 89 -53.97 8.16 5.96
N LEU E 90 -52.99 8.57 6.75
CA LEU E 90 -52.38 7.65 7.71
C LEU E 90 -52.51 8.10 9.15
N GLU E 91 -53.36 7.48 9.96
CA GLU E 91 -53.51 7.94 11.33
C GLU E 91 -53.84 6.88 12.35
N THR E 92 -53.46 7.10 13.62
CA THR E 92 -54.20 6.41 14.69
C THR E 92 -54.47 7.28 15.91
N TYR E 93 -55.60 6.98 16.55
CA TYR E 93 -55.96 7.46 17.85
C TYR E 93 -55.06 6.50 18.73
N ALA E 94 -54.73 6.88 19.98
CA ALA E 94 -53.92 5.98 20.84
C ALA E 94 -54.32 5.88 22.33
N GLU E 95 -55.37 5.11 22.65
CA GLU E 95 -56.01 5.15 23.98
C GLU E 95 -55.43 4.27 25.10
N VAL E 96 -55.43 4.83 26.31
CA VAL E 96 -54.86 4.24 27.53
C VAL E 96 -55.81 4.46 28.70
N ASP E 97 -55.92 3.47 29.60
CA ASP E 97 -56.73 3.64 30.81
C ASP E 97 -56.15 4.74 31.70
N LYS E 98 -57.01 5.61 32.23
CA LYS E 98 -56.55 6.79 32.94
C LYS E 98 -55.82 6.39 34.21
N ALA E 99 -56.34 5.36 34.88
CA ALA E 99 -55.68 4.84 36.06
C ALA E 99 -54.29 4.22 35.80
N LEU E 100 -54.11 3.44 34.73
CA LEU E 100 -52.81 2.79 34.50
C LEU E 100 -51.74 3.81 34.29
N ALA E 101 -52.07 4.94 33.66
CA ALA E 101 -51.08 5.97 33.40
C ALA E 101 -50.88 6.77 34.67
N ASP E 102 -51.94 7.06 35.42
CA ASP E 102 -51.77 7.77 36.69
C ASP E 102 -51.02 6.99 37.78
N LEU E 103 -51.20 5.67 37.82
CA LEU E 103 -50.61 4.90 38.91
C LEU E 103 -49.09 4.86 38.87
N ASN E 104 -48.53 4.62 40.07
CA ASN E 104 -47.11 4.65 40.40
C ASN E 104 -46.63 6.07 40.16
N GLY E 105 -47.64 6.96 39.99
CA GLY E 105 -47.57 8.39 39.68
C GLY E 105 -46.94 8.86 38.36
N ASN E 106 -47.00 8.05 37.30
CA ASN E 106 -46.30 8.34 36.05
C ASN E 106 -47.16 8.78 34.91
N SER E 107 -48.03 9.76 35.16
CA SER E 107 -49.05 10.10 34.16
C SER E 107 -48.50 10.65 32.82
N ALA E 108 -47.61 11.63 32.92
CA ALA E 108 -47.05 12.25 31.74
C ALA E 108 -45.89 11.43 31.19
N ALA E 109 -45.13 10.79 32.06
CA ALA E 109 -43.96 10.02 31.62
C ALA E 109 -44.35 8.87 30.68
N TRP E 110 -45.47 8.24 30.99
CA TRP E 110 -45.98 7.19 30.15
C TRP E 110 -46.44 7.79 28.87
N ARG E 111 -47.15 8.92 28.95
CA ARG E 111 -47.76 9.48 27.76
C ARG E 111 -46.66 9.80 26.79
N LEU E 112 -45.56 10.31 27.32
CA LEU E 112 -44.47 10.67 26.46
C LEU E 112 -43.83 9.43 25.84
N SER E 113 -43.48 8.46 26.69
CA SER E 113 -42.74 7.33 26.18
C SER E 113 -43.59 6.49 25.21
N GLU E 114 -44.89 6.41 25.45
CA GLU E 114 -45.76 5.73 24.51
C GLU E 114 -45.85 6.50 23.21
N ASP E 115 -45.74 7.81 23.35
CA ASP E 115 -45.77 8.67 22.19
C ASP E 115 -44.60 8.51 21.25
N ARG E 116 -43.38 8.42 21.79
CA ARG E 116 -42.18 8.36 20.93
C ARG E 116 -42.18 7.14 20.03
N ALA E 117 -42.66 6.04 20.56
CA ALA E 117 -42.77 4.86 19.74
C ALA E 117 -43.83 5.13 18.70
N PHE E 118 -44.79 5.98 19.01
CA PHE E 118 -45.75 6.31 17.98
C PHE E 118 -45.28 7.20 16.81
N ILE E 119 -44.53 8.24 17.11
CA ILE E 119 -43.97 9.05 16.07
C ILE E 119 -43.06 8.15 15.26
N GLU E 120 -42.31 7.31 15.94
CA GLU E 120 -41.45 6.44 15.20
C GLU E 120 -42.17 5.39 14.32
N GLY E 121 -43.25 4.81 14.79
CA GLY E 121 -43.92 3.83 13.97
C GLY E 121 -44.54 4.54 12.79
N MET E 122 -44.92 5.79 13.02
CA MET E 122 -45.48 6.62 11.95
C MET E 122 -44.45 6.93 10.87
N ASN E 123 -43.26 7.35 11.27
CA ASN E 123 -42.24 7.62 10.29
C ASN E 123 -41.77 6.39 9.57
N GLN E 124 -41.67 5.30 10.30
CA GLN E 124 -41.26 4.08 9.69
C GLN E 124 -42.28 3.70 8.63
N THR E 125 -43.57 3.92 8.88
CA THR E 125 -44.58 3.41 7.96
C THR E 125 -44.76 4.29 6.73
N GLN E 126 -44.61 5.58 6.95
CA GLN E 126 -44.74 6.59 5.90
C GLN E 126 -43.60 6.36 4.94
N ALA E 127 -42.42 6.10 5.54
CA ALA E 127 -41.20 5.93 4.78
C ALA E 127 -41.05 4.60 4.05
N THR E 128 -41.49 3.51 4.67
CA THR E 128 -41.43 2.29 3.91
C THR E 128 -42.49 2.34 2.86
N THR E 129 -43.54 3.09 3.08
CA THR E 129 -44.51 2.97 2.03
C THR E 129 -44.20 3.90 0.87
N LEU E 130 -43.39 4.90 1.16
CA LEU E 130 -43.12 5.90 0.15
C LEU E 130 -42.32 5.27 -1.00
N PHE E 131 -41.46 4.29 -0.69
CA PHE E 131 -40.63 3.54 -1.68
C PHE E 131 -41.23 2.28 -2.28
N TYR E 132 -41.93 1.52 -1.46
CA TYR E 132 -42.60 0.36 -1.96
C TYR E 132 -44.00 0.68 -1.55
N GLY E 133 -44.67 1.50 -2.34
CA GLY E 133 -46.07 1.77 -2.10
C GLY E 133 -46.89 1.18 -3.23
N ASP E 134 -47.81 0.27 -2.93
CA ASP E 134 -48.64 -0.32 -3.96
C ASP E 134 -49.99 0.45 -4.08
N SER E 135 -50.88 -0.07 -4.92
CA SER E 135 -52.28 0.34 -4.98
C SER E 135 -53.11 -0.66 -5.81
N SER E 136 -52.52 -1.55 -6.61
CA SER E 136 -53.41 -2.50 -7.29
C SER E 136 -53.82 -3.54 -6.29
N ILE E 137 -53.01 -3.70 -5.24
CA ILE E 137 -53.36 -4.62 -4.17
C ILE E 137 -53.76 -3.92 -2.83
N ASP E 138 -52.97 -2.99 -2.31
CA ASP E 138 -53.34 -2.40 -1.01
C ASP E 138 -54.47 -1.38 -1.01
N ALA E 139 -54.82 -0.88 -2.18
CA ALA E 139 -56.01 -0.05 -2.29
C ALA E 139 -55.99 1.22 -1.43
N GLU E 140 -55.84 1.06 -0.11
CA GLU E 140 -55.87 2.20 0.79
C GLU E 140 -54.73 3.24 0.68
N LYS E 141 -53.51 2.76 0.41
CA LYS E 141 -52.29 3.60 0.37
C LYS E 141 -51.96 4.34 -0.94
N PHE E 142 -51.26 5.46 -0.84
CA PHE E 142 -50.77 6.18 -2.02
C PHE E 142 -49.60 5.39 -2.53
N MET E 143 -49.40 5.49 -3.85
CA MET E 143 -48.37 4.74 -4.58
C MET E 143 -47.02 5.46 -4.70
N GLY E 144 -45.98 4.73 -4.32
CA GLY E 144 -44.67 5.32 -4.19
C GLY E 144 -43.76 4.84 -5.28
N LEU E 145 -42.52 5.29 -5.20
CA LEU E 145 -41.49 5.06 -6.22
C LEU E 145 -41.39 3.70 -6.95
N THR E 146 -41.79 2.63 -6.33
CA THR E 146 -42.01 1.45 -7.13
C THR E 146 -43.45 1.22 -6.73
N PRO E 147 -44.27 0.70 -7.65
CA PRO E 147 -43.78 0.46 -8.99
C PRO E 147 -44.18 1.52 -10.01
N ARG E 148 -44.02 2.81 -9.73
CA ARG E 148 -44.16 3.74 -10.86
C ARG E 148 -42.99 3.44 -11.84
N PHE E 149 -41.82 3.05 -11.31
CA PHE E 149 -40.69 2.53 -12.10
C PHE E 149 -40.53 1.04 -11.92
N ASN E 150 -41.34 0.20 -12.52
CA ASN E 150 -41.03 -1.17 -12.28
C ASN E 150 -40.42 -1.87 -13.46
N SER E 151 -41.23 -2.07 -14.51
CA SER E 151 -40.78 -2.71 -15.77
C SER E 151 -39.94 -1.78 -16.61
N LEU E 152 -39.00 -2.37 -17.35
CA LEU E 152 -38.08 -1.65 -18.24
C LEU E 152 -38.77 -1.07 -19.51
N SER E 153 -39.98 -1.57 -19.79
CA SER E 153 -40.87 -1.13 -20.89
C SER E 153 -41.46 0.29 -20.75
N ALA E 154 -41.47 0.77 -19.52
CA ALA E 154 -42.11 2.04 -19.17
C ALA E 154 -41.44 3.22 -19.90
N GLU E 155 -42.18 4.33 -20.13
CA GLU E 155 -41.58 5.48 -20.84
C GLU E 155 -40.41 5.92 -19.98
N ASN E 156 -40.45 5.61 -18.69
CA ASN E 156 -39.25 5.85 -17.89
C ASN E 156 -38.43 4.57 -17.75
N GLY E 157 -38.51 3.63 -18.69
CA GLY E 157 -37.72 2.43 -18.54
C GLY E 157 -36.27 2.82 -18.79
N GLN E 158 -36.07 3.84 -19.61
CA GLN E 158 -34.76 4.39 -19.83
C GLN E 158 -34.25 4.98 -18.51
N ASN E 159 -35.17 5.36 -17.63
CA ASN E 159 -34.76 5.93 -16.38
C ASN E 159 -34.36 4.93 -15.36
N ILE E 160 -34.71 3.67 -15.55
CA ILE E 160 -34.16 2.73 -14.59
C ILE E 160 -32.87 2.11 -15.14
N ILE E 161 -31.79 2.23 -14.37
CA ILE E 161 -30.49 1.73 -14.84
C ILE E 161 -30.26 0.34 -14.29
N ASP E 162 -30.11 -0.66 -15.15
CA ASP E 162 -29.89 -1.98 -14.60
C ASP E 162 -28.45 -1.99 -14.06
N ALA E 163 -28.31 -2.22 -12.76
CA ALA E 163 -27.00 -2.34 -12.09
C ALA E 163 -26.31 -3.59 -12.63
N GLY E 164 -27.11 -4.49 -13.18
CA GLY E 164 -26.65 -5.66 -13.89
C GLY E 164 -26.77 -6.91 -13.06
N GLY E 165 -27.06 -6.75 -11.77
CA GLY E 165 -27.14 -7.90 -10.92
C GLY E 165 -28.47 -8.59 -11.14
N THR E 166 -28.49 -9.87 -10.81
CA THR E 166 -29.65 -10.70 -11.05
C THR E 166 -29.95 -11.49 -9.79
N GLY E 167 -30.74 -12.56 -9.92
CA GLY E 167 -31.13 -13.31 -8.73
C GLY E 167 -32.03 -12.50 -7.82
N SER E 168 -32.46 -13.09 -6.71
CA SER E 168 -33.39 -12.42 -5.83
C SER E 168 -32.75 -11.43 -4.86
N ASP E 169 -31.47 -11.60 -4.59
CA ASP E 169 -30.78 -10.68 -3.67
C ASP E 169 -30.26 -9.47 -4.37
N ASN E 170 -31.12 -8.51 -4.66
CA ASN E 170 -30.60 -7.34 -5.34
C ASN E 170 -31.35 -6.11 -4.97
N ALA E 171 -30.61 -5.08 -4.63
CA ALA E 171 -31.18 -3.86 -4.08
C ALA E 171 -31.49 -2.98 -5.29
N SER E 172 -31.77 -1.70 -5.04
CA SER E 172 -31.76 -0.65 -6.06
C SER E 172 -31.36 0.67 -5.41
N ILE E 173 -30.73 1.59 -6.13
CA ILE E 173 -30.61 2.93 -5.58
C ILE E 173 -31.60 3.86 -6.29
N TRP E 174 -32.14 4.79 -5.49
CA TRP E 174 -32.98 5.88 -5.98
C TRP E 174 -32.29 7.20 -5.84
N LEU E 175 -32.57 8.03 -6.85
CA LEU E 175 -32.23 9.44 -6.89
C LEU E 175 -33.46 10.07 -7.47
N THR E 176 -33.94 11.07 -6.74
CA THR E 176 -35.15 11.81 -7.03
C THR E 176 -34.75 13.29 -7.04
N VAL E 177 -35.60 14.16 -7.54
CA VAL E 177 -35.38 15.59 -7.30
C VAL E 177 -36.66 16.24 -6.78
N TRP E 178 -36.67 16.53 -5.50
CA TRP E 178 -37.81 17.10 -4.86
C TRP E 178 -37.96 18.56 -5.18
N GLY E 179 -39.07 18.91 -5.80
CA GLY E 179 -39.39 20.29 -6.08
C GLY E 179 -40.79 20.32 -6.63
N PRO E 180 -41.40 21.51 -6.65
CA PRO E 180 -42.85 21.64 -6.85
C PRO E 180 -43.32 21.03 -8.14
N ASN E 181 -42.49 21.04 -9.18
CA ASN E 181 -42.94 20.58 -10.48
C ASN E 181 -42.22 19.33 -10.97
N THR E 182 -41.44 18.69 -10.11
CA THR E 182 -40.72 17.55 -10.62
C THR E 182 -41.05 16.32 -9.78
N LEU E 183 -41.32 16.55 -8.50
CA LEU E 183 -41.61 15.47 -7.60
C LEU E 183 -41.89 16.04 -6.23
N HIS E 184 -43.05 15.80 -5.65
CA HIS E 184 -43.28 16.33 -4.31
C HIS E 184 -44.40 15.54 -3.63
N THR E 185 -44.61 15.80 -2.34
CA THR E 185 -45.75 15.20 -1.69
C THR E 185 -46.98 16.07 -1.76
N ILE E 186 -48.12 15.48 -1.41
CA ILE E 186 -49.38 16.18 -1.37
C ILE E 186 -50.25 15.80 -0.16
N TYR E 187 -50.91 16.80 0.40
CA TYR E 187 -51.88 16.56 1.44
C TYR E 187 -53.08 17.32 0.96
N PRO E 188 -54.28 16.81 1.31
CA PRO E 188 -55.58 17.25 0.71
C PRO E 188 -56.05 18.66 1.06
N LYS E 189 -56.90 19.27 0.25
CA LYS E 189 -57.40 20.58 0.73
C LYS E 189 -58.71 20.54 1.61
N GLY E 190 -58.60 20.96 2.88
CA GLY E 190 -57.37 21.43 3.45
C GLY E 190 -56.79 20.68 4.64
N SER E 191 -56.83 19.35 4.70
CA SER E 191 -56.14 18.65 5.82
C SER E 191 -54.62 18.88 5.69
N GLN E 192 -53.92 19.34 6.71
CA GLN E 192 -52.53 19.72 6.47
C GLN E 192 -51.57 18.54 6.66
N ALA E 193 -50.47 18.53 5.93
CA ALA E 193 -49.42 17.57 6.25
C ALA E 193 -48.44 18.47 6.93
N GLY E 194 -47.68 17.94 7.87
CA GLY E 194 -47.53 16.50 8.06
C GLY E 194 -47.81 16.18 9.52
N LEU E 195 -47.69 14.90 9.86
CA LEU E 195 -47.94 14.34 11.18
C LEU E 195 -48.46 15.27 12.28
N GLN E 196 -49.75 15.20 12.57
CA GLN E 196 -50.32 16.00 13.62
C GLN E 196 -50.57 15.10 14.83
N SER E 197 -49.79 15.31 15.86
CA SER E 197 -49.96 14.57 17.10
C SER E 197 -50.93 15.33 18.04
N ARG E 198 -52.21 15.28 17.80
CA ARG E 198 -53.17 15.90 18.70
C ARG E 198 -53.56 15.00 19.92
N ASP E 199 -53.63 15.58 21.10
CA ASP E 199 -54.07 14.84 22.30
C ASP E 199 -55.55 15.00 22.61
N LEU E 200 -56.32 13.91 22.51
CA LEU E 200 -57.80 13.93 22.65
C LEU E 200 -58.31 14.26 24.04
N GLY E 201 -57.42 14.15 25.03
CA GLY E 201 -57.75 14.34 26.42
C GLY E 201 -58.42 13.14 27.08
N GLU E 202 -58.66 13.26 28.38
CA GLU E 202 -59.39 12.26 29.10
C GLU E 202 -60.79 12.26 28.56
N ASP E 203 -61.38 11.08 28.40
CA ASP E 203 -62.79 10.97 28.07
C ASP E 203 -63.21 9.55 28.42
N THR E 204 -64.48 9.31 28.63
CA THR E 204 -64.89 7.97 29.01
C THR E 204 -64.79 6.97 27.85
N LEU E 205 -64.60 5.70 28.19
CA LEU E 205 -64.43 4.61 27.24
C LEU E 205 -65.65 3.75 27.52
N ILE E 206 -65.90 2.69 26.76
CA ILE E 206 -67.01 1.80 27.16
C ILE E 206 -66.62 0.34 27.20
N ASP E 207 -66.93 -0.25 28.34
CA ASP E 207 -66.62 -1.61 28.68
C ASP E 207 -67.45 -2.53 27.77
N ALA E 208 -66.96 -3.74 27.57
CA ALA E 208 -67.72 -4.75 26.87
C ALA E 208 -68.99 -5.04 27.68
N ALA E 209 -68.85 -4.94 29.00
CA ALA E 209 -69.94 -5.10 29.99
C ALA E 209 -71.00 -4.01 30.06
N GLY E 210 -70.56 -2.77 29.93
CA GLY E 210 -71.39 -1.59 30.11
C GLY E 210 -70.72 -0.53 30.98
N GLY E 211 -69.60 -0.90 31.62
CA GLY E 211 -68.87 -0.11 32.62
C GLY E 211 -68.12 1.16 32.21
N ARG E 212 -68.36 2.32 32.84
CA ARG E 212 -67.57 3.52 32.49
C ARG E 212 -66.11 3.12 32.83
N TYR E 213 -65.11 3.68 32.15
CA TYR E 213 -63.74 3.17 32.29
C TYR E 213 -62.90 4.42 32.10
N GLN E 214 -63.25 5.52 32.81
CA GLN E 214 -62.70 6.91 32.69
C GLN E 214 -61.18 6.83 32.28
N GLY E 215 -60.80 7.25 31.05
CA GLY E 215 -59.45 7.00 30.46
C GLY E 215 -58.89 7.86 29.29
N TYR E 216 -57.60 7.77 28.93
CA TYR E 216 -56.98 8.69 27.90
C TYR E 216 -57.00 8.32 26.43
N ARG E 217 -56.62 9.26 25.57
CA ARG E 217 -56.55 8.97 24.11
C ARG E 217 -55.74 10.03 23.33
N THR E 218 -54.96 9.64 22.31
CA THR E 218 -54.12 10.60 21.57
C THR E 218 -54.26 10.38 20.10
N HIS E 219 -54.36 11.43 19.29
CA HIS E 219 -54.43 11.22 17.83
C HIS E 219 -53.10 11.40 17.10
N TYR E 220 -52.95 10.71 15.98
CA TYR E 220 -51.76 10.88 15.17
C TYR E 220 -52.19 10.86 13.72
N LYS E 221 -52.74 11.95 13.22
CA LYS E 221 -53.09 12.00 11.81
C LYS E 221 -51.81 12.16 11.05
N TRP E 222 -51.79 11.68 9.81
CA TRP E 222 -50.75 12.09 8.86
C TRP E 222 -51.07 11.59 7.47
N ASP E 223 -51.60 12.47 6.63
CA ASP E 223 -52.15 12.05 5.36
C ASP E 223 -51.39 12.57 4.16
N ILE E 224 -50.67 11.70 3.46
CA ILE E 224 -49.98 12.17 2.28
C ILE E 224 -50.21 11.20 1.13
N GLY E 225 -50.04 11.72 -0.10
CA GLY E 225 -49.92 10.97 -1.36
C GLY E 225 -48.64 11.42 -2.08
N LEU E 226 -48.44 11.13 -3.36
CA LEU E 226 -47.14 11.54 -3.87
C LEU E 226 -47.01 11.86 -5.36
N THR E 227 -46.83 13.12 -5.71
CA THR E 227 -46.78 13.48 -7.12
C THR E 227 -45.42 13.24 -7.70
N LEU E 228 -45.42 12.51 -8.81
CA LEU E 228 -44.31 12.39 -9.73
C LEU E 228 -44.67 13.10 -11.04
N ARG E 229 -44.36 14.39 -11.14
CA ARG E 229 -44.81 15.20 -12.28
C ARG E 229 -44.21 14.62 -13.53
N ASP E 230 -42.90 14.42 -13.51
CA ASP E 230 -42.26 13.69 -14.60
C ASP E 230 -41.19 12.79 -14.05
N TRP E 231 -41.21 11.57 -14.56
CA TRP E 231 -40.31 10.57 -14.09
C TRP E 231 -38.88 11.01 -14.45
N ARG E 232 -38.73 11.97 -15.36
CA ARG E 232 -37.40 12.40 -15.80
C ARG E 232 -36.54 12.87 -14.64
N TYR E 233 -37.18 13.33 -13.60
CA TYR E 233 -36.43 13.76 -12.45
C TYR E 233 -36.10 12.64 -11.45
N VAL E 234 -36.51 11.44 -11.77
CA VAL E 234 -36.19 10.32 -10.91
C VAL E 234 -35.50 9.10 -11.64
N VAL E 235 -34.42 8.61 -11.08
CA VAL E 235 -33.73 7.50 -11.71
C VAL E 235 -33.73 6.31 -10.77
N ARG E 236 -34.01 5.13 -11.32
CA ARG E 236 -33.97 3.98 -10.45
C ARG E 236 -32.79 3.10 -10.84
N ILE E 237 -32.02 2.64 -9.87
CA ILE E 237 -30.88 1.81 -10.24
C ILE E 237 -31.17 0.38 -9.83
N ALA E 238 -31.99 -0.34 -10.59
CA ALA E 238 -32.49 -1.60 -10.07
C ALA E 238 -31.44 -2.69 -10.14
N ASN E 239 -31.69 -3.75 -9.38
CA ASN E 239 -30.85 -4.94 -9.36
C ASN E 239 -29.40 -4.84 -8.90
N VAL E 240 -29.11 -4.05 -7.88
CA VAL E 240 -27.76 -4.03 -7.37
C VAL E 240 -27.57 -5.26 -6.47
N ASP E 241 -27.13 -6.39 -7.04
CA ASP E 241 -26.93 -7.61 -6.27
C ASP E 241 -25.93 -7.32 -5.16
N VAL E 242 -26.44 -7.25 -3.92
CA VAL E 242 -25.68 -6.93 -2.70
C VAL E 242 -24.77 -8.00 -2.16
N SER E 243 -25.13 -9.25 -2.42
CA SER E 243 -24.23 -10.34 -2.07
C SER E 243 -22.95 -10.24 -2.92
N GLU E 244 -23.10 -9.71 -4.13
CA GLU E 244 -22.02 -9.66 -5.08
C GLU E 244 -21.16 -8.44 -5.05
N LEU E 245 -21.53 -7.45 -4.25
CA LEU E 245 -20.70 -6.26 -4.16
C LEU E 245 -19.36 -6.56 -3.48
N THR E 246 -18.28 -6.01 -4.03
CA THR E 246 -16.95 -6.15 -3.44
C THR E 246 -16.38 -4.75 -3.44
N LYS E 247 -15.59 -4.42 -2.44
CA LYS E 247 -15.19 -3.03 -2.32
C LYS E 247 -14.29 -2.54 -3.43
N ASN E 248 -13.53 -3.42 -4.07
CA ASN E 248 -12.61 -2.95 -5.11
C ASN E 248 -13.25 -2.74 -6.45
N ALA E 249 -14.53 -2.39 -6.44
CA ALA E 249 -15.37 -2.28 -7.64
C ALA E 249 -14.98 -3.28 -8.71
N SER E 250 -14.76 -4.53 -8.30
CA SER E 250 -14.07 -5.46 -9.16
C SER E 250 -15.05 -6.50 -9.63
N ALA E 251 -15.45 -7.36 -8.70
CA ALA E 251 -16.54 -8.29 -8.96
C ALA E 251 -17.87 -7.54 -8.80
N GLY E 252 -18.91 -8.01 -9.48
CA GLY E 252 -20.22 -7.41 -9.34
C GLY E 252 -20.26 -6.01 -9.90
N ALA E 253 -21.17 -5.18 -9.38
CA ALA E 253 -21.42 -3.87 -9.95
C ALA E 253 -20.85 -2.74 -9.10
N ASP E 254 -20.01 -1.91 -9.73
CA ASP E 254 -19.44 -0.72 -9.10
C ASP E 254 -20.52 0.30 -8.84
N LEU E 255 -20.39 1.02 -7.73
CA LEU E 255 -21.33 2.08 -7.39
C LEU E 255 -20.98 3.45 -7.90
N ILE E 256 -19.71 3.84 -7.89
CA ILE E 256 -19.43 5.25 -8.05
C ILE E 256 -19.83 5.69 -9.46
N ASP E 257 -19.41 4.89 -10.45
CA ASP E 257 -19.75 5.15 -11.84
C ASP E 257 -21.23 4.92 -12.18
N LEU E 258 -21.79 3.89 -11.54
CA LEU E 258 -23.14 3.49 -11.83
C LEU E 258 -24.02 4.61 -11.43
N MET E 259 -23.50 5.37 -10.47
CA MET E 259 -24.16 6.53 -9.95
C MET E 259 -23.94 7.75 -10.78
N THR E 260 -22.73 7.93 -11.27
CA THR E 260 -22.54 9.10 -12.10
C THR E 260 -23.38 8.93 -13.38
N GLN E 261 -23.62 7.69 -13.79
CA GLN E 261 -24.52 7.59 -14.92
C GLN E 261 -25.93 7.96 -14.50
N ALA E 262 -26.25 7.77 -13.23
CA ALA E 262 -27.52 8.27 -12.74
C ALA E 262 -27.59 9.79 -12.69
N VAL E 263 -26.49 10.47 -12.40
CA VAL E 263 -26.58 11.93 -12.41
C VAL E 263 -26.77 12.40 -13.85
N GLU E 264 -26.05 11.76 -14.77
CA GLU E 264 -26.22 12.07 -16.19
C GLU E 264 -27.63 11.73 -16.80
N LEU E 265 -28.37 10.77 -16.24
CA LEU E 265 -29.74 10.52 -16.69
C LEU E 265 -30.73 11.61 -16.44
N ILE E 266 -30.48 12.47 -15.45
CA ILE E 266 -31.40 13.56 -15.14
C ILE E 266 -31.21 14.73 -16.10
N PRO E 267 -32.31 15.18 -16.72
CA PRO E 267 -32.18 16.38 -17.50
C PRO E 267 -32.02 17.53 -16.53
N ASN E 268 -30.89 18.22 -16.66
CA ASN E 268 -30.59 19.50 -16.00
C ASN E 268 -31.16 19.74 -14.60
N VAL E 269 -30.51 19.17 -13.58
CA VAL E 269 -30.95 19.36 -12.19
C VAL E 269 -30.83 20.83 -11.87
N GLY E 270 -31.95 21.53 -11.94
CA GLY E 270 -31.97 22.96 -11.77
C GLY E 270 -32.83 23.16 -10.55
N MET E 271 -33.92 22.42 -10.55
CA MET E 271 -34.90 22.53 -9.50
C MET E 271 -35.49 21.15 -9.28
N GLY E 272 -35.99 20.91 -8.07
CA GLY E 272 -35.75 21.82 -6.98
C GLY E 272 -34.45 21.36 -6.35
N ARG E 273 -34.50 20.27 -5.60
CA ARG E 273 -33.28 19.79 -4.98
C ARG E 273 -33.23 18.28 -4.94
N PRO E 274 -32.12 17.74 -5.46
CA PRO E 274 -31.83 16.33 -5.66
C PRO E 274 -31.49 15.65 -4.34
N ALA E 275 -31.57 14.32 -4.27
CA ALA E 275 -31.15 13.59 -3.07
C ALA E 275 -30.91 12.14 -3.41
N PHE E 276 -29.89 11.51 -2.81
CA PHE E 276 -29.70 10.06 -3.00
C PHE E 276 -30.34 9.21 -1.94
N TYR E 277 -30.93 8.09 -2.36
CA TYR E 277 -31.59 7.23 -1.40
C TYR E 277 -31.19 5.80 -1.49
N MET E 278 -30.39 5.42 -0.49
CA MET E 278 -29.76 4.10 -0.48
C MET E 278 -29.86 3.47 0.87
N PRO E 279 -30.01 2.15 0.86
CA PRO E 279 -30.13 1.31 2.06
C PRO E 279 -28.84 1.46 2.83
N ARG E 280 -28.81 1.36 4.16
CA ARG E 280 -27.54 1.61 4.89
C ARG E 280 -26.41 0.77 4.37
N LYS E 281 -26.75 -0.42 3.83
CA LYS E 281 -25.79 -1.36 3.23
C LYS E 281 -24.96 -0.81 2.11
N ILE E 282 -25.68 -0.21 1.19
CA ILE E 282 -25.07 0.39 0.04
C ILE E 282 -24.23 1.58 0.43
N ARG E 283 -24.72 2.37 1.39
CA ARG E 283 -24.07 3.59 1.87
C ARG E 283 -22.69 3.21 2.44
N SER E 284 -22.65 2.04 3.05
CA SER E 284 -21.39 1.53 3.50
C SER E 284 -20.55 1.15 2.30
N PHE E 285 -21.10 0.35 1.37
CA PHE E 285 -20.24 -0.05 0.24
C PHE E 285 -19.77 1.02 -0.69
N LEU E 286 -20.57 2.05 -0.87
CA LEU E 286 -20.26 3.24 -1.62
C LEU E 286 -19.12 3.94 -0.86
N ARG E 287 -19.13 3.85 0.47
CA ARG E 287 -18.02 4.45 1.23
C ARG E 287 -16.72 3.71 0.96
N ARG E 288 -16.79 2.40 1.07
CA ARG E 288 -15.61 1.59 0.89
C ARG E 288 -15.12 1.77 -0.53
N GLN E 289 -16.02 1.76 -1.50
CA GLN E 289 -15.60 1.93 -2.88
C GLN E 289 -15.02 3.28 -3.19
N ILE E 290 -15.50 4.36 -2.57
CA ILE E 290 -14.84 5.65 -2.85
C ILE E 290 -13.39 5.63 -2.36
N THR E 291 -13.18 5.16 -1.12
CA THR E 291 -11.79 5.12 -0.63
C THR E 291 -10.97 4.09 -1.39
N ASN E 292 -11.60 3.05 -1.90
CA ASN E 292 -10.89 2.18 -2.81
C ASN E 292 -10.53 2.81 -4.16
N LYS E 293 -11.33 3.77 -4.61
CA LYS E 293 -11.01 4.39 -5.87
C LYS E 293 -9.96 5.47 -5.76
N VAL E 294 -10.07 6.35 -4.79
CA VAL E 294 -9.02 7.37 -4.66
C VAL E 294 -7.66 6.88 -4.12
N ALA E 295 -7.64 5.73 -3.46
CA ALA E 295 -6.38 5.22 -2.88
C ALA E 295 -5.39 4.97 -3.97
N ALA E 296 -5.87 4.67 -5.16
CA ALA E 296 -5.01 4.39 -6.32
C ALA E 296 -4.70 5.72 -7.00
N SER E 297 -4.69 6.78 -6.21
CA SER E 297 -4.52 8.12 -6.72
C SER E 297 -3.85 8.89 -5.64
N THR E 298 -4.64 9.57 -4.80
CA THR E 298 -4.10 10.42 -3.74
C THR E 298 -5.04 10.54 -2.55
N LEU E 299 -4.76 9.73 -1.51
CA LEU E 299 -5.53 9.79 -0.28
C LEU E 299 -4.55 9.73 0.87
N THR E 300 -4.87 10.44 1.94
CA THR E 300 -3.88 10.63 2.97
C THR E 300 -3.82 9.41 3.85
N MET E 301 -2.81 9.37 4.72
CA MET E 301 -2.69 8.28 5.64
C MET E 301 -3.83 8.32 6.63
N GLU E 302 -4.08 9.47 7.27
CA GLU E 302 -5.14 9.50 8.29
C GLU E 302 -6.54 9.39 7.73
N GLU E 303 -6.73 9.72 6.45
CA GLU E 303 -8.04 9.60 5.84
C GLU E 303 -8.15 8.23 5.14
N ILE E 304 -7.60 7.23 5.80
CA ILE E 304 -7.47 5.92 5.20
C ILE E 304 -8.81 5.14 5.17
N ALA E 305 -9.67 5.44 6.14
CA ALA E 305 -11.01 4.85 6.22
C ALA E 305 -11.99 5.57 5.29
N GLY E 306 -11.78 6.88 5.16
CA GLY E 306 -12.61 7.73 4.33
C GLY E 306 -13.75 8.38 5.05
N LYS E 307 -14.00 9.63 4.69
CA LYS E 307 -15.15 10.37 5.21
C LYS E 307 -16.40 9.68 4.72
N LYS E 308 -17.41 9.58 5.59
CA LYS E 308 -18.68 8.92 5.24
C LYS E 308 -19.36 9.75 4.18
N VAL E 309 -20.01 9.10 3.21
CA VAL E 309 -20.56 9.85 2.08
C VAL E 309 -21.62 10.84 2.51
N VAL E 310 -21.53 12.09 2.01
CA VAL E 310 -22.45 13.12 2.46
C VAL E 310 -23.05 13.75 1.25
N ALA E 311 -22.20 14.37 0.45
CA ALA E 311 -22.65 14.99 -0.77
C ALA E 311 -21.96 14.22 -1.85
N PHE E 312 -22.75 13.42 -2.59
CA PHE E 312 -22.16 12.62 -3.64
C PHE E 312 -21.74 13.41 -4.85
N ASP E 313 -22.53 14.37 -5.25
CA ASP E 313 -22.17 15.02 -6.48
C ASP E 313 -21.38 16.34 -6.41
N GLY E 314 -21.71 17.33 -5.59
CA GLY E 314 -22.75 17.36 -4.55
C GLY E 314 -24.24 17.33 -4.80
N ILE E 315 -24.82 16.35 -4.13
CA ILE E 315 -26.22 16.25 -3.92
C ILE E 315 -26.23 15.77 -2.50
N PRO E 316 -27.20 16.19 -1.68
CA PRO E 316 -27.21 15.51 -0.39
C PRO E 316 -27.42 14.00 -0.57
N CYS E 317 -26.70 13.21 0.21
CA CYS E 317 -26.85 11.76 0.21
C CYS E 317 -27.54 11.24 1.49
N ARG E 318 -28.75 10.73 1.33
CA ARG E 318 -29.57 10.36 2.46
C ARG E 318 -29.61 8.88 2.71
N ARG E 319 -29.30 8.52 3.95
CA ARG E 319 -29.35 7.12 4.36
C ARG E 319 -30.77 6.74 4.55
N THR E 320 -31.21 5.69 3.90
CA THR E 320 -32.56 5.23 4.16
C THR E 320 -32.72 3.77 4.47
N ASP E 321 -33.02 3.54 5.73
CA ASP E 321 -33.22 2.22 6.26
C ASP E 321 -34.47 1.69 5.61
N ALA E 322 -35.44 2.58 5.48
CA ALA E 322 -36.72 2.15 5.02
C ALA E 322 -36.63 1.97 3.53
N LEU E 323 -35.80 1.02 3.12
CA LEU E 323 -35.58 0.71 1.72
C LEU E 323 -35.16 -0.77 1.71
N LEU E 324 -36.01 -1.62 1.16
CA LEU E 324 -35.77 -3.05 1.14
C LEU E 324 -34.51 -3.43 0.37
N LEU E 325 -33.71 -4.30 1.00
CA LEU E 325 -32.43 -4.83 0.47
C LEU E 325 -32.58 -6.06 -0.39
N THR E 326 -33.53 -6.91 -0.03
CA THR E 326 -33.83 -8.05 -0.87
C THR E 326 -35.19 -7.86 -1.49
N GLU E 327 -35.20 -7.11 -2.58
CA GLU E 327 -36.40 -6.90 -3.36
C GLU E 327 -36.25 -7.73 -4.61
N ALA E 328 -37.36 -8.25 -5.12
CA ALA E 328 -37.31 -9.12 -6.28
C ALA E 328 -36.82 -8.37 -7.53
N ARG E 329 -36.03 -9.09 -8.32
CA ARG E 329 -35.36 -8.53 -9.49
C ARG E 329 -36.31 -8.08 -10.60
N VAL E 330 -35.99 -6.96 -11.27
CA VAL E 330 -36.89 -6.39 -12.28
C VAL E 330 -36.56 -6.81 -13.72
N VAL E 331 -37.59 -7.02 -14.52
CA VAL E 331 -37.40 -7.42 -15.92
C VAL E 331 -38.31 -6.57 -16.84
N SER F 5 1.49 -38.11 45.60
CA SER F 5 2.47 -38.00 44.51
C SER F 5 3.13 -36.64 44.38
N THR F 6 2.55 -35.77 43.56
CA THR F 6 3.25 -34.53 43.32
C THR F 6 2.81 -33.47 44.32
N THR F 7 3.78 -32.94 45.03
CA THR F 7 3.56 -32.04 46.15
C THR F 7 3.63 -30.53 45.78
N ASN F 8 2.58 -29.75 46.16
CA ASN F 8 2.43 -28.28 45.90
C ASN F 8 0.98 -27.80 46.10
N PRO F 9 0.69 -26.46 46.06
CA PRO F 9 1.37 -25.16 45.97
C PRO F 9 0.73 -23.96 46.75
N THR F 10 1.43 -23.49 47.78
CA THR F 10 1.15 -22.13 48.25
C THR F 10 2.33 -21.18 47.90
N LEU F 11 3.55 -21.57 48.23
CA LEU F 11 4.70 -20.69 48.12
C LEU F 11 5.95 -21.45 48.55
N ALA F 12 6.29 -22.53 47.84
CA ALA F 12 7.42 -23.39 48.20
C ALA F 12 8.71 -22.59 48.26
N ASP F 13 9.60 -22.97 49.18
CA ASP F 13 10.96 -22.43 49.31
C ASP F 13 11.64 -22.10 47.96
N VAL F 14 11.04 -21.17 47.23
CA VAL F 14 11.66 -20.61 46.05
C VAL F 14 11.59 -19.09 46.15
N ALA F 15 11.64 -18.58 47.37
CA ALA F 15 11.96 -17.17 47.61
C ALA F 15 13.42 -17.12 47.20
N ALA F 16 14.08 -18.29 47.29
CA ALA F 16 15.46 -18.44 46.89
C ALA F 16 15.58 -18.11 45.43
N ARG F 17 14.53 -18.49 44.74
CA ARG F 17 14.44 -18.30 43.31
C ARG F 17 14.42 -16.83 42.88
N MET F 18 13.90 -15.95 43.72
CA MET F 18 13.92 -14.50 43.44
C MET F 18 15.13 -13.66 43.96
N THR F 19 16.13 -14.22 44.65
CA THR F 19 17.25 -13.37 45.22
C THR F 19 18.69 -13.49 44.52
N PRO F 20 19.61 -12.45 44.65
CA PRO F 20 21.08 -12.28 44.40
C PRO F 20 22.09 -12.80 45.48
N ASP F 21 23.34 -12.34 45.50
CA ASP F 21 24.07 -12.52 46.78
C ASP F 21 23.35 -11.40 47.56
N GLY F 22 22.29 -11.77 48.30
CA GLY F 22 21.50 -10.76 48.99
C GLY F 22 19.97 -10.88 49.03
N LYS F 23 19.32 -9.71 49.00
CA LYS F 23 17.89 -9.52 49.16
C LYS F 23 17.06 -9.74 47.90
N ILE F 24 15.73 -9.67 48.01
CA ILE F 24 14.79 -9.94 46.90
C ILE F 24 14.98 -9.09 45.66
N ASP F 25 14.96 -9.71 44.48
CA ASP F 25 15.37 -9.00 43.27
C ASP F 25 14.35 -7.97 42.81
N PRO F 26 14.70 -6.68 42.96
CA PRO F 26 13.78 -5.57 42.68
C PRO F 26 13.54 -5.32 41.18
N GLN F 27 14.63 -5.29 40.44
CA GLN F 27 14.62 -5.11 39.01
C GLN F 27 14.22 -6.45 38.36
N ILE F 28 13.04 -6.97 38.57
CA ILE F 28 12.80 -8.31 37.99
C ILE F 28 12.20 -8.09 36.65
N VAL F 29 12.59 -8.86 35.63
CA VAL F 29 12.04 -8.53 34.30
C VAL F 29 10.74 -9.24 34.00
N GLU F 30 9.73 -8.39 33.90
CA GLU F 30 8.35 -8.78 33.94
C GLU F 30 8.04 -9.28 32.60
N MET F 31 8.00 -10.60 32.49
CA MET F 31 7.90 -11.22 31.21
C MET F 31 6.44 -11.39 30.77
N LEU F 32 5.68 -12.16 31.52
CA LEU F 32 4.38 -12.54 31.04
C LEU F 32 3.34 -11.48 31.25
N ASN F 33 3.73 -10.21 31.28
CA ASN F 33 2.70 -9.19 31.40
C ASN F 33 2.55 -8.65 30.01
N GLU F 34 1.31 -8.34 29.63
CA GLU F 34 0.98 -7.97 28.28
C GLU F 34 0.24 -6.69 28.34
N THR F 35 0.30 -5.86 27.32
CA THR F 35 -0.31 -4.56 27.47
C THR F 35 -1.68 -4.43 26.85
N ASN F 36 -2.63 -5.28 27.25
CA ASN F 36 -4.02 -5.08 26.84
C ASN F 36 -4.75 -4.01 27.67
N GLU F 37 -5.57 -3.20 27.01
CA GLU F 37 -6.07 -1.98 27.61
C GLU F 37 -7.55 -1.79 27.38
N ILE F 38 -8.42 -2.65 27.88
CA ILE F 38 -9.81 -2.26 27.72
C ILE F 38 -9.98 -1.73 29.09
N LEU F 39 -9.19 -2.27 30.00
CA LEU F 39 -9.41 -2.09 31.42
C LEU F 39 -9.21 -0.65 31.79
N ASP F 40 -8.37 0.00 31.00
CA ASP F 40 -8.07 1.42 31.11
C ASP F 40 -9.14 2.23 30.41
N ASP F 41 -9.59 1.71 29.29
CA ASP F 41 -10.53 2.39 28.42
C ASP F 41 -11.98 2.20 28.84
N MET F 42 -12.26 1.09 29.53
CA MET F 42 -13.63 0.75 29.90
C MET F 42 -14.27 1.76 30.89
N THR F 43 -15.58 1.94 30.75
CA THR F 43 -16.35 2.79 31.67
C THR F 43 -16.94 1.96 32.81
N VAL F 44 -17.08 2.57 33.97
CA VAL F 44 -17.52 1.84 35.13
C VAL F 44 -18.66 2.62 35.78
N ILE F 45 -19.83 2.03 35.93
CA ILE F 45 -20.90 2.72 36.63
C ILE F 45 -21.57 1.74 37.62
N GLU F 46 -22.11 2.21 38.74
CA GLU F 46 -22.60 1.22 39.70
C GLU F 46 -23.79 0.52 39.02
N ALA F 47 -23.93 -0.80 39.19
CA ALA F 47 -25.05 -1.50 38.61
C ALA F 47 -26.30 -1.12 39.41
N ASN F 48 -27.46 -1.02 38.73
CA ASN F 48 -28.71 -0.48 39.30
C ASN F 48 -29.65 -1.42 40.09
N GLY F 49 -29.67 -2.71 39.74
CA GLY F 49 -30.54 -3.68 40.39
C GLY F 49 -29.87 -4.18 41.68
N PHE F 50 -30.32 -5.29 42.25
CA PHE F 50 -29.64 -5.73 43.48
C PHE F 50 -28.24 -6.32 43.31
N THR F 51 -27.98 -6.99 42.17
CA THR F 51 -26.68 -7.57 41.80
C THR F 51 -26.75 -7.90 40.32
N GLU F 52 -27.51 -7.09 39.60
CA GLU F 52 -27.71 -7.24 38.18
C GLU F 52 -27.96 -5.83 37.69
N HIS F 53 -28.14 -5.66 36.40
CA HIS F 53 -28.26 -4.33 35.89
C HIS F 53 -29.41 -4.36 34.92
N LYS F 54 -30.60 -3.99 35.37
CA LYS F 54 -31.76 -4.01 34.48
C LYS F 54 -31.76 -2.89 33.39
N THR F 55 -32.31 -3.19 32.21
CA THR F 55 -32.37 -2.23 31.13
C THR F 55 -33.58 -2.42 30.22
N THR F 56 -34.47 -1.46 30.21
CA THR F 56 -35.66 -1.60 29.41
C THR F 56 -35.43 -1.29 27.92
N VAL F 57 -35.73 -2.20 27.01
CA VAL F 57 -35.43 -1.90 25.61
C VAL F 57 -36.61 -2.11 24.67
N ARG F 58 -36.98 -1.09 23.87
CA ARG F 58 -38.20 -1.13 23.01
C ARG F 58 -38.31 -2.36 22.08
N SER F 59 -39.41 -3.09 22.19
CA SER F 59 -39.45 -4.35 21.50
C SER F 59 -40.37 -4.29 20.31
N GLY F 60 -41.34 -3.40 20.35
CA GLY F 60 -42.29 -3.32 19.26
C GLY F 60 -42.88 -1.93 19.03
N LEU F 61 -42.90 -1.51 17.77
CA LEU F 61 -43.54 -0.26 17.42
C LEU F 61 -45.01 -0.39 17.10
N PRO F 62 -45.79 0.67 17.42
CA PRO F 62 -47.14 0.79 16.89
C PRO F 62 -46.89 1.01 15.42
N THR F 63 -47.70 0.46 14.53
CA THR F 63 -47.43 0.75 13.11
C THR F 63 -48.23 1.95 12.50
N GLY F 64 -49.42 2.24 13.04
CA GLY F 64 -50.34 3.20 12.45
C GLY F 64 -51.14 2.45 11.39
N THR F 65 -52.16 3.07 10.79
CA THR F 65 -52.85 2.43 9.67
C THR F 65 -53.33 3.38 8.60
N TRP F 66 -53.39 2.89 7.38
CA TRP F 66 -54.08 3.63 6.36
C TRP F 66 -55.49 3.27 6.66
N ARG F 67 -56.30 4.29 6.79
CA ARG F 67 -57.66 4.06 7.21
C ARG F 67 -58.64 4.42 6.10
N LYS F 68 -59.47 3.46 5.71
CA LYS F 68 -60.51 3.68 4.69
C LYS F 68 -61.56 4.63 5.32
N LEU F 69 -62.31 5.39 4.49
CA LEU F 69 -63.18 6.44 5.06
C LEU F 69 -64.29 6.02 6.03
N ASN F 70 -64.53 6.85 7.05
CA ASN F 70 -65.56 6.55 8.01
C ASN F 70 -65.40 5.20 8.72
N TYR F 71 -64.28 5.01 9.41
CA TYR F 71 -64.05 3.73 10.06
C TYR F 71 -63.04 3.82 11.25
N GLY F 72 -63.56 3.81 12.48
CA GLY F 72 -62.76 4.02 13.70
C GLY F 72 -61.86 2.84 14.02
N VAL F 73 -60.56 3.13 13.85
CA VAL F 73 -59.47 2.15 13.83
C VAL F 73 -58.86 1.85 15.21
N GLN F 74 -58.11 0.75 15.22
CA GLN F 74 -57.52 0.24 16.43
C GLN F 74 -56.49 1.19 16.98
N PRO F 75 -56.43 1.29 18.31
CA PRO F 75 -55.38 1.90 19.14
C PRO F 75 -54.12 1.01 19.09
N GLU F 76 -52.92 1.54 19.23
CA GLU F 76 -51.78 0.64 19.24
C GLU F 76 -51.18 0.69 20.61
N LYS F 77 -50.24 -0.21 20.85
CA LYS F 77 -49.64 -0.44 22.16
C LYS F 77 -48.18 -0.69 21.83
N SER F 78 -47.25 0.08 22.40
CA SER F 78 -45.83 -0.15 22.08
C SER F 78 -45.16 -1.14 22.99
N ARG F 79 -45.08 -2.38 22.52
CA ARG F 79 -44.54 -3.45 23.33
C ARG F 79 -43.05 -3.25 23.62
N THR F 80 -42.60 -3.59 24.82
CA THR F 80 -41.21 -3.34 25.18
C THR F 80 -40.71 -4.25 26.24
N VAL F 81 -39.75 -5.11 25.91
CA VAL F 81 -39.14 -6.01 26.91
C VAL F 81 -37.93 -5.42 27.61
N GLN F 82 -37.71 -5.86 28.84
CA GLN F 82 -36.51 -5.42 29.49
C GLN F 82 -35.66 -6.59 29.81
N VAL F 83 -34.36 -6.34 29.94
CA VAL F 83 -33.33 -7.35 30.16
C VAL F 83 -32.51 -7.01 31.38
N LYS F 84 -32.27 -7.99 32.23
CA LYS F 84 -31.31 -7.79 33.29
C LYS F 84 -30.14 -8.70 33.01
N ASP F 85 -28.95 -8.28 33.42
CA ASP F 85 -27.72 -9.04 33.22
C ASP F 85 -26.90 -8.85 34.47
N SER F 86 -26.12 -9.86 34.89
CA SER F 86 -25.39 -9.87 36.19
C SER F 86 -23.90 -9.41 36.29
N MET F 87 -23.40 -9.47 37.53
CA MET F 87 -21.98 -9.27 37.81
C MET F 87 -21.34 -10.58 38.21
N GLY F 88 -20.04 -10.54 38.41
CA GLY F 88 -19.35 -11.64 39.02
C GLY F 88 -18.23 -11.05 39.84
N MET F 89 -17.77 -11.77 40.85
CA MET F 89 -16.67 -11.28 41.66
C MET F 89 -15.48 -12.12 41.34
N LEU F 90 -14.33 -11.48 41.12
CA LEU F 90 -13.08 -12.19 40.90
C LEU F 90 -12.13 -11.80 41.95
N GLU F 91 -11.85 -12.66 42.91
CA GLU F 91 -10.94 -12.21 43.95
C GLU F 91 -10.04 -13.29 44.40
N THR F 92 -8.82 -12.93 44.80
CA THR F 92 -7.93 -13.88 45.50
C THR F 92 -7.02 -13.47 46.62
N TYR F 93 -6.82 -14.39 47.58
CA TYR F 93 -5.85 -14.25 48.64
C TYR F 93 -4.47 -14.66 48.12
N ALA F 94 -3.41 -14.17 48.77
CA ALA F 94 -2.04 -14.44 48.37
C ALA F 94 -1.13 -14.79 49.55
N GLU F 95 -1.14 -16.04 50.01
CA GLU F 95 -0.43 -16.38 51.26
C GLU F 95 1.02 -16.91 51.16
N VAL F 96 1.81 -16.55 52.16
CA VAL F 96 3.19 -16.99 52.31
C VAL F 96 3.41 -17.35 53.74
N ASP F 97 4.12 -18.43 54.00
CA ASP F 97 4.48 -18.75 55.38
C ASP F 97 5.38 -17.64 55.86
N LYS F 98 5.11 -17.09 57.04
CA LYS F 98 5.83 -15.91 57.57
C LYS F 98 7.28 -16.26 57.77
N ALA F 99 7.54 -17.53 58.10
CA ALA F 99 8.89 -17.98 58.25
C ALA F 99 9.62 -17.81 56.90
N LEU F 100 9.02 -18.20 55.77
CA LEU F 100 9.73 -18.04 54.48
C LEU F 100 9.96 -16.64 54.04
N ALA F 101 9.04 -15.74 54.35
CA ALA F 101 9.18 -14.37 53.92
C ALA F 101 10.16 -13.64 54.81
N ASP F 102 10.19 -14.00 56.09
CA ASP F 102 11.03 -13.26 56.99
C ASP F 102 12.52 -13.29 56.74
N LEU F 103 13.05 -14.38 56.19
CA LEU F 103 14.51 -14.46 56.12
C LEU F 103 15.18 -13.42 55.20
N ASN F 104 16.35 -12.96 55.65
CA ASN F 104 17.06 -11.84 55.05
C ASN F 104 16.20 -10.62 55.08
N GLY F 105 15.15 -10.67 55.90
CA GLY F 105 14.25 -9.56 56.10
C GLY F 105 13.58 -9.13 54.81
N ASN F 106 13.30 -10.04 53.89
CA ASN F 106 12.81 -9.56 52.62
C ASN F 106 11.33 -9.74 52.69
N SER F 107 10.78 -9.48 53.87
CA SER F 107 9.39 -9.77 54.13
C SER F 107 8.58 -8.79 53.30
N ALA F 108 8.98 -7.54 53.36
CA ALA F 108 8.25 -6.52 52.68
C ALA F 108 8.61 -6.53 51.21
N ALA F 109 9.88 -6.74 50.91
CA ALA F 109 10.34 -6.75 49.53
C ALA F 109 9.66 -7.87 48.74
N TRP F 110 9.43 -8.98 49.44
CA TRP F 110 8.76 -10.11 48.85
C TRP F 110 7.33 -9.81 48.59
N ARG F 111 6.69 -9.22 49.58
CA ARG F 111 5.24 -9.02 49.55
C ARG F 111 5.01 -8.21 48.31
N LEU F 112 5.93 -7.28 48.12
CA LEU F 112 5.85 -6.38 47.02
C LEU F 112 6.06 -7.10 45.67
N SER F 113 7.13 -7.88 45.55
CA SER F 113 7.46 -8.44 44.25
C SER F 113 6.37 -9.39 43.83
N GLU F 114 5.77 -10.04 44.83
CA GLU F 114 4.64 -10.92 44.57
C GLU F 114 3.37 -10.16 44.13
N ASP F 115 3.24 -8.98 44.70
CA ASP F 115 2.10 -8.13 44.45
C ASP F 115 2.05 -7.67 43.03
N ARG F 116 3.20 -7.29 42.47
CA ARG F 116 3.21 -6.78 41.09
C ARG F 116 2.65 -7.84 40.13
N ALA F 117 3.03 -9.08 40.39
CA ALA F 117 2.51 -10.18 39.62
C ALA F 117 1.05 -10.40 39.91
N PHE F 118 0.57 -10.09 41.10
CA PHE F 118 -0.90 -10.24 41.26
C PHE F 118 -1.73 -9.21 40.50
N ILE F 119 -1.29 -7.97 40.48
CA ILE F 119 -2.03 -6.95 39.76
C ILE F 119 -2.07 -7.42 38.34
N GLU F 120 -0.90 -7.80 37.85
CA GLU F 120 -0.87 -8.14 36.47
C GLU F 120 -1.71 -9.40 36.16
N GLY F 121 -1.77 -10.34 37.10
CA GLY F 121 -2.53 -11.55 36.87
C GLY F 121 -4.01 -11.29 36.83
N MET F 122 -4.47 -10.30 37.63
CA MET F 122 -5.88 -9.95 37.63
C MET F 122 -6.28 -9.22 36.36
N ASN F 123 -5.47 -8.28 35.90
CA ASN F 123 -5.80 -7.61 34.64
C ASN F 123 -5.84 -8.61 33.51
N GLN F 124 -4.91 -9.54 33.59
CA GLN F 124 -4.79 -10.58 32.62
C GLN F 124 -6.07 -11.37 32.60
N THR F 125 -6.63 -11.66 33.77
CA THR F 125 -7.78 -12.57 33.79
C THR F 125 -9.08 -11.86 33.46
N GLN F 126 -9.13 -10.62 33.90
CA GLN F 126 -10.29 -9.79 33.78
C GLN F 126 -10.51 -9.48 32.31
N ALA F 127 -9.43 -9.13 31.61
CA ALA F 127 -9.55 -8.82 30.20
C ALA F 127 -9.67 -10.09 29.35
N THR F 128 -9.11 -11.19 29.80
CA THR F 128 -9.31 -12.37 29.01
C THR F 128 -10.72 -12.81 29.15
N THR F 129 -11.34 -12.46 30.28
CA THR F 129 -12.73 -12.92 30.50
C THR F 129 -13.79 -11.95 30.03
N LEU F 130 -13.40 -10.70 29.83
CA LEU F 130 -14.33 -9.72 29.35
C LEU F 130 -14.72 -10.11 27.90
N PHE F 131 -13.78 -10.71 27.17
CA PHE F 131 -14.03 -11.15 25.78
C PHE F 131 -14.58 -12.55 25.65
N TYR F 132 -14.10 -13.44 26.50
CA TYR F 132 -14.58 -14.79 26.49
C TYR F 132 -15.13 -14.97 27.88
N GLY F 133 -16.34 -14.44 28.03
CA GLY F 133 -17.05 -14.67 29.25
C GLY F 133 -18.20 -15.60 28.95
N ASP F 134 -18.07 -16.78 29.51
CA ASP F 134 -19.11 -17.76 29.47
C ASP F 134 -19.72 -17.75 30.83
N SER F 135 -20.92 -17.22 30.96
CA SER F 135 -21.61 -17.37 32.23
C SER F 135 -22.44 -18.64 32.16
N SER F 136 -22.59 -19.18 30.95
CA SER F 136 -23.36 -20.41 30.74
C SER F 136 -22.59 -21.66 31.08
N ILE F 137 -21.27 -21.56 31.12
CA ILE F 137 -20.47 -22.72 31.52
C ILE F 137 -19.81 -22.56 32.90
N ASP F 138 -19.10 -21.45 33.08
CA ASP F 138 -18.40 -21.19 34.33
C ASP F 138 -19.31 -20.73 35.47
N ALA F 139 -20.54 -20.35 35.11
CA ALA F 139 -21.58 -19.96 36.07
C ALA F 139 -21.16 -18.74 36.87
N GLU F 140 -20.05 -18.87 37.58
CA GLU F 140 -19.51 -17.82 38.44
C GLU F 140 -19.06 -16.50 37.76
N LYS F 141 -18.57 -16.58 36.51
CA LYS F 141 -18.09 -15.39 35.78
C LYS F 141 -19.22 -14.64 35.14
N PHE F 142 -19.06 -13.33 34.98
CA PHE F 142 -20.04 -12.50 34.30
C PHE F 142 -19.85 -12.77 32.80
N MET F 143 -20.88 -12.60 31.97
CA MET F 143 -20.79 -12.93 30.54
C MET F 143 -20.32 -11.74 29.67
N GLY F 144 -19.35 -12.02 28.81
CA GLY F 144 -18.57 -10.96 28.19
C GLY F 144 -18.91 -10.64 26.76
N LEU F 145 -17.95 -10.76 25.85
CA LEU F 145 -18.21 -10.48 24.43
C LEU F 145 -18.49 -11.69 23.52
N THR F 146 -18.05 -12.86 23.91
CA THR F 146 -18.52 -14.03 23.24
C THR F 146 -19.08 -14.75 24.43
N PRO F 147 -20.11 -15.56 24.20
CA PRO F 147 -20.74 -15.64 22.90
C PRO F 147 -21.97 -14.77 22.87
N ARG F 148 -21.88 -13.52 23.32
CA ARG F 148 -23.02 -12.70 23.03
C ARG F 148 -23.21 -12.51 21.52
N PHE F 149 -22.15 -12.37 20.74
CA PHE F 149 -22.36 -12.42 19.31
C PHE F 149 -21.84 -13.73 18.78
N ASN F 150 -22.54 -14.83 18.90
CA ASN F 150 -21.81 -15.96 18.39
C ASN F 150 -22.29 -16.51 17.08
N SER F 151 -23.47 -17.11 17.09
CA SER F 151 -24.04 -17.68 15.87
C SER F 151 -24.47 -16.51 15.00
N LEU F 152 -24.38 -16.67 13.70
CA LEU F 152 -24.75 -15.61 12.79
C LEU F 152 -26.27 -15.40 12.74
N SER F 153 -27.00 -16.43 13.20
CA SER F 153 -28.46 -16.42 13.36
C SER F 153 -29.01 -15.54 14.50
N ALA F 154 -28.19 -15.25 15.50
CA ALA F 154 -28.61 -14.49 16.67
C ALA F 154 -29.02 -13.09 16.25
N GLU F 155 -29.91 -12.45 17.00
CA GLU F 155 -30.47 -11.16 16.60
C GLU F 155 -29.42 -10.04 16.38
N ASN F 156 -28.28 -10.20 17.01
CA ASN F 156 -27.18 -9.32 16.77
C ASN F 156 -26.24 -9.99 15.78
N GLY F 157 -26.75 -10.94 15.03
CA GLY F 157 -25.87 -11.68 14.15
C GLY F 157 -25.41 -10.86 12.96
N GLN F 158 -26.20 -9.89 12.55
CA GLN F 158 -25.81 -8.99 11.48
C GLN F 158 -24.60 -8.14 11.90
N ASN F 159 -24.47 -7.95 13.20
CA ASN F 159 -23.41 -7.13 13.69
C ASN F 159 -22.14 -7.86 13.84
N ILE F 160 -22.19 -9.17 13.72
CA ILE F 160 -20.89 -9.78 13.62
C ILE F 160 -20.56 -9.90 12.10
N ILE F 161 -19.39 -9.36 11.71
CA ILE F 161 -18.90 -9.34 10.33
C ILE F 161 -18.00 -10.51 10.05
N ASP F 162 -18.43 -11.40 9.16
CA ASP F 162 -17.61 -12.56 8.87
C ASP F 162 -16.45 -12.13 7.99
N ALA F 163 -15.23 -12.26 8.52
CA ALA F 163 -13.96 -11.99 7.80
C ALA F 163 -13.71 -13.02 6.72
N GLY F 164 -14.35 -14.18 6.85
CA GLY F 164 -14.36 -15.14 5.77
C GLY F 164 -13.30 -16.20 5.86
N GLY F 165 -12.77 -16.42 7.05
CA GLY F 165 -11.73 -17.42 7.20
C GLY F 165 -12.35 -18.77 7.42
N THR F 166 -11.56 -19.69 7.96
CA THR F 166 -11.98 -21.07 8.16
C THR F 166 -10.77 -21.80 8.77
N GLY F 167 -11.02 -22.84 9.57
CA GLY F 167 -9.99 -23.51 10.33
C GLY F 167 -9.79 -22.77 11.64
N SER F 168 -8.95 -23.30 12.53
CA SER F 168 -8.80 -22.73 13.88
C SER F 168 -7.88 -21.52 14.03
N ASP F 169 -7.01 -21.28 13.05
CA ASP F 169 -6.09 -20.16 13.19
C ASP F 169 -6.73 -18.87 12.79
N ASN F 170 -7.74 -18.40 13.54
CA ASN F 170 -8.36 -17.13 13.17
C ASN F 170 -9.03 -16.37 14.30
N ALA F 171 -8.71 -15.09 14.33
CA ALA F 171 -9.08 -14.17 15.40
C ALA F 171 -10.41 -13.50 15.07
N SER F 172 -10.71 -12.43 15.81
CA SER F 172 -11.77 -11.45 15.48
C SER F 172 -11.27 -10.09 15.97
N ILE F 173 -11.69 -9.01 15.32
CA ILE F 173 -11.43 -7.69 15.89
C ILE F 173 -12.74 -7.22 16.55
N TRP F 174 -12.66 -6.45 17.63
CA TRP F 174 -13.86 -5.86 18.20
C TRP F 174 -13.97 -4.37 17.96
N LEU F 175 -15.21 -3.91 17.83
CA LEU F 175 -15.47 -2.49 17.74
C LEU F 175 -16.63 -2.24 18.66
N THR F 176 -16.42 -1.38 19.64
CA THR F 176 -17.42 -1.12 20.63
C THR F 176 -17.60 0.37 20.81
N VAL F 177 -18.61 0.75 21.55
CA VAL F 177 -18.69 2.11 22.02
C VAL F 177 -18.98 2.09 23.51
N TRP F 178 -17.98 2.42 24.32
CA TRP F 178 -18.18 2.48 25.76
C TRP F 178 -18.93 3.74 26.13
N GLY F 179 -20.08 3.61 26.76
CA GLY F 179 -20.80 4.77 27.20
C GLY F 179 -22.00 4.23 27.93
N PRO F 180 -22.67 5.10 28.69
CA PRO F 180 -23.59 4.68 29.75
C PRO F 180 -24.70 3.76 29.26
N ASN F 181 -25.13 4.01 28.05
CA ASN F 181 -26.30 3.34 27.52
C ASN F 181 -26.06 2.45 26.32
N THR F 182 -24.79 2.17 26.00
CA THR F 182 -24.55 1.31 24.85
C THR F 182 -23.62 0.16 25.19
N LEU F 183 -22.81 0.33 26.24
CA LEU F 183 -21.91 -0.72 26.71
C LEU F 183 -21.10 -0.19 27.87
N HIS F 184 -21.06 -0.86 29.00
CA HIS F 184 -20.14 -0.43 30.05
C HIS F 184 -19.89 -1.56 31.00
N THR F 185 -18.96 -1.41 31.92
CA THR F 185 -18.90 -2.38 33.01
C THR F 185 -19.76 -1.88 34.17
N ILE F 186 -20.04 -2.75 35.13
CA ILE F 186 -20.85 -2.34 36.26
C ILE F 186 -20.20 -2.90 37.53
N TYR F 187 -20.23 -2.16 38.62
CA TYR F 187 -19.69 -2.67 39.85
C TYR F 187 -20.79 -2.42 40.92
N PRO F 188 -20.88 -3.20 42.01
CA PRO F 188 -21.90 -3.37 43.10
C PRO F 188 -22.23 -2.33 44.24
N LYS F 189 -23.32 -2.57 45.00
CA LYS F 189 -23.59 -1.86 46.31
C LYS F 189 -23.21 -2.53 47.72
N GLY F 190 -22.13 -1.95 48.29
CA GLY F 190 -21.39 -0.86 47.62
C GLY F 190 -19.91 -1.02 47.23
N SER F 191 -19.48 -2.20 46.79
CA SER F 191 -18.07 -2.47 46.39
C SER F 191 -17.65 -1.66 45.20
N GLN F 192 -16.48 -1.04 45.25
CA GLN F 192 -16.03 -0.12 44.19
C GLN F 192 -15.27 -0.90 43.15
N ALA F 193 -15.22 -0.41 41.91
CA ALA F 193 -14.33 -1.00 40.89
C ALA F 193 -13.10 -0.09 40.77
N GLY F 194 -11.94 -0.62 40.37
CA GLY F 194 -11.72 -2.05 40.27
C GLY F 194 -10.67 -2.52 41.29
N LEU F 195 -9.97 -3.59 40.94
CA LEU F 195 -8.93 -4.28 41.73
C LEU F 195 -8.53 -3.73 43.11
N GLN F 196 -8.99 -4.31 44.20
CA GLN F 196 -8.58 -3.81 45.51
C GLN F 196 -7.58 -4.71 46.22
N SER F 197 -6.34 -4.28 46.30
CA SER F 197 -5.31 -5.03 47.01
C SER F 197 -5.20 -4.71 48.51
N ARG F 198 -6.11 -5.20 49.33
CA ARG F 198 -6.00 -4.95 50.77
C ARG F 198 -4.95 -5.89 51.36
N ASP F 199 -4.07 -5.40 52.21
CA ASP F 199 -3.09 -6.29 52.81
C ASP F 199 -3.51 -6.82 54.19
N LEU F 200 -3.78 -8.12 54.28
CA LEU F 200 -4.38 -8.74 55.48
C LEU F 200 -3.51 -8.78 56.73
N GLY F 201 -2.25 -8.41 56.60
CA GLY F 201 -1.27 -8.56 57.66
C GLY F 201 -1.03 -10.01 58.08
N GLU F 202 -0.11 -10.21 59.01
CA GLU F 202 0.20 -11.54 59.53
C GLU F 202 -0.97 -12.12 60.28
N ASP F 203 -1.23 -13.40 60.08
CA ASP F 203 -2.25 -14.10 60.85
C ASP F 203 -1.90 -15.54 60.75
N THR F 204 -2.42 -16.36 61.65
CA THR F 204 -2.17 -17.80 61.62
C THR F 204 -2.84 -18.56 60.47
N LEU F 205 -2.23 -19.66 60.06
CA LEU F 205 -2.67 -20.53 58.97
C LEU F 205 -3.00 -21.88 59.59
N ILE F 206 -3.33 -22.87 58.74
CA ILE F 206 -3.44 -24.28 59.20
C ILE F 206 -2.63 -25.30 58.37
N ASP F 207 -1.79 -26.12 59.03
CA ASP F 207 -0.94 -27.12 58.35
C ASP F 207 -2.06 -28.09 57.91
N ALA F 208 -1.88 -28.86 56.84
CA ALA F 208 -2.98 -29.73 56.38
C ALA F 208 -3.45 -30.74 57.42
N ALA F 209 -2.52 -31.19 58.27
CA ALA F 209 -2.82 -32.04 59.43
C ALA F 209 -3.64 -31.32 60.51
N GLY F 210 -3.37 -30.02 60.67
CA GLY F 210 -3.98 -29.20 61.69
C GLY F 210 -2.81 -28.52 62.36
N GLY F 211 -1.65 -29.04 62.01
CA GLY F 211 -0.42 -28.71 62.68
C GLY F 211 0.19 -27.32 62.55
N ARG F 212 -0.60 -26.25 62.78
CA ARG F 212 -0.12 -24.85 62.87
C ARG F 212 0.94 -24.37 61.83
N TYR F 213 0.84 -23.13 61.35
CA TYR F 213 1.73 -22.62 60.29
C TYR F 213 1.64 -21.19 60.70
N GLN F 214 2.41 -20.27 60.16
CA GLN F 214 1.99 -18.88 60.36
C GLN F 214 2.48 -17.93 59.32
N GLY F 215 1.61 -17.03 58.86
CA GLY F 215 1.93 -16.29 57.66
C GLY F 215 1.24 -14.97 57.37
N TYR F 216 1.70 -14.40 56.26
CA TYR F 216 1.14 -13.21 55.67
C TYR F 216 0.02 -13.61 54.73
N ARG F 217 -0.77 -12.64 54.28
CA ARG F 217 -1.82 -12.94 53.33
C ARG F 217 -2.26 -11.61 52.70
N THR F 218 -2.64 -11.61 51.43
CA THR F 218 -3.08 -10.35 50.82
C THR F 218 -4.35 -10.63 50.03
N HIS F 219 -5.36 -9.77 50.06
CA HIS F 219 -6.54 -10.03 49.25
C HIS F 219 -6.54 -9.26 47.95
N TYR F 220 -7.29 -9.70 46.95
CA TYR F 220 -7.40 -8.91 45.73
C TYR F 220 -8.79 -8.98 45.11
N LYS F 221 -9.75 -8.27 45.67
CA LYS F 221 -11.06 -8.27 45.09
C LYS F 221 -11.00 -7.49 43.77
N TRP F 222 -11.87 -7.85 42.83
CA TRP F 222 -12.16 -7.04 41.65
C TRP F 222 -13.35 -7.62 40.93
N ASP F 223 -14.49 -7.01 41.21
CA ASP F 223 -15.77 -7.59 40.86
C ASP F 223 -16.44 -6.73 39.81
N ILE F 224 -16.56 -7.23 38.60
CA ILE F 224 -17.21 -6.44 37.59
C ILE F 224 -18.24 -7.25 36.91
N GLY F 225 -19.17 -6.54 36.32
CA GLY F 225 -20.16 -7.09 35.41
C GLY F 225 -20.07 -6.28 34.13
N LEU F 226 -21.06 -6.46 33.28
CA LEU F 226 -20.95 -5.89 31.95
C LEU F 226 -22.26 -5.60 31.21
N THR F 227 -22.66 -4.34 31.14
CA THR F 227 -23.91 -4.10 30.49
C THR F 227 -23.59 -4.06 29.07
N LEU F 228 -24.29 -4.85 28.26
CA LEU F 228 -24.31 -4.60 26.81
C LEU F 228 -25.71 -4.13 26.44
N ARG F 229 -25.95 -2.82 26.55
CA ARG F 229 -27.31 -2.32 26.54
C ARG F 229 -27.89 -2.68 25.23
N ASP F 230 -27.15 -2.40 24.18
CA ASP F 230 -27.64 -2.80 22.87
C ASP F 230 -26.55 -3.22 21.93
N TRP F 231 -26.77 -4.38 21.34
CA TRP F 231 -25.77 -4.99 20.51
C TRP F 231 -25.54 -4.18 19.24
N ARG F 232 -26.41 -3.23 18.94
CA ARG F 232 -26.21 -2.34 17.78
C ARG F 232 -24.94 -1.51 17.91
N TYR F 233 -24.49 -1.30 19.13
CA TYR F 233 -23.29 -0.53 19.31
C TYR F 233 -22.00 -1.34 19.34
N VAL F 234 -22.12 -2.67 19.22
CA VAL F 234 -20.92 -3.53 19.15
C VAL F 234 -20.88 -4.43 17.92
N VAL F 235 -19.80 -4.36 17.15
CA VAL F 235 -19.66 -5.17 15.95
C VAL F 235 -18.37 -5.97 15.98
N ARG F 236 -18.51 -7.26 15.73
CA ARG F 236 -17.35 -8.14 15.79
C ARG F 236 -16.98 -8.62 14.41
N ILE F 237 -15.67 -8.62 14.12
CA ILE F 237 -15.14 -8.93 12.79
C ILE F 237 -14.49 -10.32 12.81
N ALA F 238 -15.34 -11.37 12.76
CA ALA F 238 -14.93 -12.74 13.08
C ALA F 238 -14.28 -13.56 11.94
N ASN F 239 -13.53 -14.60 12.31
CA ASN F 239 -12.79 -15.49 11.37
C ASN F 239 -11.69 -14.81 10.58
N VAL F 240 -10.95 -13.94 11.22
CA VAL F 240 -9.85 -13.26 10.57
C VAL F 240 -8.75 -14.29 10.52
N ASP F 241 -8.65 -15.08 9.45
CA ASP F 241 -7.59 -16.11 9.39
C ASP F 241 -6.20 -15.39 9.44
N VAL F 242 -5.51 -15.52 10.56
CA VAL F 242 -4.25 -14.80 10.72
C VAL F 242 -3.04 -15.34 9.94
N SER F 243 -3.01 -16.63 9.69
CA SER F 243 -1.93 -17.14 8.87
C SER F 243 -2.02 -16.58 7.46
N GLU F 244 -3.23 -16.28 7.00
CA GLU F 244 -3.44 -15.88 5.62
C GLU F 244 -3.31 -14.39 5.37
N LEU F 245 -3.17 -13.62 6.44
CA LEU F 245 -3.02 -12.20 6.31
C LEU F 245 -1.73 -11.90 5.58
N THR F 246 -1.74 -10.94 4.66
CA THR F 246 -0.53 -10.47 4.00
C THR F 246 -0.56 -8.95 4.03
N LYS F 247 0.62 -8.33 4.06
CA LYS F 247 0.70 -6.87 4.13
C LYS F 247 0.18 -6.19 2.87
N ASN F 248 0.19 -6.90 1.73
CA ASN F 248 -0.27 -6.35 0.46
C ASN F 248 -1.75 -6.36 0.22
N ALA F 249 -2.55 -6.33 1.30
CA ALA F 249 -4.00 -6.53 1.27
C ALA F 249 -4.37 -7.52 0.18
N SER F 250 -3.65 -8.64 0.11
CA SER F 250 -3.68 -9.39 -1.12
C SER F 250 -4.34 -10.75 -0.98
N ALA F 251 -3.62 -11.72 -0.46
CA ALA F 251 -4.22 -13.03 -0.19
C ALA F 251 -4.94 -12.92 1.14
N GLY F 252 -5.92 -13.79 1.37
CA GLY F 252 -6.58 -13.79 2.67
C GLY F 252 -7.42 -12.54 2.89
N ALA F 253 -7.56 -12.15 4.14
CA ALA F 253 -8.52 -11.11 4.46
C ALA F 253 -7.91 -9.72 4.69
N ASP F 254 -8.41 -8.75 3.94
CA ASP F 254 -8.01 -7.37 4.14
C ASP F 254 -8.51 -6.86 5.48
N LEU F 255 -7.73 -6.01 6.13
CA LEU F 255 -8.22 -5.38 7.36
C LEU F 255 -8.96 -4.08 7.09
N ILE F 256 -8.47 -3.23 6.18
CA ILE F 256 -8.99 -1.87 6.13
C ILE F 256 -10.45 -1.77 5.72
N ASP F 257 -10.92 -2.48 4.70
CA ASP F 257 -12.35 -2.44 4.43
C ASP F 257 -13.14 -3.20 5.54
N LEU F 258 -12.58 -4.33 5.99
CA LEU F 258 -13.22 -5.17 7.00
C LEU F 258 -13.31 -4.38 8.26
N MET F 259 -12.42 -3.41 8.40
CA MET F 259 -12.49 -2.48 9.51
C MET F 259 -13.43 -1.29 9.27
N THR F 260 -13.45 -0.66 8.10
CA THR F 260 -14.37 0.48 7.98
C THR F 260 -15.81 0.03 7.94
N GLN F 261 -16.08 -1.15 7.38
CA GLN F 261 -17.46 -1.59 7.28
C GLN F 261 -18.03 -1.86 8.67
N ALA F 262 -17.11 -2.19 9.57
CA ALA F 262 -17.43 -2.24 10.97
C ALA F 262 -17.74 -0.86 11.45
N VAL F 263 -17.10 0.15 10.90
CA VAL F 263 -17.46 1.50 11.31
C VAL F 263 -18.86 1.91 10.81
N GLU F 264 -19.16 1.58 9.57
CA GLU F 264 -20.50 1.83 9.06
C GLU F 264 -21.60 1.03 9.75
N LEU F 265 -21.25 -0.09 10.37
CA LEU F 265 -22.28 -0.82 11.11
C LEU F 265 -22.82 -0.12 12.38
N ILE F 266 -22.09 0.83 12.96
CA ILE F 266 -22.55 1.51 14.18
C ILE F 266 -23.55 2.58 13.85
N PRO F 267 -24.75 2.52 14.46
CA PRO F 267 -25.63 3.65 14.18
C PRO F 267 -25.09 4.86 14.94
N ASN F 268 -24.74 5.91 14.20
CA ASN F 268 -24.04 7.11 14.66
C ASN F 268 -23.14 7.04 15.90
N VAL F 269 -21.82 7.14 15.69
CA VAL F 269 -20.90 7.16 16.82
C VAL F 269 -21.13 8.48 17.53
N GLY F 270 -21.98 8.49 18.54
CA GLY F 270 -22.30 9.78 19.11
C GLY F 270 -21.80 9.75 20.52
N MET F 271 -22.17 8.69 21.20
CA MET F 271 -21.81 8.54 22.58
C MET F 271 -21.66 7.05 22.80
N GLY F 272 -20.80 6.68 23.75
CA GLY F 272 -19.91 7.63 24.38
C GLY F 272 -18.68 7.72 23.52
N ARG F 273 -17.84 6.71 23.56
CA ARG F 273 -16.64 6.75 22.76
C ARG F 273 -16.32 5.36 22.21
N PRO F 274 -16.12 5.29 20.91
CA PRO F 274 -15.82 4.06 20.20
C PRO F 274 -14.36 3.64 20.43
N ALA F 275 -14.09 2.36 20.19
CA ALA F 275 -12.75 1.81 20.24
C ALA F 275 -12.68 0.47 19.50
N PHE F 276 -11.67 0.29 18.68
CA PHE F 276 -11.42 -1.01 18.13
C PHE F 276 -10.47 -1.73 19.07
N TYR F 277 -10.62 -3.04 19.22
CA TYR F 277 -9.72 -3.83 20.04
C TYR F 277 -9.26 -4.95 19.16
N MET F 278 -7.98 -4.97 18.91
CA MET F 278 -7.48 -5.94 17.98
C MET F 278 -6.32 -6.65 18.64
N PRO F 279 -6.10 -7.92 18.26
CA PRO F 279 -4.99 -8.71 18.78
C PRO F 279 -3.74 -8.00 18.29
N ARG F 280 -2.62 -8.02 19.02
CA ARG F 280 -1.46 -7.26 18.54
C ARG F 280 -1.02 -7.74 17.16
N LYS F 281 -1.19 -9.04 16.89
CA LYS F 281 -0.80 -9.64 15.62
C LYS F 281 -1.52 -8.95 14.47
N ILE F 282 -2.78 -8.67 14.72
CA ILE F 282 -3.58 -7.90 13.80
C ILE F 282 -3.08 -6.47 13.69
N ARG F 283 -2.75 -5.83 14.80
CA ARG F 283 -2.36 -4.44 14.75
C ARG F 283 -1.16 -4.27 13.84
N SER F 284 -0.26 -5.26 13.86
CA SER F 284 0.96 -5.16 13.09
C SER F 284 0.63 -5.22 11.59
N PHE F 285 -0.14 -6.24 11.20
CA PHE F 285 -0.49 -6.38 9.80
C PHE F 285 -1.32 -5.21 9.31
N LEU F 286 -2.03 -4.61 10.23
CA LEU F 286 -2.81 -3.43 9.98
C LEU F 286 -1.89 -2.29 9.62
N ARG F 287 -0.78 -2.17 10.35
CA ARG F 287 0.07 -1.02 10.13
C ARG F 287 0.65 -1.15 8.75
N ARG F 288 1.13 -2.35 8.48
CA ARG F 288 1.73 -2.59 7.18
C ARG F 288 0.71 -2.43 6.02
N GLN F 289 -0.49 -2.95 6.18
CA GLN F 289 -1.49 -2.86 5.11
C GLN F 289 -1.88 -1.45 4.86
N ILE F 290 -1.94 -0.64 5.90
CA ILE F 290 -2.29 0.75 5.66
C ILE F 290 -1.24 1.42 4.84
N THR F 291 0.03 1.26 5.23
CA THR F 291 1.05 1.99 4.46
C THR F 291 1.11 1.48 3.05
N ASN F 292 0.84 0.20 2.86
CA ASN F 292 0.81 -0.34 1.50
C ASN F 292 -0.33 0.16 0.60
N LYS F 293 -1.48 0.50 1.18
CA LYS F 293 -2.52 1.05 0.33
C LYS F 293 -2.16 2.49 0.03
N VAL F 294 -1.68 3.21 1.03
CA VAL F 294 -1.25 4.59 0.84
C VAL F 294 0.02 4.72 -0.03
N ALA F 295 0.78 3.64 -0.13
CA ALA F 295 2.01 3.67 -0.91
C ALA F 295 1.79 3.89 -2.39
N ALA F 296 0.63 3.46 -2.90
CA ALA F 296 0.31 3.61 -4.32
C ALA F 296 -0.39 4.95 -4.56
N SER F 297 -0.08 5.88 -3.68
CA SER F 297 -0.83 7.08 -3.57
C SER F 297 0.07 8.19 -3.19
N THR F 298 0.14 8.46 -1.89
CA THR F 298 0.91 9.58 -1.45
C THR F 298 1.38 9.32 -0.06
N LEU F 299 2.62 8.87 0.02
CA LEU F 299 3.29 8.76 1.29
C LEU F 299 4.68 9.31 0.97
N THR F 300 5.25 9.99 1.94
CA THR F 300 6.51 10.68 1.74
C THR F 300 7.67 9.72 1.96
N MET F 301 8.90 10.17 1.71
CA MET F 301 10.04 9.33 1.98
C MET F 301 10.13 9.05 3.46
N GLU F 302 10.08 10.10 4.29
CA GLU F 302 10.25 9.94 5.73
C GLU F 302 9.08 9.26 6.48
N GLU F 303 7.89 9.30 5.91
CA GLU F 303 6.76 8.67 6.54
C GLU F 303 6.63 7.27 5.97
N ILE F 304 7.79 6.67 5.73
CA ILE F 304 7.86 5.38 5.08
C ILE F 304 7.56 4.26 6.06
N ALA F 305 7.76 4.58 7.34
CA ALA F 305 7.57 3.60 8.41
C ALA F 305 6.09 3.35 8.64
N GLY F 306 5.34 4.44 8.53
CA GLY F 306 3.92 4.47 8.76
C GLY F 306 3.73 4.79 10.21
N LYS F 307 2.93 5.80 10.48
CA LYS F 307 2.61 6.21 11.82
C LYS F 307 1.84 5.01 12.36
N LYS F 308 2.11 4.60 13.60
CA LYS F 308 1.43 3.42 14.14
C LYS F 308 -0.03 3.79 14.28
N VAL F 309 -0.94 2.85 14.07
CA VAL F 309 -2.35 3.21 14.06
C VAL F 309 -2.73 3.78 15.41
N VAL F 310 -3.43 4.91 15.36
CA VAL F 310 -3.74 5.68 16.56
C VAL F 310 -5.21 5.85 16.55
N ALA F 311 -5.65 6.56 15.52
CA ALA F 311 -7.05 6.79 15.26
C ALA F 311 -7.26 6.15 13.92
N PHE F 312 -8.03 5.07 13.89
CA PHE F 312 -8.30 4.42 12.64
C PHE F 312 -9.23 5.31 11.84
N ASP F 313 -10.37 5.61 12.43
CA ASP F 313 -11.34 6.46 11.76
C ASP F 313 -11.74 7.57 12.71
N GLY F 314 -10.77 8.01 13.52
CA GLY F 314 -11.09 8.83 14.66
C GLY F 314 -11.77 7.95 15.70
N ILE F 315 -11.37 6.71 15.73
CA ILE F 315 -11.78 5.85 16.79
C ILE F 315 -10.46 5.35 17.27
N PRO F 316 -10.19 5.43 18.59
CA PRO F 316 -8.90 4.93 19.08
C PRO F 316 -8.83 3.47 18.71
N CYS F 317 -7.69 3.02 18.24
CA CYS F 317 -7.65 1.61 17.96
C CYS F 317 -6.67 1.05 18.97
N ARG F 318 -7.20 0.31 19.94
CA ARG F 318 -6.46 -0.17 21.12
C ARG F 318 -5.95 -1.58 20.99
N ARG F 319 -4.68 -1.75 21.33
CA ARG F 319 -4.07 -3.06 21.31
C ARG F 319 -4.52 -3.84 22.52
N THR F 320 -5.11 -5.01 22.30
CA THR F 320 -5.44 -5.89 23.41
C THR F 320 -4.96 -7.31 23.21
N ASP F 321 -3.95 -7.64 24.00
CA ASP F 321 -3.30 -8.93 24.00
C ASP F 321 -4.21 -10.00 24.58
N ALA F 322 -4.93 -9.68 25.64
CA ALA F 322 -5.69 -10.73 26.31
C ALA F 322 -6.90 -11.02 25.46
N LEU F 323 -6.63 -11.43 24.23
CA LEU F 323 -7.63 -11.60 23.21
C LEU F 323 -7.04 -12.70 22.35
N LEU F 324 -7.71 -13.84 22.32
CA LEU F 324 -7.22 -15.04 21.65
C LEU F 324 -7.00 -14.88 20.13
N LEU F 325 -5.82 -15.34 19.70
CA LEU F 325 -5.35 -15.32 18.30
C LEU F 325 -5.72 -16.58 17.51
N THR F 326 -5.80 -17.69 18.21
CA THR F 326 -6.33 -18.90 17.59
C THR F 326 -7.68 -19.21 18.24
N GLU F 327 -8.71 -18.62 17.65
CA GLU F 327 -10.11 -18.75 18.04
C GLU F 327 -10.80 -19.71 17.08
N ALA F 328 -11.77 -20.51 17.55
CA ALA F 328 -12.46 -21.39 16.62
C ALA F 328 -13.31 -20.58 15.64
N ARG F 329 -13.35 -20.93 14.35
CA ARG F 329 -14.04 -20.07 13.38
C ARG F 329 -15.50 -20.06 13.75
N VAL F 330 -16.19 -18.93 13.56
CA VAL F 330 -17.58 -18.89 14.05
C VAL F 330 -18.55 -19.22 12.91
N VAL F 331 -19.06 -20.45 12.99
CA VAL F 331 -19.99 -21.02 12.02
C VAL F 331 -21.19 -20.12 11.76
N SER G 5 -15.80 -41.22 77.34
CA SER G 5 -14.38 -41.51 77.52
C SER G 5 -13.66 -40.52 78.45
N THR G 6 -12.39 -40.30 78.10
CA THR G 6 -11.43 -39.44 78.80
C THR G 6 -11.22 -38.04 78.15
N THR G 7 -11.24 -36.97 78.95
CA THR G 7 -11.09 -35.61 78.42
C THR G 7 -9.63 -35.19 78.44
N ASN G 8 -9.05 -35.10 77.24
CA ASN G 8 -7.63 -34.78 77.07
C ASN G 8 -7.37 -33.59 76.13
N PRO G 9 -7.51 -32.37 76.66
CA PRO G 9 -7.33 -31.02 76.07
C PRO G 9 -5.86 -30.72 75.78
N THR G 10 -5.57 -29.77 74.90
CA THR G 10 -4.22 -29.22 74.91
C THR G 10 -4.20 -27.87 75.63
N LEU G 11 -5.28 -27.10 75.44
CA LEU G 11 -5.35 -25.71 75.86
C LEU G 11 -5.43 -25.67 77.37
N ALA G 12 -5.25 -24.47 77.97
CA ALA G 12 -5.40 -24.39 79.43
C ALA G 12 -6.87 -24.61 79.88
N ASP G 13 -7.08 -25.42 80.94
CA ASP G 13 -8.42 -25.67 81.52
C ASP G 13 -8.65 -24.89 82.77
N VAL G 14 -9.88 -24.77 83.25
CA VAL G 14 -10.06 -24.08 84.53
C VAL G 14 -9.37 -24.83 85.69
N ALA G 15 -9.06 -26.11 85.52
CA ALA G 15 -8.26 -26.74 86.52
C ALA G 15 -6.87 -26.12 86.53
N ALA G 16 -6.21 -26.13 85.37
CA ALA G 16 -4.84 -25.60 85.24
C ALA G 16 -4.80 -24.12 85.55
N ARG G 17 -5.80 -23.37 85.11
CA ARG G 17 -5.86 -21.93 85.35
C ARG G 17 -6.07 -21.62 86.81
N MET G 18 -6.71 -22.54 87.53
CA MET G 18 -6.92 -22.32 88.96
C MET G 18 -5.74 -22.67 89.84
N THR G 19 -4.63 -23.14 89.30
CA THR G 19 -3.55 -23.49 90.21
C THR G 19 -2.44 -22.47 90.38
N PRO G 20 -2.18 -21.62 89.34
CA PRO G 20 -1.34 -20.47 89.68
C PRO G 20 -2.04 -19.33 90.44
N ASP G 21 -3.26 -19.49 90.97
CA ASP G 21 -3.74 -18.61 92.07
C ASP G 21 -3.20 -19.19 93.38
N GLY G 22 -2.96 -18.39 94.44
CA GLY G 22 -3.81 -17.30 94.84
C GLY G 22 -3.90 -16.94 96.34
N LYS G 23 -4.45 -15.75 96.60
CA LYS G 23 -5.13 -14.94 95.56
C LYS G 23 -4.02 -14.28 94.71
N ILE G 24 -2.78 -14.53 95.17
CA ILE G 24 -1.46 -14.43 94.52
C ILE G 24 -1.17 -15.35 93.28
N ASP G 25 -0.51 -14.85 92.23
CA ASP G 25 -0.32 -15.60 90.97
C ASP G 25 1.20 -16.08 90.59
N PRO G 26 2.24 -15.21 90.68
CA PRO G 26 3.56 -15.53 90.12
C PRO G 26 4.40 -16.53 90.89
N GLN G 27 5.70 -16.41 90.59
CA GLN G 27 6.82 -17.15 91.15
C GLN G 27 6.63 -18.63 91.19
N ILE G 28 6.62 -19.31 90.03
CA ILE G 28 6.33 -20.73 90.10
C ILE G 28 7.62 -21.53 90.22
N VAL G 29 7.70 -22.38 91.23
CA VAL G 29 8.96 -23.02 91.54
C VAL G 29 9.04 -24.27 90.75
N GLU G 30 10.00 -24.33 89.82
CA GLU G 30 10.00 -25.46 88.88
C GLU G 30 10.79 -26.71 89.33
N MET G 31 10.18 -27.71 89.98
CA MET G 31 11.06 -28.72 90.56
C MET G 31 11.43 -29.58 89.37
N LEU G 32 10.48 -30.28 88.75
CA LEU G 32 10.88 -31.20 87.68
C LEU G 32 10.97 -30.50 86.28
N ASN G 33 12.20 -30.04 86.03
CA ASN G 33 12.70 -29.49 84.77
C ASN G 33 14.26 -29.67 84.77
N GLU G 34 14.86 -29.90 83.60
CA GLU G 34 16.30 -30.11 83.51
C GLU G 34 17.01 -28.78 83.73
N THR G 35 18.19 -28.78 84.34
CA THR G 35 18.90 -27.52 84.55
C THR G 35 20.28 -27.53 83.86
N ASN G 36 20.25 -27.80 82.57
CA ASN G 36 21.42 -27.73 81.71
C ASN G 36 21.79 -26.31 81.28
N GLU G 37 23.09 -26.07 81.12
CA GLU G 37 23.55 -24.73 80.91
C GLU G 37 24.54 -24.64 79.77
N ILE G 38 24.17 -24.92 78.54
CA ILE G 38 25.10 -24.63 77.46
C ILE G 38 24.52 -23.33 77.06
N LEU G 39 23.23 -23.22 77.33
CA LEU G 39 22.39 -22.16 76.76
C LEU G 39 22.79 -20.81 77.28
N ASP G 40 23.33 -20.81 78.49
CA ASP G 40 23.78 -19.58 79.10
C ASP G 40 25.14 -19.24 78.51
N ASP G 41 25.93 -20.28 78.27
CA ASP G 41 27.32 -20.15 77.87
C ASP G 41 27.54 -19.91 76.36
N MET G 42 26.63 -20.40 75.52
CA MET G 42 26.78 -20.29 74.08
C MET G 42 26.74 -18.85 73.57
N THR G 43 27.54 -18.57 72.53
CA THR G 43 27.54 -17.28 71.81
C THR G 43 26.73 -17.36 70.52
N VAL G 44 26.25 -16.23 70.02
CA VAL G 44 25.39 -16.20 68.81
C VAL G 44 25.86 -15.19 67.78
N ILE G 45 26.05 -15.59 66.54
CA ILE G 45 26.32 -14.56 65.55
C ILE G 45 25.40 -14.82 64.36
N GLU G 46 24.92 -13.76 63.71
CA GLU G 46 23.89 -13.96 62.70
C GLU G 46 24.51 -14.70 61.54
N ALA G 47 23.83 -15.70 60.99
CA ALA G 47 24.44 -16.49 59.93
C ALA G 47 24.55 -15.68 58.67
N ASN G 48 25.65 -15.92 57.93
CA ASN G 48 26.03 -15.11 56.77
C ASN G 48 25.48 -15.55 55.40
N GLY G 49 25.31 -16.85 55.19
CA GLY G 49 24.74 -17.25 53.92
C GLY G 49 23.22 -17.19 54.08
N PHE G 50 22.52 -17.70 53.07
CA PHE G 50 21.07 -17.86 53.12
C PHE G 50 20.74 -19.16 53.84
N THR G 51 20.40 -19.10 55.12
CA THR G 51 20.04 -20.28 55.94
C THR G 51 21.16 -21.33 55.98
N GLU G 52 22.38 -20.85 55.89
CA GLU G 52 23.58 -21.64 55.98
C GLU G 52 24.57 -20.59 56.46
N HIS G 53 25.77 -20.99 56.80
CA HIS G 53 26.76 -20.04 57.26
C HIS G 53 28.09 -20.45 56.65
N LYS G 54 28.49 -19.92 55.49
CA LYS G 54 29.75 -20.35 54.86
C LYS G 54 30.87 -19.97 55.82
N THR G 55 31.96 -20.74 55.83
CA THR G 55 33.10 -20.46 56.70
C THR G 55 34.34 -20.86 55.96
N THR G 56 35.20 -19.94 55.58
CA THR G 56 36.39 -20.39 54.85
C THR G 56 37.53 -20.90 55.80
N VAL G 57 38.04 -22.09 55.53
CA VAL G 57 38.99 -22.73 56.42
C VAL G 57 40.27 -23.02 55.70
N ARG G 58 41.36 -22.49 56.24
CA ARG G 58 42.67 -22.59 55.60
C ARG G 58 43.05 -24.03 55.39
N SER G 59 43.39 -24.39 54.17
CA SER G 59 43.61 -25.78 53.92
C SER G 59 45.08 -26.18 53.77
N GLY G 60 45.91 -25.29 53.22
CA GLY G 60 47.33 -25.53 53.03
C GLY G 60 48.10 -24.22 53.11
N LEU G 61 49.18 -24.18 53.90
CA LEU G 61 50.01 -22.97 54.00
C LEU G 61 51.15 -22.77 53.02
N PRO G 62 51.48 -21.50 52.75
CA PRO G 62 52.76 -21.25 52.11
C PRO G 62 53.87 -21.48 53.12
N THR G 63 54.90 -22.26 52.80
CA THR G 63 56.05 -22.36 53.71
C THR G 63 57.11 -21.35 53.26
N GLY G 64 57.93 -20.83 54.16
CA GLY G 64 58.87 -19.78 53.78
C GLY G 64 60.05 -20.30 52.98
N THR G 65 61.02 -19.44 52.68
CA THR G 65 62.32 -19.92 52.16
C THR G 65 63.44 -19.04 52.71
N TRP G 66 64.63 -19.65 52.88
CA TRP G 66 65.86 -18.91 53.20
C TRP G 66 66.48 -18.50 51.89
N ARG G 67 66.90 -17.24 51.70
CA ARG G 67 67.16 -17.00 50.30
C ARG G 67 68.56 -16.76 49.78
N LYS G 68 69.59 -16.98 50.55
CA LYS G 68 70.95 -16.94 49.96
C LYS G 68 71.37 -15.63 49.28
N LEU G 69 72.68 -15.40 49.20
CA LEU G 69 73.17 -14.17 48.59
C LEU G 69 72.69 -14.20 47.13
N ASN G 70 72.20 -13.09 46.57
CA ASN G 70 71.87 -13.09 45.12
C ASN G 70 71.04 -14.23 44.51
N TYR G 71 69.84 -14.53 45.00
CA TYR G 71 69.17 -15.67 44.42
C TYR G 71 67.67 -15.73 44.64
N GLY G 72 66.90 -15.49 43.58
CA GLY G 72 65.46 -15.37 43.69
C GLY G 72 64.75 -16.67 44.08
N VAL G 73 63.86 -16.53 45.06
CA VAL G 73 63.10 -17.63 45.64
C VAL G 73 61.85 -17.71 44.82
N GLN G 74 61.22 -18.89 44.71
CA GLN G 74 59.92 -19.05 44.03
C GLN G 74 58.67 -18.79 44.96
N PRO G 75 57.56 -18.23 44.41
CA PRO G 75 56.27 -17.82 45.04
C PRO G 75 55.37 -18.93 45.58
N GLU G 76 54.59 -18.69 46.65
CA GLU G 76 53.66 -19.68 47.25
C GLU G 76 52.17 -19.33 47.12
N LYS G 77 51.29 -20.26 47.48
CA LYS G 77 49.84 -20.11 47.24
C LYS G 77 49.17 -20.65 48.51
N SER G 78 48.26 -19.88 49.10
CA SER G 78 47.50 -20.37 50.28
C SER G 78 46.15 -21.06 49.97
N ARG G 79 46.12 -22.39 49.92
CA ARG G 79 44.91 -23.13 49.56
C ARG G 79 43.80 -23.02 50.60
N THR G 80 42.53 -23.02 50.18
CA THR G 80 41.36 -22.82 51.09
C THR G 80 40.12 -23.62 50.69
N VAL G 81 39.60 -24.42 51.62
CA VAL G 81 38.25 -24.94 51.46
C VAL G 81 37.24 -24.21 52.36
N GLN G 82 35.99 -24.08 51.91
CA GLN G 82 35.00 -23.48 52.82
C GLN G 82 33.91 -24.44 53.15
N VAL G 83 33.41 -24.27 54.37
CA VAL G 83 32.50 -25.21 54.95
C VAL G 83 31.29 -24.52 55.54
N LYS G 84 30.14 -24.68 54.87
CA LYS G 84 28.89 -24.06 55.32
C LYS G 84 28.13 -24.92 56.33
N ASP G 85 27.35 -24.29 57.21
CA ASP G 85 26.62 -24.99 58.28
C ASP G 85 25.19 -24.51 58.36
N SER G 86 24.25 -25.43 58.61
CA SER G 86 22.85 -25.05 58.55
C SER G 86 22.20 -24.65 59.88
N MET G 87 20.96 -24.17 59.82
CA MET G 87 20.13 -24.02 61.02
C MET G 87 18.82 -24.81 60.93
N GLY G 88 18.05 -24.81 62.00
CA GLY G 88 16.69 -25.34 61.92
C GLY G 88 15.86 -24.50 62.87
N MET G 89 14.56 -24.41 62.64
CA MET G 89 13.72 -23.58 63.51
C MET G 89 12.83 -24.40 64.38
N LEU G 90 12.71 -23.95 65.65
CA LEU G 90 11.75 -24.57 66.55
C LEU G 90 10.76 -23.57 67.03
N GLU G 91 9.54 -23.66 66.47
CA GLU G 91 8.38 -22.80 66.70
C GLU G 91 7.38 -23.64 67.51
N THR G 92 6.65 -23.06 68.47
CA THR G 92 5.41 -23.67 69.05
C THR G 92 4.43 -22.57 69.33
N TYR G 93 3.14 -22.83 69.22
CA TYR G 93 2.13 -21.90 69.72
C TYR G 93 1.64 -22.22 71.14
N ALA G 94 1.06 -21.22 71.83
CA ALA G 94 0.51 -21.45 73.17
C ALA G 94 -0.87 -20.83 73.44
N GLU G 95 -1.96 -21.47 73.00
CA GLU G 95 -3.33 -20.89 73.03
C GLU G 95 -4.24 -21.13 74.29
N VAL G 96 -5.15 -20.18 74.62
CA VAL G 96 -6.11 -20.29 75.76
C VAL G 96 -7.55 -19.83 75.46
N ASP G 97 -8.56 -20.49 76.04
CA ASP G 97 -9.98 -20.07 75.83
C ASP G 97 -9.99 -18.66 76.42
N LYS G 98 -10.35 -17.62 75.66
CA LYS G 98 -10.00 -16.24 76.10
C LYS G 98 -10.64 -15.80 77.38
N ALA G 99 -11.87 -16.26 77.55
CA ALA G 99 -12.59 -15.95 78.74
C ALA G 99 -11.81 -16.58 79.89
N LEU G 100 -11.23 -17.74 79.67
CA LEU G 100 -10.54 -18.36 80.76
C LEU G 100 -9.28 -17.62 81.23
N ALA G 101 -8.52 -17.06 80.29
CA ALA G 101 -7.25 -16.43 80.61
C ALA G 101 -7.45 -15.04 81.18
N ASP G 102 -8.43 -14.37 80.59
CA ASP G 102 -8.85 -13.01 80.94
C ASP G 102 -9.45 -12.88 82.34
N LEU G 103 -10.08 -13.95 82.82
CA LEU G 103 -10.84 -13.92 84.06
C LEU G 103 -10.02 -13.65 85.33
N ASN G 104 -10.65 -12.93 86.26
CA ASN G 104 -10.02 -12.35 87.44
C ASN G 104 -8.94 -11.36 87.05
N GLY G 105 -9.02 -10.91 85.80
CA GLY G 105 -8.12 -9.93 85.22
C GLY G 105 -6.64 -10.25 85.17
N ASN G 106 -6.27 -11.53 85.03
CA ASN G 106 -4.85 -11.91 85.05
C ASN G 106 -4.38 -12.25 83.70
N SER G 107 -4.71 -11.45 82.70
CA SER G 107 -4.40 -11.86 81.34
C SER G 107 -2.89 -11.91 81.15
N ALA G 108 -2.22 -10.87 81.62
CA ALA G 108 -0.78 -10.75 81.37
C ALA G 108 0.06 -11.67 82.25
N ALA G 109 -0.29 -11.80 83.52
CA ALA G 109 0.47 -12.68 84.40
C ALA G 109 0.32 -14.13 83.95
N TRP G 110 -0.83 -14.46 83.40
CA TRP G 110 -1.00 -15.79 82.86
C TRP G 110 -0.15 -15.95 81.65
N ARG G 111 -0.21 -14.97 80.74
CA ARG G 111 0.46 -15.12 79.46
C ARG G 111 1.93 -15.32 79.77
N LEU G 112 2.36 -14.63 80.82
CA LEU G 112 3.71 -14.70 81.29
C LEU G 112 4.01 -16.08 81.88
N SER G 113 3.17 -16.66 82.74
CA SER G 113 3.61 -17.91 83.35
C SER G 113 3.71 -18.99 82.29
N GLU G 114 2.80 -18.95 81.34
CA GLU G 114 2.88 -19.92 80.28
C GLU G 114 4.11 -19.64 79.48
N ASP G 115 4.49 -18.38 79.43
CA ASP G 115 5.70 -18.01 78.72
C ASP G 115 7.00 -18.55 79.40
N ARG G 116 7.09 -18.40 80.71
CA ARG G 116 8.25 -18.80 81.47
C ARG G 116 8.39 -20.34 81.33
N ALA G 117 7.27 -21.04 81.39
CA ALA G 117 7.32 -22.48 81.19
C ALA G 117 7.59 -22.91 79.71
N PHE G 118 7.13 -22.17 78.72
CA PHE G 118 7.47 -22.55 77.33
C PHE G 118 8.93 -22.38 77.07
N ILE G 119 9.48 -21.32 77.64
CA ILE G 119 10.90 -21.07 77.54
C ILE G 119 11.64 -22.23 78.18
N GLU G 120 11.18 -22.68 79.34
CA GLU G 120 11.95 -23.74 79.95
C GLU G 120 11.93 -25.04 79.11
N GLY G 121 10.78 -25.38 78.55
CA GLY G 121 10.73 -26.59 77.74
C GLY G 121 11.52 -26.48 76.44
N MET G 122 11.52 -25.29 75.85
CA MET G 122 12.29 -25.09 74.64
C MET G 122 13.77 -25.15 74.97
N ASN G 123 14.17 -24.68 76.16
CA ASN G 123 15.58 -24.84 76.52
C ASN G 123 15.97 -26.29 76.53
N GLN G 124 15.12 -27.11 77.09
CA GLN G 124 15.48 -28.49 77.10
C GLN G 124 15.53 -29.07 75.71
N THR G 125 14.60 -28.74 74.81
CA THR G 125 14.63 -29.50 73.55
C THR G 125 15.78 -29.02 72.72
N GLN G 126 16.06 -27.73 72.76
CA GLN G 126 17.16 -27.21 71.98
C GLN G 126 18.50 -27.66 72.54
N ALA G 127 18.68 -27.68 73.86
CA ALA G 127 19.98 -28.11 74.38
C ALA G 127 20.18 -29.63 74.21
N THR G 128 19.13 -30.43 74.19
CA THR G 128 19.35 -31.82 73.83
C THR G 128 19.66 -31.96 72.34
N THR G 129 19.09 -31.07 71.52
CA THR G 129 19.28 -31.23 70.09
C THR G 129 20.61 -30.68 69.68
N LEU G 130 21.21 -29.88 70.54
CA LEU G 130 22.52 -29.29 70.30
C LEU G 130 23.68 -30.28 70.44
N PHE G 131 23.55 -31.27 71.32
CA PHE G 131 24.56 -32.31 71.44
C PHE G 131 24.31 -33.47 70.51
N TYR G 132 23.06 -33.92 70.41
CA TYR G 132 22.76 -35.02 69.51
C TYR G 132 21.73 -34.59 68.48
N GLY G 133 22.07 -33.70 67.57
CA GLY G 133 21.09 -33.36 66.58
C GLY G 133 21.68 -33.84 65.33
N ASP G 134 21.03 -34.78 64.64
CA ASP G 134 21.49 -35.18 63.31
C ASP G 134 20.63 -34.46 62.32
N SER G 135 21.21 -34.01 61.22
CA SER G 135 20.36 -33.46 60.17
C SER G 135 19.97 -34.68 59.34
N SER G 136 20.64 -35.80 59.62
CA SER G 136 20.35 -37.06 58.99
C SER G 136 19.23 -37.90 59.58
N ILE G 137 18.84 -37.64 60.81
CA ILE G 137 17.70 -38.35 61.38
C ILE G 137 16.46 -37.46 61.55
N ASP G 138 16.69 -36.37 62.27
CA ASP G 138 15.67 -35.39 62.68
C ASP G 138 15.23 -34.63 61.44
N ALA G 139 16.11 -34.68 60.44
CA ALA G 139 15.88 -34.08 59.13
C ALA G 139 15.63 -32.58 59.26
N GLU G 140 14.50 -32.17 59.87
CA GLU G 140 14.19 -30.75 59.99
C GLU G 140 15.15 -30.01 60.94
N LYS G 141 15.59 -30.63 62.03
CA LYS G 141 16.46 -29.93 63.01
C LYS G 141 17.95 -29.97 62.73
N PHE G 142 18.65 -28.94 63.22
CA PHE G 142 20.08 -28.68 62.92
C PHE G 142 21.06 -29.64 63.61
N MET G 143 22.24 -29.82 63.01
CA MET G 143 23.26 -30.79 63.48
C MET G 143 24.32 -30.31 64.46
N GLY G 144 24.47 -30.97 65.59
CA GLY G 144 25.34 -30.42 66.61
C GLY G 144 26.19 -31.35 67.48
N LEU G 145 27.48 -31.39 67.23
CA LEU G 145 28.47 -32.18 67.98
C LEU G 145 28.47 -33.71 67.76
N THR G 146 27.32 -34.29 67.52
CA THR G 146 27.32 -35.64 67.05
C THR G 146 26.53 -35.50 65.78
N PRO G 147 26.92 -36.23 64.75
CA PRO G 147 28.10 -37.07 64.74
C PRO G 147 29.24 -36.30 64.08
N ARG G 148 29.39 -35.04 64.46
CA ARG G 148 30.57 -34.30 64.04
C ARG G 148 31.86 -34.82 64.67
N PHE G 149 31.83 -35.26 65.93
CA PHE G 149 32.97 -36.00 66.46
C PHE G 149 32.53 -37.40 66.64
N ASN G 150 32.39 -38.13 65.54
CA ASN G 150 31.85 -39.45 65.69
C ASN G 150 32.81 -40.58 65.43
N SER G 151 33.17 -40.82 64.18
CA SER G 151 34.08 -41.94 63.94
C SER G 151 35.49 -41.54 64.31
N LEU G 152 36.27 -42.50 64.80
CA LEU G 152 37.66 -42.21 65.17
C LEU G 152 38.52 -42.01 63.94
N SER G 153 38.03 -42.53 62.80
CA SER G 153 38.71 -42.41 61.51
C SER G 153 38.74 -40.98 60.99
N ALA G 154 37.80 -40.19 61.47
CA ALA G 154 37.59 -38.84 60.99
C ALA G 154 38.82 -38.03 61.29
N GLU G 155 39.05 -37.00 60.49
CA GLU G 155 40.25 -36.21 60.57
C GLU G 155 40.35 -35.39 61.87
N ASN G 156 39.21 -35.22 62.55
CA ASN G 156 39.21 -34.65 63.89
C ASN G 156 39.15 -35.76 64.93
N GLY G 157 39.57 -36.96 64.54
CA GLY G 157 39.49 -38.11 65.43
C GLY G 157 40.51 -38.08 66.54
N GLN G 158 41.61 -37.37 66.29
CA GLN G 158 42.63 -37.16 67.31
C GLN G 158 42.00 -36.35 68.42
N ASN G 159 40.94 -35.60 68.10
CA ASN G 159 40.20 -34.83 69.11
C ASN G 159 39.22 -35.59 69.91
N ILE G 160 38.77 -36.79 69.48
CA ILE G 160 37.97 -37.59 70.42
C ILE G 160 38.79 -38.67 71.15
N ILE G 161 38.82 -38.60 72.49
CA ILE G 161 39.58 -39.51 73.34
C ILE G 161 38.66 -40.61 73.87
N ASP G 162 38.84 -41.86 73.47
CA ASP G 162 37.95 -42.90 73.99
C ASP G 162 38.30 -43.31 75.41
N ALA G 163 37.37 -43.08 76.34
CA ALA G 163 37.51 -43.52 77.72
C ALA G 163 37.47 -45.06 77.81
N GLY G 164 36.87 -45.69 76.79
CA GLY G 164 36.84 -47.14 76.67
C GLY G 164 35.47 -47.61 77.13
N GLY G 165 34.52 -47.62 76.22
CA GLY G 165 33.14 -47.98 76.53
C GLY G 165 32.78 -49.46 76.46
N THR G 166 32.69 -49.97 75.23
CA THR G 166 32.24 -51.34 74.92
C THR G 166 30.73 -51.51 75.13
N GLY G 167 30.24 -51.26 76.35
CA GLY G 167 28.81 -51.44 76.59
C GLY G 167 28.08 -50.17 76.19
N SER G 168 26.75 -50.21 76.22
CA SER G 168 25.94 -49.08 75.79
C SER G 168 25.79 -48.05 76.91
N ASP G 169 26.09 -48.48 78.13
CA ASP G 169 25.93 -47.62 79.29
C ASP G 169 27.15 -46.75 79.40
N ASN G 170 27.26 -45.76 78.55
CA ASN G 170 28.42 -44.91 78.66
C ASN G 170 28.17 -43.52 78.19
N ALA G 171 28.66 -42.58 79.00
CA ALA G 171 28.41 -41.18 78.79
C ALA G 171 29.52 -40.67 77.90
N SER G 172 29.56 -39.35 77.72
CA SER G 172 30.71 -38.69 77.13
C SER G 172 30.77 -37.32 77.73
N ILE G 173 31.99 -36.82 77.91
CA ILE G 173 32.21 -35.44 78.33
C ILE G 173 32.57 -34.60 77.12
N TRP G 174 32.15 -33.36 77.10
CA TRP G 174 32.53 -32.43 76.04
C TRP G 174 33.38 -31.30 76.58
N LEU G 175 34.16 -30.74 75.70
CA LEU G 175 34.89 -29.54 76.00
C LEU G 175 34.82 -28.66 74.79
N THR G 176 34.36 -27.44 74.97
CA THR G 176 34.24 -26.52 73.86
C THR G 176 34.89 -25.19 74.17
N VAL G 177 35.09 -24.37 73.15
CA VAL G 177 35.38 -22.99 73.39
C VAL G 177 34.47 -22.14 72.51
N TRP G 178 33.48 -21.51 73.12
CA TRP G 178 32.51 -20.69 72.39
C TRP G 178 33.14 -19.39 72.02
N GLY G 179 33.11 -19.03 70.77
CA GLY G 179 33.63 -17.74 70.43
C GLY G 179 33.28 -17.43 69.02
N PRO G 180 33.48 -16.17 68.66
CA PRO G 180 32.98 -15.59 67.41
C PRO G 180 33.61 -16.36 66.26
N ASN G 181 34.80 -16.89 66.52
CA ASN G 181 35.67 -17.44 65.52
C ASN G 181 35.76 -18.94 65.54
N THR G 182 35.44 -19.52 66.69
CA THR G 182 35.60 -20.95 66.95
C THR G 182 34.43 -21.63 67.64
N LEU G 183 33.40 -22.07 66.93
CA LEU G 183 32.16 -22.62 67.54
C LEU G 183 31.25 -21.57 68.24
N HIS G 184 30.09 -21.34 67.66
CA HIS G 184 29.08 -20.44 68.19
C HIS G 184 27.83 -20.90 67.53
N THR G 185 26.68 -20.44 68.03
CA THR G 185 25.44 -20.76 67.36
C THR G 185 25.11 -19.65 66.37
N ILE G 186 24.20 -19.90 65.44
CA ILE G 186 23.83 -18.89 64.46
C ILE G 186 22.35 -18.84 64.34
N TYR G 187 21.83 -17.67 64.07
CA TYR G 187 20.42 -17.52 63.88
C TYR G 187 20.26 -16.80 62.56
N PRO G 188 19.12 -17.01 61.89
CA PRO G 188 19.00 -16.62 60.48
C PRO G 188 19.01 -15.17 60.35
N LYS G 189 19.36 -14.67 59.18
CA LYS G 189 19.21 -13.26 58.90
C LYS G 189 17.80 -13.02 58.28
N GLY G 190 16.95 -12.18 58.88
CA GLY G 190 17.28 -11.52 60.10
C GLY G 190 16.38 -11.78 61.30
N SER G 191 15.82 -12.97 61.48
CA SER G 191 15.03 -13.25 62.70
C SER G 191 15.92 -13.24 63.93
N GLN G 192 15.54 -12.51 64.98
CA GLN G 192 16.43 -12.23 66.11
C GLN G 192 16.95 -13.46 66.84
N ALA G 193 18.15 -13.31 67.40
CA ALA G 193 18.81 -14.38 68.14
C ALA G 193 17.99 -14.82 69.30
N GLY G 194 18.10 -16.10 69.66
CA GLY G 194 17.42 -16.59 70.85
C GLY G 194 15.92 -16.75 70.70
N LEU G 195 15.29 -17.22 71.79
CA LEU G 195 13.86 -17.51 71.85
C LEU G 195 12.94 -16.34 71.77
N GLN G 196 12.11 -16.31 70.73
CA GLN G 196 11.16 -15.21 70.57
C GLN G 196 9.76 -15.58 70.99
N SER G 197 9.31 -14.99 72.08
CA SER G 197 7.94 -15.12 72.45
C SER G 197 7.15 -13.99 71.83
N ARG G 198 6.75 -14.10 70.56
CA ARG G 198 5.84 -13.09 69.97
C ARG G 198 4.39 -13.45 70.36
N ASP G 199 3.68 -12.54 71.03
CA ASP G 199 2.30 -12.85 71.43
C ASP G 199 1.20 -12.22 70.61
N LEU G 200 0.54 -12.98 69.73
CA LEU G 200 -0.44 -12.46 68.75
C LEU G 200 -1.71 -11.95 69.39
N GLY G 201 -2.82 -12.02 68.64
CA GLY G 201 -4.06 -11.43 69.11
C GLY G 201 -5.10 -12.32 69.79
N GLU G 202 -6.24 -11.74 70.10
CA GLU G 202 -7.43 -12.57 70.15
C GLU G 202 -7.58 -13.03 68.73
N ASP G 203 -8.00 -14.25 68.53
CA ASP G 203 -8.44 -14.60 67.19
C ASP G 203 -9.37 -15.70 67.51
N THR G 204 -10.35 -15.94 66.67
CA THR G 204 -11.31 -16.95 67.05
C THR G 204 -10.63 -18.31 66.96
N LEU G 205 -11.05 -19.22 67.81
CA LEU G 205 -10.46 -20.52 67.88
C LEU G 205 -11.64 -21.35 67.46
N ILE G 206 -11.47 -22.67 67.36
CA ILE G 206 -12.60 -23.54 67.04
C ILE G 206 -12.80 -24.73 67.97
N ASP G 207 -14.05 -24.88 68.40
CA ASP G 207 -14.54 -25.97 69.27
C ASP G 207 -14.53 -27.19 68.31
N ALA G 208 -14.47 -28.41 68.83
CA ALA G 208 -14.45 -29.56 67.92
C ALA G 208 -15.71 -29.64 67.05
N ALA G 209 -16.85 -29.25 67.61
CA ALA G 209 -18.14 -29.14 66.89
C ALA G 209 -18.15 -27.97 65.87
N GLY G 210 -17.53 -26.86 66.26
CA GLY G 210 -17.53 -25.65 65.47
C GLY G 210 -17.92 -24.49 66.36
N GLY G 211 -18.42 -24.79 67.57
CA GLY G 211 -19.05 -23.84 68.48
C GLY G 211 -18.18 -22.75 69.09
N ARG G 212 -17.58 -22.00 68.16
CA ARG G 212 -16.29 -21.28 68.27
C ARG G 212 -16.29 -20.25 69.35
N TYR G 213 -15.11 -20.02 69.89
CA TYR G 213 -14.96 -19.23 71.11
C TYR G 213 -13.65 -18.61 70.93
N GLN G 214 -13.55 -17.35 71.33
CA GLN G 214 -12.37 -16.53 71.12
C GLN G 214 -11.24 -16.79 72.12
N GLY G 215 -9.97 -16.63 71.72
CA GLY G 215 -8.87 -17.01 72.58
C GLY G 215 -7.58 -16.25 72.29
N TYR G 216 -6.59 -16.39 73.17
CA TYR G 216 -5.27 -15.80 72.95
C TYR G 216 -4.39 -16.78 72.22
N ARG G 217 -3.22 -16.32 71.82
CA ARG G 217 -2.31 -17.23 71.19
C ARG G 217 -0.95 -16.62 71.26
N THR G 218 0.08 -17.43 71.40
CA THR G 218 1.42 -16.89 71.43
C THR G 218 2.27 -17.78 70.58
N HIS G 219 3.16 -17.18 69.80
CA HIS G 219 4.10 -17.93 68.96
C HIS G 219 5.39 -18.10 69.71
N TYR G 220 6.19 -19.10 69.38
CA TYR G 220 7.48 -19.17 70.03
C TYR G 220 8.50 -19.63 69.07
N LYS G 221 8.92 -18.74 68.19
CA LYS G 221 9.97 -19.05 67.26
C LYS G 221 11.28 -19.13 68.09
N TRP G 222 12.24 -19.93 67.63
CA TRP G 222 13.61 -19.88 68.11
C TRP G 222 14.45 -20.69 67.18
N ASP G 223 15.16 -20.05 66.27
CA ASP G 223 15.81 -20.86 65.25
C ASP G 223 17.32 -20.78 65.34
N ILE G 224 17.96 -21.86 65.73
CA ILE G 224 19.40 -21.77 65.81
C ILE G 224 20.00 -22.85 65.03
N GLY G 225 21.24 -22.61 64.64
CA GLY G 225 22.07 -23.64 64.06
C GLY G 225 23.32 -23.65 64.91
N LEU G 226 24.34 -24.28 64.41
CA LEU G 226 25.52 -24.38 65.22
C LEU G 226 26.70 -24.42 64.29
N THR G 227 27.44 -23.33 64.21
CA THR G 227 28.59 -23.40 63.36
C THR G 227 29.58 -24.04 64.29
N LEU G 228 30.25 -25.06 63.80
CA LEU G 228 31.43 -25.58 64.45
C LEU G 228 32.58 -25.07 63.61
N ARG G 229 33.12 -23.92 63.98
CA ARG G 229 34.05 -23.23 63.11
C ARG G 229 35.28 -24.03 62.77
N ASP G 230 35.93 -24.57 63.80
CA ASP G 230 37.03 -25.52 63.60
C ASP G 230 36.89 -26.49 64.75
N TRP G 231 36.96 -27.77 64.44
CA TRP G 231 36.77 -28.76 65.48
C TRP G 231 37.90 -28.74 66.49
N ARG G 232 39.02 -28.14 66.11
CA ARG G 232 40.22 -28.21 66.93
C ARG G 232 40.02 -27.66 68.32
N TYR G 233 39.06 -26.76 68.50
CA TYR G 233 38.77 -26.25 69.85
C TYR G 233 37.79 -27.10 70.63
N VAL G 234 37.29 -28.19 70.03
CA VAL G 234 36.32 -29.06 70.70
C VAL G 234 36.76 -30.49 70.88
N VAL G 235 36.64 -31.03 72.07
CA VAL G 235 37.04 -32.42 72.25
C VAL G 235 35.93 -33.24 72.83
N ARG G 236 35.72 -34.44 72.32
CA ARG G 236 34.72 -35.28 72.93
C ARG G 236 35.51 -36.33 73.62
N ILE G 237 35.09 -36.67 74.82
CA ILE G 237 35.74 -37.73 75.56
C ILE G 237 34.72 -38.81 75.54
N ALA G 238 34.60 -39.53 74.44
CA ALA G 238 33.46 -40.42 74.29
C ALA G 238 33.63 -41.73 75.07
N ASN G 239 32.55 -42.49 75.21
CA ASN G 239 32.61 -43.80 75.85
C ASN G 239 32.97 -43.88 77.34
N VAL G 240 32.57 -42.93 78.15
CA VAL G 240 32.93 -43.06 79.55
C VAL G 240 31.99 -44.07 80.19
N ASP G 241 32.35 -45.36 80.17
CA ASP G 241 31.43 -46.37 80.69
C ASP G 241 31.09 -46.11 82.15
N VAL G 242 29.84 -45.67 82.35
CA VAL G 242 29.25 -45.29 83.65
C VAL G 242 28.90 -46.40 84.63
N SER G 243 28.69 -47.60 84.11
CA SER G 243 28.53 -48.73 84.98
C SER G 243 29.84 -48.94 85.82
N GLU G 244 30.99 -48.52 85.29
CA GLU G 244 32.29 -48.73 85.95
C GLU G 244 32.87 -47.64 86.89
N LEU G 245 32.30 -46.44 86.90
CA LEU G 245 32.89 -45.34 87.69
C LEU G 245 32.83 -45.54 89.20
N THR G 246 33.92 -45.23 89.93
CA THR G 246 33.89 -45.26 91.41
C THR G 246 34.58 -44.01 91.95
N LYS G 247 34.25 -43.61 93.17
CA LYS G 247 34.87 -42.42 93.77
C LYS G 247 36.38 -42.58 94.02
N ASN G 248 36.78 -43.83 94.27
CA ASN G 248 38.18 -44.21 94.45
C ASN G 248 38.75 -44.46 93.08
N ALA G 249 39.28 -43.43 92.43
CA ALA G 249 39.66 -43.45 91.00
C ALA G 249 40.58 -44.61 90.58
N SER G 250 40.15 -45.82 90.94
CA SER G 250 40.94 -47.04 90.86
C SER G 250 40.33 -47.99 89.85
N ALA G 251 39.16 -48.51 90.19
CA ALA G 251 38.39 -49.33 89.27
C ALA G 251 37.69 -48.41 88.26
N GLY G 252 37.35 -48.98 87.11
CA GLY G 252 36.66 -48.27 86.05
C GLY G 252 37.53 -47.23 85.39
N ALA G 253 36.92 -46.20 84.82
CA ALA G 253 37.67 -45.29 83.98
C ALA G 253 37.95 -44.00 84.75
N ASP G 254 39.22 -43.67 84.93
CA ASP G 254 39.58 -42.44 85.61
C ASP G 254 39.17 -41.22 84.84
N LEU G 255 38.62 -40.22 85.52
CA LEU G 255 38.26 -39.00 84.80
C LEU G 255 39.33 -37.92 84.84
N ILE G 256 40.01 -37.75 85.96
CA ILE G 256 40.76 -36.52 86.10
C ILE G 256 41.92 -36.45 85.11
N ASP G 257 42.68 -37.55 84.96
CA ASP G 257 43.74 -37.56 83.94
C ASP G 257 43.13 -37.58 82.53
N LEU G 258 42.01 -38.29 82.43
CA LEU G 258 41.37 -38.41 81.15
C LEU G 258 40.90 -37.06 80.75
N MET G 259 40.56 -36.26 81.73
CA MET G 259 40.03 -34.97 81.39
C MET G 259 41.16 -34.01 81.06
N THR G 260 42.26 -34.04 81.83
CA THR G 260 43.33 -33.11 81.55
C THR G 260 43.99 -33.41 80.22
N GLN G 261 43.96 -34.66 79.77
CA GLN G 261 44.47 -34.87 78.43
C GLN G 261 43.53 -34.29 77.37
N ALA G 262 42.25 -34.19 77.73
CA ALA G 262 41.31 -33.43 76.90
C ALA G 262 41.63 -31.94 76.87
N VAL G 263 42.09 -31.37 77.98
CA VAL G 263 42.54 -29.96 78.03
C VAL G 263 43.86 -29.70 77.29
N GLU G 264 44.82 -30.60 77.53
CA GLU G 264 46.17 -30.60 76.98
C GLU G 264 45.98 -30.64 75.46
N LEU G 265 44.85 -31.22 75.04
CA LEU G 265 44.47 -31.27 73.61
C LEU G 265 44.11 -30.02 72.79
N ILE G 266 43.68 -28.90 73.38
CA ILE G 266 43.31 -27.80 72.46
C ILE G 266 44.13 -26.48 72.47
N PRO G 267 44.74 -26.20 71.31
CA PRO G 267 45.39 -24.93 70.96
C PRO G 267 44.28 -24.02 70.52
N ASN G 268 44.08 -22.87 71.14
CA ASN G 268 44.77 -22.39 72.33
C ASN G 268 43.71 -21.58 73.08
N VAL G 269 43.32 -22.00 74.29
CA VAL G 269 42.23 -21.31 74.95
C VAL G 269 42.63 -19.87 75.15
N GLY G 270 42.26 -19.05 74.17
CA GLY G 270 42.67 -17.64 74.19
C GLY G 270 41.41 -16.83 74.20
N MET G 271 40.54 -17.18 73.27
CA MET G 271 39.22 -16.60 73.15
C MET G 271 38.43 -17.72 72.49
N GLY G 272 37.12 -17.75 72.74
CA GLY G 272 36.54 -16.89 73.74
C GLY G 272 36.56 -17.55 75.10
N ARG G 273 35.67 -18.50 75.31
CA ARG G 273 35.63 -19.14 76.61
C ARG G 273 35.35 -20.61 76.54
N PRO G 274 36.23 -21.36 77.16
CA PRO G 274 36.21 -22.81 77.22
C PRO G 274 35.16 -23.29 78.22
N ALA G 275 34.69 -24.52 78.09
CA ALA G 275 33.77 -25.11 79.07
C ALA G 275 33.65 -26.63 78.97
N PHE G 276 33.55 -27.32 80.09
CA PHE G 276 33.22 -28.75 80.07
C PHE G 276 31.74 -29.00 80.21
N TYR G 277 31.20 -30.00 79.51
CA TYR G 277 29.76 -30.27 79.60
C TYR G 277 29.52 -31.72 79.89
N MET G 278 29.18 -32.06 81.10
CA MET G 278 29.12 -33.47 81.33
C MET G 278 27.88 -33.79 82.14
N PRO G 279 27.37 -35.01 82.03
CA PRO G 279 26.12 -35.37 82.70
C PRO G 279 26.28 -35.23 84.19
N ARG G 280 25.21 -34.93 84.93
CA ARG G 280 25.34 -34.70 86.36
C ARG G 280 25.97 -35.93 87.02
N LYS G 281 25.70 -37.13 86.52
CA LYS G 281 26.30 -38.34 87.07
C LYS G 281 27.82 -38.28 87.01
N ILE G 282 28.26 -37.85 85.84
CA ILE G 282 29.65 -37.72 85.55
C ILE G 282 30.30 -36.61 86.40
N ARG G 283 29.65 -35.45 86.56
CA ARG G 283 30.24 -34.35 87.32
C ARG G 283 30.41 -34.83 88.73
N SER G 284 29.49 -35.71 89.14
CA SER G 284 29.50 -36.29 90.48
C SER G 284 30.70 -37.23 90.73
N PHE G 285 30.88 -38.23 89.87
CA PHE G 285 32.03 -39.12 90.03
C PHE G 285 33.36 -38.43 89.76
N LEU G 286 33.32 -37.40 88.94
CA LEU G 286 34.50 -36.60 88.70
C LEU G 286 34.91 -35.90 89.97
N ARG G 287 33.97 -35.23 90.63
CA ARG G 287 34.37 -34.48 91.81
C ARG G 287 34.77 -35.45 92.93
N ARG G 288 34.06 -36.58 93.03
CA ARG G 288 34.41 -37.54 94.05
C ARG G 288 35.80 -38.02 93.73
N GLN G 289 36.10 -38.17 92.45
CA GLN G 289 37.43 -38.65 92.16
C GLN G 289 38.49 -37.65 92.57
N ILE G 290 38.21 -36.37 92.32
CA ILE G 290 39.18 -35.31 92.60
C ILE G 290 39.53 -35.22 94.07
N THR G 291 38.51 -35.32 94.93
CA THR G 291 38.78 -35.26 96.37
C THR G 291 39.61 -36.42 96.90
N ASN G 292 39.52 -37.56 96.25
CA ASN G 292 40.33 -38.65 96.71
C ASN G 292 41.82 -38.42 96.57
N LYS G 293 42.22 -37.60 95.60
CA LYS G 293 43.61 -37.18 95.46
C LYS G 293 43.95 -36.07 96.48
N VAL G 294 43.02 -35.13 96.65
CA VAL G 294 43.11 -34.06 97.66
C VAL G 294 42.87 -34.52 99.12
N VAL G 310 32.95 -25.04 90.35
CA VAL G 310 32.69 -24.07 89.29
C VAL G 310 33.72 -24.32 88.20
N ALA G 311 35.00 -24.20 88.54
CA ALA G 311 36.09 -24.31 87.55
C ALA G 311 37.01 -25.49 87.78
N PHE G 312 37.08 -26.39 86.79
CA PHE G 312 37.95 -27.55 86.90
C PHE G 312 39.47 -27.27 86.82
N ASP G 313 39.93 -26.70 85.72
CA ASP G 313 41.37 -26.49 85.52
C ASP G 313 41.63 -25.45 84.47
N GLY G 314 41.40 -24.20 84.81
CA GLY G 314 41.54 -23.12 83.85
C GLY G 314 40.33 -22.95 82.94
N ILE G 315 39.39 -23.91 82.97
CA ILE G 315 38.09 -23.78 82.30
C ILE G 315 36.99 -24.23 83.26
N PRO G 316 35.88 -23.51 83.27
CA PRO G 316 34.69 -23.87 84.06
C PRO G 316 34.11 -25.20 83.61
N CYS G 317 33.58 -26.00 84.55
CA CYS G 317 32.89 -27.21 84.18
C CYS G 317 31.32 -27.16 84.37
N ARG G 318 30.55 -27.16 83.28
CA ARG G 318 29.11 -26.94 83.40
C ARG G 318 28.36 -28.26 83.34
N ARG G 319 27.87 -28.74 84.49
CA ARG G 319 27.14 -30.00 84.45
C ARG G 319 25.86 -29.72 83.67
N THR G 320 25.57 -30.62 82.73
CA THR G 320 24.38 -30.54 81.88
C THR G 320 23.45 -31.74 81.87
N ASP G 321 22.28 -31.53 82.43
CA ASP G 321 21.34 -32.60 82.59
C ASP G 321 20.91 -33.08 81.23
N ALA G 322 20.67 -32.15 80.31
CA ALA G 322 20.12 -32.53 79.01
C ALA G 322 21.22 -33.07 78.11
N LEU G 323 21.91 -34.07 78.62
CA LEU G 323 23.08 -34.64 77.97
C LEU G 323 22.93 -36.08 78.38
N LEU G 324 22.66 -36.88 77.37
CA LEU G 324 22.30 -38.26 77.54
C LEU G 324 23.41 -39.04 78.25
N LEU G 325 22.99 -39.86 79.22
CA LEU G 325 23.89 -40.69 80.04
C LEU G 325 24.26 -42.03 79.40
N THR G 326 23.30 -42.63 78.72
CA THR G 326 23.52 -43.87 77.99
C THR G 326 23.36 -43.74 76.47
N GLU G 327 24.44 -43.32 75.83
CA GLU G 327 24.56 -43.16 74.37
C GLU G 327 25.45 -44.26 73.82
N ALA G 328 25.21 -44.70 72.58
CA ALA G 328 26.00 -45.79 72.01
C ALA G 328 27.48 -45.46 71.79
N ARG G 329 28.34 -46.44 72.09
CA ARG G 329 29.78 -46.28 72.06
C ARG G 329 30.29 -46.06 70.62
N VAL G 330 31.37 -45.27 70.48
CA VAL G 330 31.93 -44.92 69.16
C VAL G 330 33.12 -45.78 68.69
N VAL G 331 33.14 -46.00 67.38
CA VAL G 331 34.17 -46.79 66.69
C VAL G 331 34.70 -46.06 65.44
N MET H 1 -56.49 -5.72 46.29
CA MET H 1 -55.65 -6.18 45.19
C MET H 1 -56.18 -5.80 43.81
N ILE H 2 -55.46 -4.90 43.14
CA ILE H 2 -55.83 -4.48 41.79
C ILE H 2 -55.65 -5.66 40.81
N ILE H 3 -56.51 -5.70 39.80
CA ILE H 3 -56.55 -6.80 38.84
C ILE H 3 -56.64 -6.20 37.44
N ASP H 4 -55.92 -6.70 36.45
CA ASP H 4 -56.12 -6.08 35.16
C ASP H 4 -57.32 -6.68 34.44
N LYS H 5 -58.22 -5.80 33.98
CA LYS H 5 -59.51 -6.14 33.37
C LYS H 5 -59.26 -7.07 32.16
N LEU H 6 -58.14 -6.77 31.47
CA LEU H 6 -57.65 -7.44 30.23
C LEU H 6 -56.82 -8.70 30.37
N LEU H 7 -55.94 -8.76 31.38
CA LEU H 7 -55.11 -9.96 31.62
C LEU H 7 -55.86 -11.05 32.39
N GLN H 8 -57.06 -10.75 32.87
CA GLN H 8 -57.93 -11.72 33.52
C GLN H 8 -58.25 -12.83 32.52
N VAL H 9 -57.95 -14.07 32.84
CA VAL H 9 -58.37 -15.17 32.00
C VAL H 9 -58.96 -16.20 32.91
N SER H 10 -59.97 -16.89 32.43
CA SER H 10 -60.74 -17.81 33.27
C SER H 10 -61.24 -17.00 34.47
N ASP H 11 -62.33 -16.27 34.26
CA ASP H 11 -62.96 -15.43 35.28
C ASP H 11 -63.58 -16.16 36.48
N GLY H 12 -64.31 -17.24 36.21
CA GLY H 12 -64.88 -18.03 37.27
C GLY H 12 -65.18 -19.36 36.63
N GLN H 13 -64.17 -19.95 36.02
CA GLN H 13 -64.38 -21.14 35.20
C GLN H 13 -64.70 -22.43 35.95
N ALA H 14 -65.79 -23.06 35.55
CA ALA H 14 -66.21 -24.28 36.21
C ALA H 14 -65.39 -25.44 35.71
N VAL H 15 -64.19 -25.58 36.26
CA VAL H 15 -63.27 -26.64 35.87
C VAL H 15 -63.69 -27.97 36.49
N THR H 16 -64.29 -28.83 35.67
CA THR H 16 -64.80 -30.10 36.14
C THR H 16 -63.96 -31.25 35.58
N ALA H 17 -63.69 -31.14 34.28
CA ALA H 17 -62.71 -31.99 33.65
C ALA H 17 -61.42 -31.14 33.60
N SER H 18 -60.30 -31.77 33.25
CA SER H 18 -59.04 -31.06 33.12
C SER H 18 -59.06 -30.26 31.82
N ALA H 19 -59.55 -29.01 31.91
CA ALA H 19 -59.71 -28.15 30.74
C ALA H 19 -58.68 -27.02 30.76
N ALA H 20 -58.51 -26.34 29.64
CA ALA H 20 -57.62 -25.20 29.64
C ALA H 20 -58.48 -24.01 29.97
N SER H 21 -57.86 -22.89 30.31
CA SER H 21 -58.62 -21.67 30.64
C SER H 21 -59.35 -21.20 29.42
N THR H 22 -60.42 -20.44 29.68
CA THR H 22 -61.32 -19.97 28.66
C THR H 22 -60.51 -19.08 27.73
N ASP H 23 -59.99 -17.99 28.26
CA ASP H 23 -59.26 -17.06 27.42
C ASP H 23 -57.76 -17.26 27.54
N VAL H 24 -57.06 -16.86 26.49
CA VAL H 24 -55.61 -17.04 26.37
C VAL H 24 -55.02 -15.66 26.30
N ILE H 25 -54.09 -15.30 27.16
CA ILE H 25 -53.56 -13.92 27.11
C ILE H 25 -52.65 -13.79 25.95
N ASP H 26 -52.86 -12.80 25.09
CA ASP H 26 -51.94 -12.60 23.98
C ASP H 26 -51.05 -11.32 24.06
N PHE H 27 -49.75 -11.47 24.28
CA PHE H 27 -48.86 -10.32 24.25
C PHE H 27 -48.63 -9.97 22.79
N GLY H 28 -48.25 -8.73 22.53
CA GLY H 28 -48.00 -8.23 21.20
C GLY H 28 -46.55 -8.27 20.77
N GLN H 29 -45.79 -9.33 21.11
CA GLN H 29 -44.37 -9.46 20.76
C GLN H 29 -44.01 -10.90 20.74
N ALA H 30 -42.89 -11.24 20.10
CA ALA H 30 -42.50 -12.65 20.03
C ALA H 30 -42.06 -13.29 21.38
N ASN H 31 -41.27 -12.56 22.16
CA ASN H 31 -40.75 -13.10 23.42
C ASN H 31 -40.88 -12.08 24.51
N PRO H 32 -42.09 -11.87 24.98
CA PRO H 32 -42.36 -10.84 25.96
C PRO H 32 -41.55 -11.05 27.19
N ASN H 33 -41.28 -12.28 27.57
CA ASN H 33 -40.46 -12.57 28.75
C ASN H 33 -40.80 -11.75 30.00
N THR H 34 -42.08 -11.65 30.37
CA THR H 34 -42.42 -10.68 31.38
C THR H 34 -42.11 -11.13 32.80
N GLY H 35 -41.54 -12.33 32.91
CA GLY H 35 -40.98 -12.73 34.18
C GLY H 35 -39.87 -11.75 34.59
N MET H 36 -39.20 -11.15 33.62
CA MET H 36 -38.12 -10.20 33.93
C MET H 36 -38.56 -8.96 34.67
N ASP H 37 -39.85 -8.66 34.66
CA ASP H 37 -40.32 -7.49 35.40
C ASP H 37 -40.02 -7.62 36.89
N ASP H 38 -39.88 -8.87 37.34
CA ASP H 38 -39.77 -9.18 38.76
C ASP H 38 -40.93 -8.46 39.39
N ARG H 39 -42.09 -8.58 38.77
CA ARG H 39 -43.19 -7.79 39.24
C ARG H 39 -44.51 -8.41 38.85
N SER H 40 -44.66 -8.85 37.62
CA SER H 40 -45.89 -9.57 37.21
C SER H 40 -45.94 -11.00 37.78
N LYS H 41 -47.12 -11.50 38.14
CA LYS H 41 -47.19 -12.88 38.58
C LYS H 41 -48.61 -13.41 38.50
N MET H 42 -48.76 -14.66 38.04
CA MET H 42 -50.08 -15.27 37.92
C MET H 42 -50.63 -15.58 39.28
N VAL H 43 -51.91 -15.31 39.48
CA VAL H 43 -52.53 -15.65 40.75
C VAL H 43 -53.81 -16.39 40.50
N ILE H 44 -54.06 -17.47 41.21
CA ILE H 44 -55.30 -18.17 40.97
C ILE H 44 -56.03 -18.12 42.26
N THR H 45 -57.24 -17.58 42.24
CA THR H 45 -58.14 -17.60 43.41
C THR H 45 -59.14 -18.79 43.34
N VAL H 46 -59.75 -19.19 44.44
CA VAL H 46 -60.65 -20.32 44.33
C VAL H 46 -62.10 -19.97 44.71
N ASP H 47 -63.07 -20.51 43.97
CA ASP H 47 -64.50 -20.40 44.31
C ASP H 47 -65.32 -21.59 43.76
N GLU H 48 -66.31 -22.07 44.50
CA GLU H 48 -66.44 -21.74 45.89
C GLU H 48 -65.44 -22.68 46.52
N SER H 49 -65.42 -23.89 46.01
CA SER H 49 -64.44 -24.82 46.49
C SER H 49 -64.27 -25.95 45.51
N ALA H 50 -63.11 -26.60 45.60
CA ALA H 50 -62.83 -27.75 44.78
C ALA H 50 -63.50 -28.97 45.41
N ASP H 51 -64.81 -28.95 45.37
CA ASP H 51 -65.55 -30.08 45.83
C ASP H 51 -65.42 -31.14 44.75
N ALA H 52 -65.25 -32.38 45.13
CA ALA H 52 -65.17 -33.45 44.14
C ALA H 52 -65.49 -34.78 44.79
N ALA H 53 -65.63 -35.84 43.99
CA ALA H 53 -65.83 -37.18 44.55
C ALA H 53 -64.63 -37.52 45.41
N GLY H 54 -63.45 -37.11 44.94
CA GLY H 54 -62.23 -37.14 45.73
C GLY H 54 -61.60 -38.50 45.95
N ALA H 55 -60.38 -38.53 46.50
CA ALA H 55 -59.55 -37.33 46.64
C ALA H 55 -58.85 -37.07 45.30
N ALA H 56 -58.96 -35.85 44.82
CA ALA H 56 -58.45 -35.48 43.50
C ALA H 56 -57.51 -34.29 43.69
N THR H 57 -56.62 -34.02 42.73
CA THR H 57 -55.82 -32.80 42.81
C THR H 57 -55.94 -31.91 41.54
N VAL H 58 -55.83 -30.62 41.73
CA VAL H 58 -55.95 -29.66 40.65
C VAL H 58 -54.72 -28.80 40.45
N THR H 59 -53.92 -29.08 39.44
CA THR H 59 -52.69 -28.33 39.22
C THR H 59 -52.70 -27.16 38.22
N PHE H 60 -52.55 -25.94 38.72
CA PHE H 60 -52.43 -24.76 37.84
C PHE H 60 -51.04 -24.59 37.20
N SER H 61 -51.02 -24.33 35.89
CA SER H 61 -49.75 -24.26 35.14
C SER H 61 -49.95 -23.31 34.00
N VAL H 62 -48.94 -22.49 33.77
CA VAL H 62 -48.95 -21.51 32.71
C VAL H 62 -48.48 -22.17 31.42
N GLN H 63 -49.09 -21.84 30.29
CA GLN H 63 -48.62 -22.38 29.01
C GLN H 63 -48.36 -21.31 27.95
N ASP H 64 -47.30 -21.56 27.19
CA ASP H 64 -46.84 -20.66 26.13
C ASP H 64 -47.25 -21.23 24.82
N SER H 65 -47.02 -20.43 23.81
CA SER H 65 -47.18 -20.87 22.46
C SER H 65 -46.43 -19.91 21.53
N ALA H 66 -46.11 -20.33 20.33
CA ALA H 66 -45.56 -19.40 19.38
C ALA H 66 -46.74 -18.66 18.84
N ASP H 67 -47.79 -19.43 18.61
CA ASP H 67 -49.03 -18.98 18.00
C ASP H 67 -50.15 -19.49 18.87
N ASN H 68 -51.34 -18.92 18.77
CA ASN H 68 -52.37 -19.43 19.65
C ASN H 68 -52.90 -20.79 19.16
N ALA H 69 -52.13 -21.85 19.39
CA ALA H 69 -52.52 -23.17 18.88
C ALA H 69 -52.00 -24.33 19.72
N THR H 70 -50.70 -24.36 19.99
CA THR H 70 -50.12 -25.42 20.82
C THR H 70 -49.39 -24.89 22.05
N PHE H 71 -49.83 -25.35 23.21
CA PHE H 71 -49.26 -24.90 24.49
C PHE H 71 -48.30 -25.88 25.17
N ALA H 72 -47.45 -25.37 26.05
CA ALA H 72 -46.53 -26.20 26.83
C ALA H 72 -46.21 -25.59 28.21
N ASP H 73 -46.07 -26.41 29.26
CA ASP H 73 -45.86 -25.83 30.58
C ASP H 73 -44.56 -25.13 30.74
N VAL H 74 -44.62 -23.93 31.30
CA VAL H 74 -43.46 -23.06 31.55
C VAL H 74 -43.40 -22.73 33.02
N ALA H 75 -44.49 -23.08 33.70
CA ALA H 75 -44.59 -22.95 35.14
C ALA H 75 -45.64 -23.94 35.57
N ALA H 76 -45.62 -24.33 36.82
CA ALA H 76 -46.67 -25.20 37.32
C ALA H 76 -46.73 -25.02 38.80
N THR H 77 -47.77 -25.54 39.43
CA THR H 77 -47.86 -25.44 40.87
C THR H 77 -47.45 -26.70 41.59
N GLY H 78 -48.04 -27.81 41.20
CA GLY H 78 -47.73 -29.06 41.84
C GLY H 78 -49.09 -29.57 42.16
N ALA H 79 -49.21 -30.78 42.68
CA ALA H 79 -50.54 -31.31 42.90
C ALA H 79 -51.17 -30.67 44.13
N ILE H 80 -51.87 -29.57 43.93
CA ILE H 80 -52.59 -28.96 45.03
C ILE H 80 -53.71 -29.95 45.32
N GLY H 81 -53.76 -30.51 46.52
CA GLY H 81 -54.77 -31.50 46.81
C GLY H 81 -56.13 -30.82 46.92
N LYS H 82 -57.21 -31.58 46.81
CA LYS H 82 -58.54 -31.01 47.07
C LYS H 82 -58.58 -30.71 48.56
N ALA H 83 -59.60 -29.96 48.98
CA ALA H 83 -59.66 -29.56 50.39
C ALA H 83 -58.44 -28.75 50.75
N ASN H 84 -57.98 -27.97 49.78
CA ASN H 84 -57.04 -26.88 49.98
C ASN H 84 -57.50 -25.74 49.11
N LEU H 85 -58.74 -25.84 48.67
CA LEU H 85 -59.21 -24.87 47.71
C LEU H 85 -60.60 -24.39 48.11
N ALA H 86 -60.75 -23.97 49.36
CA ALA H 86 -61.98 -23.29 49.77
C ALA H 86 -61.91 -21.85 49.24
N ALA H 87 -63.07 -21.19 49.13
CA ALA H 87 -63.15 -19.84 48.55
C ALA H 87 -62.24 -18.88 49.25
N GLY H 88 -61.17 -18.51 48.56
CA GLY H 88 -60.21 -17.60 49.15
C GLY H 88 -59.01 -18.47 49.41
N LYS H 89 -58.37 -18.91 48.33
CA LYS H 89 -57.15 -19.65 48.43
C LYS H 89 -56.31 -19.33 47.23
N GLN H 90 -55.33 -18.46 47.40
CA GLN H 90 -54.53 -18.08 46.26
C GLN H 90 -53.31 -18.97 46.06
N VAL H 91 -53.27 -19.59 44.89
CA VAL H 91 -52.08 -20.29 44.39
C VAL H 91 -51.29 -19.31 43.54
N VAL H 92 -50.21 -18.74 44.07
CA VAL H 92 -49.50 -17.74 43.28
C VAL H 92 -48.38 -18.37 42.48
N ILE H 93 -48.39 -18.18 41.16
CA ILE H 93 -47.24 -18.56 40.34
C ILE H 93 -46.55 -17.31 39.84
N PRO H 94 -45.27 -17.14 40.20
CA PRO H 94 -44.54 -15.97 39.69
C PRO H 94 -44.46 -16.13 38.19
N MET H 95 -44.42 -15.03 37.45
CA MET H 95 -44.41 -15.11 36.00
C MET H 95 -43.17 -15.87 35.52
N PRO H 96 -43.32 -16.84 34.59
CA PRO H 96 -42.11 -17.55 34.12
C PRO H 96 -41.17 -16.56 33.46
N THR H 97 -39.88 -16.74 33.67
CA THR H 97 -38.98 -15.74 33.16
C THR H 97 -38.84 -15.71 31.65
N LYS H 98 -39.15 -16.80 30.93
CA LYS H 98 -39.09 -16.78 29.45
C LYS H 98 -40.41 -17.04 28.70
N LEU H 99 -41.23 -15.99 28.64
CA LEU H 99 -42.53 -16.01 27.97
C LEU H 99 -42.45 -15.82 26.47
N ARG H 100 -43.46 -16.32 25.77
CA ARG H 100 -43.63 -16.09 24.34
C ARG H 100 -44.97 -15.37 24.19
N ARG H 101 -45.33 -14.99 22.98
CA ARG H 101 -46.66 -14.45 22.70
C ARG H 101 -47.69 -15.50 23.08
N TYR H 102 -48.86 -15.11 23.57
CA TYR H 102 -49.91 -16.08 23.92
C TYR H 102 -49.53 -17.00 25.07
N CYS H 103 -49.90 -16.58 26.28
CA CYS H 103 -49.86 -17.38 27.50
C CYS H 103 -51.29 -17.79 27.87
N ARG H 104 -51.47 -18.97 28.47
CA ARG H 104 -52.82 -19.44 28.85
C ARG H 104 -52.74 -20.11 30.20
N VAL H 105 -53.89 -20.45 30.80
CA VAL H 105 -53.81 -21.29 32.00
C VAL H 105 -54.57 -22.63 31.87
N TYR H 106 -53.81 -23.71 31.97
CA TYR H 106 -54.37 -25.03 31.93
C TYR H 106 -54.58 -25.51 33.37
N TYR H 107 -55.65 -26.28 33.59
CA TYR H 107 -55.97 -26.88 34.90
C TYR H 107 -55.76 -28.38 34.81
N THR H 108 -54.56 -28.81 35.17
CA THR H 108 -54.20 -30.21 35.16
C THR H 108 -54.99 -30.88 36.30
N VAL H 109 -56.14 -31.45 35.95
CA VAL H 109 -56.99 -32.05 36.96
C VAL H 109 -56.71 -33.53 37.10
N ALA H 110 -56.22 -33.89 38.29
CA ALA H 110 -56.02 -35.28 38.63
C ALA H 110 -57.37 -35.89 38.88
N THR H 111 -57.45 -37.20 38.69
CA THR H 111 -58.71 -37.92 38.83
C THR H 111 -59.21 -37.95 40.29
N GLY H 112 -60.53 -38.02 40.48
CA GLY H 112 -61.53 -38.03 39.41
C GLY H 112 -61.94 -36.63 38.98
N PRO H 113 -62.90 -36.51 38.05
CA PRO H 113 -63.31 -35.15 37.68
C PRO H 113 -63.91 -34.42 38.88
N LEU H 114 -63.66 -33.11 38.96
CA LEU H 114 -64.22 -32.28 40.03
C LEU H 114 -65.71 -32.15 39.85
N THR H 115 -66.44 -32.06 40.95
CA THR H 115 -67.87 -31.88 40.84
C THR H 115 -68.25 -30.38 40.94
N ALA H 116 -67.43 -29.59 41.62
CA ALA H 116 -67.71 -28.17 41.77
C ALA H 116 -66.44 -27.33 41.88
N GLY H 117 -66.45 -26.11 41.36
CA GLY H 117 -65.31 -25.24 41.54
C GLY H 117 -65.07 -24.26 40.42
N LYS H 118 -64.99 -22.98 40.76
CA LYS H 118 -64.56 -21.94 39.82
C LYS H 118 -63.12 -21.49 40.16
N PHE H 119 -62.41 -20.88 39.23
CA PHE H 119 -61.08 -20.40 39.52
C PHE H 119 -60.81 -19.14 38.73
N SER H 120 -60.08 -18.18 39.30
CA SER H 120 -59.81 -16.90 38.64
C SER H 120 -58.31 -16.70 38.39
N ALA H 121 -57.89 -16.67 37.14
CA ALA H 121 -56.48 -16.54 36.95
C ALA H 121 -56.09 -15.20 36.34
N GLN H 122 -55.19 -14.46 36.99
CA GLN H 122 -54.72 -13.21 36.37
C GLN H 122 -53.33 -12.73 36.82
N VAL H 123 -52.69 -12.03 35.89
CA VAL H 123 -51.35 -11.59 36.10
C VAL H 123 -51.38 -10.23 36.75
N VAL H 124 -50.72 -10.07 37.90
CA VAL H 124 -50.79 -8.83 38.67
C VAL H 124 -49.46 -8.28 39.15
N THR H 125 -49.49 -7.05 39.66
CA THR H 125 -48.33 -6.47 40.36
C THR H 125 -48.77 -5.67 41.59
N GLY H 126 -48.93 -6.32 42.74
CA GLY H 126 -48.73 -7.74 42.87
C GLY H 126 -49.79 -8.27 43.82
N ILE H 127 -49.57 -9.47 44.34
CA ILE H 127 -50.51 -10.14 45.20
C ILE H 127 -50.69 -9.36 46.46
N GLN H 128 -51.85 -9.48 47.10
CA GLN H 128 -51.96 -8.99 48.47
C GLN H 128 -51.84 -10.19 49.46
N GLN H 129 -50.65 -10.35 50.07
CA GLN H 129 -50.36 -11.45 51.00
C GLN H 129 -49.71 -11.07 52.33
N ASN H 130 -50.50 -11.10 53.41
CA ASN H 130 -50.08 -10.65 54.74
C ASN H 130 -50.53 -11.53 55.90
N VAL H 131 -49.93 -12.69 56.13
CA VAL H 131 -50.37 -13.44 57.31
C VAL H 131 -49.72 -12.83 58.58
N ALA H 132 -50.44 -12.81 59.71
CA ALA H 132 -49.82 -12.37 60.96
C ALA H 132 -48.76 -13.38 61.41
N TYR H 133 -47.67 -12.89 61.95
CA TYR H 133 -46.59 -13.77 62.36
C TYR H 133 -46.43 -13.80 63.85
N PRO H 134 -45.95 -14.92 64.40
CA PRO H 134 -45.84 -15.04 65.85
C PRO H 134 -44.86 -14.00 66.41
N ASP H 135 -44.73 -13.82 67.72
CA ASP H 135 -43.92 -12.70 68.25
C ASP H 135 -42.68 -12.95 69.20
N SER H 136 -42.99 -13.65 70.31
CA SER H 136 -42.04 -14.08 71.38
C SER H 136 -41.59 -15.55 71.52
N PRO H 137 -42.51 -16.53 71.39
CA PRO H 137 -43.94 -16.48 71.21
C PRO H 137 -44.49 -16.77 72.56
N ARG H 138 -43.76 -16.49 73.63
CA ARG H 138 -44.28 -16.81 74.94
C ARG H 138 -45.58 -16.02 75.20
N ILE H 139 -45.70 -14.87 74.55
CA ILE H 139 -46.92 -14.06 74.57
C ILE H 139 -46.96 -13.12 73.31
N ALA H 140 -47.69 -13.40 72.20
CA ALA H 140 -48.64 -14.49 71.86
C ALA H 140 -48.45 -15.00 70.41
N MET I 1 -22.49 -14.03 37.05
CA MET I 1 -23.55 -14.46 37.96
C MET I 1 -23.06 -14.83 39.37
N ILE I 2 -23.37 -13.97 40.33
CA ILE I 2 -23.02 -14.18 41.72
C ILE I 2 -23.83 -15.34 42.32
N ILE I 3 -23.21 -16.13 43.16
CA ILE I 3 -23.91 -17.28 43.71
C ILE I 3 -23.65 -17.35 45.19
N ASP I 4 -24.69 -17.64 45.97
CA ASP I 4 -24.43 -17.87 47.36
C ASP I 4 -24.19 -19.38 47.48
N LYS I 5 -23.00 -19.76 47.98
CA LYS I 5 -22.59 -21.15 48.14
C LYS I 5 -23.46 -21.90 49.15
N LEU I 6 -24.00 -21.18 50.13
CA LEU I 6 -24.87 -21.76 51.14
C LEU I 6 -26.28 -22.03 50.59
N LEU I 7 -26.75 -21.18 49.68
CA LEU I 7 -28.05 -21.38 49.01
C LEU I 7 -27.92 -22.33 47.84
N GLN I 8 -26.68 -22.70 47.52
CA GLN I 8 -26.31 -23.74 46.54
C GLN I 8 -26.77 -25.15 46.99
N VAL I 9 -27.53 -25.86 46.17
CA VAL I 9 -27.88 -27.27 46.45
C VAL I 9 -27.62 -27.95 45.16
N SER I 10 -27.26 -29.21 45.16
CA SER I 10 -26.91 -29.87 43.91
C SER I 10 -25.76 -29.05 43.31
N ASP I 11 -24.56 -29.27 43.82
CA ASP I 11 -23.40 -28.53 43.37
C ASP I 11 -23.04 -28.89 41.94
N GLY I 12 -23.07 -30.17 41.61
CA GLY I 12 -22.91 -30.60 40.23
C GLY I 12 -23.42 -32.01 40.07
N GLN I 13 -24.62 -32.26 40.58
CA GLN I 13 -25.16 -33.60 40.74
C GLN I 13 -25.52 -34.28 39.43
N ALA I 14 -25.03 -35.51 39.27
CA ALA I 14 -25.22 -36.35 38.09
C ALA I 14 -26.57 -37.06 38.05
N VAL I 15 -27.58 -36.38 37.50
CA VAL I 15 -28.97 -36.86 37.50
C VAL I 15 -29.26 -38.03 36.55
N THR I 16 -29.41 -39.24 37.08
CA THR I 16 -29.62 -40.40 36.22
C THR I 16 -31.00 -41.07 36.33
N ALA I 17 -31.42 -41.32 37.56
CA ALA I 17 -32.79 -41.75 37.83
C ALA I 17 -33.53 -40.50 38.25
N SER I 18 -34.83 -40.57 38.43
CA SER I 18 -35.53 -39.41 38.96
C SER I 18 -35.22 -39.33 40.46
N ALA I 19 -34.13 -38.66 40.84
CA ALA I 19 -33.71 -38.54 42.25
C ALA I 19 -33.83 -37.11 42.76
N ALA I 20 -33.71 -36.91 44.06
CA ALA I 20 -33.72 -35.57 44.62
C ALA I 20 -32.32 -35.00 44.68
N SER I 21 -32.22 -33.69 44.96
CA SER I 21 -30.94 -32.99 45.10
C SER I 21 -30.17 -33.50 46.28
N THR I 22 -28.86 -33.31 46.27
CA THR I 22 -28.03 -33.80 47.37
C THR I 22 -28.40 -33.08 48.67
N ASP I 23 -28.27 -31.76 48.66
CA ASP I 23 -28.55 -30.95 49.85
C ASP I 23 -29.92 -30.34 49.91
N VAL I 24 -30.38 -30.10 51.12
CA VAL I 24 -31.72 -29.63 51.31
C VAL I 24 -31.56 -28.32 52.00
N ILE I 25 -32.13 -27.24 51.45
CA ILE I 25 -31.91 -25.92 52.08
C ILE I 25 -32.68 -25.69 53.36
N ASP I 26 -31.99 -25.35 54.43
CA ASP I 26 -32.67 -25.05 55.67
C ASP I 26 -32.69 -23.56 55.97
N PHE I 27 -33.89 -22.97 55.98
CA PHE I 27 -34.11 -21.60 56.48
C PHE I 27 -34.21 -21.56 58.02
N GLY I 28 -33.98 -20.37 58.60
CA GLY I 28 -34.00 -20.26 60.04
C GLY I 28 -35.39 -19.88 60.56
N GLN I 29 -36.46 -20.39 59.91
CA GLN I 29 -37.87 -20.13 60.30
C GLN I 29 -38.88 -21.11 59.70
N ALA I 30 -40.08 -21.11 60.26
CA ALA I 30 -41.18 -21.94 59.73
C ALA I 30 -41.68 -21.49 58.34
N ASN I 31 -41.77 -20.18 58.11
CA ASN I 31 -42.30 -19.65 56.84
C ASN I 31 -41.41 -18.59 56.31
N PRO I 32 -40.27 -19.00 55.80
CA PRO I 32 -39.33 -18.04 55.25
C PRO I 32 -39.97 -17.22 54.17
N ASN I 33 -40.84 -17.80 53.36
CA ASN I 33 -41.47 -17.07 52.25
C ASN I 33 -40.46 -16.19 51.50
N THR I 34 -39.30 -16.74 51.14
CA THR I 34 -38.28 -15.89 50.54
C THR I 34 -38.62 -15.69 49.06
N GLY I 35 -39.71 -16.34 48.63
CA GLY I 35 -40.34 -16.03 47.37
C GLY I 35 -40.82 -14.59 47.46
N MET I 36 -41.24 -14.19 48.65
CA MET I 36 -41.67 -12.81 48.95
C MET I 36 -40.59 -11.70 48.88
N ASP I 37 -39.28 -12.03 48.99
CA ASP I 37 -38.16 -11.03 48.96
C ASP I 37 -38.34 -10.40 47.53
N ASP I 38 -39.08 -11.12 46.67
CA ASP I 38 -39.35 -10.70 45.27
C ASP I 38 -38.07 -10.46 44.54
N ARG I 39 -37.17 -11.41 44.68
CA ARG I 39 -35.85 -11.17 44.20
C ARG I 39 -35.16 -12.51 44.00
N SER I 40 -35.32 -13.43 44.96
CA SER I 40 -34.75 -14.80 44.91
C SER I 40 -35.35 -15.69 43.81
N LYS I 41 -34.56 -16.58 43.23
CA LYS I 41 -35.09 -17.56 42.28
C LYS I 41 -34.16 -18.73 42.10
N MET I 42 -34.74 -19.92 41.99
CA MET I 42 -33.93 -21.10 41.75
C MET I 42 -33.42 -21.04 40.32
N VAL I 43 -32.20 -21.47 40.10
CA VAL I 43 -31.67 -21.57 38.75
C VAL I 43 -31.11 -23.00 38.62
N ILE I 44 -31.36 -23.68 37.52
CA ILE I 44 -30.70 -24.96 37.40
C ILE I 44 -29.92 -24.78 36.14
N THR I 45 -28.60 -24.93 36.21
CA THR I 45 -27.76 -24.91 34.99
C THR I 45 -27.47 -26.35 34.51
N VAL I 46 -27.12 -26.51 33.25
CA VAL I 46 -26.90 -27.86 32.78
C VAL I 46 -25.49 -28.13 32.30
N ASP I 47 -24.94 -29.27 32.72
CA ASP I 47 -23.68 -29.82 32.18
C ASP I 47 -23.63 -31.35 32.37
N GLU I 48 -23.07 -32.07 31.42
CA GLU I 48 -22.71 -31.49 30.17
C GLU I 48 -23.91 -31.44 29.21
N SER I 49 -24.69 -32.50 29.20
CA SER I 49 -25.80 -32.49 28.30
C SER I 49 -26.81 -33.53 28.69
N ALA I 50 -28.01 -33.39 28.17
CA ALA I 50 -29.04 -34.38 28.42
C ALA I 50 -28.77 -35.57 27.53
N ASP I 51 -27.69 -36.28 27.82
CA ASP I 51 -27.45 -37.47 27.08
C ASP I 51 -28.36 -38.51 27.67
N ALA I 52 -29.03 -39.26 26.81
CA ALA I 52 -29.88 -40.34 27.27
C ALA I 52 -30.14 -41.32 26.13
N ALA I 53 -30.72 -42.48 26.47
CA ALA I 53 -31.19 -43.40 25.43
C ALA I 53 -32.30 -42.66 24.67
N GLY I 54 -33.10 -41.91 25.43
CA GLY I 54 -34.11 -41.02 24.88
C GLY I 54 -35.36 -41.76 24.45
N ALA I 55 -36.42 -41.02 24.11
CA ALA I 55 -36.52 -39.59 24.35
C ALA I 55 -36.91 -39.34 25.81
N ALA I 56 -36.14 -38.49 26.48
CA ALA I 56 -36.33 -38.28 27.90
C ALA I 56 -36.59 -36.81 28.20
N THR I 57 -37.22 -36.52 29.33
CA THR I 57 -37.38 -35.15 29.80
C THR I 57 -37.02 -35.01 31.28
N VAL I 58 -36.55 -33.82 31.66
CA VAL I 58 -36.12 -33.54 33.04
C VAL I 58 -36.91 -32.43 33.77
N THR I 59 -37.84 -32.78 34.65
CA THR I 59 -38.61 -31.71 35.24
C THR I 59 -38.04 -31.25 36.58
N PHE I 60 -37.42 -30.07 36.56
CA PHE I 60 -36.91 -29.42 37.75
C PHE I 60 -38.05 -28.81 38.59
N SER I 61 -37.99 -29.05 39.87
CA SER I 61 -39.07 -28.65 40.73
C SER I 61 -38.59 -28.40 42.14
N VAL I 62 -39.03 -27.32 42.74
CA VAL I 62 -38.68 -27.02 44.12
C VAL I 62 -39.68 -27.69 45.06
N GLN I 63 -39.20 -28.22 46.18
CA GLN I 63 -40.08 -28.85 47.15
C GLN I 63 -39.88 -28.31 48.59
N ASP I 64 -40.99 -28.18 49.32
CA ASP I 64 -40.95 -27.68 50.70
C ASP I 64 -41.24 -28.86 51.59
N SER I 65 -41.06 -28.65 52.88
CA SER I 65 -41.43 -29.64 53.88
C SER I 65 -41.54 -28.83 55.15
N ALA I 66 -42.17 -29.33 56.20
CA ALA I 66 -42.19 -28.57 57.43
C ALA I 66 -40.86 -28.76 58.12
N ASP I 67 -40.41 -30.00 58.03
CA ASP I 67 -39.25 -30.52 58.70
C ASP I 67 -38.45 -31.22 57.63
N ASN I 68 -37.18 -31.49 57.87
CA ASN I 68 -36.42 -32.12 56.81
C ASN I 68 -36.75 -33.60 56.68
N ALA I 69 -37.90 -33.95 56.12
CA ALA I 69 -38.30 -35.35 56.07
C ALA I 69 -39.18 -35.71 54.90
N THR I 70 -40.33 -35.03 54.76
CA THR I 70 -41.25 -35.28 53.64
C THR I 70 -41.58 -34.04 52.81
N PHE I 71 -41.23 -34.12 51.53
CA PHE I 71 -41.35 -32.99 50.62
C PHE I 71 -42.58 -33.00 49.71
N ALA I 72 -42.95 -31.82 49.22
CA ALA I 72 -44.07 -31.69 48.31
C ALA I 72 -43.75 -30.54 47.36
N ASP I 73 -44.16 -30.66 46.10
CA ASP I 73 -43.80 -29.65 45.07
C ASP I 73 -44.46 -28.31 45.23
N VAL I 74 -43.66 -27.26 45.03
CA VAL I 74 -44.13 -25.89 45.19
C VAL I 74 -43.94 -25.06 43.94
N ALA I 75 -43.19 -25.60 43.00
CA ALA I 75 -43.01 -24.99 41.70
C ALA I 75 -42.62 -26.14 40.78
N ALA I 76 -42.82 -26.01 39.48
CA ALA I 76 -42.38 -27.07 38.61
C ALA I 76 -42.11 -26.45 37.24
N THR I 77 -41.38 -27.17 36.40
CA THR I 77 -41.04 -26.63 35.09
C THR I 77 -41.90 -27.14 33.94
N GLY I 78 -41.93 -28.46 33.80
CA GLY I 78 -42.66 -29.09 32.74
C GLY I 78 -41.64 -30.04 32.17
N ALA I 79 -42.03 -30.88 31.23
CA ALA I 79 -41.08 -31.87 30.72
C ALA I 79 -40.11 -31.25 29.72
N ILE I 80 -39.02 -30.66 30.21
CA ILE I 80 -38.00 -30.08 29.34
C ILE I 80 -37.24 -31.19 28.67
N GLY I 81 -37.26 -31.21 27.34
CA GLY I 81 -36.70 -32.33 26.62
C GLY I 81 -35.19 -32.44 26.65
N LYS I 82 -34.70 -33.63 26.31
CA LYS I 82 -33.29 -33.85 26.12
C LYS I 82 -33.03 -33.03 24.89
N ALA I 83 -31.78 -32.68 24.66
CA ALA I 83 -31.49 -31.80 23.53
C ALA I 83 -32.22 -30.45 23.67
N ASN I 84 -32.38 -30.03 24.92
CA ASN I 84 -32.76 -28.66 25.27
C ASN I 84 -31.95 -28.37 26.50
N LEU I 85 -30.96 -29.23 26.69
CA LEU I 85 -30.12 -29.25 27.87
C LEU I 85 -28.70 -29.39 27.34
N ALA I 86 -28.37 -28.43 26.48
CA ALA I 86 -27.03 -28.28 25.99
C ALA I 86 -26.22 -27.77 27.16
N ALA I 87 -24.91 -27.85 27.05
CA ALA I 87 -24.07 -27.34 28.12
C ALA I 87 -24.30 -25.84 28.29
N GLY I 88 -25.04 -25.43 29.32
CA GLY I 88 -25.31 -24.02 29.46
C GLY I 88 -26.76 -23.70 29.17
N LYS I 89 -27.66 -24.10 30.04
CA LYS I 89 -29.06 -23.80 29.83
C LYS I 89 -29.69 -23.50 31.19
N GLN I 90 -29.90 -22.21 31.47
CA GLN I 90 -30.39 -21.82 32.78
C GLN I 90 -31.84 -22.04 32.69
N VAL I 91 -32.33 -22.97 33.51
CA VAL I 91 -33.76 -23.14 33.75
C VAL I 91 -34.15 -22.40 35.04
N VAL I 92 -34.77 -21.24 34.93
CA VAL I 92 -35.10 -20.53 36.15
C VAL I 92 -36.48 -20.91 36.61
N ILE I 93 -36.56 -21.31 37.87
CA ILE I 93 -37.82 -21.43 38.59
C ILE I 93 -37.83 -20.30 39.57
N PRO I 94 -38.81 -19.40 39.44
CA PRO I 94 -38.92 -18.29 40.39
C PRO I 94 -39.18 -18.86 41.78
N MET I 95 -38.68 -18.24 42.84
CA MET I 95 -38.87 -18.85 44.14
C MET I 95 -40.34 -18.84 44.48
N PRO I 96 -40.92 -19.97 44.89
CA PRO I 96 -42.35 -19.92 45.23
C PRO I 96 -42.58 -18.98 46.38
N THR I 97 -43.69 -18.26 46.31
CA THR I 97 -43.94 -17.21 47.27
C THR I 97 -44.30 -17.70 48.66
N LYS I 98 -44.73 -18.95 48.80
CA LYS I 98 -45.00 -19.48 50.15
C LYS I 98 -44.09 -20.64 50.53
N LEU I 99 -42.87 -20.27 50.91
CA LEU I 99 -41.85 -21.21 51.31
C LEU I 99 -42.02 -21.65 52.76
N ARG I 100 -41.61 -22.86 53.04
CA ARG I 100 -41.61 -23.37 54.38
C ARG I 100 -40.18 -23.69 54.64
N ARG I 101 -39.88 -24.09 55.85
CA ARG I 101 -38.54 -24.51 56.18
C ARG I 101 -38.14 -25.70 55.31
N TYR I 102 -36.88 -25.83 54.93
CA TYR I 102 -36.45 -26.98 54.10
C TYR I 102 -37.08 -27.09 52.71
N CYS I 103 -36.36 -26.48 51.78
CA CYS I 103 -36.61 -26.50 50.36
C CYS I 103 -35.59 -27.46 49.77
N ARG I 104 -35.96 -28.20 48.73
CA ARG I 104 -35.03 -29.17 48.11
C ARG I 104 -35.21 -29.10 46.61
N VAL I 105 -34.35 -29.75 45.81
CA VAL I 105 -34.70 -29.85 44.37
C VAL I 105 -34.74 -31.27 43.80
N TYR I 106 -35.93 -31.63 43.31
CA TYR I 106 -36.18 -32.92 42.71
C TYR I 106 -36.15 -32.87 41.19
N TYR I 107 -35.64 -33.94 40.58
CA TYR I 107 -35.51 -34.07 39.12
C TYR I 107 -36.41 -35.14 38.53
N THR I 108 -37.62 -34.78 38.12
CA THR I 108 -38.54 -35.74 37.53
C THR I 108 -38.15 -36.12 36.11
N VAL I 109 -37.49 -37.25 36.00
CA VAL I 109 -36.98 -37.77 34.75
C VAL I 109 -37.95 -38.74 34.07
N ALA I 110 -38.38 -38.35 32.87
CA ALA I 110 -39.18 -39.22 32.03
C ALA I 110 -38.26 -40.30 31.49
N THR I 111 -38.81 -41.47 31.20
CA THR I 111 -38.01 -42.59 30.76
C THR I 111 -37.41 -42.29 29.38
N GLY I 112 -36.25 -42.87 29.08
CA GLY I 112 -35.50 -43.75 29.97
C GLY I 112 -34.61 -42.98 30.94
N PRO I 113 -33.79 -43.70 31.73
CA PRO I 113 -32.91 -42.95 32.64
C PRO I 113 -31.90 -42.07 31.88
N LEU I 114 -31.59 -40.88 32.42
CA LEU I 114 -30.57 -40.02 31.81
C LEU I 114 -29.25 -40.71 31.97
N THR I 115 -28.42 -40.72 30.96
CA THR I 115 -27.18 -41.45 31.12
C THR I 115 -26.02 -40.54 31.56
N ALA I 116 -26.02 -39.29 31.11
CA ALA I 116 -24.98 -38.33 31.50
C ALA I 116 -25.59 -36.94 31.52
N GLY I 117 -25.24 -36.13 32.52
CA GLY I 117 -25.71 -34.77 32.63
C GLY I 117 -25.81 -34.37 34.08
N LYS I 118 -25.11 -33.30 34.47
CA LYS I 118 -25.16 -32.75 35.84
C LYS I 118 -26.01 -31.50 35.84
N PHE I 119 -26.49 -31.10 37.00
CA PHE I 119 -27.25 -29.87 37.04
C PHE I 119 -26.87 -29.23 38.35
N SER I 120 -26.76 -27.91 38.37
CA SER I 120 -26.39 -27.16 39.57
C SER I 120 -27.49 -26.19 39.96
N ALA I 121 -28.09 -26.40 41.11
CA ALA I 121 -29.22 -25.58 41.48
C ALA I 121 -28.87 -24.53 42.50
N GLN I 122 -29.22 -23.30 42.22
CA GLN I 122 -29.00 -22.30 43.25
C GLN I 122 -29.95 -21.09 43.24
N VAL I 123 -30.12 -20.56 44.43
CA VAL I 123 -31.02 -19.50 44.66
C VAL I 123 -30.22 -18.25 44.42
N VAL I 124 -30.60 -17.41 43.46
CA VAL I 124 -29.80 -16.21 43.24
C VAL I 124 -30.67 -14.99 43.13
N THR I 125 -30.02 -13.83 43.12
CA THR I 125 -30.68 -12.56 42.85
C THR I 125 -29.79 -11.67 41.97
N GLY I 126 -29.87 -11.81 40.65
CA GLY I 126 -30.72 -12.76 39.97
C GLY I 126 -29.90 -13.22 38.76
N ILE I 127 -30.56 -13.88 37.82
CA ILE I 127 -29.91 -14.49 36.66
C ILE I 127 -29.32 -13.50 35.69
N GLN I 128 -28.35 -13.96 34.92
CA GLN I 128 -27.82 -13.16 33.79
C GLN I 128 -28.52 -13.51 32.50
N GLN I 129 -29.57 -12.75 32.15
CA GLN I 129 -30.29 -13.02 30.92
C GLN I 129 -30.50 -11.78 30.06
N ASN I 130 -29.64 -11.67 29.06
CA ASN I 130 -29.57 -10.51 28.18
C ASN I 130 -29.44 -11.04 26.77
N VAL I 131 -30.50 -11.63 26.24
CA VAL I 131 -30.45 -12.09 24.86
C VAL I 131 -30.78 -10.94 23.90
N ALA I 132 -30.11 -10.90 22.74
CA ALA I 132 -30.32 -9.86 21.74
C ALA I 132 -31.72 -9.86 21.11
N TYR I 133 -32.26 -8.65 20.89
CA TYR I 133 -33.59 -8.47 20.33
C TYR I 133 -33.60 -7.81 18.96
N PRO I 134 -34.60 -8.14 18.12
CA PRO I 134 -34.46 -7.70 16.74
C PRO I 134 -34.50 -6.20 16.62
N ASP I 135 -34.11 -5.68 15.46
CA ASP I 135 -33.95 -4.25 15.26
C ASP I 135 -34.81 -3.70 14.11
N SER I 136 -34.77 -4.29 12.93
CA SER I 136 -35.60 -3.71 11.89
C SER I 136 -36.90 -4.39 11.50
N PRO I 137 -36.86 -5.68 11.13
CA PRO I 137 -35.71 -6.54 10.89
C PRO I 137 -35.47 -6.46 9.40
N ARG I 138 -35.97 -5.41 8.77
CA ARG I 138 -35.78 -5.23 7.34
C ARG I 138 -34.32 -4.97 6.99
N ILE I 139 -33.57 -4.37 7.92
CA ILE I 139 -32.16 -4.15 7.67
C ILE I 139 -31.25 -4.14 8.91
N ALA I 140 -31.11 -5.25 9.66
CA ALA I 140 -31.78 -6.56 9.49
C ALA I 140 -32.04 -7.21 10.91
N MET J 1 -32.48 22.78 -50.33
CA MET J 1 -32.77 22.97 -51.76
C MET J 1 -34.23 23.37 -52.04
N ILE J 2 -34.42 24.66 -52.34
CA ILE J 2 -35.73 25.29 -52.51
C ILE J 2 -36.43 24.69 -53.72
N ILE J 3 -37.75 24.50 -53.64
CA ILE J 3 -38.42 23.88 -54.80
C ILE J 3 -39.74 24.52 -55.20
N ASP J 4 -39.91 24.64 -56.51
CA ASP J 4 -41.17 25.07 -57.11
C ASP J 4 -41.97 23.76 -57.22
N LYS J 5 -43.12 23.71 -56.57
CA LYS J 5 -43.91 22.47 -56.50
C LYS J 5 -44.29 22.03 -57.91
N LEU J 6 -44.43 23.02 -58.77
CA LEU J 6 -44.90 22.84 -60.13
C LEU J 6 -43.83 22.28 -61.07
N LEU J 7 -42.59 22.73 -60.87
CA LEU J 7 -41.46 22.30 -61.72
C LEU J 7 -40.99 20.92 -61.28
N GLN J 8 -41.53 20.49 -60.15
CA GLN J 8 -41.40 19.14 -59.65
C GLN J 8 -42.07 18.19 -60.66
N VAL J 9 -41.36 17.16 -61.06
CA VAL J 9 -41.94 16.04 -61.80
C VAL J 9 -41.33 14.78 -61.28
N SER J 10 -42.06 13.67 -61.37
CA SER J 10 -41.61 12.38 -60.83
C SER J 10 -41.19 12.56 -59.37
N ASP J 11 -42.18 12.49 -58.49
CA ASP J 11 -41.98 12.72 -57.06
C ASP J 11 -41.10 11.64 -56.45
N GLY J 12 -41.39 10.38 -56.78
CA GLY J 12 -40.57 9.27 -56.34
C GLY J 12 -40.84 8.04 -57.18
N GLN J 13 -40.74 8.20 -58.49
CA GLN J 13 -41.13 7.14 -59.42
C GLN J 13 -40.23 5.93 -59.31
N ALA J 14 -40.81 4.75 -59.18
CA ALA J 14 -40.02 3.55 -59.08
C ALA J 14 -39.57 3.24 -60.48
N VAL J 15 -38.48 3.90 -60.87
CA VAL J 15 -37.96 3.79 -62.23
C VAL J 15 -37.40 2.38 -62.36
N THR J 16 -38.23 1.51 -62.92
CA THR J 16 -37.87 0.11 -63.04
C THR J 16 -37.66 -0.25 -64.48
N ALA J 17 -38.66 0.11 -65.28
CA ALA J 17 -38.56 -0.02 -66.73
C ALA J 17 -38.13 1.33 -67.27
N SER J 18 -37.74 1.36 -68.53
CA SER J 18 -37.27 2.60 -69.13
C SER J 18 -38.50 3.49 -69.38
N ALA J 19 -38.81 4.30 -68.40
CA ALA J 19 -40.03 5.09 -68.38
C ALA J 19 -39.86 6.60 -68.56
N ALA J 20 -40.98 7.30 -68.68
CA ALA J 20 -41.01 8.76 -68.66
C ALA J 20 -41.23 9.24 -67.21
N SER J 21 -41.10 10.55 -66.98
CA SER J 21 -41.38 11.19 -65.67
C SER J 21 -42.87 11.06 -65.43
N THR J 22 -43.29 11.11 -64.18
CA THR J 22 -44.69 10.88 -63.90
C THR J 22 -45.49 11.97 -64.61
N ASP J 23 -45.32 13.22 -64.19
CA ASP J 23 -45.99 14.38 -64.82
C ASP J 23 -45.05 15.09 -65.77
N VAL J 24 -45.63 15.80 -66.72
CA VAL J 24 -44.80 16.45 -67.72
C VAL J 24 -45.01 17.93 -67.57
N ILE J 25 -43.92 18.68 -67.41
CA ILE J 25 -44.05 20.13 -67.22
C ILE J 25 -44.33 20.95 -68.46
N ASP J 26 -45.41 21.68 -68.39
CA ASP J 26 -45.79 22.63 -69.41
C ASP J 26 -45.49 24.05 -68.94
N PHE J 27 -44.57 24.73 -69.62
CA PHE J 27 -44.37 26.17 -69.41
C PHE J 27 -45.43 27.00 -70.13
N GLY J 28 -45.61 28.27 -69.76
CA GLY J 28 -46.68 29.05 -70.36
C GLY J 28 -46.28 29.80 -71.62
N GLN J 29 -45.41 29.21 -72.44
CA GLN J 29 -44.98 29.81 -73.71
C GLN J 29 -44.33 28.83 -74.68
N ALA J 30 -44.19 29.24 -75.94
CA ALA J 30 -43.53 28.41 -76.95
C ALA J 30 -42.03 28.14 -76.67
N ASN J 31 -41.34 29.17 -76.21
CA ASN J 31 -39.91 29.07 -75.93
C ASN J 31 -39.55 29.65 -74.59
N PRO J 32 -39.92 28.97 -73.51
CA PRO J 32 -39.43 29.62 -72.29
C PRO J 32 -37.89 29.72 -72.35
N ASN J 33 -37.20 28.74 -72.92
CA ASN J 33 -35.75 28.80 -72.97
C ASN J 33 -35.15 29.18 -71.61
N THR J 34 -35.53 28.49 -70.55
CA THR J 34 -35.11 28.90 -69.19
C THR J 34 -33.67 28.51 -68.86
N GLY J 35 -33.04 27.79 -69.77
CA GLY J 35 -31.61 27.58 -69.67
C GLY J 35 -31.01 28.95 -69.78
N MET J 36 -31.65 29.83 -70.54
CA MET J 36 -31.15 31.18 -70.76
C MET J 36 -31.11 32.02 -69.48
N ASP J 37 -31.92 31.63 -68.47
CA ASP J 37 -31.94 32.30 -67.16
C ASP J 37 -30.55 32.12 -66.55
N ASP J 38 -29.84 31.12 -67.09
CA ASP J 38 -28.47 30.79 -66.69
C ASP J 38 -28.47 30.64 -65.19
N ARG J 39 -29.49 29.94 -64.70
CA ARG J 39 -29.74 29.85 -63.27
C ARG J 39 -30.55 28.62 -62.93
N SER J 40 -31.53 28.34 -63.77
CA SER J 40 -32.38 27.15 -63.66
C SER J 40 -31.59 25.87 -63.96
N LYS J 41 -31.93 24.75 -63.32
CA LYS J 41 -31.38 23.44 -63.70
C LYS J 41 -32.18 22.26 -63.12
N MET J 42 -32.33 21.20 -63.91
CA MET J 42 -33.02 20.02 -63.45
C MET J 42 -32.07 19.35 -62.48
N VAL J 43 -32.60 18.75 -61.40
CA VAL J 43 -31.79 17.93 -60.47
C VAL J 43 -32.47 16.57 -60.27
N ILE J 44 -31.72 15.50 -60.28
CA ILE J 44 -32.41 14.24 -60.04
C ILE J 44 -31.77 13.64 -58.79
N THR J 45 -32.57 13.45 -57.75
CA THR J 45 -32.03 12.81 -56.57
C THR J 45 -32.38 11.33 -56.58
N VAL J 46 -31.59 10.51 -55.88
CA VAL J 46 -31.95 9.09 -55.75
C VAL J 46 -32.10 8.70 -54.29
N ASP J 47 -33.18 7.97 -54.03
CA ASP J 47 -33.42 7.22 -52.79
C ASP J 47 -34.45 6.12 -53.17
N GLU J 48 -34.39 4.96 -52.53
CA GLU J 48 -33.37 4.66 -51.55
C GLU J 48 -32.03 4.31 -52.19
N SER J 49 -32.04 3.51 -53.24
CA SER J 49 -30.78 3.32 -53.95
C SER J 49 -31.07 2.63 -55.27
N ALA J 50 -30.08 2.74 -56.16
CA ALA J 50 -30.09 2.15 -57.49
C ALA J 50 -29.78 0.69 -57.36
N ASP J 51 -30.73 -0.05 -56.83
CA ASP J 51 -30.60 -1.48 -56.78
C ASP J 51 -31.07 -2.10 -58.10
N ALA J 52 -30.32 -3.09 -58.59
CA ALA J 52 -30.74 -3.79 -59.80
C ALA J 52 -30.08 -5.16 -59.87
N ALA J 53 -30.57 -6.00 -60.79
CA ALA J 53 -29.96 -7.29 -61.07
C ALA J 53 -28.56 -7.14 -61.66
N GLY J 54 -28.43 -6.15 -62.54
CA GLY J 54 -27.15 -5.75 -63.13
C GLY J 54 -26.65 -6.66 -64.24
N ALA J 55 -25.60 -6.21 -64.94
CA ALA J 55 -25.09 -4.85 -64.82
C ALA J 55 -25.96 -3.92 -65.66
N ALA J 56 -26.47 -2.87 -65.03
CA ALA J 56 -27.42 -1.98 -65.68
C ALA J 56 -26.98 -0.53 -65.52
N THR J 57 -27.51 0.33 -66.37
CA THR J 57 -27.34 1.79 -66.25
C THR J 57 -28.66 2.55 -66.31
N VAL J 58 -28.65 3.75 -65.74
CA VAL J 58 -29.82 4.64 -65.71
C VAL J 58 -29.54 5.93 -66.51
N THR J 59 -30.09 6.07 -67.70
CA THR J 59 -29.74 7.25 -68.46
C THR J 59 -30.72 8.37 -68.24
N PHE J 60 -30.32 9.44 -67.53
CA PHE J 60 -31.20 10.62 -67.36
C PHE J 60 -31.16 11.61 -68.52
N SER J 61 -32.34 11.99 -69.00
CA SER J 61 -32.39 12.86 -70.17
C SER J 61 -33.67 13.66 -70.21
N VAL J 62 -33.53 14.95 -70.40
CA VAL J 62 -34.67 15.81 -70.45
C VAL J 62 -35.25 15.84 -71.87
N GLN J 63 -36.56 15.96 -71.99
CA GLN J 63 -37.16 16.02 -73.32
C GLN J 63 -38.08 17.24 -73.54
N ASP J 64 -38.05 17.77 -74.75
CA ASP J 64 -38.83 18.93 -75.15
C ASP J 64 -39.97 18.44 -76.02
N SER J 65 -40.85 19.35 -76.38
CA SER J 65 -41.92 19.06 -77.34
C SER J 65 -42.55 20.34 -77.90
N ALA J 66 -43.34 20.22 -78.94
CA ALA J 66 -44.15 21.37 -79.25
C ALA J 66 -45.34 21.24 -78.30
N ASP J 67 -45.87 20.02 -78.21
CA ASP J 67 -47.08 19.72 -77.45
C ASP J 67 -46.89 18.46 -76.64
N ASN J 68 -47.75 18.26 -75.66
CA ASN J 68 -47.66 17.07 -74.84
C ASN J 68 -48.16 15.83 -75.58
N ALA J 69 -47.35 15.34 -76.51
CA ALA J 69 -47.71 14.19 -77.35
C ALA J 69 -46.45 13.45 -77.79
N THR J 70 -45.51 14.21 -78.37
CA THR J 70 -44.25 13.67 -78.83
C THR J 70 -43.04 14.39 -78.27
N PHE J 71 -42.16 13.65 -77.58
CA PHE J 71 -40.91 14.20 -77.02
C PHE J 71 -39.58 13.81 -77.72
N ALA J 72 -38.55 14.64 -77.53
CA ALA J 72 -37.24 14.34 -78.10
C ALA J 72 -36.15 14.89 -77.16
N ASP J 73 -35.04 14.16 -77.00
CA ASP J 73 -34.02 14.55 -76.03
C ASP J 73 -33.24 15.83 -76.34
N VAL J 74 -33.07 16.67 -75.32
CA VAL J 74 -32.42 17.96 -75.46
C VAL J 74 -31.26 18.18 -74.52
N ALA J 75 -31.12 17.26 -73.59
CA ALA J 75 -29.97 17.24 -72.71
C ALA J 75 -29.94 15.80 -72.25
N ALA J 76 -28.81 15.30 -71.85
CA ALA J 76 -28.81 13.93 -71.40
C ALA J 76 -27.66 13.76 -70.45
N THR J 77 -27.65 12.64 -69.75
CA THR J 77 -26.57 12.37 -68.84
C THR J 77 -25.54 11.41 -69.46
N GLY J 78 -26.01 10.24 -69.85
CA GLY J 78 -25.13 9.23 -70.38
C GLY J 78 -25.50 8.00 -69.59
N ALA J 79 -24.86 6.86 -69.87
CA ALA J 79 -25.22 5.62 -69.18
C ALA J 79 -24.63 5.55 -67.77
N ILE J 80 -25.30 6.14 -66.79
CA ILE J 80 -24.84 6.12 -65.41
C ILE J 80 -25.05 4.74 -64.83
N GLY J 81 -23.98 4.10 -64.35
CA GLY J 81 -24.11 2.76 -63.84
C GLY J 81 -24.83 2.69 -62.51
N LYS J 82 -25.31 1.49 -62.19
CA LYS J 82 -25.91 1.17 -60.90
C LYS J 82 -24.77 1.26 -59.91
N ALA J 83 -25.10 1.28 -58.64
CA ALA J 83 -24.06 1.41 -57.63
C ALA J 83 -23.27 2.71 -57.73
N ASN J 84 -23.92 3.79 -58.15
CA ASN J 84 -23.38 5.15 -58.04
C ASN J 84 -24.48 6.09 -57.63
N LEU J 85 -25.58 5.50 -57.17
CA LEU J 85 -26.79 6.27 -56.96
C LEU J 85 -27.34 5.83 -55.63
N ALA J 86 -26.50 5.85 -54.61
CA ALA J 86 -26.99 5.55 -53.29
C ALA J 86 -27.86 6.71 -52.86
N ALA J 87 -28.59 6.51 -51.76
CA ALA J 87 -29.49 7.53 -51.26
C ALA J 87 -28.74 8.81 -50.98
N GLY J 88 -28.93 9.77 -51.86
CA GLY J 88 -28.25 11.03 -51.72
C GLY J 88 -27.23 11.18 -52.81
N LYS J 89 -27.72 11.28 -54.03
CA LYS J 89 -26.85 11.47 -55.18
C LYS J 89 -27.56 12.37 -56.17
N GLN J 90 -27.08 13.60 -56.26
CA GLN J 90 -27.68 14.56 -57.12
C GLN J 90 -27.06 14.32 -58.46
N VAL J 91 -27.88 13.95 -59.44
CA VAL J 91 -27.45 13.99 -60.84
C VAL J 91 -27.97 15.33 -61.42
N VAL J 92 -27.07 16.30 -61.57
CA VAL J 92 -27.52 17.61 -62.01
C VAL J 92 -27.53 17.73 -63.50
N ILE J 93 -28.66 18.11 -64.08
CA ILE J 93 -28.66 18.50 -65.48
C ILE J 93 -28.91 19.99 -65.58
N PRO J 94 -27.96 20.71 -66.15
CA PRO J 94 -28.20 22.13 -66.36
C PRO J 94 -29.38 22.26 -67.32
N MET J 95 -30.19 23.30 -67.16
CA MET J 95 -31.37 23.48 -67.99
C MET J 95 -30.95 23.69 -69.42
N PRO J 96 -31.52 22.92 -70.35
CA PRO J 96 -31.06 23.22 -71.71
C PRO J 96 -31.45 24.63 -72.13
N THR J 97 -30.51 25.26 -72.82
CA THR J 97 -30.65 26.64 -73.21
C THR J 97 -31.70 26.92 -74.27
N LYS J 98 -32.11 25.92 -75.04
CA LYS J 98 -33.17 26.11 -76.02
C LYS J 98 -34.34 25.18 -75.71
N LEU J 99 -34.93 25.44 -74.55
CA LEU J 99 -36.02 24.66 -74.01
C LEU J 99 -37.36 25.11 -74.68
N ARG J 100 -38.31 24.19 -74.81
CA ARG J 100 -39.61 24.46 -75.43
C ARG J 100 -40.78 24.28 -74.46
N ARG J 101 -41.99 24.53 -74.97
CA ARG J 101 -43.22 24.25 -74.18
C ARG J 101 -43.30 22.76 -73.87
N TYR J 102 -43.72 22.39 -72.67
CA TYR J 102 -43.76 20.98 -72.33
C TYR J 102 -42.38 20.34 -72.36
N CYS J 103 -41.71 20.35 -71.21
CA CYS J 103 -40.49 19.57 -71.00
C CYS J 103 -40.73 18.39 -70.01
N ARG J 104 -40.06 17.26 -70.22
CA ARG J 104 -40.29 16.12 -69.34
C ARG J 104 -38.95 15.51 -68.97
N VAL J 105 -38.94 14.57 -68.00
CA VAL J 105 -37.73 13.77 -67.70
C VAL J 105 -37.94 12.26 -67.92
N TYR J 106 -37.22 11.72 -68.89
CA TYR J 106 -37.24 10.32 -69.25
C TYR J 106 -36.18 9.47 -68.60
N TYR J 107 -36.51 8.21 -68.30
CA TYR J 107 -35.55 7.26 -67.71
C TYR J 107 -35.15 6.06 -68.59
N THR J 108 -34.15 6.32 -69.42
CA THR J 108 -33.61 5.37 -70.36
C THR J 108 -32.80 4.34 -69.63
N VAL J 109 -33.42 3.19 -69.31
CA VAL J 109 -32.71 2.16 -68.54
C VAL J 109 -32.08 1.02 -69.34
N ALA J 110 -30.75 0.93 -69.25
CA ALA J 110 -30.01 -0.15 -69.87
C ALA J 110 -30.30 -1.39 -69.08
N THR J 111 -30.31 -2.54 -69.75
CA THR J 111 -30.71 -3.79 -69.13
C THR J 111 -29.71 -4.23 -68.06
N GLY J 112 -30.18 -4.97 -67.04
CA GLY J 112 -31.58 -5.36 -66.91
C GLY J 112 -32.45 -4.33 -66.22
N PRO J 113 -33.76 -4.62 -66.05
CA PRO J 113 -34.63 -3.65 -65.41
C PRO J 113 -34.19 -3.39 -63.97
N LEU J 114 -34.34 -2.15 -63.49
CA LEU J 114 -33.97 -1.87 -62.11
C LEU J 114 -35.01 -2.62 -61.27
N THR J 115 -34.55 -3.16 -60.15
CA THR J 115 -35.46 -3.88 -59.29
C THR J 115 -35.97 -2.94 -58.22
N ALA J 116 -35.14 -2.00 -57.81
CA ALA J 116 -35.57 -1.02 -56.83
C ALA J 116 -34.78 0.29 -56.98
N GLY J 117 -35.48 1.40 -56.79
CA GLY J 117 -34.87 2.72 -56.82
C GLY J 117 -35.84 3.78 -57.28
N LYS J 118 -36.04 4.80 -56.43
CA LYS J 118 -36.92 5.93 -56.76
C LYS J 118 -36.06 7.11 -57.13
N PHE J 119 -36.61 8.02 -57.93
CA PHE J 119 -35.85 9.18 -58.36
C PHE J 119 -36.75 10.35 -58.40
N SER J 120 -36.28 11.50 -57.92
CA SER J 120 -37.07 12.73 -57.85
C SER J 120 -36.42 13.83 -58.72
N ALA J 121 -37.11 14.27 -59.76
CA ALA J 121 -36.51 15.24 -60.65
C ALA J 121 -37.18 16.57 -60.43
N GLN J 122 -36.43 17.65 -60.31
CA GLN J 122 -37.03 18.99 -60.25
C GLN J 122 -36.15 20.13 -60.71
N VAL J 123 -36.76 21.17 -61.24
CA VAL J 123 -35.95 22.26 -61.74
C VAL J 123 -35.67 23.26 -60.65
N VAL J 124 -34.41 23.61 -60.41
CA VAL J 124 -34.10 24.55 -59.34
C VAL J 124 -33.16 25.69 -59.72
N THR J 125 -33.11 26.71 -58.86
CA THR J 125 -32.14 27.81 -58.97
C THR J 125 -31.62 28.16 -57.59
N GLY J 126 -30.58 27.47 -57.13
CA GLY J 126 -29.95 26.41 -57.88
C GLY J 126 -29.51 25.29 -56.96
N ILE J 127 -28.71 24.39 -57.50
CA ILE J 127 -28.33 23.18 -56.77
C ILE J 127 -27.50 23.47 -55.57
N GLN J 128 -27.56 22.56 -54.61
CA GLN J 128 -26.64 22.57 -53.50
C GLN J 128 -25.50 21.62 -53.82
N GLN J 129 -24.37 22.10 -54.33
CA GLN J 129 -23.29 21.15 -54.53
C GLN J 129 -21.95 21.56 -53.98
N ASN J 130 -21.62 20.90 -52.88
CA ASN J 130 -20.49 21.30 -52.11
C ASN J 130 -19.61 20.12 -51.84
N VAL J 131 -18.90 19.68 -52.87
CA VAL J 131 -17.98 18.59 -52.63
C VAL J 131 -16.75 19.23 -51.96
N ALA J 132 -16.19 18.49 -51.00
CA ALA J 132 -14.98 18.88 -50.29
C ALA J 132 -13.75 18.86 -51.21
N TYR J 133 -12.89 19.89 -51.12
CA TYR J 133 -11.69 19.98 -51.92
C TYR J 133 -10.43 19.83 -51.07
N PRO J 134 -9.39 19.18 -51.64
CA PRO J 134 -8.25 18.64 -50.86
C PRO J 134 -7.46 19.74 -50.22
N ASP J 135 -6.49 19.45 -49.38
CA ASP J 135 -5.80 20.53 -48.67
C ASP J 135 -4.25 20.64 -48.94
N SER J 136 -3.48 19.57 -48.80
CA SER J 136 -2.07 19.69 -49.18
C SER J 136 -1.53 18.94 -50.41
N PRO J 137 -1.85 17.65 -50.56
CA PRO J 137 -2.57 16.81 -49.61
C PRO J 137 -1.52 16.04 -48.85
N ARG J 138 -0.29 16.55 -48.92
CA ARG J 138 0.83 15.89 -48.29
C ARG J 138 0.70 15.90 -46.76
N ILE J 139 -0.01 16.89 -46.24
CA ILE J 139 -0.14 17.04 -44.80
C ILE J 139 -1.48 17.58 -44.28
N ALA J 140 -2.32 16.69 -43.77
CA ALA J 140 -1.98 15.27 -43.66
C ALA J 140 -3.20 14.38 -43.94
N MET K 1 -18.76 38.07 -79.03
CA MET K 1 -18.42 36.81 -78.32
C MET K 1 -16.93 36.39 -78.27
N ILE K 2 -16.33 36.64 -77.11
CA ILE K 2 -14.93 36.33 -76.82
C ILE K 2 -14.61 34.84 -76.62
N ILE K 3 -13.46 34.38 -77.11
CA ILE K 3 -13.03 32.98 -76.95
C ILE K 3 -11.50 32.87 -76.72
N ASP K 4 -11.12 32.02 -75.78
CA ASP K 4 -9.72 31.74 -75.51
C ASP K 4 -9.16 30.58 -76.33
N LYS K 5 -7.95 30.77 -76.85
CA LYS K 5 -7.35 29.80 -77.75
C LYS K 5 -7.29 28.44 -77.06
N LEU K 6 -7.06 28.46 -75.75
CA LEU K 6 -6.82 27.19 -75.01
C LEU K 6 -8.01 26.29 -74.67
N LEU K 7 -9.15 26.89 -74.28
CA LEU K 7 -10.36 26.08 -74.01
C LEU K 7 -11.08 25.73 -75.32
N GLN K 8 -10.60 26.34 -76.43
CA GLN K 8 -11.01 25.99 -77.79
C GLN K 8 -10.59 24.56 -78.15
N VAL K 9 -11.52 23.72 -78.59
CA VAL K 9 -11.16 22.39 -79.04
C VAL K 9 -11.89 22.08 -80.32
N SER K 10 -11.28 21.26 -81.17
CA SER K 10 -11.86 20.96 -82.50
C SER K 10 -12.07 22.32 -83.23
N ASP K 11 -11.04 22.81 -83.88
CA ASP K 11 -11.16 24.09 -84.53
C ASP K 11 -12.13 24.05 -85.69
N GLY K 12 -12.00 23.04 -86.55
CA GLY K 12 -12.88 22.87 -87.70
C GLY K 12 -12.83 21.46 -88.22
N GLN K 13 -13.07 20.52 -87.32
CA GLN K 13 -12.87 19.11 -87.59
C GLN K 13 -13.90 18.56 -88.55
N ALA K 14 -13.43 17.95 -89.63
CA ALA K 14 -14.32 17.39 -90.63
C ALA K 14 -14.82 16.04 -90.15
N VAL K 15 -15.86 16.09 -89.33
CA VAL K 15 -16.44 14.90 -88.72
C VAL K 15 -17.23 14.15 -89.78
N THR K 16 -16.65 13.04 -90.25
CA THR K 16 -17.28 12.27 -91.29
C THR K 16 -17.81 11.01 -90.66
N ALA K 17 -16.94 10.35 -89.92
CA ALA K 17 -17.34 9.23 -89.09
C ALA K 17 -17.49 9.72 -87.65
N SER K 18 -18.03 8.86 -86.79
CA SER K 18 -18.11 9.22 -85.39
C SER K 18 -16.77 9.11 -84.66
N ALA K 19 -15.97 10.16 -84.72
CA ALA K 19 -14.66 10.19 -84.09
C ALA K 19 -14.73 11.17 -82.96
N ALA K 20 -13.70 11.22 -82.12
CA ALA K 20 -13.64 12.22 -81.06
C ALA K 20 -12.96 13.46 -81.60
N SER K 21 -12.95 14.49 -80.74
CA SER K 21 -12.37 15.83 -80.99
C SER K 21 -10.87 15.87 -81.14
N THR K 22 -10.43 16.89 -81.87
CA THR K 22 -9.03 17.04 -82.22
C THR K 22 -8.30 17.21 -80.94
N ASP K 23 -8.54 18.34 -80.28
CA ASP K 23 -7.91 18.54 -78.98
C ASP K 23 -8.85 18.26 -77.84
N VAL K 24 -8.22 17.88 -76.75
CA VAL K 24 -8.84 17.46 -75.51
C VAL K 24 -8.35 18.48 -74.52
N ILE K 25 -9.25 19.18 -73.85
CA ILE K 25 -8.78 20.22 -72.90
C ILE K 25 -8.28 19.61 -71.64
N ASP K 26 -7.08 19.99 -71.22
CA ASP K 26 -6.60 19.57 -69.93
C ASP K 26 -6.67 20.71 -68.91
N PHE K 27 -7.53 20.62 -67.92
CA PHE K 27 -7.49 21.57 -66.81
C PHE K 27 -6.35 21.12 -65.88
N GLY K 28 -5.79 22.06 -65.12
CA GLY K 28 -4.63 21.79 -64.30
C GLY K 28 -4.99 21.40 -62.88
N GLN K 29 -6.06 20.60 -62.71
CA GLN K 29 -6.54 20.12 -61.40
C GLN K 29 -7.31 18.83 -61.60
N ALA K 30 -7.47 18.04 -60.55
CA ALA K 30 -8.27 16.85 -60.67
C ALA K 30 -9.76 17.17 -60.86
N ASN K 31 -10.27 18.18 -60.17
CA ASN K 31 -11.71 18.47 -60.25
C ASN K 31 -12.11 19.90 -60.46
N PRO K 32 -12.03 20.37 -61.71
CA PRO K 32 -12.39 21.72 -62.15
C PRO K 32 -13.84 22.11 -61.87
N ASN K 33 -14.81 21.22 -61.97
CA ASN K 33 -16.18 21.61 -61.69
C ASN K 33 -16.55 22.94 -62.29
N THR K 34 -16.21 23.18 -63.55
CA THR K 34 -16.46 24.52 -64.06
C THR K 34 -17.95 24.64 -64.45
N GLY K 35 -18.66 23.53 -64.33
CA GLY K 35 -20.10 23.60 -64.41
C GLY K 35 -20.59 24.42 -63.23
N MET K 36 -19.87 24.34 -62.10
CA MET K 36 -20.24 25.07 -60.89
C MET K 36 -20.10 26.58 -61.02
N ASP K 37 -19.33 27.00 -62.00
CA ASP K 37 -19.22 28.42 -62.30
C ASP K 37 -20.57 29.02 -62.76
N ASP K 38 -21.43 28.14 -63.30
CA ASP K 38 -22.70 28.56 -63.87
C ASP K 38 -22.45 29.66 -64.87
N ARG K 39 -21.47 29.45 -65.73
CA ARG K 39 -21.13 30.49 -66.67
C ARG K 39 -20.42 29.85 -67.85
N SER K 40 -19.53 28.89 -67.58
CA SER K 40 -18.89 28.15 -68.66
C SER K 40 -19.91 27.24 -69.34
N LYS K 41 -19.84 27.10 -70.66
CA LYS K 41 -20.78 26.21 -71.38
C LYS K 41 -20.25 25.84 -72.74
N MET K 42 -20.46 24.61 -73.18
CA MET K 42 -19.95 24.24 -74.49
C MET K 42 -20.80 24.82 -75.59
N VAL K 43 -20.19 25.24 -76.70
CA VAL K 43 -20.99 25.67 -77.85
C VAL K 43 -20.42 24.88 -79.01
N ILE K 44 -21.26 24.35 -79.87
CA ILE K 44 -20.71 23.71 -81.03
C ILE K 44 -21.30 24.40 -82.26
N THR K 45 -20.46 25.06 -83.05
CA THR K 45 -20.92 25.64 -84.31
C THR K 45 -20.62 24.74 -85.52
N VAL K 46 -21.42 24.88 -86.57
CA VAL K 46 -21.29 24.02 -87.72
C VAL K 46 -20.92 24.87 -88.92
N ASP K 47 -20.01 24.37 -89.77
CA ASP K 47 -19.75 24.95 -91.10
C ASP K 47 -19.17 23.84 -92.01
N GLU K 48 -19.51 23.83 -93.29
CA GLU K 48 -20.56 24.67 -93.81
C GLU K 48 -21.89 24.08 -93.45
N SER K 49 -22.04 22.78 -93.59
CA SER K 49 -23.29 22.17 -93.18
C SER K 49 -23.17 20.67 -93.12
N ALA K 50 -24.12 20.05 -92.44
CA ALA K 50 -24.15 18.60 -92.30
C ALA K 50 -24.67 17.96 -93.56
N ASP K 51 -23.86 18.04 -94.59
CA ASP K 51 -24.22 17.34 -95.77
C ASP K 51 -23.82 15.89 -95.48
N ALA K 52 -24.67 14.96 -95.88
CA ALA K 52 -24.34 13.56 -95.68
C ALA K 52 -25.14 12.71 -96.63
N ALA K 53 -24.82 11.42 -96.70
CA ALA K 53 -25.63 10.48 -97.47
C ALA K 53 -27.04 10.42 -96.87
N GLY K 54 -27.11 10.48 -95.53
CA GLY K 54 -28.35 10.57 -94.77
C GLY K 54 -29.06 9.23 -94.64
N ALA K 55 -30.10 9.12 -93.81
CA ALA K 55 -30.49 10.14 -92.84
C ALA K 55 -29.52 9.99 -91.69
N ALA K 56 -28.93 11.09 -91.29
CA ALA K 56 -27.82 11.03 -90.35
C ALA K 56 -28.13 11.84 -89.08
N THR K 57 -27.48 11.47 -87.98
CA THR K 57 -27.50 12.32 -86.79
C THR K 57 -26.07 12.54 -86.25
N VAL K 58 -25.87 13.68 -85.61
CA VAL K 58 -24.63 14.04 -84.97
C VAL K 58 -24.86 14.37 -83.51
N THR K 59 -24.55 13.46 -82.60
CA THR K 59 -24.82 13.74 -81.19
C THR K 59 -23.61 14.34 -80.51
N PHE K 60 -23.66 15.63 -80.18
CA PHE K 60 -22.55 16.21 -79.44
C PHE K 60 -22.66 15.79 -78.00
N SER K 61 -21.54 15.30 -77.48
CA SER K 61 -21.50 14.75 -76.13
C SER K 61 -20.10 14.96 -75.60
N VAL K 62 -20.03 15.63 -74.47
CA VAL K 62 -18.79 15.99 -73.87
C VAL K 62 -18.33 14.85 -73.01
N GLN K 63 -17.03 14.59 -73.03
CA GLN K 63 -16.47 13.50 -72.25
C GLN K 63 -15.33 13.90 -71.33
N ASP K 64 -15.30 13.23 -70.16
CA ASP K 64 -14.32 13.43 -69.09
C ASP K 64 -13.30 12.33 -69.04
N SER K 65 -12.34 12.53 -68.15
CA SER K 65 -11.37 11.51 -67.85
C SER K 65 -10.74 11.81 -66.50
N ALA K 66 -10.13 10.80 -65.89
CA ALA K 66 -9.29 11.03 -64.72
C ALA K 66 -7.95 11.44 -65.29
N ASP K 67 -7.57 10.72 -66.33
CA ASP K 67 -6.30 10.90 -67.02
C ASP K 67 -6.63 10.88 -68.51
N ASN K 68 -5.77 11.45 -69.33
CA ASN K 68 -6.09 11.45 -70.74
C ASN K 68 -5.85 10.10 -71.36
N ALA K 69 -6.78 9.17 -71.15
CA ALA K 69 -6.62 7.79 -71.63
C ALA K 69 -7.98 7.16 -71.94
N THR K 70 -8.90 7.22 -70.98
CA THR K 70 -10.26 6.73 -71.16
C THR K 70 -11.32 7.78 -70.87
N PHE K 71 -12.17 8.04 -71.84
CA PHE K 71 -13.22 9.04 -71.62
C PHE K 71 -14.63 8.50 -71.37
N ALA K 72 -15.45 9.32 -70.70
CA ALA K 72 -16.83 8.97 -70.37
C ALA K 72 -17.72 10.19 -70.41
N ASP K 73 -18.98 10.02 -70.83
CA ASP K 73 -19.91 11.13 -71.00
C ASP K 73 -20.38 11.87 -69.75
N VAL K 74 -20.40 13.18 -69.84
CA VAL K 74 -20.83 14.05 -68.76
C VAL K 74 -21.92 15.01 -69.17
N ALA K 75 -22.15 15.08 -70.47
CA ALA K 75 -23.25 15.85 -71.01
C ALA K 75 -23.51 15.34 -72.42
N ALA K 76 -24.73 15.53 -72.92
CA ALA K 76 -25.04 15.12 -74.28
C ALA K 76 -26.20 15.94 -74.82
N THR K 77 -26.41 15.88 -76.12
CA THR K 77 -27.51 16.61 -76.75
C THR K 77 -28.75 15.78 -77.12
N GLY K 78 -28.54 14.73 -77.90
CA GLY K 78 -29.60 13.88 -78.37
C GLY K 78 -29.21 13.81 -79.82
N ALA K 79 -29.85 12.96 -80.60
CA ALA K 79 -29.43 12.78 -81.99
C ALA K 79 -29.94 13.89 -82.91
N ILE K 80 -29.19 14.98 -82.98
CA ILE K 80 -29.56 16.11 -83.83
C ILE K 80 -29.47 15.66 -85.27
N GLY K 81 -30.58 15.74 -85.98
CA GLY K 81 -30.62 15.28 -87.35
C GLY K 81 -29.84 16.22 -88.27
N LYS K 82 -29.55 15.74 -89.47
CA LYS K 82 -28.93 16.56 -90.51
C LYS K 82 -29.95 17.59 -90.93
N ALA K 83 -29.50 18.63 -91.63
CA ALA K 83 -30.37 19.75 -92.00
C ALA K 83 -30.94 20.46 -90.77
N ASN K 84 -30.12 20.51 -89.72
CA ASN K 84 -30.36 21.32 -88.54
C ASN K 84 -29.02 21.92 -88.21
N LEU K 85 -28.11 21.79 -89.17
CA LEU K 85 -26.71 22.09 -88.97
C LEU K 85 -26.17 22.87 -90.16
N ALA K 86 -26.85 23.93 -90.59
CA ALA K 86 -26.33 24.83 -91.60
C ALA K 86 -25.30 25.71 -90.97
N ALA K 87 -24.52 26.40 -91.80
CA ALA K 87 -23.47 27.29 -91.29
C ALA K 87 -24.07 28.35 -90.40
N GLY K 88 -23.87 28.18 -89.11
CA GLY K 88 -24.43 29.13 -88.17
C GLY K 88 -25.53 28.42 -87.43
N LYS K 89 -25.14 27.45 -86.65
CA LYS K 89 -26.09 26.80 -85.79
C LYS K 89 -25.38 26.34 -84.53
N GLN K 90 -25.65 27.02 -83.43
CA GLN K 90 -25.01 26.67 -82.17
C GLN K 90 -25.82 25.59 -81.51
N VAL K 91 -25.17 24.45 -81.28
CA VAL K 91 -25.69 23.43 -80.36
C VAL K 91 -25.05 23.57 -78.96
N VAL K 92 -25.70 24.20 -78.00
CA VAL K 92 -25.02 24.37 -76.73
C VAL K 92 -25.24 23.26 -75.74
N ILE K 93 -24.14 22.75 -75.22
CA ILE K 93 -24.15 21.84 -74.07
C ILE K 93 -23.56 22.66 -72.91
N PRO K 94 -24.35 22.86 -71.84
CA PRO K 94 -23.84 23.63 -70.72
C PRO K 94 -22.64 22.91 -70.12
N MET K 95 -21.63 23.61 -69.61
CA MET K 95 -20.50 22.91 -69.06
C MET K 95 -21.00 22.13 -67.89
N PRO K 96 -20.75 20.82 -67.88
CA PRO K 96 -21.26 19.97 -66.79
C PRO K 96 -20.70 20.35 -65.44
N THR K 97 -21.57 20.23 -64.44
CA THR K 97 -21.26 20.64 -63.10
C THR K 97 -20.24 19.76 -62.35
N LYS K 98 -20.06 18.49 -62.71
CA LYS K 98 -19.02 17.66 -62.03
C LYS K 98 -17.90 17.24 -62.94
N LEU K 99 -17.02 18.20 -63.22
CA LEU K 99 -15.92 17.96 -64.14
C LEU K 99 -14.69 17.32 -63.53
N ARG K 100 -13.90 16.68 -64.39
CA ARG K 100 -12.61 16.13 -64.00
C ARG K 100 -11.55 16.83 -64.85
N ARG K 101 -10.30 16.49 -64.62
CA ARG K 101 -9.19 16.94 -65.46
C ARG K 101 -9.42 16.41 -66.87
N TYR K 102 -9.01 17.16 -67.87
CA TYR K 102 -9.15 16.69 -69.25
C TYR K 102 -10.57 16.51 -69.75
N CYS K 103 -11.11 17.53 -70.38
CA CYS K 103 -12.40 17.39 -71.03
C CYS K 103 -12.21 17.23 -72.53
N ARG K 104 -13.08 16.43 -73.18
CA ARG K 104 -12.94 16.22 -74.60
C ARG K 104 -14.32 16.27 -75.21
N VAL K 105 -14.38 16.35 -76.54
CA VAL K 105 -15.65 16.34 -77.27
C VAL K 105 -15.80 15.14 -78.23
N TYR K 106 -16.88 14.39 -78.07
CA TYR K 106 -17.14 13.30 -78.95
C TYR K 106 -18.19 13.76 -79.96
N TYR K 107 -18.10 13.30 -81.22
CA TYR K 107 -19.16 13.54 -82.24
C TYR K 107 -19.78 12.20 -82.66
N THR K 108 -20.86 11.80 -82.00
CA THR K 108 -21.50 10.53 -82.30
C THR K 108 -22.34 10.54 -83.56
N VAL K 109 -21.81 10.08 -84.68
CA VAL K 109 -22.62 10.07 -85.90
C VAL K 109 -23.27 8.73 -86.25
N ALA K 110 -24.61 8.75 -86.31
CA ALA K 110 -25.40 7.61 -86.76
C ALA K 110 -25.20 7.48 -88.25
N THR K 111 -25.32 6.27 -88.76
CA THR K 111 -25.02 6.02 -90.16
C THR K 111 -26.03 6.74 -91.07
N GLY K 112 -25.59 7.11 -92.28
CA GLY K 112 -24.22 6.90 -92.75
C GLY K 112 -23.20 7.98 -92.40
N PRO K 113 -21.94 7.80 -92.83
CA PRO K 113 -20.99 8.87 -92.53
C PRO K 113 -21.40 10.17 -93.20
N LEU K 114 -21.13 11.29 -92.53
CA LEU K 114 -21.42 12.60 -93.09
C LEU K 114 -20.50 12.78 -94.27
N THR K 115 -20.97 13.46 -95.30
CA THR K 115 -20.11 13.67 -96.44
C THR K 115 -19.37 14.98 -96.29
N ALA K 116 -20.00 15.94 -95.63
CA ALA K 116 -19.39 17.25 -95.45
C ALA K 116 -19.83 17.93 -94.13
N GLY K 117 -18.92 18.66 -93.49
CA GLY K 117 -19.25 19.42 -92.32
C GLY K 117 -18.10 19.54 -91.35
N LYS K 118 -17.72 20.77 -90.97
CA LYS K 118 -16.72 21.01 -89.91
C LYS K 118 -17.47 21.44 -88.63
N PHE K 119 -16.86 21.25 -87.46
CA PHE K 119 -17.53 21.63 -86.22
C PHE K 119 -16.55 22.21 -85.27
N SER K 120 -16.99 23.24 -84.54
CA SER K 120 -16.15 23.99 -83.58
C SER K 120 -16.66 23.86 -82.16
N ALA K 121 -15.89 23.26 -81.28
CA ALA K 121 -16.39 23.15 -79.94
C ALA K 121 -15.61 24.05 -79.03
N GLN K 122 -16.25 24.94 -78.29
CA GLN K 122 -15.51 25.74 -77.30
C GLN K 122 -16.34 26.25 -76.14
N VAL K 123 -15.68 26.41 -75.01
CA VAL K 123 -16.36 26.84 -73.80
C VAL K 123 -16.35 28.36 -73.72
N VAL K 124 -17.51 28.97 -73.48
CA VAL K 124 -17.58 30.43 -73.46
C VAL K 124 -18.33 30.94 -72.23
N THR K 125 -18.26 32.27 -72.04
CA THR K 125 -19.07 33.07 -71.10
C THR K 125 -19.51 34.41 -71.77
N GLY K 126 -20.66 34.37 -72.43
CA GLY K 126 -21.46 33.16 -72.50
C GLY K 126 -21.92 33.17 -73.92
N ILE K 127 -22.93 32.37 -74.23
CA ILE K 127 -23.34 32.25 -75.62
C ILE K 127 -23.85 33.60 -76.07
N GLN K 128 -23.76 33.87 -77.36
CA GLN K 128 -24.47 35.01 -77.87
C GLN K 128 -25.79 34.43 -78.43
N GLN K 129 -26.85 34.46 -77.64
CA GLN K 129 -28.09 33.82 -78.05
C GLN K 129 -29.32 34.72 -78.01
N ASN K 130 -29.76 35.14 -79.20
CA ASN K 130 -30.79 36.15 -79.41
C ASN K 130 -31.81 35.71 -80.45
N VAL K 131 -32.73 34.79 -80.13
CA VAL K 131 -33.72 34.47 -81.16
C VAL K 131 -34.85 35.53 -81.15
N ALA K 132 -35.34 35.93 -82.34
CA ALA K 132 -36.44 36.91 -82.40
C ALA K 132 -37.67 36.28 -81.78
N TYR K 133 -38.40 37.08 -81.01
CA TYR K 133 -39.61 36.62 -80.35
C TYR K 133 -40.82 37.28 -80.94
N PRO K 134 -41.96 36.55 -80.97
CA PRO K 134 -43.15 37.14 -81.62
C PRO K 134 -43.63 38.38 -80.84
N ASP K 135 -44.66 39.03 -81.34
CA ASP K 135 -45.06 40.29 -80.74
C ASP K 135 -46.50 40.42 -80.15
N SER K 136 -47.48 40.22 -81.04
CA SER K 136 -48.89 40.41 -80.70
C SER K 136 -49.81 39.18 -80.46
N PRO K 137 -49.80 38.18 -81.35
CA PRO K 137 -49.11 38.13 -82.63
C PRO K 137 -50.17 38.51 -83.63
N ARG K 138 -51.22 39.20 -83.18
CA ARG K 138 -52.29 39.58 -84.09
C ARG K 138 -51.82 40.56 -85.15
N ILE K 139 -50.83 41.40 -84.82
CA ILE K 139 -50.26 42.26 -85.85
C ILE K 139 -48.82 42.71 -85.62
N ALA K 140 -47.82 42.08 -86.26
CA ALA K 140 -47.97 40.88 -87.11
C ALA K 140 -46.62 40.03 -87.21
N MET L 1 32.34 -15.65 29.14
CA MET L 1 32.50 -16.63 30.20
C MET L 1 33.96 -16.66 30.55
N ILE L 2 34.27 -16.14 31.73
CA ILE L 2 35.64 -16.02 32.23
C ILE L 2 36.25 -17.40 32.43
N ILE L 3 37.54 -17.57 32.15
CA ILE L 3 38.12 -18.90 32.35
C ILE L 3 39.51 -18.89 32.99
N ASP L 4 39.73 -19.75 33.97
CA ASP L 4 41.04 -19.82 34.60
C ASP L 4 41.79 -20.80 33.70
N LYS L 5 42.95 -20.38 33.18
CA LYS L 5 43.76 -21.19 32.26
C LYS L 5 44.14 -22.50 32.87
N LEU L 6 44.28 -22.51 34.20
CA LEU L 6 44.65 -23.71 34.96
C LEU L 6 43.52 -24.73 35.18
N LEU L 7 42.29 -24.28 35.36
CA LEU L 7 41.14 -25.19 35.46
C LEU L 7 40.65 -25.70 34.13
N GLN L 8 41.14 -25.10 33.04
CA GLN L 8 40.83 -25.53 31.68
C GLN L 8 41.30 -26.97 31.51
N VAL L 9 40.42 -27.86 31.06
CA VAL L 9 40.85 -29.22 30.74
C VAL L 9 40.18 -29.59 29.45
N SER L 10 40.80 -30.43 28.64
CA SER L 10 40.19 -30.79 27.36
C SER L 10 39.86 -29.50 26.60
N ASP L 11 40.87 -28.93 25.94
CA ASP L 11 40.68 -27.67 25.24
C ASP L 11 39.74 -27.75 24.03
N GLY L 12 39.96 -28.72 23.16
CA GLY L 12 39.11 -28.94 22.00
C GLY L 12 39.34 -30.35 21.52
N GLN L 13 39.19 -31.28 22.47
CA GLN L 13 39.53 -32.68 22.32
C GLN L 13 38.55 -33.50 21.46
N ALA L 14 39.07 -34.19 20.46
CA ALA L 14 38.22 -34.98 19.59
C ALA L 14 37.85 -36.31 20.24
N VAL L 15 36.81 -36.27 21.08
CA VAL L 15 36.34 -37.45 21.81
C VAL L 15 35.62 -38.40 20.85
N THR L 16 36.31 -39.47 20.44
CA THR L 16 35.75 -40.37 19.46
C THR L 16 35.35 -41.72 20.06
N ALA L 17 36.26 -42.33 20.80
CA ALA L 17 35.94 -43.53 21.56
C ALA L 17 35.60 -43.05 22.97
N SER L 18 35.08 -43.94 23.82
CA SER L 18 34.69 -43.53 25.15
C SER L 18 35.95 -43.27 26.01
N ALA L 19 36.47 -42.06 25.91
CA ALA L 19 37.74 -41.70 26.56
C ALA L 19 37.64 -40.68 27.68
N ALA L 20 38.76 -40.50 28.38
CA ALA L 20 38.87 -39.48 29.40
C ALA L 20 39.40 -38.17 28.82
N SER L 21 39.33 -37.12 29.62
CA SER L 21 39.81 -35.78 29.26
C SER L 21 41.32 -35.83 29.14
N THR L 22 41.87 -34.90 28.39
CA THR L 22 43.31 -34.85 28.25
C THR L 22 43.89 -34.53 29.63
N ASP L 23 43.55 -33.32 30.09
CA ASP L 23 44.15 -32.74 31.29
C ASP L 23 43.41 -32.90 32.58
N VAL L 24 44.19 -32.98 33.64
CA VAL L 24 43.68 -33.30 34.95
C VAL L 24 43.92 -32.17 35.89
N ILE L 25 42.87 -31.67 36.53
CA ILE L 25 43.07 -30.59 37.46
C ILE L 25 43.64 -31.09 38.75
N ASP L 26 44.78 -30.55 39.13
CA ASP L 26 45.36 -30.85 40.44
C ASP L 26 45.11 -29.67 41.31
N PHE L 27 44.21 -29.78 42.28
CA PHE L 27 44.03 -28.76 43.31
C PHE L 27 45.19 -28.96 44.29
N GLY L 28 45.55 -27.97 45.08
CA GLY L 28 46.69 -28.18 45.93
C GLY L 28 46.34 -28.73 47.31
N GLN L 29 45.33 -29.59 47.38
CA GLN L 29 44.91 -30.11 48.68
C GLN L 29 44.18 -31.44 48.55
N ALA L 30 44.13 -32.21 49.63
CA ALA L 30 43.52 -33.52 49.54
C ALA L 30 42.05 -33.44 49.20
N ASN L 31 41.35 -32.46 49.79
CA ASN L 31 39.92 -32.34 49.57
C ASN L 31 39.44 -30.98 49.30
N PRO L 32 39.64 -30.49 48.08
CA PRO L 32 39.12 -29.17 47.76
C PRO L 32 37.61 -29.07 47.98
N ASN L 33 36.83 -30.11 47.75
CA ASN L 33 35.39 -30.03 48.01
C ASN L 33 34.84 -28.70 47.45
N THR L 34 35.13 -28.46 46.17
CA THR L 34 34.84 -27.17 45.53
C THR L 34 33.40 -27.02 45.11
N GLY L 35 32.59 -28.04 45.37
CA GLY L 35 31.15 -27.88 45.24
C GLY L 35 30.62 -26.85 46.23
N MET L 36 31.24 -26.77 47.42
CA MET L 36 30.86 -25.83 48.47
C MET L 36 31.07 -24.36 48.12
N ASP L 37 31.87 -24.04 47.12
CA ASP L 37 31.98 -22.66 46.67
C ASP L 37 30.58 -22.23 46.18
N ASP L 38 29.74 -23.23 45.83
CA ASP L 38 28.36 -23.07 45.32
C ASP L 38 28.41 -22.07 44.22
N ARG L 39 29.44 -22.21 43.41
CA ARG L 39 29.74 -21.19 42.46
C ARG L 39 30.53 -21.88 41.36
N SER L 40 31.52 -22.68 41.73
CA SER L 40 32.27 -23.41 40.71
C SER L 40 31.37 -24.44 40.05
N LYS L 41 31.56 -24.68 38.77
CA LYS L 41 30.77 -25.65 38.05
C LYS L 41 31.49 -26.13 36.81
N MET L 42 31.40 -27.41 36.50
CA MET L 42 32.00 -27.87 35.27
C MET L 42 31.14 -27.49 34.12
N VAL L 43 31.77 -27.21 32.99
CA VAL L 43 31.05 -27.02 31.74
C VAL L 43 31.71 -27.83 30.64
N ILE L 44 30.91 -28.46 29.81
CA ILE L 44 31.52 -29.07 28.65
C ILE L 44 30.80 -28.30 27.57
N THR L 45 31.56 -27.56 26.77
CA THR L 45 31.00 -26.88 25.61
C THR L 45 31.23 -27.75 24.37
N VAL L 46 30.46 -27.53 23.33
CA VAL L 46 30.57 -28.39 22.16
C VAL L 46 31.01 -27.71 20.88
N ASP L 47 31.90 -28.40 20.15
CA ASP L 47 32.27 -28.07 18.77
C ASP L 47 32.85 -29.34 18.09
N GLU L 48 32.65 -29.54 16.79
CA GLU L 48 31.67 -28.80 16.03
C GLU L 48 30.33 -29.49 16.26
N SER L 49 30.35 -30.81 16.29
CA SER L 49 29.12 -31.53 16.59
C SER L 49 29.37 -32.99 16.88
N ALA L 50 28.37 -33.65 17.45
CA ALA L 50 28.43 -35.09 17.71
C ALA L 50 28.10 -35.89 16.46
N ASP L 51 28.98 -35.83 15.47
CA ASP L 51 28.77 -36.68 14.34
C ASP L 51 29.30 -38.03 14.76
N ALA L 52 28.55 -39.06 14.42
CA ALA L 52 28.92 -40.43 14.70
C ALA L 52 28.12 -41.25 13.73
N ALA L 53 28.37 -42.55 13.64
CA ALA L 53 27.49 -43.38 12.84
C ALA L 53 26.09 -43.27 13.45
N GLY L 54 26.05 -43.21 14.78
CA GLY L 54 24.83 -42.93 15.53
C GLY L 54 23.91 -44.13 15.57
N ALA L 55 22.84 -44.04 16.37
CA ALA L 55 22.64 -42.96 17.32
C ALA L 55 23.46 -43.24 18.57
N ALA L 56 24.26 -42.25 18.98
CA ALA L 56 25.19 -42.43 20.09
C ALA L 56 24.89 -41.36 21.14
N THR L 57 25.29 -41.63 22.39
CA THR L 57 25.16 -40.63 23.44
C THR L 57 26.48 -40.42 24.17
N VAL L 58 26.69 -39.21 24.68
CA VAL L 58 27.89 -38.88 25.41
C VAL L 58 27.60 -38.54 26.87
N THR L 59 27.85 -39.45 27.80
CA THR L 59 27.56 -39.15 29.19
C THR L 59 28.78 -38.56 29.85
N PHE L 60 28.79 -37.23 29.98
CA PHE L 60 29.91 -36.53 30.61
C PHE L 60 29.88 -36.79 32.09
N SER L 61 31.05 -36.97 32.68
CA SER L 61 31.12 -37.29 34.11
C SER L 61 32.43 -36.80 34.72
N VAL L 62 32.35 -36.20 35.90
CA VAL L 62 33.54 -35.74 36.59
C VAL L 62 34.11 -36.85 37.46
N GLN L 63 35.44 -36.96 37.51
CA GLN L 63 36.07 -37.99 38.34
C GLN L 63 37.16 -37.45 39.27
N ASP L 64 37.21 -37.99 40.48
CA ASP L 64 38.16 -37.56 41.50
C ASP L 64 39.16 -38.65 41.58
N SER L 65 40.17 -38.44 42.40
CA SER L 65 41.11 -39.50 42.71
C SER L 65 41.77 -39.09 44.00
N ALA L 66 42.38 -40.03 44.70
CA ALA L 66 43.12 -39.66 45.91
C ALA L 66 44.45 -39.11 45.47
N ASP L 67 45.03 -39.79 44.51
CA ASP L 67 46.32 -39.42 43.98
C ASP L 67 46.04 -39.53 42.50
N ASN L 68 46.88 -38.95 41.66
CA ASN L 68 46.61 -39.05 40.25
C ASN L 68 46.92 -40.46 39.72
N ALA L 69 45.98 -41.39 39.91
CA ALA L 69 46.21 -42.78 39.55
C ALA L 69 44.95 -43.49 39.08
N THR L 70 43.93 -43.53 39.92
CA THR L 70 42.66 -44.14 39.50
C THR L 70 41.52 -43.17 39.71
N PHE L 71 40.68 -42.99 38.70
CA PHE L 71 39.57 -42.06 38.86
C PHE L 71 38.27 -42.77 39.16
N ALA L 72 37.33 -42.03 39.75
CA ALA L 72 36.02 -42.57 40.08
C ALA L 72 34.99 -41.46 39.95
N ASP L 73 33.78 -41.76 39.46
CA ASP L 73 32.77 -40.70 39.26
C ASP L 73 32.24 -40.14 40.55
N VAL L 74 32.11 -38.82 40.57
CA VAL L 74 31.59 -38.10 41.71
C VAL L 74 30.43 -37.23 41.27
N ALA L 75 30.29 -37.11 39.94
CA ALA L 75 29.19 -36.42 39.27
C ALA L 75 29.01 -37.05 37.89
N ALA L 76 27.81 -36.96 37.33
CA ALA L 76 27.53 -37.53 36.03
C ALA L 76 26.40 -36.74 35.41
N THR L 77 26.17 -36.91 34.12
CA THR L 77 25.03 -36.24 33.50
C THR L 77 23.81 -37.14 33.19
N GLY L 78 24.03 -38.16 32.38
CA GLY L 78 22.98 -39.03 31.91
C GLY L 78 23.35 -39.06 30.44
N ALA L 79 22.67 -39.88 29.65
CA ALA L 79 23.09 -40.02 28.27
C ALA L 79 22.63 -38.87 27.40
N ILE L 80 23.43 -37.82 27.28
CA ILE L 80 23.08 -36.73 26.41
C ILE L 80 23.22 -37.27 25.00
N GLY L 81 22.14 -37.21 24.22
CA GLY L 81 22.16 -37.77 22.88
C GLY L 81 22.94 -36.97 21.85
N LYS L 82 23.26 -37.61 20.72
CA LYS L 82 23.81 -36.85 19.63
C LYS L 82 22.61 -36.02 19.17
N ALA L 83 22.87 -35.03 18.35
CA ALA L 83 21.84 -34.06 17.96
C ALA L 83 21.31 -33.30 19.18
N ASN L 84 22.20 -33.16 20.15
CA ASN L 84 22.08 -32.21 21.26
C ASN L 84 23.47 -31.70 21.54
N LEU L 85 24.34 -31.92 20.57
CA LEU L 85 25.72 -31.54 20.73
C LEU L 85 26.08 -30.86 19.43
N ALA L 86 25.25 -29.89 19.05
CA ALA L 86 25.59 -29.03 17.94
C ALA L 86 26.63 -28.03 18.41
N ALA L 87 27.28 -27.35 17.48
CA ALA L 87 28.27 -26.36 17.84
C ALA L 87 27.63 -25.32 18.71
N GLY L 88 27.90 -25.36 20.00
CA GLY L 88 27.25 -24.41 20.87
C GLY L 88 26.27 -25.08 21.80
N LYS L 89 26.79 -25.82 22.76
CA LYS L 89 25.90 -26.37 23.75
C LYS L 89 26.66 -26.55 25.06
N GLN L 90 26.32 -25.74 26.06
CA GLN L 90 26.98 -25.92 27.32
C GLN L 90 26.23 -27.02 28.03
N VAL L 91 26.90 -28.14 28.24
CA VAL L 91 26.37 -29.17 29.13
C VAL L 91 26.97 -28.97 30.51
N VAL L 92 26.19 -28.41 31.44
CA VAL L 92 26.73 -28.03 32.75
C VAL L 92 26.67 -29.12 33.76
N ILE L 93 27.80 -29.37 34.40
CA ILE L 93 27.84 -30.21 35.59
C ILE L 93 28.12 -29.34 36.78
N PRO L 94 27.19 -29.27 37.73
CA PRO L 94 27.50 -28.53 38.95
C PRO L 94 28.65 -29.26 39.62
N MET L 95 29.54 -28.52 40.26
CA MET L 95 30.73 -29.12 40.82
C MET L 95 30.29 -30.13 41.86
N PRO L 96 30.91 -31.33 41.87
CA PRO L 96 30.46 -32.29 42.89
C PRO L 96 30.73 -31.67 44.25
N THR L 97 29.82 -31.91 45.17
CA THR L 97 29.98 -31.25 46.43
C THR L 97 31.16 -31.81 47.22
N LYS L 98 31.60 -33.06 46.97
CA LYS L 98 32.80 -33.59 47.65
C LYS L 98 34.01 -33.99 46.80
N LEU L 99 34.81 -33.01 46.39
CA LEU L 99 35.97 -33.29 45.56
C LEU L 99 37.24 -33.74 46.33
N ARG L 100 38.11 -34.45 45.60
CA ARG L 100 39.43 -34.88 46.09
C ARG L 100 40.48 -34.21 45.20
N ARG L 101 41.75 -34.41 45.51
CA ARG L 101 42.84 -33.90 44.67
C ARG L 101 42.72 -34.55 43.31
N TYR L 102 43.10 -33.87 42.23
CA TYR L 102 43.09 -34.47 40.88
C TYR L 102 41.70 -34.87 40.35
N CYS L 103 41.07 -33.89 39.72
CA CYS L 103 39.81 -34.08 39.05
C CYS L 103 40.10 -34.18 37.56
N ARG L 104 39.32 -34.98 36.84
CA ARG L 104 39.48 -35.13 35.38
C ARG L 104 38.06 -35.24 34.80
N VAL L 105 37.93 -35.22 33.47
CA VAL L 105 36.61 -35.41 32.86
C VAL L 105 36.53 -36.67 32.00
N TYR L 106 35.61 -37.57 32.32
CA TYR L 106 35.48 -38.74 31.46
C TYR L 106 34.31 -38.60 30.49
N TYR L 107 34.48 -39.02 29.24
CA TYR L 107 33.39 -38.92 28.26
C TYR L 107 32.92 -40.31 27.92
N THR L 108 31.97 -40.80 28.70
CA THR L 108 31.48 -42.14 28.49
C THR L 108 30.63 -42.14 27.26
N VAL L 109 31.22 -42.57 26.16
CA VAL L 109 30.52 -42.58 24.90
C VAL L 109 29.83 -43.91 24.68
N ALA L 110 28.50 -43.88 24.67
CA ALA L 110 27.72 -45.06 24.36
C ALA L 110 27.88 -45.32 22.87
N THR L 111 27.85 -46.59 22.49
CA THR L 111 28.14 -47.01 21.13
C THR L 111 27.11 -46.54 20.09
N GLY L 112 27.57 -46.36 18.84
CA GLY L 112 28.98 -46.55 18.48
C GLY L 112 29.87 -45.35 18.70
N PRO L 113 31.17 -45.48 18.40
CA PRO L 113 32.11 -44.36 18.56
C PRO L 113 31.80 -43.14 17.67
N LEU L 114 32.05 -41.96 18.24
CA LEU L 114 31.84 -40.69 17.56
C LEU L 114 32.85 -40.55 16.44
N THR L 115 32.46 -39.96 15.31
CA THR L 115 33.39 -39.78 14.20
C THR L 115 34.04 -38.40 14.25
N ALA L 116 33.31 -37.44 14.79
CA ALA L 116 33.82 -36.08 14.94
C ALA L 116 33.16 -35.41 16.13
N GLY L 117 33.92 -34.54 16.81
CA GLY L 117 33.38 -33.75 17.91
C GLY L 117 34.45 -33.35 18.92
N LYS L 118 34.59 -32.05 19.15
CA LYS L 118 35.52 -31.52 20.16
C LYS L 118 34.71 -31.12 21.37
N PHE L 119 35.38 -31.04 22.51
CA PHE L 119 34.69 -30.61 23.71
C PHE L 119 35.65 -29.79 24.56
N SER L 120 35.08 -28.82 25.26
CA SER L 120 35.86 -27.95 26.11
C SER L 120 35.34 -28.14 27.55
N ALA L 121 36.17 -28.66 28.45
CA ALA L 121 35.68 -28.81 29.79
C ALA L 121 36.44 -27.85 30.70
N GLN L 122 35.73 -27.05 31.49
CA GLN L 122 36.44 -26.23 32.48
C GLN L 122 35.57 -25.76 33.62
N VAL L 123 36.19 -25.54 34.78
CA VAL L 123 35.44 -25.09 35.94
C VAL L 123 35.39 -23.55 35.88
N VAL L 124 34.19 -22.96 35.96
CA VAL L 124 34.03 -21.51 35.81
C VAL L 124 33.23 -21.02 37.00
N THR L 125 33.17 -19.70 37.23
CA THR L 125 32.27 -19.17 38.27
C THR L 125 31.58 -17.87 37.85
N GLY L 126 30.46 -17.94 37.14
CA GLY L 126 29.84 -19.19 36.75
C GLY L 126 29.41 -19.02 35.31
N ILE L 127 28.57 -19.94 34.85
CA ILE L 127 28.21 -20.10 33.43
C ILE L 127 27.49 -18.93 32.80
N GLN L 128 27.56 -18.83 31.47
CA GLN L 128 26.69 -17.92 30.77
C GLN L 128 25.45 -18.68 30.31
N GLN L 129 24.37 -18.62 31.08
CA GLN L 129 23.19 -19.35 30.63
C GLN L 129 21.91 -18.53 30.67
N ASN L 130 21.42 -18.18 29.48
CA ASN L 130 20.28 -17.27 29.27
C ASN L 130 19.27 -17.94 28.35
N VAL L 131 18.48 -18.84 28.92
CA VAL L 131 17.47 -19.53 28.15
C VAL L 131 16.31 -18.62 27.81
N ALA L 132 15.77 -18.74 26.60
CA ALA L 132 14.62 -17.95 26.23
C ALA L 132 13.40 -18.39 27.06
N TYR L 133 12.62 -17.41 27.50
CA TYR L 133 11.43 -17.63 28.33
C TYR L 133 10.11 -17.20 27.69
N PRO L 134 8.98 -17.77 28.14
CA PRO L 134 7.73 -17.51 27.41
C PRO L 134 7.32 -16.04 27.36
N ASP L 135 6.29 -15.78 26.58
CA ASP L 135 5.89 -14.43 26.31
C ASP L 135 4.48 -14.12 26.84
N SER L 136 3.50 -14.90 26.41
CA SER L 136 2.12 -14.71 26.86
C SER L 136 1.38 -15.94 27.36
N PRO L 137 1.43 -17.06 26.62
CA PRO L 137 2.03 -17.20 25.32
C PRO L 137 0.88 -17.08 24.36
N ARG L 138 -0.23 -16.49 24.81
CA ARG L 138 -1.40 -16.37 23.98
C ARG L 138 -1.17 -15.48 22.77
N ILE L 139 -0.26 -14.51 22.87
CA ILE L 139 -0.02 -13.67 21.69
C ILE L 139 1.41 -13.09 21.52
N ALA L 140 2.18 -13.73 20.64
CA ALA L 140 1.73 -14.89 19.86
C ALA L 140 2.83 -15.94 19.69
N MET M 1 19.37 -28.00 59.02
CA MET M 1 19.03 -27.97 57.60
C MET M 1 17.55 -27.68 57.43
N ILE M 2 17.20 -26.45 57.07
CA ILE M 2 15.80 -26.06 56.94
C ILE M 2 15.06 -26.70 55.76
N ILE M 3 13.80 -27.05 55.96
CA ILE M 3 13.10 -27.84 54.94
C ILE M 3 11.67 -27.39 54.60
N ASP M 4 11.43 -27.42 53.29
CA ASP M 4 10.17 -27.10 52.66
C ASP M 4 9.31 -28.37 52.73
N LYS M 5 8.11 -28.26 53.29
CA LYS M 5 7.23 -29.40 53.59
C LYS M 5 6.96 -30.13 52.28
N LEU M 6 6.88 -29.33 51.21
CA LEU M 6 6.61 -29.70 49.82
C LEU M 6 7.82 -30.22 49.01
N LEU M 7 9.01 -29.71 49.31
CA LEU M 7 10.29 -30.18 48.70
C LEU M 7 10.86 -31.44 49.31
N GLN M 8 10.26 -31.90 50.39
CA GLN M 8 10.52 -33.21 50.97
C GLN M 8 10.02 -34.26 49.94
N VAL M 9 10.84 -35.20 49.51
CA VAL M 9 10.32 -36.30 48.68
C VAL M 9 10.96 -37.60 49.16
N SER M 10 10.22 -38.69 49.11
CA SER M 10 10.71 -39.95 49.66
C SER M 10 11.12 -39.65 51.11
N ASP M 11 10.15 -39.71 52.01
CA ASP M 11 10.37 -39.33 53.41
C ASP M 11 11.34 -40.22 54.17
N GLY M 12 11.19 -41.54 54.03
CA GLY M 12 12.14 -42.46 54.62
C GLY M 12 11.93 -43.78 53.95
N GLN M 13 11.94 -43.76 52.61
CA GLN M 13 11.52 -44.90 51.82
C GLN M 13 12.46 -46.08 51.93
N ALA M 14 11.91 -47.24 52.33
CA ALA M 14 12.77 -48.40 52.53
C ALA M 14 13.09 -49.01 51.19
N VAL M 15 14.05 -48.38 50.52
CA VAL M 15 14.43 -48.73 49.17
C VAL M 15 15.18 -50.03 49.15
N THR M 16 14.48 -51.06 48.67
CA THR M 16 14.97 -52.42 48.62
C THR M 16 15.34 -52.85 47.18
N ALA M 17 14.45 -52.55 46.25
CA ALA M 17 14.77 -52.76 44.85
C ALA M 17 15.27 -51.44 44.25
N SER M 18 15.80 -51.51 43.03
CA SER M 18 16.23 -50.30 42.35
C SER M 18 14.97 -49.60 41.88
N ALA M 19 14.35 -48.83 42.77
CA ALA M 19 13.08 -48.19 42.47
C ALA M 19 13.23 -46.68 42.37
N ALA M 20 12.17 -46.01 41.95
CA ALA M 20 12.15 -44.57 41.96
C ALA M 20 11.62 -44.12 43.30
N SER M 21 11.66 -42.81 43.56
CA SER M 21 11.12 -42.19 44.78
C SER M 21 9.60 -42.24 44.92
N THR M 22 9.11 -42.11 46.15
CA THR M 22 7.68 -42.11 46.38
C THR M 22 7.07 -40.88 45.70
N ASP M 23 7.49 -39.70 46.14
CA ASP M 23 6.93 -38.46 45.62
C ASP M 23 7.74 -37.78 44.55
N VAL M 24 7.02 -37.08 43.67
CA VAL M 24 7.58 -36.45 42.51
C VAL M 24 7.36 -35.00 42.71
N ILE M 25 8.40 -34.16 42.65
CA ILE M 25 8.17 -32.72 42.86
C ILE M 25 7.57 -32.06 41.65
N ASP M 26 6.44 -31.37 41.77
CA ASP M 26 5.95 -30.70 40.60
C ASP M 26 6.23 -29.21 40.69
N PHE M 27 7.19 -28.69 39.93
CA PHE M 27 7.37 -27.23 39.88
C PHE M 27 6.30 -26.67 39.00
N GLY M 28 5.97 -25.41 39.17
CA GLY M 28 4.82 -24.93 38.43
C GLY M 28 5.11 -24.27 37.11
N GLN M 29 6.07 -24.79 36.37
CA GLN M 29 6.44 -24.17 35.11
C GLN M 29 7.09 -25.17 34.22
N ALA M 30 7.18 -24.86 32.94
CA ALA M 30 7.79 -25.79 32.00
C ALA M 30 9.23 -26.04 32.38
N ASN M 31 9.85 -24.95 32.85
CA ASN M 31 11.24 -24.91 33.19
C ASN M 31 11.58 -24.24 34.48
N PRO M 32 11.38 -24.92 35.58
CA PRO M 32 11.80 -24.32 36.84
C PRO M 32 13.28 -23.98 36.79
N ASN M 33 14.09 -24.80 36.12
CA ASN M 33 15.52 -24.53 35.99
C ASN M 33 16.19 -24.02 37.24
N THR M 34 15.98 -24.71 38.36
CA THR M 34 16.46 -24.21 39.65
C THR M 34 17.93 -24.47 39.95
N GLY M 35 18.64 -25.10 39.03
CA GLY M 35 20.09 -25.12 39.11
C GLY M 35 20.68 -23.71 38.98
N MET M 36 20.05 -22.84 38.19
CA MET M 36 20.52 -21.46 38.01
C MET M 36 20.44 -20.68 39.31
N ASP M 37 19.62 -21.19 40.24
CA ASP M 37 19.44 -20.56 41.54
C ASP M 37 20.74 -20.48 42.31
N ASP M 38 21.67 -21.36 41.98
CA ASP M 38 22.93 -21.46 42.68
C ASP M 38 22.64 -21.54 44.17
N ARG M 39 21.66 -22.34 44.56
CA ARG M 39 21.39 -22.43 45.97
C ARG M 39 20.66 -23.74 46.27
N SER M 40 19.66 -24.06 45.45
CA SER M 40 18.94 -25.32 45.65
C SER M 40 19.86 -26.48 45.34
N LYS M 41 19.70 -27.57 46.07
CA LYS M 41 20.45 -28.80 45.81
C LYS M 41 19.75 -29.95 46.48
N MET M 42 19.66 -31.09 45.80
CA MET M 42 19.02 -32.24 46.40
C MET M 42 19.90 -32.84 47.46
N VAL M 43 19.31 -33.36 48.54
CA VAL M 43 20.12 -34.08 49.51
C VAL M 43 19.45 -35.42 49.76
N ILE M 44 20.22 -36.49 49.79
CA ILE M 44 19.63 -37.78 50.10
C ILE M 44 20.31 -38.20 51.37
N THR M 45 19.56 -38.36 52.44
CA THR M 45 20.15 -38.85 53.68
C THR M 45 19.96 -40.34 53.80
N VAL M 46 20.83 -40.99 54.56
CA VAL M 46 20.74 -42.43 54.70
C VAL M 46 20.47 -42.83 56.14
N ASP M 47 19.56 -43.79 56.31
CA ASP M 47 19.31 -44.47 57.59
C ASP M 47 18.61 -45.85 57.38
N GLU M 48 18.89 -46.85 58.21
CA GLU M 48 19.97 -46.83 59.19
C GLU M 48 21.27 -47.17 58.49
N SER M 49 21.20 -48.08 57.54
CA SER M 49 22.35 -48.36 56.72
C SER M 49 21.90 -49.12 55.50
N ALA M 50 22.71 -49.05 54.44
CA ALA M 50 22.43 -49.82 53.23
C ALA M 50 22.93 -51.24 53.43
N ASP M 51 22.26 -51.95 54.31
CA ASP M 51 22.60 -53.33 54.53
C ASP M 51 21.98 -54.15 53.39
N ALA M 52 22.76 -55.09 52.85
CA ALA M 52 22.31 -55.92 51.74
C ALA M 52 23.16 -57.17 51.67
N ALA M 53 22.85 -58.06 50.74
CA ALA M 53 23.69 -59.23 50.49
C ALA M 53 25.10 -58.79 50.10
N GLY M 54 25.21 -57.70 49.35
CA GLY M 54 26.50 -57.06 49.06
C GLY M 54 27.31 -57.83 48.05
N ALA M 55 28.38 -57.22 47.50
CA ALA M 55 28.66 -55.78 47.65
C ALA M 55 27.76 -54.95 46.72
N ALA M 56 27.03 -54.01 47.30
CA ALA M 56 26.02 -53.29 46.54
C ALA M 56 26.27 -51.81 46.59
N THR M 57 25.78 -51.12 45.56
CA THR M 57 25.83 -49.67 45.48
C THR M 57 24.48 -49.06 45.09
N VAL M 58 24.24 -47.87 45.56
CA VAL M 58 23.01 -47.17 45.26
C VAL M 58 23.36 -45.90 44.51
N THR M 59 23.07 -45.83 43.23
CA THR M 59 23.38 -44.61 42.51
C THR M 59 22.19 -43.68 42.60
N PHE M 60 22.27 -42.62 43.42
CA PHE M 60 21.18 -41.64 43.52
C PHE M 60 21.24 -40.70 42.36
N SER M 61 20.09 -40.43 41.76
CA SER M 61 20.08 -39.59 40.56
C SER M 61 18.74 -38.90 40.42
N VAL M 62 18.75 -37.64 40.01
CA VAL M 62 17.53 -36.88 39.80
C VAL M 62 16.97 -37.05 38.37
N GLN M 63 15.64 -37.07 38.22
CA GLN M 63 15.02 -37.18 36.89
C GLN M 63 13.97 -36.10 36.53
N ASP M 64 13.96 -35.65 35.28
CA ASP M 64 13.00 -34.63 34.83
C ASP M 64 11.94 -35.32 34.02
N SER M 65 10.92 -34.56 33.67
CA SER M 65 9.91 -35.03 32.74
C SER M 65 9.20 -33.81 32.23
N ALA M 66 8.49 -33.93 31.13
CA ALA M 66 7.62 -32.86 30.68
C ALA M 66 6.36 -32.94 31.54
N ASP M 67 5.89 -34.17 31.74
CA ASP M 67 4.66 -34.46 32.45
C ASP M 67 4.94 -35.53 33.49
N ASN M 68 4.04 -35.68 34.45
CA ASN M 68 4.31 -36.62 35.50
C ASN M 68 4.14 -38.05 34.99
N ALA M 69 5.05 -38.51 34.12
CA ALA M 69 4.91 -39.84 33.53
C ALA M 69 6.21 -40.50 33.08
N THR M 70 6.95 -39.82 32.20
CA THR M 70 8.20 -40.41 31.71
C THR M 70 9.39 -39.54 32.03
N PHE M 71 10.29 -40.13 32.80
CA PHE M 71 11.46 -39.45 33.28
C PHE M 71 12.74 -39.80 32.55
N ALA M 72 13.73 -38.92 32.68
CA ALA M 72 15.07 -39.17 32.17
C ALA M 72 16.02 -38.51 33.14
N ASP M 73 17.13 -39.18 33.45
CA ASP M 73 18.05 -38.61 34.45
C ASP M 73 18.77 -37.40 33.92
N VAL M 74 18.92 -36.42 34.79
CA VAL M 74 19.55 -35.16 34.44
C VAL M 74 20.80 -34.90 35.27
N ALA M 75 20.99 -35.70 36.31
CA ALA M 75 22.21 -35.63 37.10
C ALA M 75 22.29 -36.95 37.83
N ALA M 76 23.49 -37.34 38.26
CA ALA M 76 23.65 -38.59 39.01
C ALA M 76 24.88 -38.49 39.88
N THR M 77 25.04 -39.45 40.78
CA THR M 77 26.21 -39.47 41.65
C THR M 77 27.33 -40.45 41.22
N GLY M 78 26.99 -41.73 41.05
CA GLY M 78 27.99 -42.71 40.71
C GLY M 78 27.73 -43.82 41.70
N ALA M 79 28.46 -44.91 41.61
CA ALA M 79 28.18 -46.04 42.50
C ALA M 79 28.72 -45.83 43.92
N ILE M 80 27.92 -45.19 44.76
CA ILE M 80 28.27 -45.01 46.16
C ILE M 80 28.14 -46.36 46.83
N GLY M 81 29.22 -46.86 47.42
CA GLY M 81 29.23 -48.21 47.97
C GLY M 81 28.40 -48.41 49.24
N LYS M 82 28.11 -49.66 49.58
CA LYS M 82 27.50 -49.94 50.86
C LYS M 82 28.61 -49.67 51.85
N ALA M 83 28.21 -49.47 53.11
CA ALA M 83 29.16 -49.08 54.15
C ALA M 83 29.82 -47.75 53.79
N ASN M 84 29.05 -46.92 53.11
CA ASN M 84 29.39 -45.52 52.90
C ASN M 84 28.05 -44.86 53.03
N LEU M 85 27.13 -45.67 53.57
CA LEU M 85 25.73 -45.34 53.75
C LEU M 85 25.28 -45.81 55.15
N ALA M 86 26.02 -45.41 56.17
CA ALA M 86 25.59 -45.58 57.55
C ALA M 86 24.56 -44.49 57.84
N ALA M 87 23.80 -44.67 58.92
CA ALA M 87 22.81 -43.68 59.34
C ALA M 87 23.52 -42.38 59.61
N GLY M 88 23.33 -41.43 58.71
CA GLY M 88 24.02 -40.17 58.84
C GLY M 88 25.03 -40.07 57.73
N LYS M 89 24.54 -40.02 56.51
CA LYS M 89 25.43 -39.79 55.44
C LYS M 89 24.60 -39.12 54.36
N GLN M 90 24.85 -37.83 54.14
CA GLN M 90 24.14 -37.05 53.12
C GLN M 90 24.88 -37.22 51.83
N VAL M 91 24.23 -37.76 50.82
CA VAL M 91 24.80 -37.65 49.50
C VAL M 91 24.13 -36.51 48.73
N VAL M 92 24.85 -35.39 48.61
CA VAL M 92 24.27 -34.15 48.07
C VAL M 92 24.41 -34.13 46.59
N ILE M 93 23.30 -33.91 45.87
CA ILE M 93 23.39 -33.69 44.43
C ILE M 93 23.09 -32.24 44.18
N PRO M 94 24.06 -31.46 43.67
CA PRO M 94 23.65 -30.07 43.41
C PRO M 94 22.60 -30.12 42.31
N MET M 95 21.61 -29.21 42.38
CA MET M 95 20.41 -29.21 41.51
C MET M 95 20.71 -29.02 40.04
N PRO M 96 20.17 -29.89 39.18
CA PRO M 96 20.56 -29.74 37.79
C PRO M 96 20.17 -28.38 37.27
N THR M 97 21.03 -27.80 36.44
CA THR M 97 20.80 -26.46 35.97
C THR M 97 19.62 -26.29 35.03
N LYS M 98 19.27 -27.36 34.33
CA LYS M 98 18.13 -27.31 33.41
C LYS M 98 17.05 -28.30 33.73
N LEU M 99 16.24 -27.91 34.72
CA LEU M 99 15.07 -28.64 35.19
C LEU M 99 13.81 -28.46 34.36
N ARG M 100 12.92 -29.43 34.47
CA ARG M 100 11.60 -29.32 33.88
C ARG M 100 10.51 -29.42 34.98
N ARG M 101 9.27 -29.28 34.58
CA ARG M 101 8.17 -29.51 35.50
C ARG M 101 8.32 -30.97 35.97
N TYR M 102 7.98 -31.29 37.19
CA TYR M 102 8.06 -32.70 37.63
C TYR M 102 9.48 -33.28 37.63
N CYS M 103 10.11 -33.12 38.79
CA CYS M 103 11.37 -33.71 39.16
C CYS M 103 11.13 -34.82 40.20
N ARG M 104 11.91 -35.90 40.16
CA ARG M 104 11.78 -36.97 41.16
C ARG M 104 13.17 -37.50 41.48
N VAL M 105 13.30 -38.33 42.52
CA VAL M 105 14.61 -38.95 42.80
C VAL M 105 14.63 -40.47 42.70
N TYR M 106 15.45 -40.94 41.77
CA TYR M 106 15.59 -42.35 41.52
C TYR M 106 16.76 -42.94 42.30
N TYR M 107 16.58 -44.17 42.82
CA TYR M 107 17.62 -44.92 43.56
C TYR M 107 18.06 -46.14 42.75
N THR M 108 19.06 -45.95 41.91
CA THR M 108 19.55 -47.01 41.06
C THR M 108 20.39 -48.00 41.88
N VAL M 109 19.80 -49.12 42.28
CA VAL M 109 20.51 -50.09 43.09
C VAL M 109 21.14 -51.20 42.27
N ALA M 110 22.47 -51.26 42.31
CA ALA M 110 23.22 -52.36 41.71
C ALA M 110 23.04 -53.57 42.61
N THR M 111 23.12 -54.77 42.04
CA THR M 111 22.82 -55.99 42.78
C THR M 111 23.82 -56.24 43.92
N GLY M 112 23.37 -56.92 44.98
CA GLY M 112 22.01 -57.42 45.14
C GLY M 112 21.04 -56.44 45.75
N PRO M 113 19.75 -56.84 45.93
CA PRO M 113 18.78 -55.91 46.51
C PRO M 113 19.15 -55.53 47.93
N LEU M 114 18.86 -54.28 48.30
CA LEU M 114 19.12 -53.81 49.64
C LEU M 114 18.16 -54.47 50.58
N THR M 115 18.64 -54.83 51.75
CA THR M 115 17.76 -55.47 52.72
C THR M 115 17.22 -54.47 53.74
N ALA M 116 18.00 -53.44 54.02
CA ALA M 116 17.57 -52.40 54.95
C ALA M 116 18.21 -51.08 54.52
N GLY M 117 17.49 -49.97 54.67
CA GLY M 117 18.04 -48.67 54.40
C GLY M 117 16.94 -47.78 53.88
N LYS M 118 16.70 -46.66 54.53
CA LYS M 118 15.70 -45.69 54.07
C LYS M 118 16.55 -44.59 53.47
N PHE M 119 15.95 -43.76 52.65
CA PHE M 119 16.69 -42.64 52.12
C PHE M 119 15.71 -41.51 52.13
N SER M 120 16.17 -40.33 52.48
CA SER M 120 15.27 -39.19 52.59
C SER M 120 15.73 -38.09 51.63
N ALA M 121 14.90 -37.77 50.65
CA ALA M 121 15.33 -36.80 49.66
C ALA M 121 14.58 -35.48 49.86
N GLN M 122 15.28 -34.36 49.86
CA GLN M 122 14.61 -33.05 49.89
C GLN M 122 15.48 -31.94 49.30
N VAL M 123 14.85 -30.91 48.73
CA VAL M 123 15.63 -29.84 48.13
C VAL M 123 15.91 -28.74 49.15
N VAL M 124 17.16 -28.43 49.45
CA VAL M 124 17.37 -27.47 50.51
C VAL M 124 18.33 -26.37 50.12
N THR M 125 18.34 -25.32 50.92
CA THR M 125 19.32 -24.21 50.81
C THR M 125 19.77 -23.82 52.22
N GLY M 126 20.87 -24.41 52.64
CA GLY M 126 21.55 -25.34 51.78
C GLY M 126 21.98 -26.44 52.69
N ILE M 127 22.80 -27.33 52.18
CA ILE M 127 23.17 -28.52 52.91
C ILE M 127 23.97 -28.19 54.13
N GLN M 128 23.88 -29.05 55.13
CA GLN M 128 24.70 -28.86 56.29
C GLN M 128 25.95 -29.69 56.03
N GLN M 129 26.97 -29.08 55.44
CA GLN M 129 28.15 -29.88 55.12
C GLN M 129 29.45 -29.34 55.67
N ASN M 130 29.90 -30.03 56.71
CA ASN M 130 31.03 -29.63 57.49
C ASN M 130 31.97 -30.79 57.71
N VAL M 131 32.73 -31.18 56.71
CA VAL M 131 33.66 -32.27 57.00
C VAL M 131 34.89 -31.70 57.70
N ALA M 132 35.42 -32.43 58.68
CA ALA M 132 36.65 -32.01 59.36
C ALA M 132 37.88 -32.08 58.42
N TYR M 133 38.77 -31.11 58.56
CA TYR M 133 40.00 -30.96 57.76
C TYR M 133 41.23 -31.09 58.65
N PRO M 134 42.40 -31.46 58.09
CA PRO M 134 43.59 -31.75 58.91
C PRO M 134 44.06 -30.55 59.72
N ASP M 135 45.06 -30.71 60.55
CA ASP M 135 45.43 -29.57 61.38
C ASP M 135 46.86 -29.12 61.08
N SER M 136 47.82 -30.05 61.14
CA SER M 136 49.23 -29.70 60.87
C SER M 136 50.03 -30.45 59.77
N PRO M 137 49.98 -31.78 59.73
CA PRO M 137 49.36 -32.66 60.72
C PRO M 137 50.51 -33.07 61.65
N ARG M 138 51.58 -32.28 61.67
CA ARG M 138 52.74 -32.61 62.49
C ARG M 138 52.44 -32.58 63.99
N ILE M 139 51.48 -31.75 64.41
CA ILE M 139 51.30 -31.53 65.86
C ILE M 139 49.85 -31.59 66.28
N ALA M 140 49.35 -32.82 66.46
CA ALA M 140 50.13 -34.08 66.29
C ALA M 140 49.29 -35.13 65.56
N MET N 1 23.46 25.89 -54.97
CA MET N 1 24.59 25.86 -55.88
C MET N 1 24.17 26.54 -57.18
N ILE N 2 24.67 27.76 -57.35
CA ILE N 2 24.32 28.58 -58.49
C ILE N 2 24.90 27.91 -59.72
N ILE N 3 24.16 27.88 -60.83
CA ILE N 3 24.67 27.25 -62.04
C ILE N 3 24.33 28.07 -63.27
N ASP N 4 25.27 28.18 -64.20
CA ASP N 4 25.02 28.81 -65.48
C ASP N 4 24.47 27.77 -66.42
N LYS N 5 23.36 28.04 -67.09
CA LYS N 5 22.79 27.04 -68.00
C LYS N 5 23.83 26.67 -69.04
N LEU N 6 24.67 27.65 -69.38
CA LEU N 6 25.66 27.53 -70.45
C LEU N 6 26.93 26.71 -70.14
N LEU N 7 27.41 26.79 -68.91
CA LEU N 7 28.57 25.99 -68.52
C LEU N 7 28.11 24.58 -68.16
N GLN N 8 26.77 24.40 -68.09
CA GLN N 8 26.17 23.08 -68.00
C GLN N 8 26.45 22.31 -69.27
N VAL N 9 27.10 21.16 -69.11
CA VAL N 9 27.38 20.25 -70.20
C VAL N 9 27.08 18.88 -69.67
N SER N 10 26.66 17.98 -70.53
CA SER N 10 26.29 16.61 -70.14
C SER N 10 25.26 16.70 -68.99
N ASP N 11 23.98 16.87 -69.32
CA ASP N 11 22.94 16.98 -68.30
C ASP N 11 22.67 15.71 -67.50
N GLY N 12 22.54 14.56 -68.17
CA GLY N 12 22.35 13.32 -67.44
C GLY N 12 22.60 12.15 -68.33
N GLN N 13 23.77 12.18 -68.96
CA GLN N 13 24.11 11.20 -70.00
C GLN N 13 24.40 9.78 -69.49
N ALA N 14 23.71 8.80 -70.04
CA ALA N 14 23.97 7.44 -69.59
C ALA N 14 25.20 6.90 -70.29
N VAL N 15 26.36 7.28 -69.78
CA VAL N 15 27.64 6.87 -70.37
C VAL N 15 27.94 5.41 -70.04
N THR N 16 27.70 4.54 -71.01
CA THR N 16 27.78 3.11 -70.78
C THR N 16 29.04 2.63 -71.42
N ALA N 17 29.28 3.06 -72.64
CA ALA N 17 30.58 2.83 -73.25
C ALA N 17 31.37 4.08 -72.91
N SER N 18 32.67 4.06 -73.10
CA SER N 18 33.46 5.21 -72.74
C SER N 18 33.31 6.32 -73.79
N ALA N 19 32.31 7.17 -73.62
CA ALA N 19 32.05 8.23 -74.60
C ALA N 19 32.41 9.59 -74.00
N ALA N 20 32.48 10.62 -74.84
CA ALA N 20 32.73 11.96 -74.32
C ALA N 20 31.41 12.62 -73.98
N SER N 21 31.49 13.76 -73.31
CA SER N 21 30.29 14.51 -72.94
C SER N 21 29.58 15.03 -74.17
N THR N 22 28.31 15.33 -73.96
CA THR N 22 27.41 15.78 -74.98
C THR N 22 27.92 17.05 -75.62
N ASP N 23 27.54 18.21 -75.11
CA ASP N 23 28.03 19.42 -75.77
C ASP N 23 29.23 20.03 -75.07
N VAL N 24 30.05 20.74 -75.86
CA VAL N 24 31.39 21.16 -75.48
C VAL N 24 31.49 22.66 -75.34
N ILE N 25 32.03 23.11 -74.21
CA ILE N 25 32.14 24.55 -73.94
C ILE N 25 33.19 25.27 -74.74
N ASP N 26 32.77 26.32 -75.40
CA ASP N 26 33.69 27.21 -76.07
C ASP N 26 33.78 28.51 -75.30
N PHE N 27 34.97 28.85 -74.80
CA PHE N 27 35.26 30.21 -74.31
C PHE N 27 35.60 31.14 -75.49
N GLY N 28 35.51 32.46 -75.30
CA GLY N 28 35.68 33.37 -76.41
C GLY N 28 37.10 33.84 -76.57
N GLN N 29 38.08 32.95 -76.31
CA GLN N 29 39.53 33.28 -76.36
C GLN N 29 40.44 32.09 -76.55
N ALA N 30 41.69 32.35 -76.94
CA ALA N 30 42.62 31.24 -77.10
C ALA N 30 42.96 30.56 -75.79
N ASN N 31 43.18 31.37 -74.76
CA ASN N 31 43.63 30.90 -73.45
C ASN N 31 42.93 31.50 -72.27
N PRO N 32 41.70 31.07 -71.99
CA PRO N 32 41.06 31.64 -70.81
C PRO N 32 41.87 31.43 -69.52
N ASN N 33 42.55 30.30 -69.38
CA ASN N 33 43.38 30.01 -68.21
C ASN N 33 42.65 30.31 -66.90
N THR N 34 41.43 29.82 -66.77
CA THR N 34 40.61 30.21 -65.60
C THR N 34 41.00 29.42 -64.34
N GLY N 35 41.91 28.47 -64.49
CA GLY N 35 42.49 27.87 -63.32
C GLY N 35 43.29 28.93 -62.60
N MET N 36 43.94 29.82 -63.36
CA MET N 36 44.77 30.89 -62.78
C MET N 36 43.82 31.88 -62.05
N ASP N 37 42.52 31.84 -62.36
CA ASP N 37 41.49 32.60 -61.61
C ASP N 37 41.29 32.14 -60.15
N ASP N 38 41.61 30.89 -59.85
CA ASP N 38 41.41 30.33 -58.51
C ASP N 38 40.00 30.50 -57.95
N ARG N 39 38.98 30.13 -58.73
CA ARG N 39 37.58 30.32 -58.32
C ARG N 39 36.64 29.33 -58.99
N SER N 40 36.80 29.15 -60.29
CA SER N 40 36.02 28.18 -61.08
C SER N 40 36.33 26.71 -60.79
N LYS N 41 35.36 25.82 -60.86
CA LYS N 41 35.73 24.40 -60.82
C LYS N 41 34.70 23.47 -61.42
N MET N 42 35.15 22.50 -62.20
CA MET N 42 34.19 21.59 -62.79
C MET N 42 33.71 20.71 -61.66
N VAL N 43 32.43 20.39 -61.67
CA VAL N 43 31.87 19.46 -60.71
C VAL N 43 31.06 18.41 -61.46
N ILE N 44 31.23 17.14 -61.12
CA ILE N 44 30.44 16.14 -61.78
C ILE N 44 29.61 15.50 -60.73
N THR N 45 28.30 15.58 -60.91
CA THR N 45 27.39 14.87 -60.03
C THR N 45 26.83 13.58 -60.66
N VAL N 46 26.47 12.60 -59.84
CA VAL N 46 25.98 11.33 -60.37
C VAL N 46 24.57 10.99 -59.89
N ASP N 47 23.79 10.41 -60.81
CA ASP N 47 22.46 9.83 -60.54
C ASP N 47 22.07 8.76 -61.60
N GLU N 48 21.40 7.68 -61.21
CA GLU N 48 21.22 7.28 -59.82
C GLU N 48 22.44 6.58 -59.24
N SER N 49 23.09 5.72 -60.03
CA SER N 49 24.30 5.09 -59.53
C SER N 49 25.14 4.49 -60.64
N ALA N 50 26.41 4.30 -60.33
CA ALA N 50 27.35 3.69 -61.26
C ALA N 50 27.14 2.19 -61.23
N ASP N 51 25.98 1.78 -61.71
CA ASP N 51 25.73 0.36 -61.82
C ASP N 51 26.30 -0.18 -63.12
N ALA N 52 26.95 -1.33 -63.03
CA ALA N 52 27.53 -1.97 -64.20
C ALA N 52 27.72 -3.45 -63.90
N ALA N 53 28.08 -4.24 -64.92
CA ALA N 53 28.43 -5.63 -64.69
C ALA N 53 29.66 -5.70 -63.77
N GLY N 54 30.58 -4.75 -63.93
CA GLY N 54 31.68 -4.58 -63.00
C GLY N 54 32.81 -5.58 -63.13
N ALA N 55 33.89 -5.36 -62.40
CA ALA N 55 34.11 -4.11 -61.66
C ALA N 55 34.63 -3.05 -62.61
N ALA N 56 33.98 -1.89 -62.61
CA ALA N 56 34.28 -0.85 -63.59
C ALA N 56 34.63 0.46 -62.91
N THR N 57 35.36 1.32 -63.62
CA THR N 57 35.65 2.67 -63.13
C THR N 57 35.31 3.78 -64.16
N VAL N 58 34.97 4.95 -63.65
CA VAL N 58 34.63 6.10 -64.47
C VAL N 58 35.63 7.20 -64.28
N THR N 59 36.54 7.43 -65.21
CA THR N 59 37.50 8.45 -64.88
C THR N 59 37.01 9.74 -65.43
N PHE N 60 36.65 10.70 -64.58
CA PHE N 60 36.24 12.00 -65.12
C PHE N 60 37.48 12.80 -65.51
N SER N 61 37.46 13.39 -66.70
CA SER N 61 38.64 14.10 -67.17
C SER N 61 38.32 15.21 -68.15
N VAL N 62 38.80 16.41 -67.82
CA VAL N 62 38.52 17.62 -68.56
C VAL N 62 39.48 17.76 -69.73
N GLN N 63 38.98 18.21 -70.87
CA GLN N 63 39.85 18.34 -72.03
C GLN N 63 39.79 19.67 -72.81
N ASP N 64 40.96 20.12 -73.26
CA ASP N 64 41.12 21.37 -73.99
C ASP N 64 41.37 21.10 -75.45
N SER N 65 41.30 22.16 -76.25
CA SER N 65 41.60 22.04 -77.65
C SER N 65 41.94 23.39 -78.23
N ALA N 66 42.58 23.39 -79.39
CA ALA N 66 42.79 24.62 -80.12
C ALA N 66 41.50 24.93 -80.85
N ASP N 67 40.92 23.88 -81.40
CA ASP N 67 39.75 23.97 -82.24
C ASP N 67 38.80 22.92 -81.72
N ASN N 68 37.54 23.04 -82.05
CA ASN N 68 36.63 22.07 -81.52
C ASN N 68 36.74 20.77 -82.33
N ALA N 69 37.80 20.01 -82.12
CA ALA N 69 38.05 18.80 -82.92
C ALA N 69 38.84 17.73 -82.17
N THR N 70 40.01 18.09 -81.63
CA THR N 70 40.86 17.17 -80.87
C THR N 70 41.14 17.61 -79.44
N PHE N 71 40.76 16.77 -78.50
CA PHE N 71 40.95 17.09 -77.11
C PHE N 71 42.11 16.31 -76.45
N ALA N 72 42.62 16.86 -75.35
CA ALA N 72 43.72 16.26 -74.57
C ALA N 72 43.57 16.56 -73.07
N ASP N 73 43.97 15.63 -72.22
CA ASP N 73 43.75 15.79 -70.79
C ASP N 73 44.49 16.91 -70.07
N VAL N 74 43.77 17.61 -69.21
CA VAL N 74 44.38 18.64 -68.39
C VAL N 74 44.08 18.42 -66.91
N ALA N 75 43.08 17.59 -66.63
CA ALA N 75 42.80 17.21 -65.26
C ALA N 75 42.02 15.93 -65.32
N ALA N 76 42.10 15.14 -64.28
CA ALA N 76 41.41 13.87 -64.23
C ALA N 76 41.18 13.56 -62.79
N THR N 77 40.33 12.61 -62.52
CA THR N 77 40.06 12.29 -61.13
C THR N 77 40.88 11.07 -60.71
N GLY N 78 40.80 10.02 -61.51
CA GLY N 78 41.50 8.80 -61.21
C GLY N 78 40.47 7.75 -61.47
N ALA N 79 40.84 6.47 -61.42
CA ALA N 79 39.87 5.45 -61.78
C ALA N 79 38.91 5.22 -60.61
N ILE N 80 37.85 6.02 -60.56
CA ILE N 80 36.86 5.92 -59.50
C ILE N 80 36.10 4.62 -59.67
N GLY N 81 36.13 3.77 -58.66
CA GLY N 81 35.51 2.46 -58.78
C GLY N 81 34.00 2.55 -58.81
N LYS N 82 33.37 1.48 -59.30
CA LYS N 82 31.92 1.37 -59.29
C LYS N 82 31.51 1.24 -57.84
N ALA N 83 30.23 1.45 -57.56
CA ALA N 83 29.78 1.39 -56.18
C ALA N 83 30.52 2.40 -55.31
N ASN N 84 30.83 3.55 -55.89
CA ASN N 84 31.33 4.68 -55.11
C ASN N 84 30.72 5.94 -55.66
N LEU N 85 29.67 5.72 -56.44
CA LEU N 85 29.06 6.78 -57.19
C LEU N 85 27.57 6.60 -57.05
N ALA N 86 27.12 6.64 -55.80
CA ALA N 86 25.70 6.62 -55.53
C ALA N 86 25.10 7.95 -55.94
N ALA N 87 23.77 8.01 -56.00
CA ALA N 87 23.07 9.24 -56.37
C ALA N 87 23.34 10.39 -55.41
N GLY N 88 24.13 11.35 -55.86
CA GLY N 88 24.42 12.52 -55.07
C GLY N 88 25.85 12.47 -54.59
N LYS N 89 26.77 12.56 -55.53
CA LYS N 89 28.15 12.56 -55.15
C LYS N 89 28.86 13.50 -56.10
N GLN N 90 29.26 14.64 -55.56
CA GLN N 90 29.88 15.67 -56.34
C GLN N 90 31.32 15.19 -56.41
N VAL N 91 31.78 14.85 -57.61
CA VAL N 91 33.22 14.63 -57.81
C VAL N 91 33.83 15.90 -58.40
N VAL N 92 34.47 16.72 -57.58
CA VAL N 92 34.91 18.02 -58.07
C VAL N 92 36.34 18.07 -58.60
N ILE N 93 36.52 18.50 -59.86
CA ILE N 93 37.86 18.81 -60.39
C ILE N 93 38.00 20.31 -60.59
N PRO N 94 38.94 20.95 -59.88
CA PRO N 94 39.16 22.41 -60.00
C PRO N 94 39.61 22.75 -61.40
N MET N 95 39.22 23.92 -61.86
CA MET N 95 39.45 24.31 -63.24
C MET N 95 40.95 24.37 -63.47
N PRO N 96 41.43 23.76 -64.57
CA PRO N 96 42.87 23.68 -64.84
C PRO N 96 43.54 25.04 -65.01
N THR N 97 44.77 25.17 -64.54
CA THR N 97 45.44 26.46 -64.61
C THR N 97 45.81 26.91 -66.02
N LYS N 98 45.89 25.98 -66.97
CA LYS N 98 46.18 26.39 -68.34
C LYS N 98 45.14 25.94 -69.34
N LEU N 99 44.04 26.68 -69.36
CA LEU N 99 42.94 26.40 -70.26
C LEU N 99 43.10 26.95 -71.67
N ARG N 100 42.48 26.29 -72.63
CA ARG N 100 42.48 26.77 -74.01
C ARG N 100 41.02 26.96 -74.35
N ARG N 101 40.77 27.37 -75.58
CA ARG N 101 39.43 27.45 -76.13
C ARG N 101 38.81 26.05 -76.18
N TYR N 102 37.52 25.91 -75.97
CA TYR N 102 36.88 24.58 -76.02
C TYR N 102 37.25 23.53 -74.97
N CYS N 103 36.48 23.51 -73.89
CA CYS N 103 36.52 22.48 -72.85
C CYS N 103 35.28 21.53 -72.94
N ARG N 104 35.49 20.23 -72.67
CA ARG N 104 34.44 19.19 -72.72
C ARG N 104 34.72 18.29 -71.56
N VAL N 105 33.82 17.38 -71.22
CA VAL N 105 34.23 16.37 -70.21
C VAL N 105 34.14 14.96 -70.79
N TYR N 106 35.25 14.25 -70.79
CA TYR N 106 35.26 12.87 -71.25
C TYR N 106 35.06 11.88 -70.11
N TYR N 107 34.35 10.78 -70.36
CA TYR N 107 34.13 9.76 -69.33
C TYR N 107 34.82 8.44 -69.66
N THR N 108 36.04 8.34 -69.16
CA THR N 108 36.92 7.19 -69.35
C THR N 108 36.40 6.02 -68.52
N VAL N 109 35.70 5.11 -69.20
CA VAL N 109 35.10 3.98 -68.52
C VAL N 109 36.04 2.78 -68.55
N ALA N 110 36.44 2.31 -67.37
CA ALA N 110 37.21 1.07 -67.27
C ALA N 110 36.27 -0.08 -67.53
N THR N 111 36.80 -1.17 -68.06
CA THR N 111 35.96 -2.28 -68.43
C THR N 111 35.39 -2.90 -67.15
N GLY N 112 34.19 -3.49 -67.20
CA GLY N 112 33.33 -3.53 -68.39
C GLY N 112 32.42 -2.32 -68.57
N PRO N 113 31.59 -2.33 -69.61
CA PRO N 113 30.71 -1.17 -69.80
C PRO N 113 29.70 -1.00 -68.65
N LEU N 114 29.41 0.25 -68.30
CA LEU N 114 28.42 0.59 -67.28
C LEU N 114 27.06 0.22 -67.84
N THR N 115 26.14 -0.21 -66.97
CA THR N 115 24.81 -0.50 -67.48
C THR N 115 23.90 0.70 -67.30
N ALA N 116 24.10 1.44 -66.22
CA ALA N 116 23.28 2.60 -65.95
C ALA N 116 24.05 3.61 -65.12
N GLY N 117 23.78 4.89 -65.34
CA GLY N 117 24.37 5.93 -64.52
C GLY N 117 24.45 7.18 -65.35
N LYS N 118 23.80 8.24 -64.86
CA LYS N 118 23.78 9.53 -65.54
C LYS N 118 24.78 10.43 -64.85
N PHE N 119 25.24 11.48 -65.52
CA PHE N 119 26.22 12.33 -64.90
C PHE N 119 25.98 13.74 -65.32
N SER N 120 26.17 14.70 -64.40
CA SER N 120 25.93 16.13 -64.63
C SER N 120 27.19 17.00 -64.46
N ALA N 121 27.75 17.54 -65.53
CA ALA N 121 28.97 18.31 -65.30
C ALA N 121 28.80 19.81 -65.54
N GLN N 122 29.19 20.63 -64.60
CA GLN N 122 29.19 22.08 -64.87
C GLN N 122 30.13 22.88 -63.99
N VAL N 123 30.53 24.01 -64.54
CA VAL N 123 31.49 24.88 -63.89
C VAL N 123 30.83 25.87 -62.96
N VAL N 124 31.26 25.89 -61.70
CA VAL N 124 30.61 26.77 -60.73
C VAL N 124 31.67 27.60 -59.99
N THR N 125 31.22 28.62 -59.26
CA THR N 125 32.10 29.37 -58.37
C THR N 125 31.33 29.71 -57.11
N GLY N 126 31.29 28.82 -56.12
CA GLY N 126 31.97 27.54 -56.20
C GLY N 126 31.05 26.53 -55.58
N ILE N 127 31.62 25.35 -55.29
CA ILE N 127 30.82 24.21 -54.85
C ILE N 127 30.19 24.49 -53.51
N GLN N 128 29.08 23.78 -53.28
CA GLN N 128 28.43 23.74 -52.01
C GLN N 128 29.06 22.52 -51.36
N GLN N 129 30.15 22.74 -50.62
CA GLN N 129 30.94 21.65 -50.02
C GLN N 129 31.13 21.74 -48.52
N ASN N 130 30.26 21.04 -47.81
CA ASN N 130 30.18 21.19 -46.38
C ASN N 130 29.98 19.86 -45.71
N VAL N 131 30.99 18.99 -45.73
CA VAL N 131 30.86 17.72 -45.03
C VAL N 131 31.20 17.93 -43.54
N ALA N 132 30.55 17.16 -42.67
CA ALA N 132 30.73 17.23 -41.21
C ALA N 132 32.13 16.85 -40.75
N TYR N 133 32.63 17.56 -39.74
CA TYR N 133 33.93 17.16 -39.20
C TYR N 133 33.79 16.63 -37.80
N PRO N 134 34.55 15.58 -37.48
CA PRO N 134 34.24 14.95 -36.19
C PRO N 134 34.53 15.89 -35.02
N ASP N 135 34.21 15.41 -33.83
CA ASP N 135 34.21 16.22 -32.64
C ASP N 135 35.30 15.82 -31.63
N SER N 136 35.42 14.53 -31.33
CA SER N 136 36.52 14.10 -30.46
C SER N 136 37.41 12.93 -30.89
N PRO N 137 36.83 11.80 -31.34
CA PRO N 137 35.43 11.39 -31.48
C PRO N 137 35.10 10.56 -30.26
N ARG N 138 35.86 10.74 -29.19
CA ARG N 138 35.67 9.90 -28.03
C ARG N 138 34.28 10.08 -27.46
N ILE N 139 33.71 11.27 -27.66
CA ILE N 139 32.42 11.56 -27.06
C ILE N 139 31.51 12.51 -27.87
N ALA N 140 30.55 11.91 -28.58
CA ALA N 140 30.36 10.45 -28.54
C ALA N 140 29.97 9.89 -29.89
#